data_2KIG
#
_entry.id   2KIG
#
_entity_poly.entity_id   1
_entity_poly.type   'polypeptide(L)'
_entity_poly.pdbx_seq_one_letter_code
;GPLGSMDQSVAIQETLVEGEYCVIAVQGVLCKGDSRQSRLLGLVRYRLENDAQEHALFLYTHRRMAITGDDVSLDQIVPL
SKDFMLEEVSPDGELYILGSDVTVQLNTAELKLVFQLPFGSHTRTFLQEVARACPGFDPETRDPEFEWLSRHTCAEPDAE
S
;
_entity_poly.pdbx_strand_id   A
#
# COMPACT_ATOMS: atom_id res chain seq x y z
N GLY A 1 -22.92 -7.56 4.89
CA GLY A 1 -22.45 -8.41 3.75
C GLY A 1 -22.25 -7.52 2.52
N PRO A 2 -21.24 -6.70 2.53
CA PRO A 2 -20.93 -5.78 1.40
C PRO A 2 -20.82 -6.53 0.07
N LEU A 3 -20.22 -7.71 0.12
CA LEU A 3 -20.05 -8.53 -1.08
C LEU A 3 -19.25 -7.77 -2.14
N GLY A 4 -18.20 -8.40 -2.66
CA GLY A 4 -17.36 -7.77 -3.69
C GLY A 4 -16.07 -7.24 -3.08
N SER A 5 -16.09 -6.99 -1.78
CA SER A 5 -14.91 -6.47 -1.07
C SER A 5 -14.92 -6.90 0.40
N MET A 6 -13.73 -7.17 0.93
CA MET A 6 -13.62 -7.59 2.33
C MET A 6 -13.83 -6.40 3.27
N ASP A 7 -12.80 -6.09 4.06
CA ASP A 7 -12.87 -4.96 5.00
C ASP A 7 -11.51 -4.31 5.15
N GLN A 8 -10.59 -4.68 4.28
CA GLN A 8 -9.24 -4.14 4.30
C GLN A 8 -9.29 -2.61 4.54
N SER A 9 -10.01 -1.92 3.67
CA SER A 9 -10.12 -0.47 3.78
C SER A 9 -10.55 -0.06 5.18
N VAL A 10 -11.55 -0.74 5.72
CA VAL A 10 -12.05 -0.42 7.05
C VAL A 10 -10.95 -0.68 8.09
N ALA A 11 -10.33 -1.86 7.98
CA ALA A 11 -9.28 -2.25 8.92
C ALA A 11 -8.28 -1.12 9.10
N ILE A 12 -7.80 -0.55 8.01
CA ILE A 12 -6.84 0.54 8.11
C ILE A 12 -7.47 1.76 8.79
N GLN A 13 -8.65 2.14 8.31
CA GLN A 13 -9.34 3.29 8.85
C GLN A 13 -9.33 3.25 10.37
N GLU A 14 -9.68 2.09 10.94
CA GLU A 14 -9.71 1.95 12.38
C GLU A 14 -8.31 2.12 12.98
N THR A 15 -7.34 1.46 12.37
CA THR A 15 -5.96 1.53 12.84
C THR A 15 -5.35 2.90 12.57
N LEU A 16 -5.76 3.53 11.48
CA LEU A 16 -5.22 4.84 11.12
C LEU A 16 -5.44 5.85 12.25
N VAL A 17 -6.16 6.93 11.96
CA VAL A 17 -6.44 7.95 12.96
C VAL A 17 -7.40 8.97 12.38
N GLU A 18 -8.18 9.60 13.25
CA GLU A 18 -9.16 10.58 12.81
C GLU A 18 -8.52 11.67 11.97
N GLY A 19 -9.33 12.64 11.58
CA GLY A 19 -8.86 13.78 10.79
C GLY A 19 -8.32 13.36 9.42
N GLU A 20 -7.77 12.15 9.34
CA GLU A 20 -7.20 11.66 8.10
C GLU A 20 -8.28 11.00 7.24
N TYR A 21 -7.86 10.51 6.07
CA TYR A 21 -8.78 9.87 5.12
C TYR A 21 -8.13 8.66 4.46
N CYS A 22 -8.78 7.50 4.59
CA CYS A 22 -8.29 6.29 3.94
C CYS A 22 -8.99 6.17 2.59
N VAL A 23 -8.26 5.76 1.56
CA VAL A 23 -8.83 5.66 0.21
C VAL A 23 -8.96 4.21 -0.23
N ILE A 24 -7.89 3.45 -0.06
CA ILE A 24 -7.88 2.05 -0.47
C ILE A 24 -6.77 1.28 0.24
N ALA A 25 -6.99 -0.01 0.40
CA ALA A 25 -6.01 -0.87 1.06
C ALA A 25 -6.32 -2.32 0.75
N VAL A 26 -5.42 -3.00 0.06
CA VAL A 26 -5.63 -4.41 -0.29
C VAL A 26 -4.71 -5.30 0.53
N GLN A 27 -4.51 -6.53 0.09
CA GLN A 27 -3.63 -7.47 0.79
C GLN A 27 -2.77 -8.22 -0.22
N GLY A 28 -1.46 -8.09 -0.05
CA GLY A 28 -0.52 -8.74 -0.94
C GLY A 28 0.25 -9.83 -0.22
N VAL A 29 1.24 -10.38 -0.91
CA VAL A 29 2.09 -11.42 -0.33
C VAL A 29 3.54 -11.09 -0.63
N LEU A 30 4.42 -11.62 0.19
CA LEU A 30 5.86 -11.44 0.02
C LEU A 30 6.48 -12.82 0.18
N CYS A 31 7.10 -13.34 -0.88
CA CYS A 31 7.71 -14.66 -0.81
C CYS A 31 9.22 -14.56 -0.78
N LYS A 32 9.83 -15.25 0.18
CA LYS A 32 11.28 -15.26 0.31
C LYS A 32 11.73 -16.69 0.63
N GLY A 33 12.76 -17.14 -0.06
CA GLY A 33 13.29 -18.49 0.17
C GLY A 33 12.16 -19.51 0.18
N ASP A 34 11.87 -20.04 1.36
CA ASP A 34 10.80 -21.03 1.53
C ASP A 34 9.95 -20.66 2.73
N SER A 35 9.93 -19.36 3.04
CA SER A 35 9.15 -18.85 4.17
C SER A 35 8.14 -17.84 3.66
N ARG A 36 6.87 -18.26 3.56
CA ARG A 36 5.84 -17.38 3.06
C ARG A 36 5.49 -16.31 4.10
N GLN A 37 5.28 -15.09 3.61
CA GLN A 37 4.95 -13.97 4.48
C GLN A 37 3.73 -13.22 3.94
N SER A 38 3.00 -12.59 4.85
CA SER A 38 1.79 -11.83 4.48
C SER A 38 1.95 -10.36 4.88
N ARG A 39 1.75 -9.47 3.91
CA ARG A 39 1.85 -8.03 4.14
C ARG A 39 0.54 -7.34 3.81
N LEU A 40 0.18 -6.34 4.61
CA LEU A 40 -1.05 -5.59 4.40
C LEU A 40 -0.73 -4.22 3.83
N LEU A 41 -1.21 -3.95 2.61
CA LEU A 41 -0.94 -2.67 1.96
C LEU A 41 -2.02 -1.65 2.32
N GLY A 42 -1.66 -0.37 2.24
CA GLY A 42 -2.59 0.71 2.55
C GLY A 42 -2.18 2.01 1.87
N LEU A 43 -3.17 2.75 1.40
CA LEU A 43 -2.92 4.05 0.75
C LEU A 43 -3.74 5.12 1.45
N VAL A 44 -3.07 6.22 1.85
CA VAL A 44 -3.76 7.30 2.57
C VAL A 44 -3.59 8.63 1.87
N ARG A 45 -4.71 9.33 1.68
CA ARG A 45 -4.71 10.65 1.06
C ARG A 45 -5.00 11.70 2.13
N TYR A 46 -4.06 12.61 2.31
CA TYR A 46 -4.20 13.67 3.32
C TYR A 46 -4.34 15.02 2.64
N ARG A 47 -5.37 15.77 3.05
CA ARG A 47 -5.64 17.09 2.47
C ARG A 47 -5.50 18.20 3.51
N LEU A 48 -5.27 19.43 3.03
CA LEU A 48 -5.13 20.59 3.90
C LEU A 48 -6.30 21.53 3.73
N GLU A 49 -6.62 22.26 4.79
CA GLU A 49 -7.72 23.21 4.76
C GLU A 49 -7.44 24.33 3.77
N ASN A 50 -6.27 24.26 3.12
CA ASN A 50 -5.87 25.27 2.14
C ASN A 50 -5.83 24.67 0.73
N ASP A 51 -6.42 23.48 0.57
CA ASP A 51 -6.44 22.76 -0.71
C ASP A 51 -5.23 21.84 -0.79
N ALA A 52 -4.05 22.43 -1.02
CA ALA A 52 -2.78 21.69 -1.12
C ALA A 52 -2.85 20.36 -0.38
N GLN A 53 -2.80 19.27 -1.15
CA GLN A 53 -2.89 17.92 -0.60
C GLN A 53 -1.60 17.15 -0.86
N GLU A 54 -1.51 15.94 -0.30
CA GLU A 54 -0.34 15.09 -0.48
C GLU A 54 -0.74 13.63 -0.33
N HIS A 55 0.06 12.74 -0.93
CA HIS A 55 -0.22 11.30 -0.88
C HIS A 55 1.02 10.52 -0.48
N ALA A 56 0.82 9.34 0.10
CA ALA A 56 1.92 8.49 0.53
C ALA A 56 1.44 7.04 0.59
N LEU A 57 2.34 6.08 0.34
CA LEU A 57 1.96 4.67 0.38
C LEU A 57 2.34 4.06 1.72
N PHE A 58 1.34 3.89 2.57
CA PHE A 58 1.54 3.36 3.90
C PHE A 58 1.70 1.84 3.87
N LEU A 59 2.56 1.34 4.76
CA LEU A 59 2.79 -0.10 4.86
C LEU A 59 2.33 -0.58 6.23
N TYR A 60 1.44 -1.55 6.21
CA TYR A 60 0.89 -2.12 7.44
C TYR A 60 1.27 -3.58 7.57
N THR A 61 1.81 -3.97 8.73
CA THR A 61 2.18 -5.38 8.92
C THR A 61 0.96 -6.14 9.41
N HIS A 62 1.03 -7.45 9.37
CA HIS A 62 -0.09 -8.24 9.84
C HIS A 62 0.31 -9.71 9.91
N ARG A 63 -0.27 -10.42 10.85
CA ARG A 63 0.03 -11.83 11.02
C ARG A 63 -0.49 -12.60 9.81
N ARG A 64 -0.66 -13.89 9.98
CA ARG A 64 -1.15 -14.74 8.92
C ARG A 64 -2.60 -14.40 8.60
N MET A 65 -3.42 -14.13 9.63
CA MET A 65 -4.84 -13.83 9.40
C MET A 65 -5.29 -12.64 10.26
N ALA A 66 -4.34 -11.80 10.64
CA ALA A 66 -4.64 -10.62 11.46
C ALA A 66 -5.13 -9.48 10.58
N ILE A 67 -5.72 -9.84 9.46
CA ILE A 67 -6.25 -8.88 8.50
C ILE A 67 -7.35 -8.01 9.12
N THR A 68 -8.21 -8.64 9.89
CA THR A 68 -9.36 -7.99 10.51
C THR A 68 -9.14 -6.50 10.80
N GLY A 69 -7.92 -6.11 11.14
CA GLY A 69 -7.63 -4.70 11.47
C GLY A 69 -7.36 -4.59 12.95
N ASP A 70 -7.71 -5.66 13.65
CA ASP A 70 -7.54 -5.74 15.09
C ASP A 70 -6.09 -5.65 15.52
N ASP A 71 -5.21 -6.44 14.87
CA ASP A 71 -3.80 -6.49 15.26
C ASP A 71 -2.84 -6.11 14.11
N VAL A 72 -3.08 -4.94 13.51
CA VAL A 72 -2.22 -4.44 12.42
C VAL A 72 -2.18 -2.91 12.42
N SER A 73 -0.97 -2.33 12.42
CA SER A 73 -0.82 -0.88 12.42
C SER A 73 0.47 -0.53 11.67
N LEU A 74 0.68 0.75 11.41
CA LEU A 74 1.84 1.17 10.62
C LEU A 74 3.12 0.42 10.98
N ASP A 75 3.77 -0.09 9.93
CA ASP A 75 5.00 -0.85 10.04
C ASP A 75 6.14 -0.17 9.28
N GLN A 76 5.79 0.64 8.27
CA GLN A 76 6.81 1.36 7.51
C GLN A 76 6.17 2.56 6.78
N ILE A 77 6.94 3.17 5.87
CA ILE A 77 6.47 4.32 5.10
C ILE A 77 7.16 4.34 3.73
N VAL A 78 6.38 4.57 2.68
CA VAL A 78 6.92 4.63 1.32
C VAL A 78 6.27 5.82 0.57
N PRO A 79 6.89 6.98 0.58
CA PRO A 79 6.30 8.18 -0.09
C PRO A 79 6.57 8.21 -1.58
N LEU A 80 5.51 8.37 -2.37
CA LEU A 80 5.64 8.41 -3.81
C LEU A 80 6.61 9.49 -4.25
N SER A 81 7.60 9.07 -5.02
CA SER A 81 8.62 9.97 -5.55
C SER A 81 8.95 9.61 -6.99
N LYS A 82 9.65 10.50 -7.69
CA LYS A 82 9.98 10.24 -9.08
C LYS A 82 10.73 8.93 -9.24
N ASP A 83 11.70 8.69 -8.36
CA ASP A 83 12.48 7.46 -8.43
C ASP A 83 11.57 6.24 -8.31
N PHE A 84 10.30 6.49 -7.99
CA PHE A 84 9.33 5.41 -7.87
C PHE A 84 9.00 4.86 -9.25
N MET A 85 8.85 3.56 -9.34
CA MET A 85 8.51 2.91 -10.61
C MET A 85 8.11 1.46 -10.37
N LEU A 86 7.11 1.01 -11.13
CA LEU A 86 6.63 -0.37 -11.01
C LEU A 86 7.12 -1.17 -12.21
N GLU A 87 7.65 -2.37 -11.97
CA GLU A 87 8.16 -3.21 -13.06
C GLU A 87 7.49 -4.57 -13.07
N GLU A 88 6.98 -4.96 -14.23
CA GLU A 88 6.34 -6.25 -14.38
C GLU A 88 7.40 -7.35 -14.42
N VAL A 89 7.08 -8.52 -13.88
CA VAL A 89 8.04 -9.63 -13.89
C VAL A 89 7.98 -10.37 -15.23
N SER A 90 9.15 -10.79 -15.71
CA SER A 90 9.24 -11.51 -16.98
C SER A 90 8.05 -12.45 -17.17
N PRO A 91 7.11 -12.14 -18.05
CA PRO A 91 5.93 -13.02 -18.28
C PRO A 91 6.30 -14.49 -18.44
N ASP A 92 6.89 -14.82 -19.60
CA ASP A 92 7.27 -16.20 -19.87
C ASP A 92 6.19 -17.15 -19.37
N GLY A 93 4.94 -16.66 -19.40
CA GLY A 93 3.79 -17.43 -18.93
C GLY A 93 2.98 -18.01 -20.09
N GLU A 94 2.53 -17.12 -20.98
CA GLU A 94 1.75 -17.53 -22.15
C GLU A 94 1.18 -16.31 -22.90
N LEU A 95 0.96 -15.22 -22.17
CA LEU A 95 0.40 -13.99 -22.74
C LEU A 95 0.10 -12.98 -21.63
N TYR A 96 0.01 -13.46 -20.39
CA TYR A 96 -0.28 -12.58 -19.26
C TYR A 96 0.33 -13.10 -17.97
N ILE A 97 0.87 -12.18 -17.18
CA ILE A 97 1.49 -12.50 -15.90
C ILE A 97 0.46 -12.51 -14.79
N LEU A 98 -0.59 -11.71 -14.97
CA LEU A 98 -1.65 -11.60 -13.97
C LEU A 98 -2.66 -12.73 -14.10
N GLY A 99 -3.88 -12.39 -14.53
CA GLY A 99 -4.94 -13.38 -14.70
C GLY A 99 -4.90 -14.44 -13.61
N SER A 100 -5.77 -14.29 -12.62
CA SER A 100 -5.87 -15.22 -11.48
C SER A 100 -4.91 -14.77 -10.37
N ASP A 101 -4.13 -13.73 -10.68
CA ASP A 101 -3.19 -13.17 -9.72
C ASP A 101 -2.63 -11.86 -10.29
N VAL A 102 -1.85 -11.14 -9.49
CA VAL A 102 -1.25 -9.87 -9.95
C VAL A 102 0.22 -9.84 -9.58
N THR A 103 1.08 -9.87 -10.57
CA THR A 103 2.52 -9.83 -10.32
C THR A 103 3.06 -8.44 -10.59
N VAL A 104 3.48 -7.78 -9.52
CA VAL A 104 4.02 -6.42 -9.61
C VAL A 104 5.29 -6.32 -8.76
N GLN A 105 6.30 -5.64 -9.29
CA GLN A 105 7.57 -5.47 -8.57
C GLN A 105 7.88 -3.99 -8.42
N LEU A 106 7.90 -3.49 -7.18
CA LEU A 106 8.15 -2.07 -6.93
C LEU A 106 9.65 -1.77 -6.92
N ASN A 107 10.09 -0.96 -7.88
CA ASN A 107 11.52 -0.62 -7.97
C ASN A 107 11.80 0.83 -7.57
N THR A 108 11.56 1.17 -6.30
CA THR A 108 11.82 2.52 -5.84
C THR A 108 13.32 2.73 -5.65
N ALA A 109 13.68 3.95 -5.27
CA ALA A 109 15.08 4.31 -5.08
C ALA A 109 15.83 3.25 -4.28
N GLU A 110 15.17 2.66 -3.29
CA GLU A 110 15.79 1.63 -2.45
C GLU A 110 14.86 0.45 -2.27
N LEU A 111 13.56 0.73 -2.19
CA LEU A 111 12.59 -0.33 -2.00
C LEU A 111 12.55 -1.20 -3.25
N LYS A 112 12.74 -2.49 -3.05
CA LYS A 112 12.72 -3.44 -4.16
C LYS A 112 12.22 -4.78 -3.66
N LEU A 113 10.93 -5.04 -3.83
CA LEU A 113 10.34 -6.30 -3.36
C LEU A 113 9.36 -6.87 -4.40
N VAL A 114 8.82 -8.05 -4.10
CA VAL A 114 7.87 -8.71 -4.99
C VAL A 114 6.54 -8.95 -4.27
N PHE A 115 5.47 -8.34 -4.79
CA PHE A 115 4.13 -8.48 -4.21
C PHE A 115 3.19 -9.18 -5.18
N GLN A 116 2.42 -10.13 -4.64
CA GLN A 116 1.46 -10.90 -5.43
C GLN A 116 0.03 -10.62 -4.94
N LEU A 117 -0.64 -9.65 -5.56
CA LEU A 117 -2.01 -9.28 -5.19
C LEU A 117 -3.01 -10.11 -6.03
N PRO A 118 -4.22 -10.33 -5.54
CA PRO A 118 -5.24 -11.14 -6.28
C PRO A 118 -5.82 -10.41 -7.50
N PHE A 119 -5.91 -11.14 -8.61
CA PHE A 119 -6.40 -10.61 -9.90
C PHE A 119 -7.51 -9.58 -9.75
N GLY A 120 -7.21 -8.38 -10.26
CA GLY A 120 -8.17 -7.28 -10.25
C GLY A 120 -8.99 -7.27 -8.98
N SER A 121 -10.28 -7.53 -9.12
CA SER A 121 -11.17 -7.54 -7.97
C SER A 121 -10.95 -6.28 -7.13
N HIS A 122 -10.38 -6.47 -5.95
CA HIS A 122 -10.10 -5.34 -5.06
C HIS A 122 -8.73 -4.72 -5.37
N THR A 123 -7.93 -5.40 -6.18
CA THR A 123 -6.61 -4.91 -6.54
C THR A 123 -6.68 -3.79 -7.58
N ARG A 124 -7.60 -3.91 -8.53
CA ARG A 124 -7.72 -2.91 -9.58
C ARG A 124 -7.92 -1.52 -9.01
N THR A 125 -8.75 -1.42 -7.99
CA THR A 125 -9.02 -0.13 -7.38
C THR A 125 -7.71 0.50 -6.90
N PHE A 126 -6.86 -0.32 -6.28
CA PHE A 126 -5.59 0.18 -5.78
C PHE A 126 -4.77 0.81 -6.92
N LEU A 127 -4.61 0.07 -8.03
CA LEU A 127 -3.80 0.57 -9.14
C LEU A 127 -4.21 1.98 -9.53
N GLN A 128 -5.49 2.18 -9.80
CA GLN A 128 -5.97 3.49 -10.23
C GLN A 128 -5.68 4.58 -9.19
N GLU A 129 -5.92 4.27 -7.91
CA GLU A 129 -5.69 5.25 -6.86
C GLU A 129 -4.23 5.70 -6.82
N VAL A 130 -3.32 4.78 -7.08
CA VAL A 130 -1.90 5.11 -7.07
C VAL A 130 -1.61 6.16 -8.15
N ALA A 131 -2.13 5.92 -9.34
CA ALA A 131 -1.90 6.82 -10.48
C ALA A 131 -2.30 8.26 -10.15
N ARG A 132 -3.47 8.44 -9.55
CA ARG A 132 -3.93 9.78 -9.20
C ARG A 132 -3.24 10.30 -7.94
N ALA A 133 -2.78 9.37 -7.11
CA ALA A 133 -2.11 9.71 -5.86
C ALA A 133 -1.10 10.84 -6.06
N CYS A 134 -0.71 11.11 -7.30
CA CYS A 134 0.24 12.19 -7.57
C CYS A 134 0.81 12.11 -9.00
N PRO A 135 1.16 10.95 -9.47
CA PRO A 135 1.75 10.78 -10.84
C PRO A 135 0.88 11.42 -11.93
N GLY A 136 -0.45 11.38 -11.75
CA GLY A 136 -1.37 11.96 -12.72
C GLY A 136 -0.81 11.88 -14.13
N PHE A 137 -0.25 10.70 -14.45
CA PHE A 137 0.37 10.44 -15.76
C PHE A 137 0.86 11.72 -16.42
N ASP A 138 1.90 12.33 -15.85
CA ASP A 138 2.49 13.55 -16.40
C ASP A 138 3.87 13.24 -16.99
N PRO A 139 4.20 13.74 -18.17
CA PRO A 139 5.51 13.47 -18.82
C PRO A 139 6.68 14.21 -18.15
N GLU A 140 6.36 15.13 -17.23
CA GLU A 140 7.39 15.92 -16.54
C GLU A 140 7.20 15.85 -15.03
N THR A 141 6.77 14.68 -14.56
CA THR A 141 6.54 14.48 -13.14
C THR A 141 7.87 14.46 -12.37
N ARG A 142 7.99 15.33 -11.37
CA ARG A 142 9.19 15.39 -10.54
C ARG A 142 9.02 16.41 -9.41
N ASP A 143 8.31 16.00 -8.36
CA ASP A 143 8.09 16.89 -7.22
C ASP A 143 7.68 16.09 -5.99
N PRO A 144 8.59 15.36 -5.42
CA PRO A 144 8.31 14.54 -4.20
C PRO A 144 7.88 15.39 -3.01
N GLU A 145 7.05 14.82 -2.16
CA GLU A 145 6.56 15.49 -0.96
C GLU A 145 6.44 14.49 0.18
N PHE A 146 7.03 14.82 1.33
CA PHE A 146 7.00 13.92 2.47
C PHE A 146 7.19 14.70 3.78
N GLU A 147 7.32 16.02 3.66
CA GLU A 147 7.53 16.89 4.81
C GLU A 147 6.40 16.76 5.84
N TRP A 148 5.24 16.26 5.42
CA TRP A 148 4.10 16.11 6.34
C TRP A 148 4.10 14.75 7.02
N LEU A 149 4.87 13.81 6.49
CA LEU A 149 4.96 12.47 7.08
C LEU A 149 5.55 12.57 8.49
N SER A 150 6.50 13.49 8.67
CA SER A 150 7.13 13.65 9.97
C SER A 150 6.09 13.66 11.07
N ARG A 151 4.86 14.04 10.70
CA ARG A 151 3.76 14.07 11.66
C ARG A 151 3.58 12.67 12.23
N HIS A 152 3.67 11.69 11.34
CA HIS A 152 3.53 10.30 11.73
C HIS A 152 4.78 9.83 12.46
N THR A 153 4.58 8.99 13.46
CA THR A 153 5.69 8.43 14.24
C THR A 153 5.66 6.92 14.14
N CYS A 154 4.62 6.43 13.49
CA CYS A 154 4.44 5.00 13.30
C CYS A 154 4.45 4.28 14.64
N ALA A 155 3.85 3.09 14.67
CA ALA A 155 3.78 2.32 15.90
C ALA A 155 5.17 2.22 16.54
N GLU A 156 5.20 1.83 17.81
CA GLU A 156 6.46 1.72 18.53
C GLU A 156 7.30 0.57 17.93
N PRO A 157 8.55 0.81 17.55
CA PRO A 157 9.41 -0.27 16.97
C PRO A 157 9.95 -1.22 18.03
N ASP A 158 9.09 -1.57 18.98
CA ASP A 158 9.48 -2.47 20.07
C ASP A 158 9.12 -3.91 19.72
N ALA A 159 8.84 -4.14 18.46
CA ALA A 159 8.48 -5.47 17.99
C ALA A 159 9.63 -6.45 18.20
N GLU A 160 10.85 -5.99 17.97
CA GLU A 160 12.03 -6.83 18.15
C GLU A 160 11.86 -8.16 17.41
N SER A 161 11.16 -8.13 16.27
CA SER A 161 10.95 -9.33 15.49
C SER A 161 12.25 -9.81 14.87
N GLY A 1 -19.13 -13.43 -0.48
CA GLY A 1 -19.76 -12.40 0.39
C GLY A 1 -19.49 -12.75 1.85
N PRO A 2 -20.16 -13.74 2.37
CA PRO A 2 -19.99 -14.18 3.79
C PRO A 2 -18.60 -14.76 4.05
N LEU A 3 -17.94 -15.18 2.98
CA LEU A 3 -16.60 -15.76 3.09
C LEU A 3 -15.57 -14.65 3.26
N GLY A 4 -14.43 -14.98 3.84
CA GLY A 4 -13.36 -14.01 4.05
C GLY A 4 -13.82 -12.89 4.99
N SER A 5 -12.96 -11.89 5.17
CA SER A 5 -13.28 -10.76 6.03
C SER A 5 -14.14 -9.74 5.30
N MET A 6 -14.66 -8.76 6.03
CA MET A 6 -15.50 -7.74 5.41
C MET A 6 -14.71 -6.95 4.37
N ASP A 7 -13.53 -6.48 4.77
CA ASP A 7 -12.67 -5.71 3.88
C ASP A 7 -11.39 -5.29 4.60
N GLN A 8 -10.49 -4.65 3.85
CA GLN A 8 -9.23 -4.17 4.41
C GLN A 8 -9.30 -2.67 4.68
N SER A 9 -10.11 -1.97 3.89
CA SER A 9 -10.23 -0.52 4.04
C SER A 9 -10.56 -0.15 5.48
N VAL A 10 -11.51 -0.83 6.08
CA VAL A 10 -11.88 -0.54 7.46
C VAL A 10 -10.68 -0.77 8.38
N ALA A 11 -10.05 -1.93 8.21
CA ALA A 11 -8.90 -2.30 9.02
C ALA A 11 -7.95 -1.11 9.17
N ILE A 12 -7.62 -0.48 8.05
CA ILE A 12 -6.72 0.66 8.09
C ILE A 12 -7.33 1.80 8.90
N GLN A 13 -8.56 2.12 8.59
CA GLN A 13 -9.25 3.22 9.27
C GLN A 13 -9.14 3.05 10.79
N GLU A 14 -9.49 1.87 11.30
CA GLU A 14 -9.43 1.62 12.72
C GLU A 14 -8.00 1.73 13.24
N THR A 15 -7.04 1.67 12.32
CA THR A 15 -5.62 1.74 12.67
C THR A 15 -4.99 3.04 12.15
N LEU A 16 -5.83 4.04 11.86
CA LEU A 16 -5.32 5.32 11.35
C LEU A 16 -5.31 6.37 12.47
N VAL A 17 -5.89 7.54 12.18
CA VAL A 17 -5.96 8.61 13.18
C VAL A 17 -7.00 9.63 12.74
N GLU A 18 -7.78 10.15 13.67
CA GLU A 18 -8.83 11.11 13.35
C GLU A 18 -8.25 12.35 12.68
N GLY A 19 -8.50 12.49 11.37
CA GLY A 19 -8.03 13.66 10.61
C GLY A 19 -7.59 13.28 9.21
N GLU A 20 -7.18 12.02 9.02
CA GLU A 20 -6.72 11.56 7.70
C GLU A 20 -7.86 10.89 6.93
N TYR A 21 -7.52 10.37 5.75
CA TYR A 21 -8.49 9.72 4.88
C TYR A 21 -7.90 8.50 4.18
N CYS A 22 -8.55 7.36 4.35
CA CYS A 22 -8.12 6.14 3.67
C CYS A 22 -8.88 6.07 2.36
N VAL A 23 -8.23 5.59 1.30
CA VAL A 23 -8.88 5.50 -0.02
C VAL A 23 -9.09 4.05 -0.44
N ILE A 24 -8.05 3.24 -0.30
CA ILE A 24 -8.13 1.84 -0.70
C ILE A 24 -6.91 1.07 -0.20
N ALA A 25 -7.14 -0.17 0.21
CA ALA A 25 -6.06 -1.02 0.69
C ALA A 25 -6.33 -2.47 0.35
N VAL A 26 -5.40 -3.10 -0.38
CA VAL A 26 -5.58 -4.49 -0.79
C VAL A 26 -4.41 -5.35 -0.34
N GLN A 27 -4.69 -6.27 0.58
CA GLN A 27 -3.67 -7.14 1.11
C GLN A 27 -3.03 -7.96 0.00
N GLY A 28 -1.84 -8.47 0.27
CA GLY A 28 -1.13 -9.29 -0.70
C GLY A 28 -0.25 -10.31 -0.02
N VAL A 29 0.72 -10.79 -0.77
CA VAL A 29 1.68 -11.77 -0.27
C VAL A 29 3.08 -11.38 -0.71
N LEU A 30 4.07 -11.92 -0.03
CA LEU A 30 5.46 -11.68 -0.38
C LEU A 30 6.21 -12.97 -0.15
N CYS A 31 6.86 -13.50 -1.19
CA CYS A 31 7.57 -14.77 -1.05
C CYS A 31 9.08 -14.55 -1.02
N LYS A 32 9.73 -15.19 -0.05
CA LYS A 32 11.19 -15.10 0.07
C LYS A 32 11.78 -16.50 0.05
N GLY A 33 12.62 -16.77 -0.96
CA GLY A 33 13.22 -18.09 -1.08
C GLY A 33 12.15 -19.17 -1.11
N ASP A 34 11.97 -19.84 0.03
CA ASP A 34 10.97 -20.91 0.16
C ASP A 34 10.13 -20.66 1.40
N SER A 35 10.02 -19.39 1.78
CA SER A 35 9.23 -18.99 2.95
C SER A 35 8.23 -17.92 2.54
N ARG A 36 6.94 -18.24 2.68
CA ARG A 36 5.89 -17.30 2.30
C ARG A 36 5.61 -16.33 3.43
N GLN A 37 5.36 -15.07 3.07
CA GLN A 37 5.07 -14.03 4.05
C GLN A 37 3.81 -13.27 3.65
N SER A 38 3.08 -12.80 4.65
CA SER A 38 1.84 -12.05 4.41
C SER A 38 1.96 -10.65 4.98
N ARG A 39 1.67 -9.65 4.13
CA ARG A 39 1.74 -8.25 4.53
C ARG A 39 0.51 -7.49 4.07
N LEU A 40 0.27 -6.35 4.73
CA LEU A 40 -0.89 -5.50 4.41
C LEU A 40 -0.40 -4.13 3.96
N LEU A 41 -0.83 -3.69 2.76
CA LEU A 41 -0.39 -2.40 2.24
C LEU A 41 -1.53 -1.71 1.49
N GLY A 42 -1.62 -0.38 1.63
CA GLY A 42 -2.66 0.36 0.92
C GLY A 42 -2.15 1.74 0.50
N LEU A 43 -3.09 2.67 0.30
CA LEU A 43 -2.75 4.03 -0.10
C LEU A 43 -3.55 5.03 0.74
N VAL A 44 -2.91 6.13 1.12
CA VAL A 44 -3.58 7.15 1.95
C VAL A 44 -3.50 8.53 1.28
N ARG A 45 -4.65 9.18 1.18
CA ARG A 45 -4.73 10.52 0.59
C ARG A 45 -5.00 11.55 1.69
N TYR A 46 -4.15 12.56 1.76
CA TYR A 46 -4.30 13.61 2.77
C TYR A 46 -4.48 14.97 2.07
N ARG A 47 -5.51 15.70 2.49
CA ARG A 47 -5.81 17.00 1.88
C ARG A 47 -5.25 18.14 2.73
N LEU A 48 -4.81 19.21 2.05
CA LEU A 48 -4.25 20.39 2.73
C LEU A 48 -5.17 21.59 2.52
N GLU A 49 -5.19 22.46 3.51
CA GLU A 49 -6.02 23.65 3.46
C GLU A 49 -5.39 24.69 2.54
N ASN A 50 -4.20 24.38 2.03
CA ASN A 50 -3.49 25.29 1.14
C ASN A 50 -3.70 24.90 -0.33
N ASP A 51 -4.56 23.91 -0.54
CA ASP A 51 -4.85 23.41 -1.89
C ASP A 51 -3.65 22.62 -2.38
N ALA A 52 -3.54 21.40 -1.87
CA ALA A 52 -2.44 20.52 -2.24
C ALA A 52 -2.66 19.15 -1.63
N GLN A 53 -2.71 18.15 -2.50
CA GLN A 53 -2.91 16.77 -2.08
C GLN A 53 -1.57 16.06 -1.88
N GLU A 54 -1.52 15.14 -0.92
CA GLU A 54 -0.30 14.39 -0.63
C GLU A 54 -0.63 12.90 -0.51
N HIS A 55 0.16 12.06 -1.19
CA HIS A 55 -0.05 10.61 -1.16
C HIS A 55 1.21 9.88 -0.69
N ALA A 56 1.00 8.76 0.00
CA ALA A 56 2.11 7.95 0.50
C ALA A 56 1.67 6.49 0.58
N LEU A 57 2.58 5.56 0.30
CA LEU A 57 2.25 4.13 0.35
C LEU A 57 2.51 3.58 1.74
N PHE A 58 1.46 3.54 2.54
CA PHE A 58 1.58 3.07 3.91
C PHE A 58 1.71 1.56 3.94
N LEU A 59 2.61 1.07 4.80
CA LEU A 59 2.82 -0.37 4.94
C LEU A 59 2.33 -0.81 6.31
N TYR A 60 1.39 -1.74 6.32
CA TYR A 60 0.82 -2.24 7.56
C TYR A 60 1.21 -3.70 7.76
N THR A 61 1.79 -4.03 8.91
CA THR A 61 2.13 -5.42 9.17
C THR A 61 0.92 -6.10 9.76
N HIS A 62 0.91 -7.42 9.73
CA HIS A 62 -0.20 -8.17 10.28
C HIS A 62 0.20 -9.60 10.54
N ARG A 63 -0.54 -10.28 11.40
CA ARG A 63 -0.22 -11.66 11.74
C ARG A 63 -0.64 -12.59 10.62
N ARG A 64 -0.56 -13.88 10.89
CA ARG A 64 -0.92 -14.87 9.90
C ARG A 64 -2.43 -14.87 9.67
N MET A 65 -3.18 -14.33 10.63
CA MET A 65 -4.64 -14.29 10.53
C MET A 65 -5.20 -13.09 11.26
N ALA A 66 -4.43 -12.00 11.30
CA ALA A 66 -4.87 -10.79 11.98
C ALA A 66 -6.04 -10.15 11.23
N ILE A 67 -5.85 -9.94 9.91
CA ILE A 67 -6.86 -9.35 9.00
C ILE A 67 -7.82 -8.41 9.71
N THR A 68 -8.53 -8.97 10.67
CA THR A 68 -9.53 -8.27 11.44
C THR A 68 -9.25 -6.77 11.58
N GLY A 69 -7.98 -6.39 11.69
CA GLY A 69 -7.62 -4.98 11.85
C GLY A 69 -7.25 -4.73 13.30
N ASP A 70 -7.58 -5.72 14.12
CA ASP A 70 -7.31 -5.66 15.55
C ASP A 70 -5.82 -5.62 15.85
N ASP A 71 -5.02 -6.44 15.18
CA ASP A 71 -3.58 -6.52 15.47
C ASP A 71 -2.72 -6.08 14.28
N VAL A 72 -3.10 -4.99 13.63
CA VAL A 72 -2.32 -4.50 12.50
C VAL A 72 -2.18 -2.97 12.56
N SER A 73 -0.95 -2.46 12.53
CA SER A 73 -0.72 -1.02 12.58
C SER A 73 0.51 -0.66 11.75
N LEU A 74 0.69 0.63 11.48
CA LEU A 74 1.79 1.07 10.63
C LEU A 74 3.12 0.37 10.96
N ASP A 75 3.75 -0.14 9.90
CA ASP A 75 5.03 -0.82 10.01
C ASP A 75 6.14 0.08 9.46
N GLN A 76 6.07 0.41 8.17
CA GLN A 76 7.07 1.28 7.55
C GLN A 76 6.44 2.09 6.42
N ILE A 77 6.44 3.40 6.57
CA ILE A 77 5.86 4.28 5.55
C ILE A 77 6.84 4.51 4.41
N VAL A 78 6.38 4.23 3.19
CA VAL A 78 7.20 4.41 1.99
C VAL A 78 6.64 5.60 1.19
N PRO A 79 7.11 6.81 1.42
CA PRO A 79 6.58 8.02 0.71
C PRO A 79 6.99 8.07 -0.75
N LEU A 80 6.06 8.55 -1.56
CA LEU A 80 6.30 8.66 -2.99
C LEU A 80 7.41 9.65 -3.28
N SER A 81 8.31 9.24 -4.15
CA SER A 81 9.46 10.05 -4.56
C SER A 81 9.60 10.01 -6.08
N LYS A 82 10.32 10.98 -6.63
CA LYS A 82 10.50 11.04 -8.08
C LYS A 82 11.13 9.76 -8.59
N ASP A 83 12.12 9.25 -7.87
CA ASP A 83 12.80 8.02 -8.28
C ASP A 83 11.87 6.81 -8.12
N PHE A 84 10.64 7.07 -7.71
CA PHE A 84 9.66 6.01 -7.54
C PHE A 84 9.21 5.50 -8.91
N MET A 85 8.99 4.20 -9.00
CA MET A 85 8.54 3.59 -10.25
C MET A 85 8.06 2.17 -10.02
N LEU A 86 7.02 1.77 -10.74
CA LEU A 86 6.47 0.42 -10.63
C LEU A 86 6.92 -0.41 -11.83
N GLU A 87 7.55 -1.57 -11.57
CA GLU A 87 8.03 -2.43 -12.65
C GLU A 87 7.32 -3.78 -12.65
N GLU A 88 6.72 -4.12 -13.77
CA GLU A 88 6.03 -5.38 -13.92
C GLU A 88 7.04 -6.50 -14.15
N VAL A 89 6.73 -7.71 -13.71
CA VAL A 89 7.64 -8.83 -13.89
C VAL A 89 7.48 -9.40 -15.30
N SER A 90 8.61 -9.70 -15.92
CA SER A 90 8.63 -10.25 -17.28
C SER A 90 7.56 -11.34 -17.42
N PRO A 91 6.48 -11.09 -18.15
CA PRO A 91 5.40 -12.13 -18.33
C PRO A 91 5.96 -13.50 -18.67
N ASP A 92 6.43 -13.68 -19.90
CA ASP A 92 6.96 -14.97 -20.33
C ASP A 92 5.97 -16.08 -20.01
N GLY A 93 4.67 -15.79 -20.21
CA GLY A 93 3.61 -16.77 -19.95
C GLY A 93 3.00 -17.27 -21.25
N GLU A 94 2.91 -16.40 -22.24
CA GLU A 94 2.35 -16.75 -23.54
C GLU A 94 1.11 -17.62 -23.38
N LEU A 95 0.52 -17.55 -22.19
CA LEU A 95 -0.67 -18.32 -21.90
C LEU A 95 -1.22 -17.92 -20.55
N TYR A 96 -1.54 -16.65 -20.43
CA TYR A 96 -2.08 -16.11 -19.17
C TYR A 96 -1.03 -16.19 -18.07
N ILE A 97 -0.78 -15.07 -17.41
CA ILE A 97 0.20 -15.02 -16.32
C ILE A 97 -0.48 -14.67 -15.01
N LEU A 98 -1.24 -13.57 -15.01
CA LEU A 98 -1.94 -13.14 -13.81
C LEU A 98 -3.07 -14.11 -13.47
N GLY A 99 -4.12 -14.10 -14.29
CA GLY A 99 -5.27 -14.97 -14.05
C GLY A 99 -5.98 -14.55 -12.78
N SER A 100 -5.75 -15.29 -11.70
CA SER A 100 -6.35 -14.98 -10.40
C SER A 100 -5.26 -14.54 -9.43
N ASP A 101 -4.43 -13.62 -9.90
CA ASP A 101 -3.33 -13.07 -9.11
C ASP A 101 -2.72 -11.89 -9.86
N VAL A 102 -2.07 -10.98 -9.12
CA VAL A 102 -1.44 -9.81 -9.73
C VAL A 102 0.03 -9.77 -9.36
N THR A 103 0.88 -9.53 -10.34
CA THR A 103 2.32 -9.45 -10.08
C THR A 103 2.82 -8.03 -10.28
N VAL A 104 3.22 -7.39 -9.18
CA VAL A 104 3.71 -6.02 -9.21
C VAL A 104 4.97 -5.92 -8.35
N GLN A 105 5.97 -5.19 -8.85
CA GLN A 105 7.23 -5.01 -8.13
C GLN A 105 7.51 -3.52 -7.92
N LEU A 106 7.49 -3.07 -6.66
CA LEU A 106 7.73 -1.65 -6.39
C LEU A 106 9.22 -1.33 -6.43
N ASN A 107 9.59 -0.43 -7.33
CA ASN A 107 11.00 -0.05 -7.49
C ASN A 107 11.30 1.34 -6.94
N THR A 108 11.27 1.49 -5.62
CA THR A 108 11.55 2.79 -5.01
C THR A 108 13.05 3.07 -5.06
N ALA A 109 13.42 4.32 -4.78
CA ALA A 109 14.82 4.72 -4.81
C ALA A 109 15.72 3.69 -4.14
N GLU A 110 15.21 3.05 -3.08
CA GLU A 110 15.98 2.05 -2.35
C GLU A 110 15.13 0.81 -2.06
N LEU A 111 13.85 1.03 -1.83
CA LEU A 111 12.96 -0.08 -1.53
C LEU A 111 12.69 -0.89 -2.80
N LYS A 112 12.68 -2.21 -2.66
CA LYS A 112 12.43 -3.08 -3.79
C LYS A 112 11.89 -4.42 -3.29
N LEU A 113 10.59 -4.63 -3.49
CA LEU A 113 9.95 -5.87 -3.05
C LEU A 113 8.95 -6.36 -4.11
N VAL A 114 8.43 -7.56 -3.88
CA VAL A 114 7.46 -8.17 -4.80
C VAL A 114 6.18 -8.52 -4.04
N PHE A 115 5.02 -8.10 -4.57
CA PHE A 115 3.74 -8.38 -3.93
C PHE A 115 2.78 -9.07 -4.90
N GLN A 116 2.03 -10.03 -4.38
CA GLN A 116 1.05 -10.78 -5.18
C GLN A 116 -0.37 -10.44 -4.72
N LEU A 117 -0.99 -9.46 -5.38
CA LEU A 117 -2.35 -9.04 -5.05
C LEU A 117 -3.36 -9.82 -5.91
N PRO A 118 -4.57 -10.02 -5.43
CA PRO A 118 -5.62 -10.78 -6.20
C PRO A 118 -6.16 -10.01 -7.42
N PHE A 119 -6.26 -10.71 -8.55
CA PHE A 119 -6.71 -10.14 -9.81
C PHE A 119 -7.96 -9.28 -9.70
N GLY A 120 -7.88 -8.13 -10.36
CA GLY A 120 -8.99 -7.18 -10.39
C GLY A 120 -9.73 -7.13 -9.06
N SER A 121 -11.04 -7.20 -9.13
CA SER A 121 -11.86 -7.16 -7.93
C SER A 121 -11.54 -5.90 -7.12
N HIS A 122 -10.97 -6.09 -5.93
CA HIS A 122 -10.62 -4.97 -5.07
C HIS A 122 -9.24 -4.43 -5.40
N THR A 123 -8.49 -5.15 -6.24
CA THR A 123 -7.14 -4.72 -6.61
C THR A 123 -7.17 -3.68 -7.72
N ARG A 124 -8.16 -3.75 -8.61
CA ARG A 124 -8.23 -2.82 -9.73
C ARG A 124 -8.24 -1.37 -9.26
N THR A 125 -9.06 -1.09 -8.26
CA THR A 125 -9.17 0.26 -7.73
C THR A 125 -7.81 0.74 -7.26
N PHE A 126 -7.06 -0.15 -6.61
CA PHE A 126 -5.76 0.20 -6.11
C PHE A 126 -4.86 0.70 -7.24
N LEU A 127 -4.73 -0.07 -8.31
CA LEU A 127 -3.86 0.32 -9.41
C LEU A 127 -4.13 1.74 -9.87
N GLN A 128 -5.40 2.03 -10.16
CA GLN A 128 -5.76 3.35 -10.65
C GLN A 128 -5.50 4.44 -9.62
N GLU A 129 -5.82 4.16 -8.36
CA GLU A 129 -5.64 5.14 -7.29
C GLU A 129 -4.15 5.51 -7.15
N VAL A 130 -3.27 4.51 -7.19
CA VAL A 130 -1.84 4.77 -7.06
C VAL A 130 -1.34 5.57 -8.26
N ALA A 131 -1.73 5.13 -9.46
CA ALA A 131 -1.29 5.79 -10.70
C ALA A 131 -1.59 7.28 -10.68
N ARG A 132 -2.81 7.65 -10.28
CA ARG A 132 -3.19 9.06 -10.24
C ARG A 132 -2.56 9.76 -9.05
N ALA A 133 -2.10 8.98 -8.09
CA ALA A 133 -1.48 9.52 -6.87
C ALA A 133 -0.23 10.33 -7.18
N CYS A 134 0.36 10.10 -8.36
CA CYS A 134 1.58 10.83 -8.78
C CYS A 134 2.41 10.05 -9.81
N PRO A 135 2.96 8.91 -9.44
CA PRO A 135 3.82 8.12 -10.36
C PRO A 135 3.18 7.85 -11.71
N GLY A 136 2.25 6.88 -11.72
CA GLY A 136 1.53 6.45 -12.93
C GLY A 136 2.02 7.20 -14.17
N PHE A 137 1.18 8.07 -14.68
CA PHE A 137 1.53 8.87 -15.84
C PHE A 137 0.63 10.10 -15.93
N ASP A 138 0.42 10.78 -14.80
CA ASP A 138 -0.44 11.97 -14.77
C ASP A 138 0.42 13.25 -14.80
N PRO A 139 -0.09 14.34 -15.33
CA PRO A 139 0.67 15.62 -15.40
C PRO A 139 0.79 16.31 -14.03
N GLU A 140 0.35 15.61 -12.98
CA GLU A 140 0.42 16.16 -11.62
C GLU A 140 1.64 15.62 -10.88
N THR A 141 2.36 14.72 -11.54
CA THR A 141 3.54 14.10 -10.95
C THR A 141 4.49 15.15 -10.36
N ARG A 142 5.67 14.72 -9.90
CA ARG A 142 6.67 15.61 -9.32
C ARG A 142 6.11 16.38 -8.12
N ASP A 143 7.01 16.72 -7.20
CA ASP A 143 6.64 17.46 -5.99
C ASP A 143 5.92 16.56 -5.00
N PRO A 144 6.54 15.48 -4.58
CA PRO A 144 5.92 14.51 -3.61
C PRO A 144 5.53 15.18 -2.30
N GLU A 145 6.44 16.01 -1.79
CA GLU A 145 6.19 16.73 -0.54
C GLU A 145 5.82 15.76 0.59
N PHE A 146 6.84 15.13 1.18
CA PHE A 146 6.62 14.16 2.26
C PHE A 146 6.90 14.81 3.63
N GLU A 147 7.16 16.10 3.62
CA GLU A 147 7.47 16.85 4.84
C GLU A 147 6.40 16.65 5.92
N TRP A 148 5.21 16.19 5.53
CA TRP A 148 4.13 15.97 6.50
C TRP A 148 4.22 14.59 7.14
N LEU A 149 4.97 13.68 6.54
CA LEU A 149 5.12 12.33 7.08
C LEU A 149 5.77 12.39 8.46
N SER A 150 6.72 13.29 8.63
CA SER A 150 7.41 13.43 9.91
C SER A 150 6.40 13.42 11.04
N ARG A 151 5.16 13.79 10.72
CA ARG A 151 4.10 13.79 11.72
C ARG A 151 3.91 12.38 12.25
N HIS A 152 3.99 11.42 11.33
CA HIS A 152 3.85 10.03 11.69
C HIS A 152 5.14 9.51 12.30
N THR A 153 5.01 8.62 13.28
CA THR A 153 6.17 8.02 13.93
C THR A 153 6.10 6.50 13.78
N CYS A 154 4.98 6.05 13.25
CA CYS A 154 4.77 4.63 13.03
C CYS A 154 4.95 3.85 14.33
N ALA A 155 4.44 2.63 14.35
CA ALA A 155 4.55 1.80 15.54
C ALA A 155 5.97 1.85 16.11
N GLU A 156 6.09 1.59 17.41
CA GLU A 156 7.38 1.62 18.09
C GLU A 156 7.50 0.47 19.09
N PRO A 157 8.12 -0.64 18.73
CA PRO A 157 8.28 -1.80 19.66
C PRO A 157 8.89 -1.39 20.99
N ASP A 158 8.69 -2.25 21.99
CA ASP A 158 9.21 -2.01 23.33
C ASP A 158 10.35 -2.97 23.67
N ALA A 159 11.58 -2.46 23.63
CA ALA A 159 12.75 -3.28 23.93
C ALA A 159 12.75 -3.71 25.39
N GLU A 160 12.30 -2.81 26.27
CA GLU A 160 12.26 -3.09 27.70
C GLU A 160 11.28 -4.22 28.01
N SER A 161 10.21 -4.29 27.24
CA SER A 161 9.20 -5.33 27.44
C SER A 161 9.79 -6.71 27.17
N GLY A 1 -28.84 -14.34 4.63
CA GLY A 1 -28.80 -12.89 4.98
C GLY A 1 -27.97 -12.14 3.93
N PRO A 2 -28.04 -10.83 3.94
CA PRO A 2 -27.30 -9.98 2.98
C PRO A 2 -25.78 -10.10 3.18
N LEU A 3 -25.03 -10.06 2.08
CA LEU A 3 -23.59 -10.17 2.16
C LEU A 3 -22.99 -8.91 2.78
N GLY A 4 -22.08 -9.09 3.73
CA GLY A 4 -21.45 -7.96 4.40
C GLY A 4 -20.77 -8.42 5.68
N SER A 5 -19.54 -7.97 5.88
CA SER A 5 -18.79 -8.34 7.08
C SER A 5 -17.59 -7.39 7.26
N MET A 6 -16.39 -7.96 7.28
CA MET A 6 -15.16 -7.17 7.46
C MET A 6 -14.62 -6.72 6.11
N ASP A 7 -13.57 -5.89 6.15
CA ASP A 7 -12.96 -5.39 4.91
C ASP A 7 -11.57 -4.85 5.21
N GLN A 8 -10.76 -4.72 4.16
CA GLN A 8 -9.41 -4.21 4.32
C GLN A 8 -9.44 -2.71 4.61
N SER A 9 -10.22 -1.97 3.81
CA SER A 9 -10.31 -0.52 3.95
C SER A 9 -10.65 -0.13 5.39
N VAL A 10 -11.62 -0.82 5.97
CA VAL A 10 -12.02 -0.52 7.35
C VAL A 10 -10.85 -0.77 8.28
N ALA A 11 -10.24 -1.95 8.14
CA ALA A 11 -9.13 -2.34 8.99
C ALA A 11 -8.12 -1.20 9.13
N ILE A 12 -7.74 -0.61 8.00
CA ILE A 12 -6.78 0.49 8.02
C ILE A 12 -7.39 1.72 8.70
N GLN A 13 -8.59 2.07 8.28
CA GLN A 13 -9.26 3.24 8.82
C GLN A 13 -9.21 3.24 10.35
N GLU A 14 -9.57 2.11 10.96
CA GLU A 14 -9.57 2.01 12.42
C GLU A 14 -8.15 2.13 12.97
N THR A 15 -7.22 1.40 12.37
CA THR A 15 -5.83 1.41 12.79
C THR A 15 -5.16 2.76 12.49
N LEU A 16 -5.61 3.43 11.43
CA LEU A 16 -5.01 4.71 11.06
C LEU A 16 -5.06 5.70 12.22
N VAL A 17 -5.73 6.83 12.02
CA VAL A 17 -5.86 7.84 13.06
C VAL A 17 -6.88 8.88 12.64
N GLU A 18 -7.61 9.43 13.60
CA GLU A 18 -8.63 10.41 13.29
C GLU A 18 -8.04 11.70 12.72
N GLY A 19 -8.26 11.93 11.42
CA GLY A 19 -7.75 13.14 10.76
C GLY A 19 -7.31 12.86 9.33
N GLU A 20 -6.87 11.64 9.06
CA GLU A 20 -6.42 11.28 7.71
C GLU A 20 -7.53 10.64 6.90
N TYR A 21 -7.20 10.21 5.69
CA TYR A 21 -8.18 9.61 4.77
C TYR A 21 -7.60 8.40 4.05
N CYS A 22 -8.26 7.26 4.20
CA CYS A 22 -7.83 6.05 3.51
C CYS A 22 -8.55 6.02 2.16
N VAL A 23 -7.86 5.58 1.13
CA VAL A 23 -8.45 5.53 -0.22
C VAL A 23 -8.82 4.10 -0.62
N ILE A 24 -7.90 3.18 -0.40
CA ILE A 24 -8.15 1.79 -0.78
C ILE A 24 -7.10 0.88 -0.17
N ALA A 25 -7.55 -0.11 0.60
CA ALA A 25 -6.65 -1.06 1.24
C ALA A 25 -6.61 -2.35 0.44
N VAL A 26 -5.72 -3.23 0.81
CA VAL A 26 -5.58 -4.50 0.11
C VAL A 26 -4.70 -5.43 0.95
N GLN A 27 -4.64 -6.69 0.55
CA GLN A 27 -3.81 -7.68 1.26
C GLN A 27 -3.02 -8.49 0.25
N GLY A 28 -1.70 -8.45 0.38
CA GLY A 28 -0.81 -9.17 -0.54
C GLY A 28 0.28 -9.89 0.21
N VAL A 29 0.93 -10.82 -0.48
CA VAL A 29 2.02 -11.59 0.11
C VAL A 29 3.34 -11.02 -0.37
N LEU A 30 4.40 -11.41 0.29
CA LEU A 30 5.76 -10.99 -0.08
C LEU A 30 6.68 -12.15 0.16
N CYS A 31 7.35 -12.64 -0.88
CA CYS A 31 8.23 -13.79 -0.74
C CYS A 31 9.68 -13.35 -0.73
N LYS A 32 10.42 -13.86 0.25
CA LYS A 32 11.85 -13.57 0.37
C LYS A 32 12.59 -14.88 0.58
N GLY A 33 13.60 -15.12 -0.24
CA GLY A 33 14.37 -16.35 -0.13
C GLY A 33 13.47 -17.57 -0.28
N ASP A 34 13.47 -18.43 0.73
CA ASP A 34 12.63 -19.64 0.72
C ASP A 34 11.67 -19.59 1.90
N SER A 35 11.24 -18.38 2.25
CA SER A 35 10.32 -18.16 3.36
C SER A 35 9.24 -17.18 2.93
N ARG A 36 7.98 -17.56 3.10
CA ARG A 36 6.87 -16.70 2.71
C ARG A 36 6.48 -15.76 3.85
N GLN A 37 6.06 -14.56 3.49
CA GLN A 37 5.65 -13.55 4.48
C GLN A 37 4.32 -12.94 4.09
N SER A 38 3.55 -12.53 5.10
CA SER A 38 2.23 -11.91 4.87
C SER A 38 2.27 -10.44 5.24
N ARG A 39 1.87 -9.59 4.30
CA ARG A 39 1.87 -8.14 4.50
C ARG A 39 0.52 -7.54 4.09
N LEU A 40 0.20 -6.42 4.71
CA LEU A 40 -1.07 -5.72 4.44
C LEU A 40 -0.76 -4.31 3.92
N LEU A 41 -1.33 -3.98 2.75
CA LEU A 41 -1.10 -2.66 2.15
C LEU A 41 -2.19 -1.67 2.55
N GLY A 42 -1.89 -0.38 2.41
CA GLY A 42 -2.87 0.65 2.76
C GLY A 42 -2.44 2.01 2.23
N LEU A 43 -3.00 2.41 1.09
CA LEU A 43 -2.69 3.72 0.50
C LEU A 43 -3.46 4.80 1.23
N VAL A 44 -2.79 5.91 1.55
CA VAL A 44 -3.43 7.01 2.28
C VAL A 44 -3.19 8.34 1.59
N ARG A 45 -4.27 9.13 1.48
CA ARG A 45 -4.21 10.45 0.87
C ARG A 45 -4.50 11.49 1.94
N TYR A 46 -3.66 12.52 1.99
CA TYR A 46 -3.81 13.59 2.99
C TYR A 46 -3.91 14.94 2.28
N ARG A 47 -4.91 15.74 2.66
CA ARG A 47 -5.12 17.06 2.04
C ARG A 47 -4.44 18.16 2.84
N LEU A 48 -3.93 19.17 2.12
CA LEU A 48 -3.26 20.31 2.76
C LEU A 48 -4.12 21.57 2.62
N GLU A 49 -4.04 22.42 3.63
CA GLU A 49 -4.81 23.66 3.64
C GLU A 49 -4.18 24.68 2.70
N ASN A 50 -2.99 24.35 2.19
CA ASN A 50 -2.27 25.24 1.27
C ASN A 50 -2.56 24.87 -0.18
N ASP A 51 -3.42 23.87 -0.38
CA ASP A 51 -3.78 23.40 -1.72
C ASP A 51 -2.64 22.54 -2.23
N ALA A 52 -2.60 21.30 -1.76
CA ALA A 52 -1.57 20.37 -2.17
C ALA A 52 -1.83 18.98 -1.57
N GLN A 53 -1.98 18.01 -2.45
CA GLN A 53 -2.25 16.63 -2.03
C GLN A 53 -0.94 15.90 -1.71
N GLU A 54 -0.97 15.09 -0.64
CA GLU A 54 0.20 14.32 -0.23
C GLU A 54 -0.17 12.84 -0.11
N HIS A 55 0.56 12.00 -0.84
CA HIS A 55 0.31 10.56 -0.84
C HIS A 55 1.50 9.79 -0.29
N ALA A 56 1.22 8.72 0.46
CA ALA A 56 2.27 7.88 1.04
C ALA A 56 1.82 6.43 1.04
N LEU A 57 2.71 5.52 0.64
CA LEU A 57 2.38 4.09 0.60
C LEU A 57 2.75 3.43 1.93
N PHE A 58 1.75 3.26 2.79
CA PHE A 58 1.95 2.66 4.10
C PHE A 58 1.94 1.14 4.01
N LEU A 59 2.71 0.51 4.89
CA LEU A 59 2.77 -0.95 4.95
C LEU A 59 2.41 -1.38 6.36
N TYR A 60 1.31 -2.07 6.47
CA TYR A 60 0.81 -2.55 7.74
C TYR A 60 1.14 -4.03 7.89
N THR A 61 1.69 -4.43 9.03
CA THR A 61 1.98 -5.84 9.25
C THR A 61 0.73 -6.53 9.74
N HIS A 62 0.71 -7.84 9.64
CA HIS A 62 -0.43 -8.60 10.09
C HIS A 62 -0.09 -10.08 10.16
N ARG A 63 -0.84 -10.80 10.96
CA ARG A 63 -0.63 -12.23 11.12
C ARG A 63 -1.23 -12.97 9.94
N ARG A 64 -1.40 -14.27 10.10
CA ARG A 64 -1.95 -15.10 9.05
C ARG A 64 -3.41 -14.75 8.79
N MET A 65 -4.14 -14.40 9.86
CA MET A 65 -5.57 -14.07 9.71
C MET A 65 -5.96 -12.92 10.62
N ALA A 66 -5.00 -12.04 10.90
CA ALA A 66 -5.25 -10.87 11.75
C ALA A 66 -5.73 -9.69 10.91
N ILE A 67 -6.38 -10.00 9.80
CA ILE A 67 -6.90 -8.99 8.89
C ILE A 67 -7.94 -8.08 9.57
N THR A 68 -8.78 -8.71 10.37
CA THR A 68 -9.87 -8.03 11.07
C THR A 68 -9.59 -6.55 11.35
N GLY A 69 -8.33 -6.17 11.59
CA GLY A 69 -7.99 -4.78 11.90
C GLY A 69 -7.60 -4.69 13.36
N ASP A 70 -7.89 -5.77 14.08
CA ASP A 70 -7.62 -5.84 15.50
C ASP A 70 -6.12 -5.81 15.83
N ASP A 71 -5.32 -6.61 15.10
CA ASP A 71 -3.87 -6.68 15.38
C ASP A 71 -3.00 -6.31 14.18
N VAL A 72 -3.27 -5.14 13.59
CA VAL A 72 -2.49 -4.68 12.43
C VAL A 72 -2.32 -3.16 12.46
N SER A 73 -1.08 -2.70 12.50
CA SER A 73 -0.80 -1.26 12.52
C SER A 73 0.44 -0.97 11.67
N LEU A 74 0.65 0.30 11.33
CA LEU A 74 1.77 0.66 10.46
C LEU A 74 3.06 -0.07 10.83
N ASP A 75 3.61 -0.77 9.83
CA ASP A 75 4.85 -1.53 9.98
C ASP A 75 6.03 -0.81 9.36
N GLN A 76 5.76 0.12 8.43
CA GLN A 76 6.83 0.88 7.78
C GLN A 76 6.25 2.12 7.10
N ILE A 77 7.01 2.71 6.18
CA ILE A 77 6.59 3.90 5.45
C ILE A 77 7.34 3.97 4.11
N VAL A 78 6.59 4.16 3.03
CA VAL A 78 7.19 4.26 1.69
C VAL A 78 6.59 5.45 0.96
N PRO A 79 7.29 6.57 0.86
CA PRO A 79 6.74 7.77 0.18
C PRO A 79 6.89 7.66 -1.33
N LEU A 80 5.75 7.68 -2.04
CA LEU A 80 5.73 7.58 -3.50
C LEU A 80 7.01 8.16 -4.11
N SER A 81 7.04 9.48 -4.24
CA SER A 81 8.19 10.17 -4.81
C SER A 81 8.09 10.16 -6.33
N LYS A 82 8.50 11.23 -6.97
CA LYS A 82 8.42 11.31 -8.42
C LYS A 82 9.14 10.14 -9.06
N ASP A 83 10.22 9.67 -8.44
CA ASP A 83 10.99 8.56 -8.99
C ASP A 83 10.27 7.23 -8.81
N PHE A 84 9.00 7.30 -8.41
CA PHE A 84 8.19 6.10 -8.22
C PHE A 84 7.85 5.51 -9.57
N MET A 85 7.82 4.19 -9.63
CA MET A 85 7.49 3.47 -10.85
C MET A 85 7.21 2.01 -10.55
N LEU A 86 6.26 1.43 -11.28
CA LEU A 86 5.90 0.02 -11.10
C LEU A 86 6.33 -0.78 -12.33
N GLU A 87 6.98 -1.92 -12.11
CA GLU A 87 7.45 -2.76 -13.22
C GLU A 87 6.70 -4.09 -13.24
N GLU A 88 6.06 -4.38 -14.36
CA GLU A 88 5.34 -5.64 -14.50
C GLU A 88 6.32 -6.79 -14.56
N VAL A 89 5.96 -7.92 -13.93
CA VAL A 89 6.84 -9.10 -13.93
C VAL A 89 6.03 -10.37 -14.23
N SER A 90 6.63 -11.26 -15.01
CA SER A 90 5.96 -12.50 -15.37
C SER A 90 5.87 -13.43 -14.15
N PRO A 91 4.73 -14.05 -13.89
CA PRO A 91 4.56 -14.97 -12.72
C PRO A 91 5.32 -16.29 -12.89
N ASP A 92 5.66 -16.62 -14.13
CA ASP A 92 6.37 -17.87 -14.41
C ASP A 92 5.56 -19.04 -13.90
N GLY A 93 4.24 -18.87 -13.91
CA GLY A 93 3.33 -19.92 -13.43
C GLY A 93 3.52 -21.21 -14.23
N GLU A 94 2.40 -21.76 -14.72
CA GLU A 94 2.46 -23.00 -15.49
C GLU A 94 1.12 -23.29 -16.16
N LEU A 95 0.25 -22.28 -16.22
CA LEU A 95 -1.07 -22.45 -16.83
C LEU A 95 -1.65 -21.09 -17.21
N TYR A 96 -1.79 -20.20 -16.23
CA TYR A 96 -2.36 -18.88 -16.46
C TYR A 96 -1.54 -17.81 -15.76
N ILE A 97 -1.43 -16.65 -16.41
CA ILE A 97 -0.66 -15.52 -15.85
C ILE A 97 -1.24 -15.08 -14.51
N LEU A 98 -2.14 -14.08 -14.56
CA LEU A 98 -2.77 -13.55 -13.36
C LEU A 98 -3.79 -14.53 -12.82
N GLY A 99 -4.92 -14.65 -13.52
CA GLY A 99 -5.98 -15.55 -13.09
C GLY A 99 -6.53 -15.13 -11.74
N SER A 100 -6.00 -15.74 -10.68
CA SER A 100 -6.43 -15.42 -9.32
C SER A 100 -5.21 -14.96 -8.52
N ASP A 101 -4.38 -14.13 -9.16
CA ASP A 101 -3.18 -13.57 -8.55
C ASP A 101 -2.67 -12.40 -9.39
N VAL A 102 -2.13 -11.38 -8.72
CA VAL A 102 -1.59 -10.21 -9.42
C VAL A 102 -0.12 -10.03 -9.09
N THR A 103 0.69 -9.81 -10.12
CA THR A 103 2.13 -9.62 -9.92
C THR A 103 2.54 -8.20 -10.22
N VAL A 104 2.99 -7.50 -9.16
CA VAL A 104 3.43 -6.12 -9.27
C VAL A 104 4.77 -5.96 -8.54
N GLN A 105 5.70 -5.25 -9.18
CA GLN A 105 7.03 -5.04 -8.59
C GLN A 105 7.29 -3.56 -8.40
N LEU A 106 7.40 -3.11 -7.16
CA LEU A 106 7.62 -1.70 -6.88
C LEU A 106 9.08 -1.32 -7.05
N ASN A 107 9.32 -0.32 -7.89
CA ASN A 107 10.69 0.13 -8.18
C ASN A 107 10.94 1.56 -7.70
N THR A 108 10.95 1.77 -6.39
CA THR A 108 11.19 3.12 -5.87
C THR A 108 12.66 3.47 -6.03
N ALA A 109 12.98 4.73 -5.82
CA ALA A 109 14.35 5.21 -5.94
C ALA A 109 15.34 4.29 -5.23
N GLU A 110 14.91 3.70 -4.11
CA GLU A 110 15.78 2.78 -3.35
C GLU A 110 15.01 1.51 -2.96
N LEU A 111 13.74 1.67 -2.62
CA LEU A 111 12.94 0.52 -2.22
C LEU A 111 12.57 -0.30 -3.44
N LYS A 112 12.53 -1.61 -3.25
CA LYS A 112 12.18 -2.50 -4.33
C LYS A 112 11.74 -3.83 -3.78
N LEU A 113 10.45 -4.12 -3.92
CA LEU A 113 9.88 -5.37 -3.40
C LEU A 113 8.89 -5.97 -4.39
N VAL A 114 8.46 -7.20 -4.11
CA VAL A 114 7.50 -7.90 -4.97
C VAL A 114 6.27 -8.31 -4.15
N PHE A 115 5.07 -7.93 -4.61
CA PHE A 115 3.83 -8.28 -3.90
C PHE A 115 2.89 -9.07 -4.81
N GLN A 116 2.24 -10.08 -4.24
CA GLN A 116 1.30 -10.92 -4.97
C GLN A 116 -0.12 -10.66 -4.48
N LEU A 117 -0.81 -9.71 -5.11
CA LEU A 117 -2.18 -9.35 -4.72
C LEU A 117 -3.20 -10.19 -5.50
N PRO A 118 -4.38 -10.41 -4.98
CA PRO A 118 -5.42 -11.23 -5.68
C PRO A 118 -6.12 -10.47 -6.81
N PHE A 119 -6.32 -11.15 -7.93
CA PHE A 119 -6.94 -10.57 -9.12
C PHE A 119 -8.39 -10.17 -8.92
N GLY A 120 -8.77 -9.08 -9.58
CA GLY A 120 -10.13 -8.56 -9.51
C GLY A 120 -10.15 -7.04 -9.56
N SER A 121 -11.35 -6.49 -9.65
CA SER A 121 -11.50 -5.03 -9.69
C SER A 121 -11.03 -4.43 -8.38
N HIS A 122 -11.01 -5.25 -7.33
CA HIS A 122 -10.57 -4.78 -6.03
C HIS A 122 -9.09 -4.38 -6.06
N THR A 123 -8.25 -5.23 -6.64
CA THR A 123 -6.82 -4.93 -6.72
C THR A 123 -6.53 -3.91 -7.81
N ARG A 124 -7.19 -4.06 -8.96
CA ARG A 124 -6.97 -3.16 -10.09
C ARG A 124 -7.25 -1.72 -9.71
N THR A 125 -8.22 -1.52 -8.84
CA THR A 125 -8.58 -0.17 -8.41
C THR A 125 -7.38 0.50 -7.75
N PHE A 126 -6.66 -0.27 -6.93
CA PHE A 126 -5.50 0.26 -6.22
C PHE A 126 -4.49 0.86 -7.20
N LEU A 127 -4.18 0.13 -8.27
CA LEU A 127 -3.18 0.60 -9.23
C LEU A 127 -3.53 2.00 -9.75
N GLN A 128 -4.80 2.22 -10.09
CA GLN A 128 -5.22 3.50 -10.63
C GLN A 128 -4.97 4.65 -9.66
N GLU A 129 -5.22 4.42 -8.38
CA GLU A 129 -5.01 5.46 -7.38
C GLU A 129 -3.54 5.83 -7.27
N VAL A 130 -2.66 4.88 -7.52
CA VAL A 130 -1.23 5.15 -7.42
C VAL A 130 -0.83 6.21 -8.45
N ALA A 131 -1.28 6.03 -9.68
CA ALA A 131 -0.97 6.97 -10.77
C ALA A 131 -1.33 8.41 -10.41
N ARG A 132 -2.46 8.59 -9.74
CA ARG A 132 -2.89 9.94 -9.35
C ARG A 132 -2.06 10.46 -8.17
N ALA A 133 -1.49 9.52 -7.41
CA ALA A 133 -0.68 9.87 -6.25
C ALA A 133 0.49 10.78 -6.62
N CYS A 134 0.97 10.68 -7.86
CA CYS A 134 2.08 11.53 -8.31
C CYS A 134 2.62 11.10 -9.69
N PRO A 135 2.83 9.82 -9.92
CA PRO A 135 3.35 9.33 -11.23
C PRO A 135 2.57 9.87 -12.43
N GLY A 136 1.24 9.86 -12.32
CA GLY A 136 0.39 10.34 -13.40
C GLY A 136 0.64 11.82 -13.71
N PHE A 137 1.92 12.15 -13.87
CA PHE A 137 2.35 13.52 -14.18
C PHE A 137 1.44 14.57 -13.55
N ASP A 138 1.27 14.50 -12.23
CA ASP A 138 0.42 15.45 -11.51
C ASP A 138 0.84 16.89 -11.89
N PRO A 139 0.16 17.89 -11.39
CA PRO A 139 0.48 19.31 -11.71
C PRO A 139 1.96 19.64 -11.43
N GLU A 140 2.51 19.06 -10.35
CA GLU A 140 3.90 19.31 -9.97
C GLU A 140 4.75 18.06 -10.25
N THR A 141 4.43 16.96 -9.58
CA THR A 141 5.16 15.71 -9.77
C THR A 141 6.66 15.89 -9.46
N ARG A 142 6.99 17.01 -8.83
CA ARG A 142 8.38 17.28 -8.49
C ARG A 142 8.87 16.44 -7.30
N ASP A 143 10.04 16.81 -6.79
CA ASP A 143 10.64 16.13 -5.66
C ASP A 143 9.57 15.71 -4.65
N PRO A 144 9.81 14.69 -3.88
CA PRO A 144 8.84 14.19 -2.87
C PRO A 144 8.44 15.28 -1.86
N GLU A 145 7.76 14.85 -0.79
CA GLU A 145 7.33 15.76 0.25
C GLU A 145 6.94 14.97 1.50
N PHE A 146 7.95 14.44 2.19
CA PHE A 146 7.73 13.65 3.39
C PHE A 146 7.76 14.55 4.64
N GLU A 147 7.53 15.83 4.41
CA GLU A 147 7.55 16.82 5.50
C GLU A 147 6.50 16.51 6.57
N TRP A 148 5.33 16.02 6.16
CA TRP A 148 4.26 15.71 7.11
C TRP A 148 4.44 14.31 7.73
N LEU A 149 5.21 13.45 7.07
CA LEU A 149 5.46 12.10 7.59
C LEU A 149 6.13 12.19 8.96
N SER A 150 7.05 13.15 9.11
CA SER A 150 7.75 13.32 10.37
C SER A 150 6.74 13.31 11.52
N ARG A 151 5.54 13.83 11.26
CA ARG A 151 4.48 13.87 12.27
C ARG A 151 3.83 12.51 12.39
N HIS A 152 4.54 11.51 11.88
CA HIS A 152 4.07 10.14 11.90
C HIS A 152 5.26 9.20 12.08
N THR A 153 4.98 8.03 12.63
CA THR A 153 6.02 7.02 12.85
C THR A 153 5.43 5.64 12.59
N CYS A 154 5.68 4.70 13.49
CA CYS A 154 5.16 3.35 13.35
C CYS A 154 4.83 2.76 14.72
N ALA A 155 3.82 1.90 14.76
CA ALA A 155 3.41 1.28 16.02
C ALA A 155 4.15 -0.04 16.23
N GLU A 156 5.30 0.03 16.89
CA GLU A 156 6.12 -1.16 17.16
C GLU A 156 6.05 -1.52 18.65
N PRO A 157 5.23 -2.47 19.05
CA PRO A 157 5.11 -2.86 20.48
C PRO A 157 6.46 -3.14 21.13
N ASP A 158 6.42 -3.73 22.33
CA ASP A 158 7.63 -4.06 23.06
C ASP A 158 8.02 -5.52 22.83
N ALA A 159 8.77 -5.77 21.76
CA ALA A 159 9.21 -7.12 21.43
C ALA A 159 10.07 -7.70 22.56
N GLU A 160 10.94 -6.85 23.12
CA GLU A 160 11.83 -7.29 24.21
C GLU A 160 12.01 -6.18 25.24
N SER A 161 11.67 -4.95 24.86
CA SER A 161 11.80 -3.82 25.76
C SER A 161 10.74 -3.88 26.86
N GLY A 1 -8.63 -22.04 -2.15
CA GLY A 1 -7.87 -20.78 -2.39
C GLY A 1 -8.24 -19.75 -1.33
N PRO A 2 -7.49 -18.68 -1.26
CA PRO A 2 -7.73 -17.60 -0.27
C PRO A 2 -9.08 -16.91 -0.51
N LEU A 3 -9.74 -16.53 0.58
CA LEU A 3 -11.04 -15.86 0.48
C LEU A 3 -10.84 -14.34 0.43
N GLY A 4 -11.18 -13.75 -0.70
CA GLY A 4 -11.03 -12.31 -0.87
C GLY A 4 -11.80 -11.55 0.22
N SER A 5 -11.47 -10.29 0.40
CA SER A 5 -12.13 -9.46 1.42
C SER A 5 -12.04 -7.99 1.05
N MET A 6 -12.90 -7.17 1.66
CA MET A 6 -12.90 -5.73 1.39
C MET A 6 -12.78 -4.93 2.70
N ASP A 7 -12.78 -5.64 3.82
CA ASP A 7 -12.68 -4.98 5.12
C ASP A 7 -11.30 -4.33 5.28
N GLN A 8 -10.36 -4.77 4.45
CA GLN A 8 -9.01 -4.23 4.50
C GLN A 8 -9.03 -2.72 4.76
N SER A 9 -9.71 -2.00 3.87
CA SER A 9 -9.80 -0.54 4.00
C SER A 9 -10.25 -0.14 5.41
N VAL A 10 -11.26 -0.83 5.91
CA VAL A 10 -11.77 -0.53 7.25
C VAL A 10 -10.68 -0.81 8.29
N ALA A 11 -10.07 -1.99 8.17
CA ALA A 11 -9.04 -2.41 9.12
C ALA A 11 -8.06 -1.27 9.39
N ILE A 12 -7.63 -0.58 8.35
CA ILE A 12 -6.69 0.52 8.53
C ILE A 12 -7.29 1.59 9.42
N GLN A 13 -8.46 2.07 9.05
CA GLN A 13 -9.12 3.12 9.81
C GLN A 13 -9.14 2.73 11.29
N GLU A 14 -9.54 1.50 11.59
CA GLU A 14 -9.58 1.03 12.98
C GLU A 14 -8.23 1.27 13.66
N THR A 15 -7.23 1.67 12.86
CA THR A 15 -5.88 1.93 13.40
C THR A 15 -5.43 3.37 13.12
N LEU A 16 -5.99 3.98 12.08
CA LEU A 16 -5.60 5.34 11.72
C LEU A 16 -6.25 6.35 12.66
N VAL A 17 -5.49 7.35 13.07
CA VAL A 17 -5.98 8.38 13.98
C VAL A 17 -7.12 9.13 13.32
N GLU A 18 -7.89 9.84 14.13
CA GLU A 18 -9.03 10.58 13.62
C GLU A 18 -8.61 11.92 12.99
N GLY A 19 -8.89 12.06 11.69
CA GLY A 19 -8.56 13.30 10.98
C GLY A 19 -8.03 13.03 9.59
N GLU A 20 -7.41 11.85 9.39
CA GLU A 20 -6.86 11.50 8.07
C GLU A 20 -7.91 10.85 7.18
N TYR A 21 -7.47 10.41 6.01
CA TYR A 21 -8.36 9.79 5.03
C TYR A 21 -7.70 8.63 4.33
N CYS A 22 -8.32 7.45 4.40
CA CYS A 22 -7.81 6.27 3.72
C CYS A 22 -8.63 6.08 2.45
N VAL A 23 -7.98 5.74 1.34
CA VAL A 23 -8.70 5.54 0.08
C VAL A 23 -8.87 4.06 -0.26
N ILE A 24 -7.85 3.28 0.04
CA ILE A 24 -7.90 1.86 -0.26
C ILE A 24 -6.76 1.11 0.42
N ALA A 25 -6.89 -0.20 0.52
CA ALA A 25 -5.87 -1.02 1.14
C ALA A 25 -6.09 -2.48 0.80
N VAL A 26 -5.15 -3.08 0.06
CA VAL A 26 -5.27 -4.49 -0.32
C VAL A 26 -4.29 -5.32 0.48
N GLN A 27 -4.04 -6.55 0.03
CA GLN A 27 -3.12 -7.44 0.73
C GLN A 27 -2.37 -8.30 -0.27
N GLY A 28 -1.16 -8.70 0.10
CA GLY A 28 -0.35 -9.54 -0.78
C GLY A 28 0.56 -10.46 0.02
N VAL A 29 1.75 -10.67 -0.52
CA VAL A 29 2.75 -11.52 0.13
C VAL A 29 4.15 -10.97 -0.13
N LEU A 30 5.12 -11.45 0.62
CA LEU A 30 6.50 -11.05 0.42
C LEU A 30 7.34 -12.30 0.52
N CYS A 31 8.03 -12.68 -0.54
CA CYS A 31 8.83 -13.90 -0.53
C CYS A 31 10.32 -13.58 -0.43
N LYS A 32 11.00 -14.23 0.52
CA LYS A 32 12.44 -14.06 0.70
C LYS A 32 13.12 -15.40 0.53
N GLY A 33 13.85 -15.56 -0.56
CA GLY A 33 14.53 -16.82 -0.83
C GLY A 33 13.51 -17.95 -0.99
N ASP A 34 13.33 -18.73 0.08
CA ASP A 34 12.38 -19.85 0.08
C ASP A 34 11.48 -19.75 1.29
N SER A 35 11.26 -18.51 1.74
CA SER A 35 10.41 -18.22 2.89
C SER A 35 9.32 -17.24 2.50
N ARG A 36 8.06 -17.67 2.61
CA ARG A 36 6.94 -16.80 2.23
C ARG A 36 6.39 -16.08 3.45
N GLN A 37 5.99 -14.83 3.24
CA GLN A 37 5.45 -14.00 4.32
C GLN A 37 4.16 -13.33 3.85
N SER A 38 3.40 -12.81 4.82
CA SER A 38 2.13 -12.13 4.52
C SER A 38 2.19 -10.69 4.99
N ARG A 39 1.88 -9.76 4.07
CA ARG A 39 1.91 -8.33 4.39
C ARG A 39 0.60 -7.68 3.98
N LEU A 40 0.24 -6.61 4.69
CA LEU A 40 -1.00 -5.88 4.40
C LEU A 40 -0.68 -4.51 3.83
N LEU A 41 -1.12 -4.26 2.59
CA LEU A 41 -0.86 -2.98 1.93
C LEU A 41 -1.91 -1.95 2.31
N GLY A 42 -1.52 -0.68 2.29
CA GLY A 42 -2.43 0.40 2.63
C GLY A 42 -2.05 1.68 1.88
N LEU A 43 -3.06 2.36 1.32
CA LEU A 43 -2.84 3.62 0.60
C LEU A 43 -3.65 4.72 1.28
N VAL A 44 -3.00 5.81 1.66
CA VAL A 44 -3.69 6.90 2.35
C VAL A 44 -3.36 8.26 1.73
N ARG A 45 -4.40 9.06 1.51
CA ARG A 45 -4.24 10.39 0.95
C ARG A 45 -4.57 11.41 2.02
N TYR A 46 -3.63 12.33 2.26
CA TYR A 46 -3.81 13.38 3.26
C TYR A 46 -4.18 14.69 2.59
N ARG A 47 -5.32 15.27 2.97
CA ARG A 47 -5.79 16.52 2.38
C ARG A 47 -5.72 17.67 3.38
N LEU A 48 -5.65 18.89 2.86
CA LEU A 48 -5.59 20.10 3.70
C LEU A 48 -6.55 21.16 3.17
N GLU A 49 -6.64 22.27 3.90
CA GLU A 49 -7.51 23.38 3.51
C GLU A 49 -6.76 24.36 2.61
N ASN A 50 -5.60 24.81 3.08
CA ASN A 50 -4.79 25.76 2.33
C ASN A 50 -4.65 25.29 0.88
N ASP A 51 -4.99 24.03 0.64
CA ASP A 51 -4.89 23.43 -0.70
C ASP A 51 -3.50 22.80 -0.87
N ALA A 52 -3.29 21.70 -0.15
CA ALA A 52 -2.01 21.01 -0.20
C ALA A 52 -2.17 19.59 0.33
N GLN A 53 -2.19 18.62 -0.58
CA GLN A 53 -2.35 17.21 -0.23
C GLN A 53 -1.06 16.45 -0.48
N GLU A 54 -0.97 15.23 0.04
CA GLU A 54 0.21 14.40 -0.16
C GLU A 54 -0.19 12.92 -0.22
N HIS A 55 0.56 12.13 -0.97
CA HIS A 55 0.26 10.69 -1.12
C HIS A 55 1.46 9.84 -0.72
N ALA A 56 1.18 8.64 -0.23
CA ALA A 56 2.21 7.71 0.18
C ALA A 56 1.64 6.29 0.26
N LEU A 57 2.50 5.29 0.07
CA LEU A 57 2.08 3.89 0.12
C LEU A 57 2.38 3.32 1.50
N PHE A 58 1.35 3.21 2.33
CA PHE A 58 1.51 2.72 3.68
C PHE A 58 1.65 1.20 3.71
N LEU A 59 2.46 0.71 4.65
CA LEU A 59 2.66 -0.74 4.84
C LEU A 59 2.21 -1.13 6.24
N TYR A 60 1.38 -2.15 6.29
CA TYR A 60 0.84 -2.66 7.55
C TYR A 60 1.22 -4.12 7.73
N THR A 61 1.70 -4.48 8.92
CA THR A 61 2.05 -5.87 9.18
C THR A 61 0.81 -6.60 9.66
N HIS A 62 0.84 -7.92 9.57
CA HIS A 62 -0.29 -8.71 10.03
C HIS A 62 0.08 -10.18 10.10
N ARG A 63 -0.70 -10.93 10.84
CA ARG A 63 -0.45 -12.36 10.99
C ARG A 63 -1.09 -13.13 9.84
N ARG A 64 -1.31 -14.41 10.08
CA ARG A 64 -1.91 -15.26 9.07
C ARG A 64 -3.30 -14.76 8.71
N MET A 65 -4.08 -14.35 9.72
CA MET A 65 -5.43 -13.85 9.48
C MET A 65 -5.79 -12.78 10.52
N ALA A 66 -4.78 -12.14 11.08
CA ALA A 66 -5.01 -11.10 12.09
C ALA A 66 -5.17 -9.73 11.44
N ILE A 67 -5.57 -9.75 10.18
CA ILE A 67 -5.78 -8.53 9.40
C ILE A 67 -6.99 -7.74 9.92
N THR A 68 -7.95 -8.46 10.46
CA THR A 68 -9.21 -7.88 10.95
C THR A 68 -9.03 -6.51 11.62
N GLY A 69 -7.87 -6.23 12.20
CA GLY A 69 -7.64 -4.96 12.88
C GLY A 69 -7.12 -5.24 14.29
N ASP A 70 -7.25 -6.50 14.70
CA ASP A 70 -6.84 -6.93 16.04
C ASP A 70 -5.34 -6.74 16.29
N ASP A 71 -4.49 -7.28 15.43
CA ASP A 71 -3.03 -7.18 15.65
C ASP A 71 -2.28 -6.63 14.42
N VAL A 72 -2.88 -5.66 13.72
CA VAL A 72 -2.23 -5.06 12.54
C VAL A 72 -2.25 -3.53 12.60
N SER A 73 -1.05 -2.95 12.58
CA SER A 73 -0.90 -1.51 12.63
C SER A 73 0.30 -1.09 11.77
N LEU A 74 0.39 0.20 11.50
CA LEU A 74 1.42 0.73 10.61
C LEU A 74 2.78 0.07 10.83
N ASP A 75 3.48 -0.14 9.72
CA ASP A 75 4.81 -0.76 9.72
C ASP A 75 5.86 0.26 9.28
N GLN A 76 5.80 0.68 8.01
CA GLN A 76 6.75 1.66 7.49
C GLN A 76 6.14 2.42 6.31
N ILE A 77 6.08 3.74 6.44
CA ILE A 77 5.53 4.58 5.39
C ILE A 77 6.58 4.89 4.33
N VAL A 78 6.22 4.73 3.05
CA VAL A 78 7.15 5.00 1.95
C VAL A 78 6.54 6.05 1.01
N PRO A 79 7.16 7.21 0.84
CA PRO A 79 6.60 8.27 -0.05
C PRO A 79 6.85 7.96 -1.52
N LEU A 80 5.77 7.81 -2.28
CA LEU A 80 5.88 7.52 -3.72
C LEU A 80 7.03 8.30 -4.36
N SER A 81 6.85 9.61 -4.46
CA SER A 81 7.86 10.46 -5.06
C SER A 81 7.95 10.19 -6.56
N LYS A 82 8.36 11.19 -7.31
CA LYS A 82 8.46 11.04 -8.75
C LYS A 82 9.23 9.77 -9.11
N ASP A 83 10.23 9.43 -8.30
CA ASP A 83 11.03 8.25 -8.58
C ASP A 83 10.17 6.98 -8.52
N PHE A 84 8.91 7.14 -8.13
CA PHE A 84 8.00 6.01 -8.06
C PHE A 84 7.79 5.42 -9.44
N MET A 85 7.84 4.10 -9.53
CA MET A 85 7.65 3.42 -10.81
C MET A 85 7.21 1.98 -10.58
N LEU A 86 6.11 1.59 -11.20
CA LEU A 86 5.59 0.23 -11.07
C LEU A 86 6.06 -0.60 -12.25
N GLU A 87 6.77 -1.70 -11.97
CA GLU A 87 7.27 -2.58 -13.02
C GLU A 87 6.63 -3.96 -12.94
N GLU A 88 5.93 -4.33 -14.00
CA GLU A 88 5.29 -5.63 -14.06
C GLU A 88 6.37 -6.72 -14.14
N VAL A 89 6.07 -7.91 -13.65
CA VAL A 89 7.03 -9.02 -13.69
C VAL A 89 6.65 -10.01 -14.78
N SER A 90 7.62 -10.38 -15.59
CA SER A 90 7.40 -11.33 -16.68
C SER A 90 6.55 -12.52 -16.20
N PRO A 91 5.28 -12.58 -16.55
CA PRO A 91 4.40 -13.72 -16.12
C PRO A 91 5.00 -15.08 -16.45
N ASP A 92 5.52 -15.21 -17.67
CA ASP A 92 6.10 -16.48 -18.11
C ASP A 92 5.06 -17.59 -18.01
N GLY A 93 3.80 -17.23 -18.28
CA GLY A 93 2.72 -18.20 -18.22
C GLY A 93 1.48 -17.68 -18.97
N GLU A 94 0.47 -18.53 -19.10
CA GLU A 94 -0.77 -18.14 -19.80
C GLU A 94 -1.99 -18.76 -19.11
N LEU A 95 -1.87 -20.01 -18.70
CA LEU A 95 -2.98 -20.70 -18.03
C LEU A 95 -2.96 -20.38 -16.53
N TYR A 96 -2.87 -19.10 -16.24
CA TYR A 96 -2.84 -18.64 -14.86
C TYR A 96 -2.90 -17.12 -14.78
N ILE A 97 -3.50 -16.51 -15.80
CA ILE A 97 -3.63 -15.04 -15.86
C ILE A 97 -3.94 -14.46 -14.49
N LEU A 98 -2.89 -14.29 -13.68
CA LEU A 98 -3.04 -13.73 -12.35
C LEU A 98 -3.85 -14.70 -11.48
N GLY A 99 -4.99 -15.13 -12.01
CA GLY A 99 -5.85 -16.06 -11.28
C GLY A 99 -6.36 -15.43 -10.00
N SER A 100 -5.94 -15.99 -8.87
CA SER A 100 -6.33 -15.49 -7.55
C SER A 100 -5.11 -14.82 -6.92
N ASP A 101 -4.34 -14.15 -7.77
CA ASP A 101 -3.13 -13.43 -7.33
C ASP A 101 -2.58 -12.58 -8.49
N VAL A 102 -2.29 -11.30 -8.20
CA VAL A 102 -1.73 -10.38 -9.21
C VAL A 102 -0.27 -10.10 -8.90
N THR A 103 0.56 -10.14 -9.94
CA THR A 103 1.99 -9.90 -9.77
C THR A 103 2.37 -8.46 -10.13
N VAL A 104 2.84 -7.74 -9.12
CA VAL A 104 3.25 -6.34 -9.29
C VAL A 104 4.52 -6.07 -8.50
N GLN A 105 5.43 -5.27 -9.06
CA GLN A 105 6.70 -4.95 -8.40
C GLN A 105 6.92 -3.44 -8.31
N LEU A 106 7.06 -2.94 -7.08
CA LEU A 106 7.25 -1.51 -6.85
C LEU A 106 8.74 -1.12 -6.86
N ASN A 107 9.07 -0.19 -7.74
CA ASN A 107 10.46 0.27 -7.88
C ASN A 107 10.66 1.69 -7.36
N THR A 108 10.48 1.90 -6.05
CA THR A 108 10.66 3.22 -5.48
C THR A 108 12.15 3.56 -5.43
N ALA A 109 12.46 4.80 -5.09
CA ALA A 109 13.85 5.25 -5.03
C ALA A 109 14.67 4.42 -4.03
N GLU A 110 14.08 4.11 -2.88
CA GLU A 110 14.78 3.33 -1.84
C GLU A 110 13.93 2.16 -1.39
N LEU A 111 13.01 1.75 -2.25
CA LEU A 111 12.13 0.62 -1.92
C LEU A 111 12.00 -0.29 -3.12
N LYS A 112 12.25 -1.57 -2.88
CA LYS A 112 12.16 -2.58 -3.94
C LYS A 112 11.69 -3.90 -3.34
N LEU A 113 10.45 -4.25 -3.66
CA LEU A 113 9.84 -5.48 -3.15
C LEU A 113 8.88 -6.10 -4.16
N VAL A 114 8.44 -7.32 -3.88
CA VAL A 114 7.50 -8.05 -4.74
C VAL A 114 6.28 -8.48 -3.93
N PHE A 115 5.09 -8.09 -4.39
CA PHE A 115 3.84 -8.43 -3.72
C PHE A 115 2.85 -9.10 -4.67
N GLN A 116 2.12 -10.08 -4.13
CA GLN A 116 1.11 -10.81 -4.89
C GLN A 116 -0.29 -10.37 -4.46
N LEU A 117 -0.75 -9.26 -5.03
CA LEU A 117 -2.07 -8.73 -4.68
C LEU A 117 -3.18 -9.65 -5.21
N PRO A 118 -4.43 -9.43 -4.85
CA PRO A 118 -5.57 -10.31 -5.31
C PRO A 118 -5.72 -10.32 -6.83
N PHE A 119 -6.94 -10.64 -7.27
CA PHE A 119 -7.24 -10.74 -8.71
C PHE A 119 -7.90 -9.48 -9.30
N GLY A 120 -7.12 -8.73 -10.11
CA GLY A 120 -7.62 -7.52 -10.77
C GLY A 120 -8.74 -6.85 -9.98
N SER A 121 -9.74 -6.32 -10.69
CA SER A 121 -10.87 -5.65 -10.06
C SER A 121 -10.44 -4.90 -8.79
N HIS A 122 -10.42 -5.61 -7.67
CA HIS A 122 -10.02 -5.02 -6.41
C HIS A 122 -8.61 -4.46 -6.51
N THR A 123 -7.76 -5.09 -7.34
CA THR A 123 -6.39 -4.63 -7.51
C THR A 123 -6.29 -3.62 -8.66
N ARG A 124 -7.11 -3.79 -9.69
CA ARG A 124 -7.07 -2.89 -10.84
C ARG A 124 -7.35 -1.45 -10.42
N THR A 125 -8.36 -1.27 -9.57
CA THR A 125 -8.71 0.06 -9.11
C THR A 125 -7.55 0.67 -8.34
N PHE A 126 -6.84 -0.15 -7.59
CA PHE A 126 -5.72 0.32 -6.80
C PHE A 126 -4.69 1.02 -7.70
N LEU A 127 -4.31 0.37 -8.80
CA LEU A 127 -3.30 0.93 -9.70
C LEU A 127 -3.65 2.35 -10.11
N GLN A 128 -4.90 2.58 -10.48
CA GLN A 128 -5.33 3.89 -10.94
C GLN A 128 -5.20 4.95 -9.85
N GLU A 129 -5.52 4.60 -8.61
CA GLU A 129 -5.44 5.56 -7.51
C GLU A 129 -4.00 6.06 -7.33
N VAL A 130 -3.03 5.14 -7.39
CA VAL A 130 -1.64 5.53 -7.24
C VAL A 130 -1.22 6.43 -8.41
N ALA A 131 -1.58 6.03 -9.62
CA ALA A 131 -1.22 6.78 -10.82
C ALA A 131 -1.60 8.26 -10.70
N ARG A 132 -2.84 8.53 -10.27
CA ARG A 132 -3.30 9.91 -10.15
C ARG A 132 -2.74 10.55 -8.88
N ALA A 133 -2.26 9.72 -7.96
CA ALA A 133 -1.72 10.20 -6.70
C ALA A 133 -0.51 11.12 -6.92
N CYS A 134 0.09 11.06 -8.11
CA CYS A 134 1.23 11.92 -8.40
C CYS A 134 1.80 11.64 -9.81
N PRO A 135 2.10 10.41 -10.14
CA PRO A 135 2.67 10.08 -11.48
C PRO A 135 1.83 10.62 -12.63
N GLY A 136 0.51 10.43 -12.56
CA GLY A 136 -0.38 10.91 -13.61
C GLY A 136 0.27 10.82 -14.99
N PHE A 137 0.70 9.60 -15.35
CA PHE A 137 1.36 9.33 -16.64
C PHE A 137 2.03 10.59 -17.23
N ASP A 138 3.21 10.91 -16.72
CA ASP A 138 3.97 12.08 -17.19
C ASP A 138 5.46 11.74 -17.24
N PRO A 139 6.24 12.47 -18.00
CA PRO A 139 7.71 12.22 -18.13
C PRO A 139 8.45 12.36 -16.80
N GLU A 140 8.30 13.51 -16.14
CA GLU A 140 8.98 13.75 -14.87
C GLU A 140 7.98 14.07 -13.75
N THR A 141 7.03 14.95 -14.04
CA THR A 141 6.00 15.34 -13.07
C THR A 141 6.56 15.36 -11.64
N ARG A 142 7.63 16.10 -11.45
CA ARG A 142 8.26 16.19 -10.13
C ARG A 142 7.23 16.43 -9.04
N ASP A 143 7.53 15.94 -7.84
CA ASP A 143 6.65 16.13 -6.69
C ASP A 143 7.07 15.21 -5.54
N PRO A 144 8.28 15.30 -5.05
CA PRO A 144 8.74 14.44 -3.93
C PRO A 144 8.33 15.03 -2.57
N GLU A 145 7.48 14.28 -1.86
CA GLU A 145 7.02 14.70 -0.54
C GLU A 145 7.50 13.69 0.50
N PHE A 146 7.77 14.18 1.70
CA PHE A 146 8.24 13.30 2.77
C PHE A 146 8.26 14.03 4.10
N GLU A 147 8.11 15.35 4.05
CA GLU A 147 8.14 16.17 5.26
C GLU A 147 6.96 15.87 6.18
N TRP A 148 5.80 15.61 5.61
CA TRP A 148 4.62 15.35 6.42
C TRP A 148 4.66 13.94 7.01
N LEU A 149 5.47 13.06 6.42
CA LEU A 149 5.58 11.68 6.93
C LEU A 149 6.12 11.70 8.36
N SER A 150 7.06 12.60 8.64
CA SER A 150 7.64 12.66 9.98
C SER A 150 6.56 12.93 11.04
N ARG A 151 5.79 13.98 10.84
CA ARG A 151 4.73 14.34 11.78
C ARG A 151 3.51 13.47 11.54
N HIS A 152 3.74 12.23 11.12
CA HIS A 152 2.67 11.28 10.84
C HIS A 152 2.82 10.06 11.74
N THR A 153 4.01 9.92 12.32
CA THR A 153 4.28 8.80 13.20
C THR A 153 3.87 7.49 12.56
N CYS A 154 4.19 6.38 13.22
CA CYS A 154 3.85 5.07 12.70
C CYS A 154 3.74 4.07 13.85
N ALA A 155 3.02 2.99 13.61
CA ALA A 155 2.83 1.96 14.62
C ALA A 155 2.27 2.55 15.91
N GLU A 156 1.28 3.43 15.76
CA GLU A 156 0.65 4.06 16.92
C GLU A 156 0.43 3.02 18.04
N PRO A 157 1.25 3.00 19.07
CA PRO A 157 1.10 2.01 20.18
C PRO A 157 -0.32 2.00 20.75
N ASP A 158 -0.90 3.19 20.92
CA ASP A 158 -2.26 3.31 21.45
C ASP A 158 -3.19 3.90 20.41
N ALA A 159 -4.35 3.28 20.24
CA ALA A 159 -5.33 3.75 19.27
C ALA A 159 -5.83 5.15 19.62
N GLU A 160 -5.99 5.41 20.92
CA GLU A 160 -6.46 6.72 21.37
C GLU A 160 -5.44 7.80 21.03
N SER A 161 -4.16 7.47 21.19
CA SER A 161 -3.10 8.43 20.89
C SER A 161 -3.41 9.78 21.53
N GLY A 1 -27.95 -1.12 13.42
CA GLY A 1 -26.52 -0.90 13.75
C GLY A 1 -25.76 -2.22 13.66
N PRO A 2 -25.84 -2.87 12.53
CA PRO A 2 -25.15 -4.18 12.30
C PRO A 2 -23.63 -4.02 12.28
N LEU A 3 -23.17 -2.79 12.04
CA LEU A 3 -21.74 -2.51 11.98
C LEU A 3 -21.06 -3.43 10.97
N GLY A 4 -20.98 -2.97 9.72
CA GLY A 4 -20.35 -3.76 8.66
C GLY A 4 -18.90 -3.33 8.47
N SER A 5 -18.00 -3.96 9.21
CA SER A 5 -16.57 -3.64 9.11
C SER A 5 -15.73 -4.87 9.41
N MET A 6 -14.86 -5.24 8.47
CA MET A 6 -14.01 -6.42 8.65
C MET A 6 -13.02 -6.54 7.50
N ASP A 7 -13.18 -5.69 6.49
CA ASP A 7 -12.30 -5.70 5.33
C ASP A 7 -10.94 -5.12 5.70
N GLN A 8 -10.11 -4.91 4.67
CA GLN A 8 -8.79 -4.35 4.86
C GLN A 8 -8.87 -2.82 4.91
N SER A 9 -9.65 -2.26 3.99
CA SER A 9 -9.77 -0.80 3.91
C SER A 9 -10.18 -0.22 5.27
N VAL A 10 -11.18 -0.83 5.90
CA VAL A 10 -11.63 -0.35 7.20
C VAL A 10 -10.54 -0.59 8.24
N ALA A 11 -9.97 -1.80 8.22
CA ALA A 11 -8.94 -2.17 9.18
C ALA A 11 -7.96 -1.04 9.41
N ILE A 12 -7.58 -0.37 8.32
CA ILE A 12 -6.63 0.74 8.44
C ILE A 12 -7.20 1.86 9.31
N GLN A 13 -8.40 2.31 8.95
CA GLN A 13 -9.03 3.40 9.68
C GLN A 13 -8.95 3.13 11.18
N GLU A 14 -9.31 1.92 11.59
CA GLU A 14 -9.26 1.56 12.99
C GLU A 14 -7.82 1.67 13.53
N THR A 15 -6.86 1.71 12.60
CA THR A 15 -5.44 1.80 12.95
C THR A 15 -4.85 3.14 12.53
N LEU A 16 -5.70 4.14 12.32
CA LEU A 16 -5.22 5.47 11.90
C LEU A 16 -5.86 6.55 12.76
N VAL A 17 -5.10 7.61 13.02
CA VAL A 17 -5.59 8.71 13.84
C VAL A 17 -6.71 9.41 13.09
N GLU A 18 -7.36 10.35 13.76
CA GLU A 18 -8.46 11.08 13.15
C GLU A 18 -7.97 12.08 12.11
N GLY A 19 -8.90 12.90 11.63
CA GLY A 19 -8.57 13.92 10.64
C GLY A 19 -8.11 13.31 9.32
N GLU A 20 -7.38 12.20 9.40
CA GLU A 20 -6.89 11.57 8.18
C GLU A 20 -8.03 10.96 7.37
N TYR A 21 -7.66 10.34 6.25
CA TYR A 21 -8.64 9.74 5.34
C TYR A 21 -8.12 8.43 4.74
N CYS A 22 -8.89 7.36 4.89
CA CYS A 22 -8.52 6.08 4.30
C CYS A 22 -9.08 6.04 2.89
N VAL A 23 -8.32 5.52 1.94
CA VAL A 23 -8.77 5.45 0.54
C VAL A 23 -8.90 4.02 0.06
N ILE A 24 -7.81 3.26 0.14
CA ILE A 24 -7.82 1.88 -0.32
C ILE A 24 -6.70 1.09 0.32
N ALA A 25 -7.01 -0.15 0.70
CA ALA A 25 -6.04 -1.03 1.34
C ALA A 25 -6.32 -2.46 0.94
N VAL A 26 -5.43 -3.04 0.15
CA VAL A 26 -5.61 -4.41 -0.30
C VAL A 26 -4.73 -5.34 0.52
N GLN A 27 -4.63 -6.59 0.10
CA GLN A 27 -3.81 -7.56 0.80
C GLN A 27 -3.03 -8.40 -0.19
N GLY A 28 -1.72 -8.51 0.03
CA GLY A 28 -0.85 -9.30 -0.83
C GLY A 28 0.06 -10.20 -0.03
N VAL A 29 1.23 -10.46 -0.59
CA VAL A 29 2.22 -11.32 0.05
C VAL A 29 3.61 -10.92 -0.40
N LEU A 30 4.61 -11.44 0.28
CA LEU A 30 6.00 -11.19 -0.09
C LEU A 30 6.75 -12.50 0.05
N CYS A 31 7.34 -12.99 -1.03
CA CYS A 31 8.07 -14.25 -0.98
C CYS A 31 9.56 -14.03 -1.01
N LYS A 32 10.26 -14.71 -0.10
CA LYS A 32 11.71 -14.64 -0.03
C LYS A 32 12.26 -16.05 -0.04
N GLY A 33 13.12 -16.34 -1.01
CA GLY A 33 13.72 -17.65 -1.13
C GLY A 33 12.64 -18.74 -1.15
N ASP A 34 12.49 -19.43 -0.02
CA ASP A 34 11.49 -20.49 0.12
C ASP A 34 10.67 -20.26 1.38
N SER A 35 10.58 -18.99 1.77
CA SER A 35 9.81 -18.60 2.97
C SER A 35 8.75 -17.57 2.58
N ARG A 36 7.48 -17.96 2.70
CA ARG A 36 6.39 -17.06 2.32
C ARG A 36 5.98 -16.19 3.50
N GLN A 37 5.59 -14.96 3.19
CA GLN A 37 5.17 -13.99 4.21
C GLN A 37 3.88 -13.30 3.79
N SER A 38 3.19 -12.71 4.75
CA SER A 38 1.94 -12.00 4.49
C SER A 38 2.08 -10.53 4.87
N ARG A 39 1.78 -9.66 3.91
CA ARG A 39 1.89 -8.21 4.12
C ARG A 39 0.56 -7.53 3.77
N LEU A 40 0.28 -6.46 4.49
CA LEU A 40 -0.96 -5.70 4.27
C LEU A 40 -0.62 -4.31 3.73
N LEU A 41 -1.13 -3.99 2.53
CA LEU A 41 -0.88 -2.71 1.90
C LEU A 41 -1.94 -1.68 2.32
N GLY A 42 -1.56 -0.40 2.27
CA GLY A 42 -2.49 0.67 2.63
C GLY A 42 -2.10 1.97 1.95
N LEU A 43 -3.11 2.73 1.54
CA LEU A 43 -2.89 4.02 0.88
C LEU A 43 -3.70 5.10 1.61
N VAL A 44 -3.04 6.21 1.93
CA VAL A 44 -3.71 7.30 2.65
C VAL A 44 -3.49 8.64 1.99
N ARG A 45 -4.59 9.38 1.85
CA ARG A 45 -4.55 10.72 1.26
C ARG A 45 -4.89 11.73 2.34
N TYR A 46 -4.04 12.75 2.45
CA TYR A 46 -4.20 13.79 3.45
C TYR A 46 -4.18 15.17 2.78
N ARG A 47 -5.14 16.03 3.14
CA ARG A 47 -5.22 17.37 2.53
C ARG A 47 -4.41 18.38 3.32
N LEU A 48 -3.76 19.31 2.61
CA LEU A 48 -2.96 20.35 3.24
C LEU A 48 -3.74 21.65 3.36
N GLU A 49 -3.62 22.29 4.51
CA GLU A 49 -4.32 23.56 4.75
C GLU A 49 -4.04 24.54 3.62
N ASN A 50 -3.04 24.22 2.80
CA ASN A 50 -2.66 25.09 1.68
C ASN A 50 -3.48 24.76 0.45
N ASP A 51 -4.30 23.70 0.55
CA ASP A 51 -5.14 23.24 -0.56
C ASP A 51 -4.35 22.21 -1.37
N ALA A 52 -3.06 22.12 -1.07
CA ALA A 52 -2.17 21.19 -1.77
C ALA A 52 -2.49 19.75 -1.37
N GLN A 53 -2.35 18.85 -2.35
CA GLN A 53 -2.63 17.43 -2.14
C GLN A 53 -1.33 16.64 -2.04
N GLU A 54 -1.32 15.63 -1.18
CA GLU A 54 -0.14 14.78 -1.00
C GLU A 54 -0.58 13.33 -0.76
N HIS A 55 0.20 12.39 -1.28
CA HIS A 55 -0.09 10.96 -1.14
C HIS A 55 1.13 10.19 -0.66
N ALA A 56 0.89 9.07 0.01
CA ALA A 56 1.97 8.24 0.52
C ALA A 56 1.49 6.79 0.58
N LEU A 57 2.39 5.85 0.27
CA LEU A 57 2.03 4.42 0.27
C LEU A 57 2.36 3.80 1.62
N PHE A 58 1.34 3.68 2.46
CA PHE A 58 1.52 3.13 3.80
C PHE A 58 1.64 1.61 3.76
N LEU A 59 2.53 1.10 4.61
CA LEU A 59 2.74 -0.34 4.73
C LEU A 59 2.31 -0.77 6.12
N TYR A 60 1.40 -1.73 6.15
CA TYR A 60 0.87 -2.26 7.41
C TYR A 60 1.27 -3.73 7.54
N THR A 61 1.83 -4.14 8.67
CA THR A 61 2.19 -5.55 8.84
C THR A 61 0.97 -6.28 9.38
N HIS A 62 0.99 -7.58 9.30
CA HIS A 62 -0.12 -8.36 9.81
C HIS A 62 0.25 -9.83 9.93
N ARG A 63 -0.49 -10.57 10.74
CA ARG A 63 -0.20 -11.98 10.92
C ARG A 63 -0.87 -12.80 9.82
N ARG A 64 -1.02 -14.09 10.10
CA ARG A 64 -1.65 -14.98 9.14
C ARG A 64 -3.06 -14.52 8.83
N MET A 65 -3.82 -14.13 9.86
CA MET A 65 -5.19 -13.68 9.68
C MET A 65 -5.53 -12.60 10.71
N ALA A 66 -4.53 -11.83 11.12
CA ALA A 66 -4.74 -10.76 12.11
C ALA A 66 -4.96 -9.41 11.41
N ILE A 67 -5.47 -9.48 10.18
CA ILE A 67 -5.73 -8.29 9.36
C ILE A 67 -6.94 -7.50 9.87
N THR A 68 -7.84 -8.22 10.52
CA THR A 68 -9.09 -7.65 11.03
C THR A 68 -8.94 -6.30 11.71
N GLY A 69 -7.73 -5.91 12.14
CA GLY A 69 -7.55 -4.63 12.85
C GLY A 69 -6.95 -4.91 14.22
N ASP A 70 -7.09 -6.16 14.65
CA ASP A 70 -6.60 -6.59 15.94
C ASP A 70 -5.11 -6.32 16.13
N ASP A 71 -4.25 -7.03 15.39
CA ASP A 71 -2.79 -6.85 15.56
C ASP A 71 -2.09 -6.35 14.31
N VAL A 72 -2.69 -5.39 13.65
CA VAL A 72 -2.08 -4.79 12.45
C VAL A 72 -2.11 -3.27 12.55
N SER A 73 -0.94 -2.65 12.46
CA SER A 73 -0.82 -1.20 12.55
C SER A 73 0.40 -0.77 11.71
N LEU A 74 0.57 0.52 11.50
CA LEU A 74 1.66 1.02 10.66
C LEU A 74 3.00 0.34 10.91
N ASP A 75 3.62 -0.09 9.80
CA ASP A 75 4.93 -0.75 9.82
C ASP A 75 6.01 0.22 9.30
N GLN A 76 5.89 0.63 8.03
CA GLN A 76 6.85 1.57 7.45
C GLN A 76 6.21 2.35 6.29
N ILE A 77 6.17 3.66 6.44
CA ILE A 77 5.58 4.54 5.43
C ILE A 77 6.57 4.80 4.31
N VAL A 78 6.12 4.61 3.06
CA VAL A 78 6.99 4.82 1.89
C VAL A 78 6.43 5.98 1.07
N PRO A 79 7.04 7.16 1.14
CA PRO A 79 6.53 8.34 0.39
C PRO A 79 6.85 8.30 -1.09
N LEU A 80 5.85 8.63 -1.90
CA LEU A 80 6.02 8.62 -3.34
C LEU A 80 6.94 9.75 -3.80
N SER A 81 7.95 9.36 -4.57
CA SER A 81 8.93 10.30 -5.10
C SER A 81 9.09 10.09 -6.60
N LYS A 82 9.70 11.05 -7.26
CA LYS A 82 9.89 10.95 -8.70
C LYS A 82 10.59 9.66 -9.08
N ASP A 83 11.61 9.30 -8.31
CA ASP A 83 12.36 8.08 -8.59
C ASP A 83 11.46 6.85 -8.44
N PHE A 84 10.24 7.07 -7.95
CA PHE A 84 9.28 5.98 -7.77
C PHE A 84 8.87 5.45 -9.13
N MET A 85 8.74 4.14 -9.24
CA MET A 85 8.32 3.51 -10.49
C MET A 85 7.99 2.04 -10.24
N LEU A 86 7.07 1.50 -11.02
CA LEU A 86 6.68 0.09 -10.87
C LEU A 86 7.08 -0.66 -12.14
N GLU A 87 7.65 -1.86 -11.98
CA GLU A 87 8.07 -2.66 -13.14
C GLU A 87 7.29 -3.96 -13.21
N GLU A 88 6.68 -4.21 -14.36
CA GLU A 88 5.92 -5.42 -14.57
C GLU A 88 6.88 -6.60 -14.72
N VAL A 89 6.48 -7.78 -14.23
CA VAL A 89 7.32 -8.97 -14.32
C VAL A 89 6.52 -10.17 -14.83
N SER A 90 7.17 -11.02 -15.60
CA SER A 90 6.51 -12.21 -16.15
C SER A 90 6.24 -13.24 -15.05
N PRO A 91 5.04 -13.79 -14.96
CA PRO A 91 4.71 -14.79 -13.91
C PRO A 91 5.39 -16.15 -14.13
N ASP A 92 5.68 -16.46 -15.40
CA ASP A 92 6.29 -17.74 -15.73
C ASP A 92 5.40 -18.88 -15.23
N GLY A 93 4.09 -18.63 -15.22
CA GLY A 93 3.11 -19.63 -14.76
C GLY A 93 3.24 -20.92 -15.54
N GLU A 94 2.13 -21.41 -16.06
CA GLU A 94 2.14 -22.65 -16.83
C GLU A 94 0.77 -22.99 -17.36
N LEU A 95 -0.20 -22.08 -17.15
CA LEU A 95 -1.60 -22.25 -17.59
C LEU A 95 -2.57 -21.86 -16.47
N TYR A 96 -3.04 -20.61 -16.50
CA TYR A 96 -3.98 -20.13 -15.49
C TYR A 96 -4.42 -18.71 -15.79
N ILE A 97 -3.52 -17.94 -16.40
CA ILE A 97 -3.79 -16.55 -16.78
C ILE A 97 -4.01 -15.69 -15.53
N LEU A 98 -2.95 -15.55 -14.73
CA LEU A 98 -3.03 -14.76 -13.50
C LEU A 98 -4.12 -15.34 -12.59
N GLY A 99 -5.37 -15.10 -12.97
CA GLY A 99 -6.49 -15.59 -12.20
C GLY A 99 -6.67 -14.77 -10.93
N SER A 100 -5.77 -15.00 -9.98
CA SER A 100 -5.80 -14.29 -8.71
C SER A 100 -4.39 -14.22 -8.14
N ASP A 101 -3.43 -13.96 -9.03
CA ASP A 101 -2.02 -13.84 -8.66
C ASP A 101 -1.32 -12.85 -9.57
N VAL A 102 -1.62 -11.57 -9.40
CA VAL A 102 -0.99 -10.53 -10.23
C VAL A 102 0.46 -10.35 -9.81
N THR A 103 1.28 -9.93 -10.74
CA THR A 103 2.71 -9.70 -10.45
C THR A 103 3.09 -8.24 -10.64
N VAL A 104 3.48 -7.60 -9.54
CA VAL A 104 3.90 -6.19 -9.56
C VAL A 104 5.21 -6.05 -8.79
N GLN A 105 6.17 -5.33 -9.36
CA GLN A 105 7.47 -5.14 -8.73
C GLN A 105 7.75 -3.66 -8.48
N LEU A 106 7.84 -3.27 -7.21
CA LEU A 106 8.06 -1.88 -6.87
C LEU A 106 9.53 -1.52 -6.99
N ASN A 107 9.83 -0.51 -7.80
CA ASN A 107 11.22 -0.09 -8.02
C ASN A 107 11.49 1.32 -7.52
N THR A 108 11.35 1.55 -6.23
CA THR A 108 11.61 2.88 -5.68
C THR A 108 13.11 3.12 -5.62
N ALA A 109 13.48 4.32 -5.22
CA ALA A 109 14.88 4.71 -5.13
C ALA A 109 15.65 3.80 -4.17
N GLU A 110 15.05 3.48 -3.02
CA GLU A 110 15.72 2.63 -2.03
C GLU A 110 14.78 1.55 -1.53
N LEU A 111 13.78 1.21 -2.35
CA LEU A 111 12.82 0.18 -1.98
C LEU A 111 12.54 -0.70 -3.19
N LYS A 112 12.66 -2.00 -2.98
CA LYS A 112 12.42 -2.97 -4.04
C LYS A 112 11.80 -4.22 -3.45
N LEU A 113 10.54 -4.46 -3.80
CA LEU A 113 9.82 -5.63 -3.28
C LEU A 113 8.90 -6.21 -4.36
N VAL A 114 8.50 -7.48 -4.15
CA VAL A 114 7.60 -8.17 -5.08
C VAL A 114 6.32 -8.59 -4.36
N PHE A 115 5.17 -8.07 -4.82
CA PHE A 115 3.88 -8.39 -4.22
C PHE A 115 2.97 -9.13 -5.21
N GLN A 116 2.33 -10.17 -4.70
CA GLN A 116 1.39 -10.98 -5.49
C GLN A 116 -0.04 -10.74 -5.00
N LEU A 117 -0.72 -9.77 -5.61
CA LEU A 117 -2.10 -9.43 -5.21
C LEU A 117 -3.10 -10.14 -6.13
N PRO A 118 -4.29 -10.46 -5.64
CA PRO A 118 -5.32 -11.16 -6.47
C PRO A 118 -5.80 -10.29 -7.64
N PHE A 119 -5.54 -10.76 -8.84
CA PHE A 119 -5.89 -10.07 -10.07
C PHE A 119 -7.25 -9.39 -10.03
N GLY A 120 -7.34 -8.27 -10.75
CA GLY A 120 -8.57 -7.49 -10.85
C GLY A 120 -9.32 -7.50 -9.52
N SER A 121 -10.64 -7.55 -9.61
CA SER A 121 -11.48 -7.57 -8.41
C SER A 121 -11.20 -6.34 -7.54
N HIS A 122 -10.68 -6.58 -6.34
CA HIS A 122 -10.38 -5.49 -5.41
C HIS A 122 -8.98 -4.92 -5.65
N THR A 123 -8.20 -5.59 -6.50
CA THR A 123 -6.85 -5.13 -6.81
C THR A 123 -6.85 -3.98 -7.82
N ARG A 124 -7.76 -4.04 -8.78
CA ARG A 124 -7.82 -3.01 -9.82
C ARG A 124 -8.02 -1.64 -9.21
N THR A 125 -8.89 -1.55 -8.22
CA THR A 125 -9.15 -0.27 -7.58
C THR A 125 -7.87 0.34 -7.08
N PHE A 126 -7.02 -0.48 -6.48
CA PHE A 126 -5.76 -0.01 -5.95
C PHE A 126 -4.89 0.62 -7.04
N LEU A 127 -4.75 -0.08 -8.17
CA LEU A 127 -3.89 0.43 -9.24
C LEU A 127 -4.24 1.86 -9.60
N GLN A 128 -5.51 2.11 -9.86
CA GLN A 128 -5.95 3.44 -10.25
C GLN A 128 -5.68 4.48 -9.17
N GLU A 129 -5.92 4.12 -7.91
CA GLU A 129 -5.70 5.07 -6.82
C GLU A 129 -4.24 5.48 -6.73
N VAL A 130 -3.34 4.53 -6.92
CA VAL A 130 -1.91 4.84 -6.85
C VAL A 130 -1.51 5.75 -8.00
N ALA A 131 -1.94 5.39 -9.21
CA ALA A 131 -1.61 6.16 -10.41
C ALA A 131 -2.08 7.61 -10.31
N ARG A 132 -3.33 7.80 -9.90
CA ARG A 132 -3.89 9.15 -9.78
C ARG A 132 -3.19 9.93 -8.68
N ALA A 133 -2.56 9.21 -7.77
CA ALA A 133 -1.86 9.83 -6.66
C ALA A 133 -0.64 10.64 -7.14
N CYS A 134 0.03 10.17 -8.19
CA CYS A 134 1.19 10.88 -8.73
C CYS A 134 1.94 10.03 -9.78
N PRO A 135 2.32 8.81 -9.48
CA PRO A 135 3.06 7.93 -10.45
C PRO A 135 2.16 7.40 -11.57
N GLY A 136 1.32 8.27 -12.14
CA GLY A 136 0.43 7.85 -13.22
C GLY A 136 0.92 8.36 -14.57
N PHE A 137 1.51 7.45 -15.36
CA PHE A 137 2.02 7.79 -16.69
C PHE A 137 2.54 9.22 -16.77
N ASP A 138 3.76 9.43 -16.25
CA ASP A 138 4.39 10.75 -16.27
C ASP A 138 5.91 10.58 -16.43
N PRO A 139 6.60 11.55 -17.02
CA PRO A 139 8.08 11.44 -17.23
C PRO A 139 8.88 11.45 -15.93
N GLU A 140 8.61 12.43 -15.07
CA GLU A 140 9.33 12.54 -13.80
C GLU A 140 8.37 12.83 -12.65
N THR A 141 7.20 13.39 -12.98
CA THR A 141 6.18 13.72 -11.97
C THR A 141 6.81 14.12 -10.64
N ARG A 142 7.62 15.17 -10.66
CA ARG A 142 8.28 15.64 -9.45
C ARG A 142 7.32 16.39 -8.54
N ASP A 143 7.51 16.21 -7.23
CA ASP A 143 6.69 16.87 -6.23
C ASP A 143 6.89 16.21 -4.85
N PRO A 144 8.10 15.80 -4.49
CA PRO A 144 8.35 15.18 -3.17
C PRO A 144 8.21 16.18 -2.04
N GLU A 145 7.73 15.70 -0.90
CA GLU A 145 7.57 16.54 0.28
C GLU A 145 7.67 15.69 1.52
N PHE A 146 6.84 14.65 1.61
CA PHE A 146 6.83 13.75 2.77
C PHE A 146 6.91 14.54 4.08
N GLU A 147 6.73 15.87 3.96
CA GLU A 147 6.84 16.76 5.10
C GLU A 147 5.69 16.57 6.08
N TRP A 148 4.50 16.30 5.58
CA TRP A 148 3.34 16.12 6.45
C TRP A 148 3.37 14.74 7.11
N LEU A 149 4.17 13.81 6.58
CA LEU A 149 4.25 12.47 7.15
C LEU A 149 4.97 12.53 8.50
N SER A 150 5.86 13.50 8.66
CA SER A 150 6.61 13.66 9.90
C SER A 150 5.67 13.64 11.09
N ARG A 151 4.43 14.07 10.85
CA ARG A 151 3.42 14.08 11.89
C ARG A 151 3.25 12.66 12.40
N HIS A 152 3.26 11.73 11.47
CA HIS A 152 3.12 10.33 11.81
C HIS A 152 4.42 9.80 12.38
N THR A 153 4.32 8.87 13.32
CA THR A 153 5.49 8.26 13.95
C THR A 153 5.39 6.76 13.82
N CYS A 154 4.28 6.31 13.23
CA CYS A 154 4.03 4.90 13.03
C CYS A 154 3.99 4.18 14.38
N ALA A 155 3.23 3.07 14.43
CA ALA A 155 3.10 2.30 15.66
C ALA A 155 4.01 1.07 15.60
N GLU A 156 5.27 1.24 16.00
CA GLU A 156 6.22 0.13 16.00
C GLU A 156 5.55 -1.14 16.54
N PRO A 157 5.94 -2.31 16.08
CA PRO A 157 5.32 -3.58 16.53
C PRO A 157 5.64 -3.89 18.00
N ASP A 158 5.17 -5.04 18.47
CA ASP A 158 5.39 -5.45 19.85
C ASP A 158 5.88 -6.90 19.91
N ALA A 159 6.92 -7.19 19.13
CA ALA A 159 7.48 -8.53 19.09
C ALA A 159 8.01 -8.94 20.47
N GLU A 160 8.56 -7.97 21.20
CA GLU A 160 9.10 -8.24 22.53
C GLU A 160 8.00 -8.67 23.49
N SER A 161 6.84 -8.02 23.38
CA SER A 161 5.72 -8.35 24.26
C SER A 161 6.15 -8.34 25.71
N GLY A 1 -24.50 -18.60 5.12
CA GLY A 1 -24.64 -17.52 6.15
C GLY A 1 -23.29 -17.25 6.80
N PRO A 2 -22.29 -17.00 6.00
CA PRO A 2 -20.92 -16.71 6.51
C PRO A 2 -20.87 -15.41 7.31
N LEU A 3 -20.05 -15.39 8.36
CA LEU A 3 -19.91 -14.21 9.21
C LEU A 3 -18.44 -13.83 9.36
N GLY A 4 -18.18 -12.54 9.57
CA GLY A 4 -16.81 -12.04 9.73
C GLY A 4 -16.23 -11.59 8.40
N SER A 5 -17.02 -10.87 7.62
CA SER A 5 -16.57 -10.38 6.31
C SER A 5 -15.41 -9.40 6.47
N MET A 6 -15.58 -8.47 7.39
CA MET A 6 -14.56 -7.45 7.65
C MET A 6 -14.07 -6.83 6.34
N ASP A 7 -13.15 -5.87 6.43
CA ASP A 7 -12.62 -5.21 5.24
C ASP A 7 -11.21 -4.67 5.51
N GLN A 8 -10.33 -4.85 4.55
CA GLN A 8 -8.95 -4.39 4.70
C GLN A 8 -8.93 -2.88 4.94
N SER A 9 -9.60 -2.15 4.06
CA SER A 9 -9.62 -0.68 4.15
C SER A 9 -10.08 -0.23 5.53
N VAL A 10 -11.10 -0.89 6.06
CA VAL A 10 -11.62 -0.52 7.37
C VAL A 10 -10.52 -0.66 8.42
N ALA A 11 -9.87 -1.82 8.42
CA ALA A 11 -8.82 -2.09 9.40
C ALA A 11 -7.87 -0.90 9.51
N ILE A 12 -7.49 -0.31 8.37
CA ILE A 12 -6.56 0.80 8.40
C ILE A 12 -7.13 1.95 9.23
N GLN A 13 -8.32 2.40 8.85
CA GLN A 13 -8.97 3.51 9.53
C GLN A 13 -8.89 3.31 11.05
N GLU A 14 -9.19 2.11 11.50
CA GLU A 14 -9.17 1.81 12.93
C GLU A 14 -7.79 2.12 13.53
N THR A 15 -6.78 1.39 13.04
CA THR A 15 -5.41 1.57 13.53
C THR A 15 -4.85 2.94 13.17
N LEU A 16 -5.31 3.51 12.07
CA LEU A 16 -4.81 4.81 11.65
C LEU A 16 -5.09 5.86 12.72
N VAL A 17 -5.94 6.83 12.40
CA VAL A 17 -6.30 7.88 13.33
C VAL A 17 -7.39 8.74 12.71
N GLU A 18 -8.09 9.50 13.54
CA GLU A 18 -9.17 10.34 13.05
C GLU A 18 -8.67 11.67 12.48
N GLY A 19 -8.92 11.88 11.19
CA GLY A 19 -8.50 13.12 10.52
C GLY A 19 -7.97 12.87 9.12
N GLU A 20 -7.44 11.67 8.88
CA GLU A 20 -6.90 11.33 7.56
C GLU A 20 -7.96 10.73 6.66
N TYR A 21 -7.52 10.28 5.48
CA TYR A 21 -8.43 9.70 4.50
C TYR A 21 -7.82 8.48 3.83
N CYS A 22 -8.52 7.35 3.92
CA CYS A 22 -8.05 6.13 3.26
C CYS A 22 -8.85 5.95 1.99
N VAL A 23 -8.19 5.54 0.92
CA VAL A 23 -8.85 5.37 -0.38
C VAL A 23 -9.11 3.90 -0.69
N ILE A 24 -8.14 3.06 -0.39
CA ILE A 24 -8.28 1.63 -0.68
C ILE A 24 -7.16 0.84 -0.01
N ALA A 25 -7.37 -0.47 0.07
CA ALA A 25 -6.39 -1.36 0.68
C ALA A 25 -6.73 -2.80 0.36
N VAL A 26 -5.79 -3.51 -0.24
CA VAL A 26 -6.02 -4.90 -0.59
C VAL A 26 -4.81 -5.72 -0.17
N GLN A 27 -5.07 -6.71 0.66
CA GLN A 27 -4.00 -7.55 1.17
C GLN A 27 -3.24 -8.24 0.04
N GLY A 28 -1.97 -8.53 0.30
CA GLY A 28 -1.12 -9.18 -0.70
C GLY A 28 -0.13 -10.12 -0.05
N VAL A 29 0.60 -10.85 -0.89
CA VAL A 29 1.62 -11.78 -0.40
C VAL A 29 2.99 -11.23 -0.72
N LEU A 30 3.98 -11.73 0.00
CA LEU A 30 5.36 -11.31 -0.21
C LEU A 30 6.23 -12.55 -0.07
N CYS A 31 6.98 -12.90 -1.11
CA CYS A 31 7.82 -14.09 -1.06
C CYS A 31 9.26 -13.71 -0.81
N LYS A 32 9.81 -14.24 0.28
CA LYS A 32 11.21 -14.00 0.63
C LYS A 32 11.91 -15.33 0.75
N GLY A 33 12.96 -15.50 -0.04
CA GLY A 33 13.72 -16.75 -0.02
C GLY A 33 12.84 -17.93 -0.39
N ASP A 34 12.80 -18.93 0.50
CA ASP A 34 11.98 -20.13 0.30
C ASP A 34 10.97 -20.25 1.43
N SER A 35 10.50 -19.09 1.90
CA SER A 35 9.51 -19.03 2.97
C SER A 35 8.41 -18.04 2.60
N ARG A 36 7.16 -18.48 2.67
CA ARG A 36 6.04 -17.62 2.31
C ARG A 36 5.61 -16.77 3.49
N GLN A 37 5.24 -15.52 3.21
CA GLN A 37 4.81 -14.58 4.25
C GLN A 37 3.54 -13.86 3.80
N SER A 38 2.81 -13.31 4.77
CA SER A 38 1.58 -12.58 4.49
C SER A 38 1.71 -11.13 4.93
N ARG A 39 1.46 -10.22 4.00
CA ARG A 39 1.56 -8.79 4.27
C ARG A 39 0.29 -8.08 3.83
N LEU A 40 -0.02 -6.98 4.51
CA LEU A 40 -1.21 -6.19 4.19
C LEU A 40 -0.83 -4.75 3.85
N LEU A 41 -1.30 -4.26 2.71
CA LEU A 41 -0.98 -2.90 2.26
C LEU A 41 -2.20 -1.98 2.42
N GLY A 42 -1.98 -0.69 2.19
CA GLY A 42 -3.07 0.28 2.30
C GLY A 42 -2.65 1.66 1.81
N LEU A 43 -3.20 2.08 0.68
CA LEU A 43 -2.88 3.39 0.12
C LEU A 43 -3.70 4.46 0.82
N VAL A 44 -3.06 5.56 1.20
CA VAL A 44 -3.77 6.64 1.91
C VAL A 44 -3.36 8.01 1.38
N ARG A 45 -4.36 8.87 1.25
CA ARG A 45 -4.14 10.24 0.80
C ARG A 45 -4.53 11.20 1.91
N TYR A 46 -3.76 12.25 2.06
CA TYR A 46 -4.02 13.25 3.10
C TYR A 46 -3.91 14.66 2.49
N ARG A 47 -4.86 15.53 2.84
CA ARG A 47 -4.88 16.89 2.30
C ARG A 47 -4.20 17.87 3.25
N LEU A 48 -3.60 18.92 2.67
CA LEU A 48 -2.92 19.95 3.47
C LEU A 48 -3.78 21.19 3.58
N GLU A 49 -3.79 21.78 4.78
CA GLU A 49 -4.57 22.99 5.03
C GLU A 49 -4.27 24.05 3.97
N ASN A 50 -3.25 23.79 3.15
CA ASN A 50 -2.86 24.72 2.11
C ASN A 50 -3.64 24.45 0.82
N ASP A 51 -4.47 23.40 0.86
CA ASP A 51 -5.26 22.99 -0.30
C ASP A 51 -4.46 21.99 -1.13
N ALA A 52 -3.18 21.84 -0.78
CA ALA A 52 -2.29 20.93 -1.47
C ALA A 52 -2.53 19.49 -1.03
N GLN A 53 -2.55 18.58 -2.00
CA GLN A 53 -2.79 17.16 -1.73
C GLN A 53 -1.47 16.40 -1.65
N GLU A 54 -1.45 15.32 -0.87
CA GLU A 54 -0.26 14.50 -0.73
C GLU A 54 -0.65 13.02 -0.57
N HIS A 55 0.18 12.14 -1.12
CA HIS A 55 -0.07 10.70 -1.06
C HIS A 55 1.15 9.94 -0.58
N ALA A 56 0.92 8.77 0.01
CA ALA A 56 2.01 7.94 0.51
C ALA A 56 1.54 6.48 0.53
N LEU A 57 2.47 5.55 0.27
CA LEU A 57 2.13 4.12 0.27
C LEU A 57 2.46 3.50 1.62
N PHE A 58 1.44 3.39 2.47
CA PHE A 58 1.62 2.85 3.80
C PHE A 58 1.72 1.33 3.77
N LEU A 59 2.57 0.79 4.65
CA LEU A 59 2.75 -0.65 4.78
C LEU A 59 2.24 -1.09 6.14
N TYR A 60 1.37 -2.08 6.13
CA TYR A 60 0.77 -2.59 7.36
C TYR A 60 1.10 -4.07 7.51
N THR A 61 1.58 -4.49 8.69
CA THR A 61 1.86 -5.91 8.88
C THR A 61 0.57 -6.60 9.28
N HIS A 62 0.51 -7.90 9.10
CA HIS A 62 -0.69 -8.64 9.45
C HIS A 62 -0.36 -10.11 9.59
N ARG A 63 -1.10 -10.80 10.45
CA ARG A 63 -0.91 -12.21 10.67
C ARG A 63 -2.25 -12.90 10.77
N ARG A 64 -2.20 -14.15 11.22
CA ARG A 64 -3.42 -14.93 11.39
C ARG A 64 -4.34 -14.29 12.43
N MET A 65 -4.13 -13.00 12.69
CA MET A 65 -4.94 -12.28 13.67
C MET A 65 -4.88 -10.78 13.40
N ALA A 66 -5.24 -10.39 12.18
CA ALA A 66 -5.25 -8.96 11.81
C ALA A 66 -6.68 -8.39 11.84
N ILE A 67 -7.66 -9.28 11.98
CA ILE A 67 -9.08 -8.89 12.01
C ILE A 67 -9.39 -7.98 13.21
N THR A 68 -8.57 -8.11 14.24
CA THR A 68 -8.76 -7.36 15.48
C THR A 68 -9.00 -5.86 15.26
N GLY A 69 -7.98 -5.15 14.79
CA GLY A 69 -8.09 -3.70 14.59
C GLY A 69 -6.76 -3.02 14.91
N ASP A 70 -5.97 -3.70 15.74
CA ASP A 70 -4.67 -3.17 16.16
C ASP A 70 -3.48 -3.91 15.51
N ASP A 71 -3.41 -5.23 15.74
CA ASP A 71 -2.35 -6.09 15.23
C ASP A 71 -1.88 -5.62 13.84
N VAL A 72 -2.78 -4.94 13.12
CA VAL A 72 -2.44 -4.41 11.81
C VAL A 72 -2.32 -2.89 11.87
N SER A 73 -1.07 -2.42 11.82
CA SER A 73 -0.79 -0.99 11.90
C SER A 73 0.53 -0.73 11.15
N LEU A 74 0.89 0.53 10.97
CA LEU A 74 2.10 0.87 10.21
C LEU A 74 3.29 -0.05 10.50
N ASP A 75 3.82 -0.61 9.40
CA ASP A 75 4.97 -1.50 9.46
C ASP A 75 6.18 -0.85 8.76
N GLN A 76 5.93 -0.01 7.75
CA GLN A 76 7.01 0.68 7.04
C GLN A 76 6.46 1.65 5.98
N ILE A 77 6.50 2.93 6.29
CA ILE A 77 5.99 3.95 5.39
C ILE A 77 6.99 4.18 4.27
N VAL A 78 6.48 4.23 3.04
CA VAL A 78 7.31 4.46 1.86
C VAL A 78 6.62 5.49 0.96
N PRO A 79 6.94 6.75 1.08
CA PRO A 79 6.29 7.82 0.26
C PRO A 79 6.75 7.85 -1.18
N LEU A 80 5.85 8.31 -2.05
CA LEU A 80 6.14 8.36 -3.47
C LEU A 80 7.11 9.50 -3.78
N SER A 81 8.12 9.15 -4.56
CA SER A 81 9.16 10.09 -4.97
C SER A 81 9.45 9.90 -6.45
N LYS A 82 10.18 10.85 -7.04
CA LYS A 82 10.49 10.77 -8.46
C LYS A 82 11.04 9.40 -8.82
N ASP A 83 11.87 8.83 -7.95
CA ASP A 83 12.45 7.51 -8.21
C ASP A 83 11.35 6.45 -8.23
N PHE A 84 10.19 6.79 -7.66
CA PHE A 84 9.06 5.86 -7.63
C PHE A 84 8.73 5.40 -9.05
N MET A 85 8.59 4.10 -9.23
CA MET A 85 8.26 3.53 -10.53
C MET A 85 7.82 2.08 -10.37
N LEU A 86 6.76 1.70 -11.07
CA LEU A 86 6.25 0.34 -11.00
C LEU A 86 6.78 -0.45 -12.20
N GLU A 87 7.51 -1.53 -11.92
CA GLU A 87 8.08 -2.35 -13.00
C GLU A 87 7.37 -3.69 -13.09
N GLU A 88 6.76 -3.94 -14.24
CA GLU A 88 6.06 -5.20 -14.46
C GLU A 88 7.08 -6.33 -14.47
N VAL A 89 6.69 -7.50 -13.94
CA VAL A 89 7.60 -8.64 -13.90
C VAL A 89 7.62 -9.35 -15.25
N SER A 90 8.77 -9.90 -15.61
CA SER A 90 8.93 -10.59 -16.88
C SER A 90 7.71 -11.50 -17.15
N PRO A 91 7.35 -11.71 -18.40
CA PRO A 91 6.19 -12.58 -18.76
C PRO A 91 6.48 -14.08 -18.57
N ASP A 92 7.22 -14.40 -17.54
CA ASP A 92 7.54 -15.80 -17.26
C ASP A 92 6.32 -16.55 -16.73
N GLY A 93 5.13 -16.09 -17.12
CA GLY A 93 3.88 -16.72 -16.68
C GLY A 93 3.80 -18.17 -17.16
N GLU A 94 2.61 -18.58 -17.57
CA GLU A 94 2.39 -19.94 -18.05
C GLU A 94 1.15 -20.04 -18.93
N LEU A 95 0.38 -18.96 -18.98
CA LEU A 95 -0.83 -18.93 -19.80
C LEU A 95 -1.45 -17.54 -19.78
N TYR A 96 -1.99 -17.14 -18.62
CA TYR A 96 -2.62 -15.83 -18.47
C TYR A 96 -1.74 -14.88 -17.68
N ILE A 97 -0.89 -15.45 -16.83
CA ILE A 97 0.04 -14.68 -15.99
C ILE A 97 -0.65 -14.20 -14.72
N LEU A 98 -1.72 -13.42 -14.90
CA LEU A 98 -2.46 -12.90 -13.76
C LEU A 98 -3.48 -13.94 -13.28
N GLY A 99 -4.58 -14.05 -14.03
CA GLY A 99 -5.64 -15.01 -13.69
C GLY A 99 -6.25 -14.66 -12.34
N SER A 100 -5.83 -15.38 -11.29
CA SER A 100 -6.32 -15.15 -9.94
C SER A 100 -5.17 -14.65 -9.06
N ASP A 101 -4.36 -13.77 -9.65
CA ASP A 101 -3.21 -13.17 -8.97
C ASP A 101 -2.66 -12.02 -9.80
N VAL A 102 -1.98 -11.07 -9.15
CA VAL A 102 -1.39 -9.92 -9.86
C VAL A 102 0.07 -9.77 -9.46
N THR A 103 0.92 -9.58 -10.46
CA THR A 103 2.36 -9.43 -10.22
C THR A 103 2.80 -8.00 -10.47
N VAL A 104 3.28 -7.35 -9.40
CA VAL A 104 3.77 -5.98 -9.47
C VAL A 104 5.04 -5.84 -8.65
N GLN A 105 5.99 -5.06 -9.15
CA GLN A 105 7.26 -4.87 -8.45
C GLN A 105 7.48 -3.39 -8.17
N LEU A 106 7.46 -3.01 -6.88
CA LEU A 106 7.63 -1.61 -6.50
C LEU A 106 9.11 -1.23 -6.49
N ASN A 107 9.46 -0.23 -7.28
CA ASN A 107 10.86 0.22 -7.38
C ASN A 107 11.07 1.61 -6.79
N THR A 108 10.85 1.76 -5.49
CA THR A 108 11.05 3.06 -4.86
C THR A 108 12.54 3.34 -4.72
N ALA A 109 12.84 4.50 -4.16
CA ALA A 109 14.23 4.93 -3.99
C ALA A 109 15.07 3.84 -3.34
N GLU A 110 14.49 3.12 -2.39
CA GLU A 110 15.20 2.04 -1.69
C GLU A 110 14.35 0.79 -1.64
N LEU A 111 13.04 0.97 -1.52
CA LEU A 111 12.14 -0.17 -1.46
C LEU A 111 12.15 -0.88 -2.80
N LYS A 112 12.39 -2.19 -2.77
CA LYS A 112 12.41 -2.98 -3.98
C LYS A 112 12.02 -4.41 -3.66
N LEU A 113 10.73 -4.69 -3.78
CA LEU A 113 10.21 -6.04 -3.47
C LEU A 113 9.15 -6.45 -4.50
N VAL A 114 8.58 -7.65 -4.30
CA VAL A 114 7.56 -8.18 -5.19
C VAL A 114 6.33 -8.60 -4.38
N PHE A 115 5.15 -8.14 -4.79
CA PHE A 115 3.90 -8.49 -4.11
C PHE A 115 2.93 -9.17 -5.07
N GLN A 116 2.21 -10.16 -4.56
CA GLN A 116 1.23 -10.91 -5.37
C GLN A 116 -0.19 -10.58 -4.92
N LEU A 117 -0.76 -9.53 -5.51
CA LEU A 117 -2.12 -9.11 -5.15
C LEU A 117 -3.15 -9.99 -5.89
N PRO A 118 -4.34 -10.20 -5.33
CA PRO A 118 -5.38 -11.05 -5.99
C PRO A 118 -6.09 -10.30 -7.10
N PHE A 119 -6.03 -10.86 -8.31
CA PHE A 119 -6.64 -10.26 -9.51
C PHE A 119 -8.12 -10.02 -9.38
N GLY A 120 -8.56 -8.91 -9.99
CA GLY A 120 -9.96 -8.53 -9.99
C GLY A 120 -10.11 -7.02 -9.97
N SER A 121 -11.35 -6.56 -10.03
CA SER A 121 -11.63 -5.13 -10.01
C SER A 121 -11.19 -4.53 -8.69
N HIS A 122 -11.08 -5.37 -7.66
CA HIS A 122 -10.66 -4.90 -6.35
C HIS A 122 -9.20 -4.45 -6.38
N THR A 123 -8.33 -5.23 -7.04
CA THR A 123 -6.91 -4.89 -7.12
C THR A 123 -6.66 -3.82 -8.18
N ARG A 124 -7.35 -3.93 -9.30
CA ARG A 124 -7.17 -2.99 -10.40
C ARG A 124 -7.39 -1.57 -9.94
N THR A 125 -8.41 -1.37 -9.13
CA THR A 125 -8.73 -0.04 -8.65
C THR A 125 -7.51 0.56 -7.95
N PHE A 126 -6.82 -0.28 -7.19
CA PHE A 126 -5.65 0.17 -6.43
C PHE A 126 -4.62 0.78 -7.37
N LEU A 127 -4.29 0.10 -8.46
CA LEU A 127 -3.27 0.58 -9.38
C LEU A 127 -3.55 2.02 -9.80
N GLN A 128 -4.77 2.28 -10.21
CA GLN A 128 -5.15 3.60 -10.69
C GLN A 128 -4.95 4.67 -9.61
N GLU A 129 -5.29 4.34 -8.37
CA GLU A 129 -5.15 5.31 -7.28
C GLU A 129 -3.70 5.74 -7.12
N VAL A 130 -2.77 4.80 -7.28
CA VAL A 130 -1.35 5.13 -7.15
C VAL A 130 -0.92 6.09 -8.27
N ALA A 131 -1.34 5.77 -9.48
CA ALA A 131 -0.99 6.58 -10.65
C ALA A 131 -1.41 8.04 -10.49
N ARG A 132 -2.66 8.26 -10.10
CA ARG A 132 -3.17 9.62 -9.92
C ARG A 132 -2.56 10.27 -8.69
N ALA A 133 -2.03 9.44 -7.80
CA ALA A 133 -1.44 9.91 -6.56
C ALA A 133 -0.33 10.95 -6.82
N CYS A 134 0.19 10.98 -8.05
CA CYS A 134 1.23 11.95 -8.43
C CYS A 134 2.07 11.47 -9.62
N PRO A 135 2.40 10.21 -9.69
CA PRO A 135 3.26 9.68 -10.80
C PRO A 135 2.73 10.00 -12.18
N GLY A 136 1.43 9.75 -12.40
CA GLY A 136 0.78 9.98 -13.70
C GLY A 136 1.64 10.84 -14.62
N PHE A 137 2.59 10.18 -15.31
CA PHE A 137 3.53 10.83 -16.21
C PHE A 137 3.09 12.24 -16.59
N ASP A 138 3.31 13.18 -15.67
CA ASP A 138 2.94 14.58 -15.88
C ASP A 138 3.95 15.51 -15.20
N PRO A 139 4.17 16.71 -15.73
CA PRO A 139 5.13 17.68 -15.11
C PRO A 139 4.59 18.32 -13.84
N GLU A 140 3.49 17.76 -13.34
CA GLU A 140 2.88 18.29 -12.12
C GLU A 140 3.64 17.81 -10.88
N THR A 141 4.02 16.53 -10.89
CA THR A 141 4.74 15.93 -9.78
C THR A 141 6.03 16.67 -9.47
N ARG A 142 6.95 16.67 -10.43
CA ARG A 142 8.26 17.34 -10.27
C ARG A 142 8.75 17.34 -8.84
N ASP A 143 8.29 18.31 -8.08
CA ASP A 143 8.68 18.46 -6.68
C ASP A 143 7.64 17.80 -5.75
N PRO A 144 7.96 16.69 -5.12
CA PRO A 144 7.01 16.01 -4.20
C PRO A 144 6.98 16.68 -2.82
N GLU A 145 6.52 15.92 -1.83
CA GLU A 145 6.45 16.40 -0.45
C GLU A 145 5.99 15.27 0.46
N PHE A 146 6.49 15.25 1.68
CA PHE A 146 6.13 14.20 2.63
C PHE A 146 6.33 14.68 4.05
N GLU A 147 6.54 15.97 4.22
CA GLU A 147 6.77 16.57 5.54
C GLU A 147 5.63 16.27 6.53
N TRP A 148 4.47 15.87 6.01
CA TRP A 148 3.33 15.58 6.87
C TRP A 148 3.44 14.18 7.48
N LEU A 149 4.33 13.36 6.93
CA LEU A 149 4.53 12.00 7.45
C LEU A 149 5.10 12.06 8.85
N SER A 150 5.92 13.08 9.12
CA SER A 150 6.53 13.23 10.44
C SER A 150 5.47 13.09 11.52
N ARG A 151 4.27 13.59 11.21
CA ARG A 151 3.17 13.50 12.16
C ARG A 151 2.87 12.05 12.45
N HIS A 152 2.93 11.25 11.39
CA HIS A 152 2.69 9.82 11.51
C HIS A 152 3.96 9.14 12.02
N THR A 153 3.76 8.10 12.82
CA THR A 153 4.87 7.34 13.36
C THR A 153 4.54 5.86 13.29
N CYS A 154 5.47 5.08 12.74
CA CYS A 154 5.28 3.64 12.63
C CYS A 154 5.86 2.95 13.84
N ALA A 155 5.78 1.61 13.84
CA ALA A 155 6.30 0.80 14.95
C ALA A 155 7.52 1.47 15.57
N GLU A 156 7.67 1.33 16.89
CA GLU A 156 8.80 1.94 17.59
C GLU A 156 10.09 1.80 16.76
N PRO A 157 10.55 2.84 16.10
CA PRO A 157 11.79 2.76 15.28
C PRO A 157 13.06 2.95 16.12
N ASP A 158 13.58 4.17 16.11
CA ASP A 158 14.79 4.49 16.86
C ASP A 158 15.79 3.34 16.78
N ALA A 159 16.73 3.46 15.85
CA ALA A 159 17.74 2.43 15.67
C ALA A 159 18.38 2.05 17.00
N GLU A 160 18.88 3.05 17.72
CA GLU A 160 19.52 2.81 19.01
C GLU A 160 18.49 2.38 20.06
N SER A 161 17.32 3.01 20.01
CA SER A 161 16.26 2.68 20.96
C SER A 161 16.80 2.66 22.38
N GLY A 1 -9.55 -16.29 6.52
CA GLY A 1 -10.51 -16.08 5.40
C GLY A 1 -9.95 -15.02 4.45
N PRO A 2 -8.75 -15.22 3.96
CA PRO A 2 -8.10 -14.26 3.03
C PRO A 2 -8.85 -14.16 1.69
N LEU A 3 -9.63 -15.19 1.38
CA LEU A 3 -10.37 -15.21 0.13
C LEU A 3 -11.34 -14.02 0.09
N GLY A 4 -12.02 -13.78 1.20
CA GLY A 4 -12.97 -12.66 1.28
C GLY A 4 -12.32 -11.45 1.94
N SER A 5 -11.64 -11.70 3.07
CA SER A 5 -10.97 -10.63 3.79
C SER A 5 -11.96 -9.53 4.21
N MET A 6 -13.23 -9.76 3.89
CA MET A 6 -14.28 -8.80 4.22
C MET A 6 -13.92 -7.41 3.67
N ASP A 7 -13.29 -6.59 4.50
CA ASP A 7 -12.90 -5.25 4.09
C ASP A 7 -11.56 -4.88 4.73
N GLN A 8 -10.63 -4.44 3.91
CA GLN A 8 -9.30 -4.04 4.39
C GLN A 8 -9.29 -2.56 4.71
N SER A 9 -10.01 -1.79 3.91
CA SER A 9 -10.04 -0.34 4.09
C SER A 9 -10.51 0.04 5.49
N VAL A 10 -11.62 -0.53 5.93
CA VAL A 10 -12.13 -0.24 7.26
C VAL A 10 -11.13 -0.72 8.31
N ALA A 11 -10.71 -1.96 8.16
CA ALA A 11 -9.78 -2.58 9.11
C ALA A 11 -8.66 -1.62 9.47
N ILE A 12 -8.10 -0.95 8.47
CA ILE A 12 -7.02 -0.02 8.72
C ILE A 12 -7.52 1.19 9.48
N GLN A 13 -8.63 1.76 9.01
CA GLN A 13 -9.19 2.94 9.62
C GLN A 13 -9.15 2.80 11.14
N GLU A 14 -9.54 1.64 11.64
CA GLU A 14 -9.56 1.44 13.09
C GLU A 14 -8.13 1.47 13.64
N THR A 15 -7.23 0.81 12.93
CA THR A 15 -5.84 0.75 13.35
C THR A 15 -5.11 2.07 13.11
N LEU A 16 -5.50 2.77 12.04
CA LEU A 16 -4.83 4.02 11.70
C LEU A 16 -4.93 5.02 12.84
N VAL A 17 -5.53 6.18 12.58
CA VAL A 17 -5.70 7.20 13.62
C VAL A 17 -6.72 8.22 13.13
N GLU A 18 -7.48 8.79 14.05
CA GLU A 18 -8.51 9.77 13.68
C GLU A 18 -7.90 11.06 13.15
N GLY A 19 -8.13 11.34 11.86
CA GLY A 19 -7.63 12.57 11.23
C GLY A 19 -7.14 12.32 9.81
N GLU A 20 -6.74 11.09 9.51
CA GLU A 20 -6.26 10.75 8.18
C GLU A 20 -7.34 10.05 7.35
N TYR A 21 -7.20 10.14 6.04
CA TYR A 21 -8.17 9.56 5.11
C TYR A 21 -7.60 8.35 4.39
N CYS A 22 -8.29 7.21 4.51
CA CYS A 22 -7.89 5.99 3.82
C CYS A 22 -8.71 5.90 2.55
N VAL A 23 -8.09 5.50 1.45
CA VAL A 23 -8.79 5.39 0.16
C VAL A 23 -9.03 3.94 -0.22
N ILE A 24 -8.03 3.10 -0.02
CA ILE A 24 -8.15 1.70 -0.37
C ILE A 24 -7.00 0.89 0.25
N ALA A 25 -7.13 -0.43 0.17
CA ALA A 25 -6.11 -1.31 0.72
C ALA A 25 -6.37 -2.74 0.30
N VAL A 26 -5.48 -3.28 -0.53
CA VAL A 26 -5.65 -4.66 -1.02
C VAL A 26 -4.50 -5.52 -0.52
N GLN A 27 -4.82 -6.41 0.40
CA GLN A 27 -3.81 -7.29 0.99
C GLN A 27 -3.16 -8.13 -0.10
N GLY A 28 -1.95 -8.60 0.19
CA GLY A 28 -1.21 -9.42 -0.76
C GLY A 28 -0.30 -10.39 -0.05
N VAL A 29 0.68 -10.88 -0.79
CA VAL A 29 1.67 -11.81 -0.26
C VAL A 29 3.06 -11.38 -0.69
N LEU A 30 4.05 -11.87 0.03
CA LEU A 30 5.44 -11.58 -0.28
C LEU A 30 6.23 -12.84 0.00
N CYS A 31 6.93 -13.36 -1.00
CA CYS A 31 7.69 -14.60 -0.83
C CYS A 31 9.19 -14.32 -0.85
N LYS A 32 9.89 -14.93 0.09
CA LYS A 32 11.35 -14.79 0.18
C LYS A 32 11.97 -16.17 0.13
N GLY A 33 12.79 -16.42 -0.89
CA GLY A 33 13.44 -17.71 -1.04
C GLY A 33 12.42 -18.84 -1.04
N ASP A 34 12.28 -19.51 0.10
CA ASP A 34 11.33 -20.61 0.25
C ASP A 34 10.49 -20.38 1.50
N SER A 35 10.36 -19.11 1.87
CA SER A 35 9.57 -18.74 3.06
C SER A 35 8.52 -17.70 2.67
N ARG A 36 7.25 -18.05 2.83
CA ARG A 36 6.17 -17.13 2.46
C ARG A 36 5.86 -16.18 3.61
N GLN A 37 5.55 -14.94 3.25
CA GLN A 37 5.24 -13.89 4.23
C GLN A 37 3.98 -13.16 3.82
N SER A 38 3.08 -12.99 4.79
CA SER A 38 1.82 -12.28 4.55
C SER A 38 1.95 -10.82 4.98
N ARG A 39 1.66 -9.92 4.06
CA ARG A 39 1.75 -8.48 4.32
C ARG A 39 0.46 -7.77 3.90
N LEU A 40 0.17 -6.66 4.57
CA LEU A 40 -1.04 -5.87 4.28
C LEU A 40 -0.67 -4.44 3.91
N LEU A 41 -1.18 -3.95 2.77
CA LEU A 41 -0.86 -2.60 2.31
C LEU A 41 -2.05 -1.67 2.50
N GLY A 42 -1.85 -0.39 2.16
CA GLY A 42 -2.93 0.58 2.28
C GLY A 42 -2.49 1.97 1.83
N LEU A 43 -3.09 2.44 0.74
CA LEU A 43 -2.78 3.77 0.22
C LEU A 43 -3.58 4.82 0.99
N VAL A 44 -2.94 5.92 1.34
CA VAL A 44 -3.60 6.99 2.10
C VAL A 44 -3.33 8.36 1.53
N ARG A 45 -4.37 9.19 1.48
CA ARG A 45 -4.26 10.55 0.99
C ARG A 45 -4.58 11.51 2.13
N TYR A 46 -3.87 12.62 2.18
CA TYR A 46 -4.06 13.62 3.23
C TYR A 46 -4.14 15.01 2.61
N ARG A 47 -5.07 15.83 3.11
CA ARG A 47 -5.25 17.20 2.59
C ARG A 47 -4.46 18.20 3.41
N LEU A 48 -3.78 19.12 2.71
CA LEU A 48 -2.99 20.16 3.38
C LEU A 48 -3.77 21.47 3.45
N GLU A 49 -3.71 22.11 4.60
CA GLU A 49 -4.42 23.38 4.80
C GLU A 49 -4.04 24.37 3.71
N ASN A 50 -2.96 24.07 2.99
CA ASN A 50 -2.48 24.94 1.92
C ASN A 50 -3.26 24.69 0.64
N ASP A 51 -4.20 23.75 0.70
CA ASP A 51 -5.03 23.38 -0.46
C ASP A 51 -4.28 22.35 -1.28
N ALA A 52 -2.99 22.19 -0.96
CA ALA A 52 -2.15 21.24 -1.66
C ALA A 52 -2.50 19.81 -1.26
N GLN A 53 -2.25 18.87 -2.17
CA GLN A 53 -2.53 17.45 -1.93
C GLN A 53 -1.26 16.63 -2.04
N GLU A 54 -1.22 15.50 -1.34
CA GLU A 54 -0.06 14.61 -1.37
C GLU A 54 -0.49 13.18 -1.02
N HIS A 55 0.32 12.21 -1.43
CA HIS A 55 0.01 10.80 -1.18
C HIS A 55 1.25 10.06 -0.69
N ALA A 56 1.03 8.94 0.00
CA ALA A 56 2.13 8.12 0.52
C ALA A 56 1.68 6.67 0.59
N LEU A 57 2.58 5.73 0.27
CA LEU A 57 2.25 4.32 0.30
C LEU A 57 2.50 3.74 1.68
N PHE A 58 1.45 3.70 2.49
CA PHE A 58 1.56 3.19 3.85
C PHE A 58 1.64 1.67 3.85
N LEU A 59 2.49 1.13 4.73
CA LEU A 59 2.67 -0.31 4.87
C LEU A 59 2.17 -0.73 6.24
N TYR A 60 1.23 -1.65 6.24
CA TYR A 60 0.65 -2.16 7.47
C TYR A 60 1.02 -3.62 7.66
N THR A 61 1.61 -3.97 8.79
CA THR A 61 1.95 -5.38 9.03
C THR A 61 0.74 -6.08 9.58
N HIS A 62 0.74 -7.39 9.55
CA HIS A 62 -0.39 -8.14 10.07
C HIS A 62 0.03 -9.58 10.36
N ARG A 63 -0.70 -10.22 11.25
CA ARG A 63 -0.38 -11.60 11.63
C ARG A 63 -0.78 -12.54 10.51
N ARG A 64 -0.45 -13.80 10.69
CA ARG A 64 -0.77 -14.81 9.69
C ARG A 64 -2.27 -14.87 9.46
N MET A 65 -3.05 -14.50 10.47
CA MET A 65 -4.52 -14.53 10.35
C MET A 65 -5.12 -13.28 11.00
N ALA A 66 -4.38 -12.18 10.97
CA ALA A 66 -4.87 -10.93 11.57
C ALA A 66 -6.12 -10.45 10.85
N ILE A 67 -6.01 -10.32 9.52
CA ILE A 67 -7.09 -9.86 8.63
C ILE A 67 -8.06 -8.92 9.35
N THR A 68 -8.75 -9.48 10.32
CA THR A 68 -9.75 -8.78 11.08
C THR A 68 -9.49 -7.28 11.21
N GLY A 69 -8.23 -6.86 11.32
CA GLY A 69 -7.92 -5.44 11.50
C GLY A 69 -7.53 -5.21 12.95
N ASP A 70 -7.82 -6.23 13.76
CA ASP A 70 -7.55 -6.17 15.19
C ASP A 70 -6.04 -6.11 15.50
N ASP A 71 -5.22 -6.98 14.84
CA ASP A 71 -3.75 -6.98 15.13
C ASP A 71 -2.92 -6.48 13.96
N VAL A 72 -3.22 -5.30 13.44
CA VAL A 72 -2.43 -4.77 12.33
C VAL A 72 -2.39 -3.26 12.41
N SER A 73 -1.17 -2.70 12.39
CA SER A 73 -1.01 -1.27 12.46
C SER A 73 0.22 -0.90 11.65
N LEU A 74 0.38 0.38 11.36
CA LEU A 74 1.48 0.83 10.50
C LEU A 74 2.82 0.15 10.84
N ASP A 75 3.52 -0.22 9.76
CA ASP A 75 4.83 -0.85 9.83
C ASP A 75 5.91 0.14 9.37
N GLN A 76 5.81 0.59 8.12
CA GLN A 76 6.79 1.54 7.57
C GLN A 76 6.18 2.36 6.43
N ILE A 77 6.16 3.67 6.61
CA ILE A 77 5.60 4.59 5.61
C ILE A 77 6.63 4.89 4.53
N VAL A 78 6.21 4.75 3.28
CA VAL A 78 7.08 5.02 2.12
C VAL A 78 6.44 6.08 1.24
N PRO A 79 6.88 7.33 1.28
CA PRO A 79 6.27 8.42 0.48
C PRO A 79 6.66 8.37 -0.99
N LEU A 80 5.72 8.74 -1.85
CA LEU A 80 5.95 8.72 -3.27
C LEU A 80 6.99 9.77 -3.67
N SER A 81 7.97 9.29 -4.43
CA SER A 81 9.06 10.15 -4.92
C SER A 81 9.32 9.87 -6.39
N LYS A 82 10.09 10.74 -7.03
CA LYS A 82 10.36 10.58 -8.46
C LYS A 82 10.99 9.21 -8.72
N ASP A 83 11.92 8.81 -7.87
CA ASP A 83 12.56 7.52 -8.07
C ASP A 83 11.54 6.38 -8.00
N PHE A 84 10.30 6.73 -7.66
CA PHE A 84 9.23 5.74 -7.58
C PHE A 84 8.90 5.23 -8.97
N MET A 85 8.71 3.92 -9.09
CA MET A 85 8.37 3.32 -10.38
C MET A 85 7.90 1.89 -10.18
N LEU A 86 6.87 1.51 -10.92
CA LEU A 86 6.32 0.15 -10.83
C LEU A 86 6.81 -0.66 -12.03
N GLU A 87 7.40 -1.83 -11.76
CA GLU A 87 7.93 -2.69 -12.83
C GLU A 87 7.22 -4.04 -12.85
N GLU A 88 6.71 -4.40 -14.02
CA GLU A 88 6.03 -5.66 -14.19
C GLU A 88 7.05 -6.79 -14.26
N VAL A 89 6.74 -7.94 -13.68
CA VAL A 89 7.64 -9.08 -13.70
C VAL A 89 7.28 -10.02 -14.84
N SER A 90 8.29 -10.49 -15.55
CA SER A 90 8.09 -11.40 -16.69
C SER A 90 7.00 -12.43 -16.36
N PRO A 91 5.97 -12.58 -17.18
CA PRO A 91 4.88 -13.57 -16.92
C PRO A 91 5.32 -15.00 -17.17
N ASP A 92 5.77 -15.28 -18.40
CA ASP A 92 6.18 -16.62 -18.79
C ASP A 92 5.00 -17.58 -18.66
N GLY A 93 3.81 -17.09 -18.99
CA GLY A 93 2.59 -17.91 -18.92
C GLY A 93 1.87 -17.94 -20.26
N GLU A 94 1.41 -19.13 -20.66
CA GLU A 94 0.72 -19.29 -21.93
C GLU A 94 -0.80 -19.13 -21.75
N LEU A 95 -1.48 -20.22 -21.42
CA LEU A 95 -2.93 -20.17 -21.23
C LEU A 95 -3.27 -19.29 -20.03
N TYR A 96 -2.52 -19.48 -18.95
CA TYR A 96 -2.76 -18.72 -17.72
C TYR A 96 -2.42 -17.24 -17.93
N ILE A 97 -3.17 -16.38 -17.24
CA ILE A 97 -2.95 -14.94 -17.32
C ILE A 97 -3.22 -14.30 -15.96
N LEU A 98 -2.19 -14.28 -15.11
CA LEU A 98 -2.32 -13.71 -13.77
C LEU A 98 -3.37 -14.50 -12.98
N GLY A 99 -4.57 -14.62 -13.55
CA GLY A 99 -5.65 -15.34 -12.89
C GLY A 99 -6.03 -14.65 -11.59
N SER A 100 -5.36 -15.04 -10.51
CA SER A 100 -5.61 -14.46 -9.20
C SER A 100 -4.28 -14.31 -8.46
N ASP A 101 -3.27 -13.85 -9.21
CA ASP A 101 -1.93 -13.64 -8.67
C ASP A 101 -1.25 -12.48 -9.41
N VAL A 102 -1.61 -11.25 -9.05
CA VAL A 102 -1.01 -10.08 -9.69
C VAL A 102 0.44 -9.95 -9.29
N THR A 103 1.31 -9.74 -10.27
CA THR A 103 2.75 -9.60 -9.98
C THR A 103 3.18 -8.16 -10.23
N VAL A 104 3.52 -7.47 -9.15
CA VAL A 104 3.96 -6.09 -9.21
C VAL A 104 5.23 -5.93 -8.38
N GLN A 105 6.23 -5.23 -8.93
CA GLN A 105 7.49 -5.01 -8.23
C GLN A 105 7.74 -3.53 -8.05
N LEU A 106 7.71 -3.04 -6.80
CA LEU A 106 7.92 -1.62 -6.54
C LEU A 106 9.39 -1.28 -6.53
N ASN A 107 9.78 -0.34 -7.37
CA ASN A 107 11.19 0.06 -7.48
C ASN A 107 11.45 1.48 -6.98
N THR A 108 11.30 1.69 -5.67
CA THR A 108 11.56 3.02 -5.10
C THR A 108 13.05 3.25 -4.92
N ALA A 109 13.39 4.43 -4.45
CA ALA A 109 14.79 4.80 -4.26
C ALA A 109 15.55 3.72 -3.49
N GLU A 110 14.93 3.15 -2.46
CA GLU A 110 15.57 2.11 -1.66
C GLU A 110 14.67 0.88 -1.55
N LEU A 111 13.36 1.10 -1.51
CA LEU A 111 12.43 0.01 -1.41
C LEU A 111 12.41 -0.77 -2.72
N LYS A 112 12.55 -2.07 -2.62
CA LYS A 112 12.53 -2.92 -3.81
C LYS A 112 12.11 -4.32 -3.42
N LEU A 113 10.81 -4.61 -3.57
CA LEU A 113 10.28 -5.92 -3.18
C LEU A 113 9.23 -6.38 -4.21
N VAL A 114 8.64 -7.55 -3.94
CA VAL A 114 7.62 -8.13 -4.82
C VAL A 114 6.36 -8.48 -4.02
N PHE A 115 5.19 -8.09 -4.54
CA PHE A 115 3.92 -8.38 -3.87
C PHE A 115 2.96 -9.11 -4.82
N GLN A 116 2.23 -10.06 -4.26
CA GLN A 116 1.26 -10.85 -5.04
C GLN A 116 -0.17 -10.47 -4.66
N LEU A 117 -0.74 -9.50 -5.38
CA LEU A 117 -2.11 -9.03 -5.12
C LEU A 117 -3.11 -9.82 -5.98
N PRO A 118 -4.36 -9.93 -5.59
CA PRO A 118 -5.38 -10.67 -6.39
C PRO A 118 -5.88 -9.89 -7.61
N PHE A 119 -5.98 -10.59 -8.73
CA PHE A 119 -6.38 -10.00 -10.01
C PHE A 119 -7.64 -9.14 -9.93
N GLY A 120 -7.55 -8.00 -10.60
CA GLY A 120 -8.65 -7.04 -10.67
C GLY A 120 -9.41 -6.97 -9.35
N SER A 121 -10.73 -7.03 -9.44
CA SER A 121 -11.56 -6.95 -8.25
C SER A 121 -11.24 -5.69 -7.45
N HIS A 122 -10.72 -5.87 -6.24
CA HIS A 122 -10.39 -4.74 -5.38
C HIS A 122 -8.99 -4.22 -5.68
N THR A 123 -8.23 -4.95 -6.49
CA THR A 123 -6.87 -4.54 -6.84
C THR A 123 -6.85 -3.49 -7.93
N ARG A 124 -7.78 -3.57 -8.88
CA ARG A 124 -7.82 -2.62 -10.00
C ARG A 124 -7.94 -1.20 -9.50
N THR A 125 -8.81 -0.99 -8.54
CA THR A 125 -9.02 0.34 -7.99
C THR A 125 -7.71 0.90 -7.46
N PHE A 126 -6.97 0.06 -6.75
CA PHE A 126 -5.70 0.49 -6.18
C PHE A 126 -4.78 1.05 -7.24
N LEU A 127 -4.61 0.33 -8.35
CA LEU A 127 -3.70 0.78 -9.40
C LEU A 127 -4.01 2.21 -9.80
N GLN A 128 -5.27 2.52 -10.04
CA GLN A 128 -5.66 3.86 -10.46
C GLN A 128 -5.39 4.90 -9.39
N GLU A 129 -5.70 4.57 -8.13
CA GLU A 129 -5.50 5.53 -7.05
C GLU A 129 -4.04 5.98 -6.95
N VAL A 130 -3.13 5.03 -6.87
CA VAL A 130 -1.72 5.36 -6.77
C VAL A 130 -1.24 6.03 -8.06
N ALA A 131 -1.66 5.49 -9.19
CA ALA A 131 -1.26 6.01 -10.51
C ALA A 131 -1.53 7.51 -10.63
N ARG A 132 -2.74 7.94 -10.30
CA ARG A 132 -3.09 9.35 -10.40
C ARG A 132 -2.52 10.15 -9.23
N ALA A 133 -2.08 9.45 -8.20
CA ALA A 133 -1.53 10.09 -7.02
C ALA A 133 -0.29 10.92 -7.35
N CYS A 134 0.27 10.72 -8.54
CA CYS A 134 1.45 11.50 -8.97
C CYS A 134 2.18 10.85 -10.15
N PRO A 135 2.41 9.56 -10.13
CA PRO A 135 3.15 8.86 -11.23
C PRO A 135 2.55 9.13 -12.61
N GLY A 136 1.23 8.95 -12.74
CA GLY A 136 0.51 9.14 -14.00
C GLY A 136 1.38 9.80 -15.07
N PHE A 137 2.24 8.97 -15.68
CA PHE A 137 3.19 9.42 -16.71
C PHE A 137 2.84 10.79 -17.28
N ASP A 138 3.17 11.83 -16.51
CA ASP A 138 2.90 13.21 -16.91
C ASP A 138 3.92 14.15 -16.27
N PRO A 139 4.25 15.26 -16.90
CA PRO A 139 5.25 16.23 -16.35
C PRO A 139 4.70 17.00 -15.14
N GLU A 140 3.54 16.58 -14.66
CA GLU A 140 2.92 17.24 -13.51
C GLU A 140 3.71 16.91 -12.23
N THR A 141 4.07 15.65 -12.08
CA THR A 141 4.81 15.20 -10.90
C THR A 141 6.13 15.97 -10.73
N ARG A 142 6.16 16.87 -9.76
CA ARG A 142 7.37 17.67 -9.48
C ARG A 142 7.34 18.22 -8.06
N ASP A 143 6.56 17.57 -7.20
CA ASP A 143 6.45 17.99 -5.82
C ASP A 143 5.86 16.87 -4.97
N PRO A 144 6.57 15.78 -4.79
CA PRO A 144 6.08 14.63 -3.97
C PRO A 144 5.72 15.05 -2.54
N GLU A 145 6.44 16.04 -2.03
CA GLU A 145 6.20 16.54 -0.69
C GLU A 145 6.11 15.37 0.29
N PHE A 146 7.19 15.09 1.00
CA PHE A 146 7.23 13.99 1.97
C PHE A 146 7.30 14.53 3.39
N GLU A 147 7.52 15.83 3.51
CA GLU A 147 7.64 16.47 4.81
C GLU A 147 6.36 16.36 5.64
N TRP A 148 5.21 16.33 4.98
CA TRP A 148 3.94 16.25 5.71
C TRP A 148 3.79 14.90 6.42
N LEU A 149 4.46 13.88 5.90
CA LEU A 149 4.39 12.55 6.52
C LEU A 149 5.00 12.57 7.92
N SER A 150 6.00 13.43 8.10
CA SER A 150 6.67 13.54 9.39
C SER A 150 5.64 13.72 10.50
N ARG A 151 4.59 14.47 10.19
CA ARG A 151 3.52 14.70 11.15
C ARG A 151 2.90 13.38 11.51
N HIS A 152 2.77 12.53 10.50
CA HIS A 152 2.20 11.21 10.70
C HIS A 152 3.26 10.29 11.29
N THR A 153 2.82 9.36 12.11
CA THR A 153 3.73 8.39 12.74
C THR A 153 3.45 7.00 12.20
N CYS A 154 3.94 5.99 12.90
CA CYS A 154 3.73 4.61 12.48
C CYS A 154 2.71 3.93 13.38
N ALA A 155 3.11 2.82 14.00
CA ALA A 155 2.23 2.09 14.91
C ALA A 155 2.68 2.27 16.35
N GLU A 156 2.97 3.51 16.73
CA GLU A 156 3.42 3.80 18.09
C GLU A 156 2.22 3.72 19.05
N PRO A 157 2.20 2.79 19.99
CA PRO A 157 1.06 2.67 20.96
C PRO A 157 0.65 4.01 21.55
N ASP A 158 -0.48 4.01 22.25
CA ASP A 158 -1.00 5.22 22.87
C ASP A 158 -1.22 6.31 21.81
N ALA A 159 -2.48 6.74 21.68
CA ALA A 159 -2.83 7.76 20.70
C ALA A 159 -2.39 9.14 21.19
N GLU A 160 -2.00 9.22 22.45
CA GLU A 160 -1.56 10.50 23.02
C GLU A 160 -2.61 11.58 22.82
N SER A 161 -3.88 11.17 22.75
CA SER A 161 -4.97 12.12 22.55
C SER A 161 -4.82 13.31 23.48
N GLY A 1 -20.53 -4.84 1.77
CA GLY A 1 -21.95 -4.61 2.20
C GLY A 1 -22.14 -5.20 3.59
N PRO A 2 -23.38 -5.30 4.03
CA PRO A 2 -23.72 -5.85 5.37
C PRO A 2 -23.11 -7.25 5.58
N LEU A 3 -23.07 -8.05 4.52
CA LEU A 3 -22.53 -9.39 4.62
C LEU A 3 -21.19 -9.35 5.36
N GLY A 4 -20.28 -8.49 4.90
CA GLY A 4 -18.97 -8.36 5.53
C GLY A 4 -18.00 -9.41 4.99
N SER A 5 -16.72 -9.02 4.94
CA SER A 5 -15.69 -9.93 4.44
C SER A 5 -14.31 -9.52 4.96
N MET A 6 -13.37 -9.29 4.06
CA MET A 6 -12.02 -8.88 4.47
C MET A 6 -12.05 -7.55 5.19
N ASP A 7 -12.68 -6.55 4.56
CA ASP A 7 -12.79 -5.21 5.15
C ASP A 7 -11.39 -4.62 5.38
N GLN A 8 -10.56 -4.67 4.34
CA GLN A 8 -9.20 -4.12 4.44
C GLN A 8 -9.25 -2.62 4.68
N SER A 9 -10.01 -1.90 3.84
CA SER A 9 -10.09 -0.44 3.96
C SER A 9 -10.41 -0.02 5.39
N VAL A 10 -11.34 -0.72 6.02
CA VAL A 10 -11.70 -0.39 7.40
C VAL A 10 -10.50 -0.56 8.32
N ALA A 11 -9.83 -1.70 8.18
CA ALA A 11 -8.67 -2.01 9.01
C ALA A 11 -7.82 -0.78 9.25
N ILE A 12 -7.56 -0.01 8.20
CA ILE A 12 -6.74 1.18 8.33
C ILE A 12 -7.37 2.17 9.31
N GLN A 13 -8.62 2.49 9.05
CA GLN A 13 -9.33 3.45 9.90
C GLN A 13 -9.30 2.97 11.35
N GLU A 14 -9.76 1.75 11.58
CA GLU A 14 -9.76 1.19 12.94
C GLU A 14 -8.38 1.33 13.57
N THR A 15 -7.37 1.65 12.74
CA THR A 15 -6.00 1.80 13.22
C THR A 15 -5.50 3.24 13.03
N LEU A 16 -6.07 3.95 12.07
CA LEU A 16 -5.65 5.32 11.79
C LEU A 16 -6.33 6.30 12.74
N VAL A 17 -5.64 7.40 13.04
CA VAL A 17 -6.19 8.40 13.94
C VAL A 17 -7.18 9.26 13.17
N GLU A 18 -7.73 10.27 13.84
CA GLU A 18 -8.70 11.15 13.20
C GLU A 18 -8.04 12.15 12.27
N GLY A 19 -8.83 13.11 11.80
CA GLY A 19 -8.34 14.16 10.92
C GLY A 19 -7.85 13.61 9.59
N GLU A 20 -7.20 12.45 9.61
CA GLU A 20 -6.69 11.86 8.39
C GLU A 20 -7.80 11.21 7.57
N TYR A 21 -7.42 10.70 6.40
CA TYR A 21 -8.37 10.07 5.49
C TYR A 21 -7.77 8.86 4.80
N CYS A 22 -8.41 7.70 4.97
CA CYS A 22 -7.95 6.49 4.31
C CYS A 22 -8.63 6.41 2.96
N VAL A 23 -7.93 5.92 1.95
CA VAL A 23 -8.51 5.81 0.60
C VAL A 23 -8.75 4.36 0.20
N ILE A 24 -7.75 3.52 0.41
CA ILE A 24 -7.86 2.12 0.04
C ILE A 24 -6.74 1.30 0.66
N ALA A 25 -6.92 -0.02 0.68
CA ALA A 25 -5.92 -0.90 1.26
C ALA A 25 -6.27 -2.34 0.92
N VAL A 26 -5.40 -3.02 0.18
CA VAL A 26 -5.64 -4.41 -0.19
C VAL A 26 -4.78 -5.32 0.65
N GLN A 27 -4.71 -6.60 0.27
CA GLN A 27 -3.90 -7.57 0.99
C GLN A 27 -3.09 -8.40 0.00
N GLY A 28 -1.76 -8.34 0.15
CA GLY A 28 -0.87 -9.07 -0.75
C GLY A 28 0.13 -9.90 0.03
N VAL A 29 0.72 -10.88 -0.66
CA VAL A 29 1.71 -11.74 -0.04
C VAL A 29 3.10 -11.26 -0.42
N LEU A 30 4.09 -11.74 0.30
CA LEU A 30 5.48 -11.41 0.03
C LEU A 30 6.29 -12.67 0.23
N CYS A 31 6.96 -13.14 -0.82
CA CYS A 31 7.75 -14.37 -0.73
C CYS A 31 9.23 -14.05 -0.65
N LYS A 32 9.89 -14.62 0.35
CA LYS A 32 11.32 -14.45 0.51
C LYS A 32 12.00 -15.81 0.48
N GLY A 33 12.85 -16.01 -0.52
CA GLY A 33 13.55 -17.27 -0.67
C GLY A 33 12.57 -18.43 -0.72
N ASP A 34 12.49 -19.17 0.39
CA ASP A 34 11.59 -20.30 0.50
C ASP A 34 10.71 -20.14 1.74
N SER A 35 10.51 -18.88 2.14
CA SER A 35 9.70 -18.55 3.31
C SER A 35 8.63 -17.54 2.90
N ARG A 36 7.37 -17.95 2.96
CA ARG A 36 6.28 -17.06 2.58
C ARG A 36 5.91 -16.14 3.73
N GLN A 37 5.59 -14.89 3.39
CA GLN A 37 5.22 -13.88 4.37
C GLN A 37 3.92 -13.19 3.96
N SER A 38 3.19 -12.70 4.95
CA SER A 38 1.92 -12.01 4.70
C SER A 38 2.03 -10.54 5.10
N ARG A 39 1.71 -9.67 4.14
CA ARG A 39 1.77 -8.22 4.37
C ARG A 39 0.48 -7.55 3.89
N LEU A 40 0.19 -6.39 4.49
CA LEU A 40 -1.01 -5.63 4.17
C LEU A 40 -0.64 -4.25 3.65
N LEU A 41 -1.12 -3.91 2.45
CA LEU A 41 -0.83 -2.61 1.85
C LEU A 41 -1.89 -1.59 2.24
N GLY A 42 -1.53 -0.31 2.15
CA GLY A 42 -2.45 0.77 2.47
C GLY A 42 -2.06 2.08 1.78
N LEU A 43 -3.06 2.81 1.34
CA LEU A 43 -2.84 4.12 0.69
C LEU A 43 -3.61 5.19 1.44
N VAL A 44 -2.93 6.26 1.81
CA VAL A 44 -3.57 7.33 2.58
C VAL A 44 -3.30 8.70 1.97
N ARG A 45 -4.35 9.51 1.87
CA ARG A 45 -4.25 10.86 1.35
C ARG A 45 -4.51 11.85 2.48
N TYR A 46 -3.57 12.76 2.67
CA TYR A 46 -3.66 13.77 3.72
C TYR A 46 -3.83 15.16 3.10
N ARG A 47 -4.84 15.90 3.57
CA ARG A 47 -5.12 17.24 3.03
C ARG A 47 -4.34 18.31 3.78
N LEU A 48 -3.78 19.26 3.01
CA LEU A 48 -3.03 20.37 3.61
C LEU A 48 -3.90 21.62 3.68
N GLU A 49 -3.88 22.23 4.86
CA GLU A 49 -4.65 23.44 5.10
C GLU A 49 -4.36 24.47 4.01
N ASN A 50 -3.32 24.20 3.22
CA ASN A 50 -2.93 25.12 2.14
C ASN A 50 -3.73 24.82 0.88
N ASP A 51 -4.58 23.79 0.95
CA ASP A 51 -5.38 23.36 -0.19
C ASP A 51 -4.59 22.34 -1.00
N ALA A 52 -3.31 22.25 -0.71
CA ALA A 52 -2.42 21.33 -1.39
C ALA A 52 -2.75 19.89 -1.01
N GLN A 53 -2.38 18.96 -1.89
CA GLN A 53 -2.63 17.53 -1.68
C GLN A 53 -1.33 16.73 -1.80
N GLU A 54 -1.29 15.60 -1.11
CA GLU A 54 -0.11 14.73 -1.16
C GLU A 54 -0.52 13.27 -0.91
N HIS A 55 0.27 12.35 -1.45
CA HIS A 55 -0.02 10.91 -1.30
C HIS A 55 1.22 10.15 -0.83
N ALA A 56 1.00 9.02 -0.17
CA ALA A 56 2.09 8.18 0.32
C ALA A 56 1.60 6.74 0.41
N LEU A 57 2.50 5.78 0.13
CA LEU A 57 2.14 4.36 0.17
C LEU A 57 2.47 3.77 1.53
N PHE A 58 1.46 3.71 2.39
CA PHE A 58 1.63 3.20 3.73
C PHE A 58 1.70 1.68 3.74
N LEU A 59 2.53 1.15 4.63
CA LEU A 59 2.68 -0.28 4.79
C LEU A 59 2.19 -0.68 6.18
N TYR A 60 1.32 -1.67 6.20
CA TYR A 60 0.73 -2.16 7.45
C TYR A 60 1.08 -3.64 7.62
N THR A 61 1.61 -4.02 8.78
CA THR A 61 1.92 -5.43 9.01
C THR A 61 0.68 -6.11 9.53
N HIS A 62 0.63 -7.42 9.45
CA HIS A 62 -0.52 -8.15 9.94
C HIS A 62 -0.22 -9.62 10.06
N ARG A 63 -0.96 -10.32 10.91
CA ARG A 63 -0.73 -11.73 11.11
C ARG A 63 -1.15 -12.51 9.89
N ARG A 64 -1.03 -13.82 9.98
CA ARG A 64 -1.41 -14.69 8.87
C ARG A 64 -2.90 -14.59 8.61
N MET A 65 -3.68 -14.26 9.65
CA MET A 65 -5.13 -14.16 9.50
C MET A 65 -5.65 -12.97 10.30
N ALA A 66 -4.81 -11.94 10.44
CA ALA A 66 -5.22 -10.74 11.19
C ALA A 66 -6.39 -10.05 10.49
N ILE A 67 -6.19 -9.74 9.20
CA ILE A 67 -7.17 -9.07 8.33
C ILE A 67 -8.14 -8.19 9.12
N THR A 68 -8.86 -8.83 10.00
CA THR A 68 -9.87 -8.20 10.82
C THR A 68 -9.59 -6.72 11.10
N GLY A 69 -8.34 -6.33 11.29
CA GLY A 69 -8.01 -4.94 11.62
C GLY A 69 -7.64 -4.86 13.08
N ASP A 70 -7.94 -5.94 13.80
CA ASP A 70 -7.68 -6.03 15.22
C ASP A 70 -6.18 -5.99 15.53
N ASP A 71 -5.35 -6.78 14.83
CA ASP A 71 -3.91 -6.81 15.14
C ASP A 71 -3.03 -6.37 13.97
N VAL A 72 -3.33 -5.19 13.44
CA VAL A 72 -2.55 -4.64 12.33
C VAL A 72 -2.50 -3.11 12.41
N SER A 73 -1.29 -2.56 12.34
CA SER A 73 -1.11 -1.11 12.39
C SER A 73 0.15 -0.75 11.60
N LEU A 74 0.38 0.54 11.36
CA LEU A 74 1.50 0.98 10.53
C LEU A 74 2.78 0.20 10.80
N ASP A 75 3.37 -0.29 9.70
CA ASP A 75 4.63 -1.04 9.75
C ASP A 75 5.78 -0.19 9.22
N GLN A 76 5.74 0.16 7.92
CA GLN A 76 6.79 0.99 7.31
C GLN A 76 6.17 2.22 6.62
N ILE A 77 6.93 2.83 5.70
CA ILE A 77 6.47 4.01 4.97
C ILE A 77 7.22 4.11 3.64
N VAL A 78 6.45 4.14 2.55
CA VAL A 78 7.03 4.26 1.20
C VAL A 78 6.48 5.52 0.54
N PRO A 79 7.16 6.64 0.63
CA PRO A 79 6.68 7.92 0.05
C PRO A 79 6.97 8.05 -1.44
N LEU A 80 5.94 8.40 -2.20
CA LEU A 80 6.06 8.53 -3.64
C LEU A 80 7.09 9.59 -4.00
N SER A 81 8.05 9.18 -4.81
CA SER A 81 9.12 10.07 -5.28
C SER A 81 9.38 9.83 -6.76
N LYS A 82 10.11 10.74 -7.39
CA LYS A 82 10.40 10.62 -8.80
C LYS A 82 11.04 9.27 -9.11
N ASP A 83 11.99 8.87 -8.29
CA ASP A 83 12.68 7.60 -8.51
C ASP A 83 11.70 6.43 -8.41
N PHE A 84 10.48 6.73 -7.96
CA PHE A 84 9.44 5.71 -7.84
C PHE A 84 9.06 5.21 -9.23
N MET A 85 8.89 3.91 -9.34
CA MET A 85 8.50 3.30 -10.62
C MET A 85 8.07 1.86 -10.40
N LEU A 86 7.01 1.44 -11.07
CA LEU A 86 6.52 0.07 -10.96
C LEU A 86 6.97 -0.73 -12.18
N GLU A 87 7.60 -1.88 -11.94
CA GLU A 87 8.08 -2.72 -13.04
C GLU A 87 7.32 -4.03 -13.09
N GLU A 88 6.70 -4.29 -14.23
CA GLU A 88 5.95 -5.53 -14.42
C GLU A 88 6.92 -6.71 -14.45
N VAL A 89 6.50 -7.84 -13.88
CA VAL A 89 7.36 -9.03 -13.87
C VAL A 89 7.03 -9.92 -15.06
N SER A 90 8.08 -10.42 -15.70
CA SER A 90 7.92 -11.28 -16.87
C SER A 90 6.87 -12.37 -16.59
N PRO A 91 5.84 -12.51 -17.41
CA PRO A 91 4.78 -13.55 -17.19
C PRO A 91 5.26 -14.95 -17.53
N ASP A 92 5.58 -15.18 -18.81
CA ASP A 92 6.02 -16.49 -19.27
C ASP A 92 4.90 -17.51 -19.06
N GLY A 93 3.66 -17.08 -19.28
CA GLY A 93 2.49 -17.95 -19.13
C GLY A 93 1.54 -17.82 -20.33
N GLU A 94 1.16 -18.96 -20.90
CA GLU A 94 0.27 -18.97 -22.05
C GLU A 94 -1.18 -18.86 -21.61
N LEU A 95 -1.74 -19.96 -21.12
CA LEU A 95 -3.13 -19.97 -20.68
C LEU A 95 -3.31 -19.00 -19.50
N TYR A 96 -2.38 -19.04 -18.58
CA TYR A 96 -2.46 -18.17 -17.41
C TYR A 96 -2.14 -16.72 -17.77
N ILE A 97 -2.98 -15.79 -17.29
CA ILE A 97 -2.78 -14.38 -17.56
C ILE A 97 -3.23 -13.55 -16.36
N LEU A 98 -2.79 -13.94 -15.18
CA LEU A 98 -3.16 -13.22 -13.96
C LEU A 98 -4.68 -13.16 -13.84
N GLY A 99 -5.29 -14.31 -13.61
CA GLY A 99 -6.75 -14.41 -13.48
C GLY A 99 -7.19 -14.30 -12.02
N SER A 100 -6.42 -14.91 -11.12
CA SER A 100 -6.73 -14.87 -9.69
C SER A 100 -5.48 -14.51 -8.89
N ASP A 101 -4.60 -13.76 -9.56
CA ASP A 101 -3.35 -13.29 -8.95
C ASP A 101 -2.68 -12.31 -9.87
N VAL A 102 -1.94 -11.36 -9.31
CA VAL A 102 -1.23 -10.35 -10.11
C VAL A 102 0.20 -10.23 -9.61
N THR A 103 1.08 -9.82 -10.52
CA THR A 103 2.50 -9.66 -10.18
C THR A 103 2.94 -8.21 -10.39
N VAL A 104 3.33 -7.58 -9.28
CA VAL A 104 3.79 -6.19 -9.30
C VAL A 104 5.10 -6.07 -8.52
N GLN A 105 6.07 -5.34 -9.07
CA GLN A 105 7.36 -5.16 -8.42
C GLN A 105 7.64 -3.68 -8.21
N LEU A 106 7.68 -3.24 -6.95
CA LEU A 106 7.93 -1.83 -6.64
C LEU A 106 9.42 -1.51 -6.72
N ASN A 107 9.77 -0.61 -7.63
CA ASN A 107 11.17 -0.22 -7.83
C ASN A 107 11.47 1.17 -7.30
N THR A 108 11.36 1.36 -5.99
CA THR A 108 11.65 2.66 -5.42
C THR A 108 13.15 2.92 -5.43
N ALA A 109 13.52 4.14 -5.10
CA ALA A 109 14.93 4.55 -5.11
C ALA A 109 15.80 3.50 -4.44
N GLU A 110 15.28 2.83 -3.42
CA GLU A 110 16.04 1.79 -2.72
C GLU A 110 15.18 0.56 -2.49
N LEU A 111 13.89 0.78 -2.27
CA LEU A 111 12.98 -0.32 -2.03
C LEU A 111 12.80 -1.12 -3.32
N LYS A 112 12.92 -2.44 -3.20
CA LYS A 112 12.76 -3.32 -4.35
C LYS A 112 12.27 -4.67 -3.86
N LEU A 113 10.95 -4.88 -3.94
CA LEU A 113 10.34 -6.13 -3.48
C LEU A 113 9.31 -6.63 -4.49
N VAL A 114 8.79 -7.84 -4.25
CA VAL A 114 7.78 -8.44 -5.13
C VAL A 114 6.55 -8.84 -4.30
N PHE A 115 5.37 -8.43 -4.76
CA PHE A 115 4.11 -8.74 -4.06
C PHE A 115 3.14 -9.47 -5.00
N GLN A 116 2.46 -10.47 -4.44
CA GLN A 116 1.47 -11.26 -5.19
C GLN A 116 0.07 -10.92 -4.70
N LEU A 117 -0.53 -9.89 -5.30
CA LEU A 117 -1.88 -9.45 -4.92
C LEU A 117 -2.94 -10.18 -5.76
N PRO A 118 -4.15 -10.29 -5.28
CA PRO A 118 -5.24 -10.99 -6.04
C PRO A 118 -5.70 -10.16 -7.25
N PHE A 119 -5.58 -10.76 -8.43
CA PHE A 119 -5.92 -10.12 -9.70
C PHE A 119 -7.24 -9.37 -9.68
N GLY A 120 -7.25 -8.25 -10.41
CA GLY A 120 -8.43 -7.42 -10.54
C GLY A 120 -9.20 -7.34 -9.23
N SER A 121 -10.52 -7.45 -9.32
CA SER A 121 -11.36 -7.40 -8.14
C SER A 121 -11.10 -6.11 -7.37
N HIS A 122 -10.60 -6.24 -6.15
CA HIS A 122 -10.32 -5.08 -5.30
C HIS A 122 -8.92 -4.52 -5.57
N THR A 123 -8.12 -5.25 -6.35
CA THR A 123 -6.76 -4.81 -6.66
C THR A 123 -6.75 -3.73 -7.74
N ARG A 124 -7.66 -3.85 -8.71
CA ARG A 124 -7.70 -2.88 -9.80
C ARG A 124 -7.86 -1.46 -9.28
N THR A 125 -8.73 -1.30 -8.30
CA THR A 125 -8.98 0.00 -7.72
C THR A 125 -7.67 0.58 -7.19
N PHE A 126 -6.89 -0.25 -6.53
CA PHE A 126 -5.62 0.19 -5.98
C PHE A 126 -4.73 0.78 -7.07
N LEU A 127 -4.55 0.05 -8.16
CA LEU A 127 -3.67 0.51 -9.23
C LEU A 127 -4.02 1.94 -9.66
N GLN A 128 -5.29 2.17 -9.96
CA GLN A 128 -5.73 3.49 -10.40
C GLN A 128 -5.46 4.57 -9.36
N GLU A 129 -5.71 4.27 -8.09
CA GLU A 129 -5.50 5.25 -7.03
C GLU A 129 -4.04 5.66 -6.95
N VAL A 130 -3.13 4.71 -7.11
CA VAL A 130 -1.71 5.02 -7.06
C VAL A 130 -1.30 5.91 -8.23
N ALA A 131 -1.76 5.53 -9.43
CA ALA A 131 -1.44 6.28 -10.64
C ALA A 131 -1.93 7.73 -10.58
N ARG A 132 -3.20 7.92 -10.25
CA ARG A 132 -3.78 9.26 -10.17
C ARG A 132 -3.21 10.02 -8.98
N ALA A 133 -2.73 9.28 -7.98
CA ALA A 133 -2.16 9.89 -6.78
C ALA A 133 -0.86 10.64 -7.08
N CYS A 134 -0.21 10.30 -8.19
CA CYS A 134 1.04 10.97 -8.58
C CYS A 134 1.74 10.24 -9.73
N PRO A 135 2.23 9.04 -9.52
CA PRO A 135 2.93 8.25 -10.59
C PRO A 135 2.01 7.91 -11.77
N GLY A 136 1.30 8.92 -12.27
CA GLY A 136 0.42 8.72 -13.41
C GLY A 136 1.22 8.64 -14.71
N PHE A 137 1.79 7.46 -14.98
CA PHE A 137 2.57 7.21 -16.20
C PHE A 137 3.23 8.49 -16.75
N ASP A 138 4.43 8.80 -16.24
CA ASP A 138 5.17 9.99 -16.68
C ASP A 138 6.67 9.65 -16.73
N PRO A 139 7.47 10.45 -17.40
CA PRO A 139 8.94 10.19 -17.53
C PRO A 139 9.65 10.15 -16.17
N GLU A 140 9.33 11.10 -15.30
CA GLU A 140 9.95 11.18 -13.98
C GLU A 140 8.90 11.46 -12.90
N THR A 141 7.91 12.27 -13.23
CA THR A 141 6.85 12.60 -12.28
C THR A 141 7.43 13.14 -10.97
N ARG A 142 8.13 14.27 -11.06
CA ARG A 142 8.73 14.87 -9.87
C ARG A 142 7.70 15.66 -9.06
N ASP A 143 7.76 15.49 -7.74
CA ASP A 143 6.87 16.20 -6.83
C ASP A 143 6.96 15.59 -5.42
N PRO A 144 8.13 15.25 -4.94
CA PRO A 144 8.27 14.67 -3.58
C PRO A 144 8.01 15.72 -2.50
N GLU A 145 7.45 15.28 -1.39
CA GLU A 145 7.16 16.17 -0.27
C GLU A 145 7.27 15.39 1.04
N PHE A 146 6.39 14.40 1.21
CA PHE A 146 6.38 13.56 2.41
C PHE A 146 6.56 14.41 3.68
N GLU A 147 6.45 15.73 3.51
CA GLU A 147 6.62 16.67 4.60
C GLU A 147 5.61 16.46 5.72
N TRP A 148 4.47 15.85 5.39
CA TRP A 148 3.43 15.60 6.40
C TRP A 148 3.59 14.21 7.01
N LEU A 149 4.38 13.35 6.38
CA LEU A 149 4.60 12.00 6.92
C LEU A 149 5.29 12.08 8.27
N SER A 150 6.20 13.04 8.42
CA SER A 150 6.92 13.21 9.67
C SER A 150 5.95 13.13 10.85
N ARG A 151 4.69 13.44 10.57
CA ARG A 151 3.65 13.39 11.60
C ARG A 151 3.51 11.95 12.08
N HIS A 152 3.58 11.03 11.12
CA HIS A 152 3.47 9.62 11.41
C HIS A 152 4.77 9.11 12.01
N THR A 153 4.66 8.19 12.96
CA THR A 153 5.83 7.59 13.60
C THR A 153 5.67 6.08 13.61
N CYS A 154 4.51 5.65 13.16
CA CYS A 154 4.20 4.23 13.10
C CYS A 154 4.22 3.62 14.50
N ALA A 155 3.55 2.47 14.65
CA ALA A 155 3.50 1.80 15.94
C ALA A 155 2.95 2.73 17.02
N GLU A 156 3.23 2.40 18.28
CA GLU A 156 2.76 3.22 19.39
C GLU A 156 2.94 4.71 19.06
N PRO A 157 1.88 5.49 19.01
CA PRO A 157 2.01 6.95 18.68
C PRO A 157 3.08 7.64 19.53
N ASP A 158 3.11 7.34 20.81
CA ASP A 158 4.09 7.92 21.72
C ASP A 158 5.23 6.93 21.99
N ALA A 159 6.41 7.24 21.48
CA ALA A 159 7.56 6.37 21.66
C ALA A 159 7.91 6.22 23.14
N GLU A 160 7.87 7.33 23.86
CA GLU A 160 8.18 7.31 25.29
C GLU A 160 7.11 6.55 26.07
N SER A 161 5.86 6.70 25.66
CA SER A 161 4.76 6.02 26.33
C SER A 161 3.46 6.19 25.53
N GLY A 1 -19.83 -10.97 0.15
CA GLY A 1 -21.03 -11.56 0.81
C GLY A 1 -20.63 -12.81 1.58
N PRO A 2 -20.39 -13.89 0.88
CA PRO A 2 -19.98 -15.19 1.51
C PRO A 2 -18.60 -15.09 2.16
N LEU A 3 -17.81 -14.12 1.73
CA LEU A 3 -16.46 -13.96 2.28
C LEU A 3 -16.56 -13.50 3.74
N GLY A 4 -17.00 -12.26 3.95
CA GLY A 4 -17.14 -11.73 5.30
C GLY A 4 -15.79 -11.25 5.82
N SER A 5 -15.67 -11.14 7.13
CA SER A 5 -14.44 -10.68 7.75
C SER A 5 -14.19 -9.21 7.42
N MET A 6 -13.86 -8.43 8.45
CA MET A 6 -13.61 -7.01 8.27
C MET A 6 -12.68 -6.78 7.08
N ASP A 7 -13.04 -5.82 6.23
CA ASP A 7 -12.24 -5.51 5.06
C ASP A 7 -10.92 -4.90 5.46
N GLN A 8 -10.13 -4.51 4.47
CA GLN A 8 -8.83 -3.90 4.71
C GLN A 8 -8.99 -2.39 4.89
N SER A 9 -9.83 -1.79 4.06
CA SER A 9 -10.05 -0.35 4.12
C SER A 9 -10.39 0.08 5.54
N VAL A 10 -11.33 -0.62 6.16
CA VAL A 10 -11.72 -0.29 7.53
C VAL A 10 -10.54 -0.54 8.48
N ALA A 11 -9.93 -1.70 8.32
CA ALA A 11 -8.80 -2.09 9.17
C ALA A 11 -7.82 -0.94 9.34
N ILE A 12 -7.44 -0.30 8.23
CA ILE A 12 -6.50 0.80 8.31
C ILE A 12 -7.09 1.95 9.13
N GLN A 13 -8.30 2.35 8.76
CA GLN A 13 -8.96 3.47 9.45
C GLN A 13 -8.87 3.27 10.97
N GLU A 14 -9.17 2.07 11.46
CA GLU A 14 -9.10 1.80 12.89
C GLU A 14 -7.66 1.85 13.40
N THR A 15 -6.73 1.43 12.54
CA THR A 15 -5.31 1.41 12.88
C THR A 15 -4.59 2.64 12.34
N LEU A 16 -5.34 3.67 11.97
CA LEU A 16 -4.74 4.88 11.44
C LEU A 16 -4.10 5.69 12.57
N VAL A 17 -4.09 7.01 12.42
CA VAL A 17 -3.52 7.90 13.41
C VAL A 17 -4.31 9.21 13.46
N GLU A 18 -3.81 10.22 12.75
CA GLU A 18 -4.46 11.52 12.70
C GLU A 18 -5.73 11.46 11.85
N GLY A 19 -6.28 12.63 11.54
CA GLY A 19 -7.49 12.70 10.73
C GLY A 19 -7.15 12.48 9.26
N GLU A 20 -6.73 11.25 8.93
CA GLU A 20 -6.40 10.91 7.55
C GLU A 20 -7.54 10.17 6.87
N TYR A 21 -7.62 10.37 5.56
CA TYR A 21 -8.66 9.76 4.73
C TYR A 21 -8.15 8.51 4.06
N CYS A 22 -8.93 7.43 4.17
CA CYS A 22 -8.58 6.17 3.53
C CYS A 22 -9.31 6.12 2.19
N VAL A 23 -8.64 5.66 1.15
CA VAL A 23 -9.25 5.60 -0.19
C VAL A 23 -9.45 4.16 -0.64
N ILE A 24 -8.43 3.33 -0.46
CA ILE A 24 -8.49 1.94 -0.86
C ILE A 24 -7.23 1.20 -0.41
N ALA A 25 -7.39 0.35 0.61
CA ALA A 25 -6.27 -0.42 1.15
C ALA A 25 -6.51 -1.91 0.95
N VAL A 26 -5.58 -2.58 0.27
CA VAL A 26 -5.71 -4.00 0.00
C VAL A 26 -4.64 -4.76 0.76
N GLN A 27 -4.39 -6.00 0.36
CA GLN A 27 -3.38 -6.82 1.00
C GLN A 27 -2.62 -7.63 -0.03
N GLY A 28 -1.37 -7.96 0.28
CA GLY A 28 -0.55 -8.72 -0.65
C GLY A 28 0.44 -9.59 0.12
N VAL A 29 1.00 -10.57 -0.57
CA VAL A 29 1.96 -11.48 0.04
C VAL A 29 3.37 -11.06 -0.37
N LEU A 30 4.36 -11.60 0.32
CA LEU A 30 5.75 -11.32 -0.01
C LEU A 30 6.50 -12.65 0.09
N CYS A 31 7.04 -13.15 -1.03
CA CYS A 31 7.73 -14.42 -1.00
C CYS A 31 9.24 -14.23 -0.93
N LYS A 32 9.86 -14.82 0.09
CA LYS A 32 11.30 -14.76 0.27
C LYS A 32 11.83 -16.18 0.29
N GLY A 33 12.73 -16.50 -0.65
CA GLY A 33 13.31 -17.85 -0.75
C GLY A 33 13.16 -18.65 0.53
N ASP A 34 12.20 -19.57 0.54
CA ASP A 34 11.96 -20.40 1.71
C ASP A 34 11.71 -19.52 2.95
N SER A 35 10.69 -18.67 2.86
CA SER A 35 10.33 -17.77 3.95
C SER A 35 9.27 -16.78 3.48
N ARG A 36 8.04 -17.26 3.33
CA ARG A 36 6.96 -16.40 2.87
C ARG A 36 6.44 -15.53 4.00
N GLN A 37 6.29 -14.23 3.73
CA GLN A 37 5.84 -13.28 4.74
C GLN A 37 4.67 -12.43 4.24
N SER A 38 3.51 -12.64 4.84
CA SER A 38 2.33 -11.89 4.45
C SER A 38 2.42 -10.44 4.95
N ARG A 39 2.07 -9.49 4.08
CA ARG A 39 2.13 -8.06 4.43
C ARG A 39 0.82 -7.36 4.04
N LEU A 40 0.53 -6.28 4.77
CA LEU A 40 -0.69 -5.48 4.52
C LEU A 40 -0.31 -4.05 4.18
N LEU A 41 -0.80 -3.52 3.04
CA LEU A 41 -0.45 -2.16 2.64
C LEU A 41 -1.59 -1.51 1.88
N GLY A 42 -1.74 -0.20 2.02
CA GLY A 42 -2.79 0.50 1.31
C GLY A 42 -2.32 1.84 0.78
N LEU A 43 -3.28 2.73 0.54
CA LEU A 43 -2.99 4.07 0.03
C LEU A 43 -3.80 5.10 0.81
N VAL A 44 -3.16 6.21 1.18
CA VAL A 44 -3.83 7.26 1.94
C VAL A 44 -3.75 8.61 1.22
N ARG A 45 -4.89 9.26 1.08
CA ARG A 45 -4.95 10.57 0.42
C ARG A 45 -5.24 11.63 1.48
N TYR A 46 -4.37 12.63 1.57
CA TYR A 46 -4.53 13.70 2.55
C TYR A 46 -4.75 15.04 1.82
N ARG A 47 -5.83 15.73 2.18
CA ARG A 47 -6.17 17.01 1.54
C ARG A 47 -5.62 18.18 2.33
N LEU A 48 -5.24 19.24 1.61
CA LEU A 48 -4.70 20.45 2.23
C LEU A 48 -5.65 21.63 2.03
N GLU A 49 -5.67 22.54 2.98
CA GLU A 49 -6.52 23.71 2.92
C GLU A 49 -5.90 24.76 2.00
N ASN A 50 -4.69 24.48 1.53
CA ASN A 50 -3.98 25.40 0.64
C ASN A 50 -4.00 24.89 -0.80
N ASP A 51 -4.64 23.74 -1.00
CA ASP A 51 -4.70 23.13 -2.34
C ASP A 51 -3.39 22.39 -2.63
N ALA A 52 -3.20 21.27 -1.97
CA ALA A 52 -2.00 20.46 -2.16
C ALA A 52 -2.24 19.05 -1.69
N GLN A 53 -2.41 18.13 -2.62
CA GLN A 53 -2.65 16.73 -2.29
C GLN A 53 -1.36 16.01 -1.96
N GLU A 54 -1.39 15.18 -0.92
CA GLU A 54 -0.23 14.41 -0.50
C GLU A 54 -0.61 12.94 -0.38
N HIS A 55 0.15 12.07 -1.05
CA HIS A 55 -0.13 10.63 -1.03
C HIS A 55 1.10 9.84 -0.57
N ALA A 56 0.85 8.72 0.09
CA ALA A 56 1.93 7.85 0.57
C ALA A 56 1.43 6.41 0.68
N LEU A 57 2.31 5.46 0.44
CA LEU A 57 1.94 4.04 0.51
C LEU A 57 2.38 3.47 1.85
N PHE A 58 1.42 3.35 2.75
CA PHE A 58 1.68 2.86 4.09
C PHE A 58 1.82 1.34 4.09
N LEU A 59 2.68 0.83 4.97
CA LEU A 59 2.90 -0.61 5.10
C LEU A 59 2.48 -1.06 6.49
N TYR A 60 1.56 -2.01 6.53
CA TYR A 60 1.06 -2.54 7.81
C TYR A 60 1.44 -4.00 7.95
N THR A 61 1.98 -4.37 9.10
CA THR A 61 2.35 -5.77 9.32
C THR A 61 1.12 -6.52 9.81
N HIS A 62 1.16 -7.83 9.68
CA HIS A 62 0.05 -8.65 10.11
C HIS A 62 0.43 -10.12 10.12
N ARG A 63 -0.36 -10.92 10.81
CA ARG A 63 -0.09 -12.35 10.91
C ARG A 63 -0.73 -13.09 9.73
N ARG A 64 -0.90 -14.39 9.90
CA ARG A 64 -1.49 -15.22 8.86
C ARG A 64 -2.94 -14.82 8.58
N MET A 65 -3.70 -14.55 9.64
CA MET A 65 -5.11 -14.16 9.50
C MET A 65 -5.48 -13.08 10.50
N ALA A 66 -4.48 -12.30 10.91
CA ALA A 66 -4.70 -11.22 11.88
C ALA A 66 -4.95 -9.89 11.17
N ILE A 67 -5.45 -9.99 9.95
CA ILE A 67 -5.75 -8.82 9.14
C ILE A 67 -6.93 -8.02 9.70
N THR A 68 -7.78 -8.73 10.43
CA THR A 68 -9.00 -8.17 11.01
C THR A 68 -8.85 -6.68 11.39
N GLY A 69 -7.64 -6.25 11.70
CA GLY A 69 -7.40 -4.85 12.09
C GLY A 69 -6.93 -4.82 13.55
N ASP A 70 -7.13 -5.96 14.20
CA ASP A 70 -6.80 -6.13 15.62
C ASP A 70 -5.31 -6.03 15.90
N ASP A 71 -4.46 -6.75 15.14
CA ASP A 71 -3.01 -6.76 15.40
C ASP A 71 -2.20 -6.20 14.23
N VAL A 72 -2.72 -5.19 13.54
CA VAL A 72 -1.99 -4.60 12.40
C VAL A 72 -1.93 -3.08 12.52
N SER A 73 -0.71 -2.54 12.59
CA SER A 73 -0.51 -1.10 12.69
C SER A 73 0.77 -0.71 11.95
N LEU A 74 0.99 0.59 11.78
CA LEU A 74 2.14 1.07 11.02
C LEU A 74 3.41 0.27 11.30
N ASP A 75 3.96 -0.28 10.22
CA ASP A 75 5.19 -1.08 10.26
C ASP A 75 6.29 -0.41 9.45
N GLN A 76 5.92 0.42 8.48
CA GLN A 76 6.91 1.11 7.66
C GLN A 76 6.27 2.32 6.98
N ILE A 77 6.98 2.94 6.04
CA ILE A 77 6.48 4.09 5.29
C ILE A 77 7.16 4.17 3.92
N VAL A 78 6.38 3.95 2.85
CA VAL A 78 6.91 4.00 1.48
C VAL A 78 6.20 5.12 0.72
N PRO A 79 6.68 6.34 0.83
CA PRO A 79 6.04 7.51 0.17
C PRO A 79 6.42 7.65 -1.30
N LEU A 80 5.47 8.11 -2.10
CA LEU A 80 5.72 8.27 -3.52
C LEU A 80 6.76 9.35 -3.80
N SER A 81 7.78 8.95 -4.55
CA SER A 81 8.90 9.84 -4.91
C SER A 81 9.17 9.78 -6.41
N LYS A 82 9.92 10.74 -6.92
CA LYS A 82 10.20 10.78 -8.35
C LYS A 82 10.86 9.48 -8.80
N ASP A 83 11.82 8.99 -8.03
CA ASP A 83 12.52 7.76 -8.40
C ASP A 83 11.58 6.56 -8.28
N PHE A 84 10.35 6.81 -7.85
CA PHE A 84 9.36 5.76 -7.72
C PHE A 84 8.88 5.32 -9.10
N MET A 85 8.64 4.04 -9.27
CA MET A 85 8.17 3.52 -10.54
C MET A 85 7.66 2.10 -10.37
N LEU A 86 6.46 1.82 -10.89
CA LEU A 86 5.89 0.49 -10.80
C LEU A 86 6.24 -0.29 -12.06
N GLU A 87 6.80 -1.48 -11.91
CA GLU A 87 7.18 -2.30 -13.08
C GLU A 87 6.47 -3.65 -13.05
N GLU A 88 5.77 -3.94 -14.12
CA GLU A 88 5.08 -5.22 -14.24
C GLU A 88 6.10 -6.34 -14.38
N VAL A 89 5.79 -7.51 -13.85
CA VAL A 89 6.70 -8.65 -13.95
C VAL A 89 6.25 -9.58 -15.08
N SER A 90 7.23 -10.23 -15.72
CA SER A 90 6.94 -11.15 -16.83
C SER A 90 5.61 -11.89 -16.59
N PRO A 91 4.63 -11.76 -17.46
CA PRO A 91 3.31 -12.44 -17.28
C PRO A 91 3.38 -13.94 -17.58
N ASP A 92 3.78 -14.27 -18.80
CA ASP A 92 3.88 -15.67 -19.25
C ASP A 92 2.53 -16.12 -19.81
N GLY A 93 1.59 -15.17 -19.89
CA GLY A 93 0.26 -15.45 -20.40
C GLY A 93 0.20 -15.20 -21.91
N GLU A 94 -0.95 -15.47 -22.52
CA GLU A 94 -1.13 -15.26 -23.96
C GLU A 94 -2.43 -14.52 -24.25
N LEU A 95 -3.41 -14.63 -23.34
CA LEU A 95 -4.70 -13.96 -23.50
C LEU A 95 -4.93 -12.96 -22.37
N TYR A 96 -4.21 -13.14 -21.26
CA TYR A 96 -4.36 -12.25 -20.11
C TYR A 96 -3.06 -12.18 -19.30
N ILE A 97 -2.79 -10.99 -18.78
CA ILE A 97 -1.58 -10.75 -18.00
C ILE A 97 -1.64 -11.47 -16.65
N LEU A 98 -2.29 -10.85 -15.67
CA LEU A 98 -2.39 -11.45 -14.35
C LEU A 98 -3.15 -12.76 -14.45
N GLY A 99 -4.41 -12.65 -14.85
CA GLY A 99 -5.26 -13.83 -14.98
C GLY A 99 -5.13 -14.73 -13.75
N SER A 100 -5.74 -14.30 -12.64
CA SER A 100 -5.67 -15.07 -11.41
C SER A 100 -4.24 -15.13 -10.88
N ASP A 101 -3.71 -13.96 -10.52
CA ASP A 101 -2.34 -13.83 -9.99
C ASP A 101 -1.82 -12.43 -10.30
N VAL A 102 -2.07 -11.48 -9.40
CA VAL A 102 -1.59 -10.12 -9.61
C VAL A 102 -0.13 -10.01 -9.22
N THR A 103 0.71 -9.56 -10.15
CA THR A 103 2.14 -9.40 -9.87
C THR A 103 2.56 -7.95 -10.05
N VAL A 104 2.96 -7.35 -8.94
CA VAL A 104 3.41 -5.96 -8.93
C VAL A 104 4.78 -5.87 -8.25
N GLN A 105 5.72 -5.20 -8.91
CA GLN A 105 7.07 -5.05 -8.38
C GLN A 105 7.40 -3.57 -8.20
N LEU A 106 7.56 -3.14 -6.93
CA LEU A 106 7.85 -1.73 -6.65
C LEU A 106 9.35 -1.45 -6.77
N ASN A 107 9.72 -0.69 -7.80
CA ASN A 107 11.12 -0.37 -8.05
C ASN A 107 11.53 1.02 -7.56
N THR A 108 11.49 1.24 -6.24
CA THR A 108 11.87 2.54 -5.69
C THR A 108 13.40 2.66 -5.60
N ALA A 109 13.87 3.86 -5.29
CA ALA A 109 15.31 4.11 -5.20
C ALA A 109 15.99 3.21 -4.17
N GLU A 110 15.33 2.96 -3.04
CA GLU A 110 15.90 2.11 -1.99
C GLU A 110 14.92 1.04 -1.54
N LEU A 111 13.92 0.77 -2.37
CA LEU A 111 12.92 -0.25 -2.04
C LEU A 111 12.65 -1.11 -3.26
N LYS A 112 12.79 -2.41 -3.08
CA LYS A 112 12.53 -3.37 -4.15
C LYS A 112 11.93 -4.64 -3.59
N LEU A 113 10.65 -4.86 -3.88
CA LEU A 113 9.95 -6.06 -3.39
C LEU A 113 8.91 -6.53 -4.40
N VAL A 114 8.41 -7.74 -4.19
CA VAL A 114 7.38 -8.33 -5.06
C VAL A 114 6.14 -8.70 -4.25
N PHE A 115 4.98 -8.18 -4.67
CA PHE A 115 3.71 -8.46 -3.98
C PHE A 115 2.73 -9.22 -4.88
N GLN A 116 2.08 -10.22 -4.29
CA GLN A 116 1.09 -11.04 -5.02
C GLN A 116 -0.31 -10.75 -4.48
N LEU A 117 -0.97 -9.76 -5.08
CA LEU A 117 -2.32 -9.40 -4.67
C LEU A 117 -3.35 -10.33 -5.34
N PRO A 118 -4.54 -10.48 -4.78
CA PRO A 118 -5.58 -11.37 -5.37
C PRO A 118 -6.30 -10.68 -6.52
N PHE A 119 -6.33 -11.34 -7.67
CA PHE A 119 -6.95 -10.81 -8.89
C PHE A 119 -8.41 -10.44 -8.68
N GLY A 120 -8.81 -9.32 -9.30
CA GLY A 120 -10.18 -8.84 -9.21
C GLY A 120 -10.24 -7.33 -9.39
N SER A 121 -11.46 -6.81 -9.50
CA SER A 121 -11.65 -5.39 -9.64
C SER A 121 -11.17 -4.69 -8.36
N HIS A 122 -11.06 -5.49 -7.30
CA HIS A 122 -10.62 -4.97 -6.02
C HIS A 122 -9.16 -4.50 -6.10
N THR A 123 -8.31 -5.32 -6.73
CA THR A 123 -6.89 -4.96 -6.86
C THR A 123 -6.69 -3.89 -7.93
N ARG A 124 -7.38 -4.05 -9.05
CA ARG A 124 -7.24 -3.11 -10.16
C ARG A 124 -7.56 -1.69 -9.73
N THR A 125 -8.53 -1.55 -8.83
CA THR A 125 -8.91 -0.24 -8.35
C THR A 125 -7.71 0.45 -7.68
N PHE A 126 -6.98 -0.32 -6.88
CA PHE A 126 -5.82 0.23 -6.19
C PHE A 126 -4.82 0.82 -7.18
N LEU A 127 -4.46 0.05 -8.21
CA LEU A 127 -3.47 0.50 -9.20
C LEU A 127 -3.81 1.87 -9.77
N GLN A 128 -5.06 2.05 -10.16
CA GLN A 128 -5.49 3.31 -10.75
C GLN A 128 -5.37 4.48 -9.79
N GLU A 129 -5.72 4.25 -8.52
CA GLU A 129 -5.65 5.32 -7.53
C GLU A 129 -4.21 5.79 -7.34
N VAL A 130 -3.27 4.86 -7.37
CA VAL A 130 -1.86 5.22 -7.19
C VAL A 130 -1.41 6.14 -8.33
N ALA A 131 -1.74 5.76 -9.55
CA ALA A 131 -1.34 6.52 -10.74
C ALA A 131 -1.72 7.99 -10.62
N ARG A 132 -2.91 8.26 -10.11
CA ARG A 132 -3.36 9.65 -9.96
C ARG A 132 -2.71 10.30 -8.73
N ALA A 133 -2.19 9.47 -7.83
CA ALA A 133 -1.55 9.96 -6.62
C ALA A 133 -0.37 10.87 -6.92
N CYS A 134 0.18 10.78 -8.14
CA CYS A 134 1.31 11.64 -8.52
C CYS A 134 2.04 11.11 -9.77
N PRO A 135 2.28 9.82 -9.85
CA PRO A 135 3.01 9.23 -11.01
C PRO A 135 2.43 9.66 -12.36
N GLY A 136 1.10 9.60 -12.47
CA GLY A 136 0.38 9.99 -13.70
C GLY A 136 1.24 10.83 -14.64
N PHE A 137 2.11 10.15 -15.42
CA PHE A 137 3.03 10.78 -16.37
C PHE A 137 2.79 12.29 -16.50
N ASP A 138 3.23 13.02 -15.49
CA ASP A 138 3.08 14.48 -15.46
C ASP A 138 4.41 15.14 -15.85
N PRO A 139 4.41 16.41 -16.17
CA PRO A 139 5.67 17.13 -16.56
C PRO A 139 6.79 16.97 -15.54
N GLU A 140 6.47 17.10 -14.25
CA GLU A 140 7.48 16.97 -13.18
C GLU A 140 6.94 16.11 -12.04
N THR A 141 6.05 15.19 -12.36
CA THR A 141 5.45 14.31 -11.36
C THR A 141 5.17 15.05 -10.06
N ARG A 142 5.06 16.38 -10.14
CA ARG A 142 4.78 17.21 -8.97
C ARG A 142 6.05 17.49 -8.17
N ASP A 143 5.90 17.56 -6.85
CA ASP A 143 7.02 17.84 -5.96
C ASP A 143 6.72 17.34 -4.54
N PRO A 144 7.09 16.12 -4.21
CA PRO A 144 6.83 15.55 -2.85
C PRO A 144 7.35 16.48 -1.74
N GLU A 145 7.55 15.90 -0.56
CA GLU A 145 8.06 16.65 0.58
C GLU A 145 8.23 15.73 1.79
N PHE A 146 7.30 14.79 1.95
CA PHE A 146 7.36 13.85 3.07
C PHE A 146 7.42 14.60 4.39
N GLU A 147 7.29 15.91 4.30
CA GLU A 147 7.35 16.77 5.49
C GLU A 147 6.18 16.52 6.44
N TRP A 148 5.00 16.30 5.89
CA TRP A 148 3.82 16.08 6.73
C TRP A 148 3.86 14.70 7.36
N LEU A 149 4.59 13.78 6.75
CA LEU A 149 4.69 12.44 7.29
C LEU A 149 5.43 12.46 8.62
N SER A 150 6.39 13.36 8.76
CA SER A 150 7.16 13.47 10.01
C SER A 150 6.21 13.47 11.20
N ARG A 151 4.97 13.89 10.99
CA ARG A 151 4.00 13.90 12.09
C ARG A 151 3.85 12.49 12.62
N HIS A 152 3.88 11.53 11.70
CA HIS A 152 3.76 10.13 12.06
C HIS A 152 5.05 9.64 12.71
N THR A 153 4.91 8.78 13.70
CA THR A 153 6.07 8.21 14.40
C THR A 153 6.05 6.69 14.25
N CYS A 154 5.00 6.22 13.59
CA CYS A 154 4.82 4.79 13.34
C CYS A 154 4.84 4.01 14.64
N ALA A 155 4.16 2.88 14.66
CA ALA A 155 4.11 2.05 15.85
C ALA A 155 5.52 1.64 16.26
N GLU A 156 5.63 0.94 17.39
CA GLU A 156 6.92 0.49 17.90
C GLU A 156 6.81 -0.93 18.45
N PRO A 157 7.20 -1.94 17.72
CA PRO A 157 7.11 -3.35 18.19
C PRO A 157 7.69 -3.53 19.59
N ASP A 158 7.48 -4.72 20.15
CA ASP A 158 7.96 -5.04 21.49
C ASP A 158 8.48 -6.47 21.54
N ALA A 159 9.51 -6.75 20.76
CA ALA A 159 10.09 -8.09 20.71
C ALA A 159 10.66 -8.47 22.08
N GLU A 160 11.23 -7.49 22.77
CA GLU A 160 11.82 -7.73 24.08
C GLU A 160 10.74 -8.19 25.07
N SER A 161 9.56 -7.60 24.97
CA SER A 161 8.46 -7.95 25.87
C SER A 161 8.91 -7.88 27.32
N GLY A 1 -23.08 -10.77 9.50
CA GLY A 1 -23.83 -9.78 8.68
C GLY A 1 -23.24 -9.72 7.28
N PRO A 2 -22.06 -9.18 7.15
CA PRO A 2 -21.36 -9.06 5.84
C PRO A 2 -21.04 -10.43 5.24
N LEU A 3 -21.13 -10.53 3.92
CA LEU A 3 -20.84 -11.79 3.23
C LEU A 3 -19.38 -12.19 3.45
N GLY A 4 -18.49 -11.19 3.42
CA GLY A 4 -17.06 -11.44 3.61
C GLY A 4 -16.49 -10.50 4.67
N SER A 5 -15.93 -11.08 5.72
CA SER A 5 -15.34 -10.28 6.80
C SER A 5 -14.01 -9.68 6.35
N MET A 6 -12.93 -10.02 7.06
CA MET A 6 -11.61 -9.49 6.71
C MET A 6 -11.63 -7.97 6.72
N ASP A 7 -12.13 -7.38 5.63
CA ASP A 7 -12.21 -5.94 5.51
C ASP A 7 -10.86 -5.30 5.78
N GLN A 8 -10.02 -5.25 4.76
CA GLN A 8 -8.70 -4.65 4.88
C GLN A 8 -8.81 -3.15 5.11
N SER A 9 -9.60 -2.50 4.26
CA SER A 9 -9.77 -1.04 4.35
C SER A 9 -10.17 -0.62 5.76
N VAL A 10 -11.07 -1.37 6.38
CA VAL A 10 -11.52 -1.03 7.72
C VAL A 10 -10.33 -1.09 8.69
N ALA A 11 -9.57 -2.17 8.61
CA ALA A 11 -8.43 -2.36 9.49
C ALA A 11 -7.58 -1.09 9.55
N ILE A 12 -7.31 -0.48 8.40
CA ILE A 12 -6.51 0.72 8.38
C ILE A 12 -7.17 1.84 9.19
N GLN A 13 -8.43 2.11 8.84
CA GLN A 13 -9.17 3.17 9.52
C GLN A 13 -9.09 3.01 11.04
N GLU A 14 -9.33 1.81 11.52
CA GLU A 14 -9.28 1.54 12.95
C GLU A 14 -7.84 1.66 13.46
N THR A 15 -6.88 1.53 12.55
CA THR A 15 -5.45 1.59 12.91
C THR A 15 -4.80 2.87 12.40
N LEU A 16 -5.62 3.86 12.03
CA LEU A 16 -5.08 5.13 11.53
C LEU A 16 -5.09 6.17 12.64
N VAL A 17 -5.70 7.32 12.36
CA VAL A 17 -5.80 8.40 13.33
C VAL A 17 -6.92 9.34 12.93
N GLU A 18 -7.69 9.81 13.90
CA GLU A 18 -8.80 10.70 13.62
C GLU A 18 -8.37 12.03 13.04
N GLY A 19 -8.63 12.24 11.75
CA GLY A 19 -8.26 13.48 11.08
C GLY A 19 -7.71 13.25 9.68
N GLU A 20 -7.76 12.00 9.21
CA GLU A 20 -7.25 11.67 7.87
C GLU A 20 -8.31 10.99 7.02
N TYR A 21 -7.89 10.54 5.84
CA TYR A 21 -8.81 9.90 4.89
C TYR A 21 -8.22 8.63 4.32
N CYS A 22 -8.95 7.53 4.46
CA CYS A 22 -8.52 6.26 3.90
C CYS A 22 -9.17 6.12 2.53
N VAL A 23 -8.46 5.53 1.58
CA VAL A 23 -8.98 5.37 0.22
C VAL A 23 -9.19 3.90 -0.12
N ILE A 24 -8.19 3.07 0.17
CA ILE A 24 -8.27 1.65 -0.14
C ILE A 24 -7.14 0.88 0.54
N ALA A 25 -7.27 -0.45 0.54
CA ALA A 25 -6.26 -1.31 1.14
C ALA A 25 -6.49 -2.74 0.70
N VAL A 26 -5.56 -3.26 -0.10
CA VAL A 26 -5.66 -4.62 -0.60
C VAL A 26 -4.46 -5.43 -0.15
N GLN A 27 -4.71 -6.42 0.70
CA GLN A 27 -3.64 -7.24 1.23
C GLN A 27 -2.91 -7.95 0.11
N GLY A 28 -1.63 -8.25 0.36
CA GLY A 28 -0.81 -8.93 -0.64
C GLY A 28 0.17 -9.88 0.04
N VAL A 29 0.81 -10.71 -0.78
CA VAL A 29 1.79 -11.66 -0.31
C VAL A 29 3.17 -11.23 -0.76
N LEU A 30 4.18 -11.84 -0.18
CA LEU A 30 5.57 -11.56 -0.56
C LEU A 30 6.31 -12.89 -0.48
N CYS A 31 6.86 -13.35 -1.60
CA CYS A 31 7.56 -14.62 -1.64
C CYS A 31 9.06 -14.43 -1.64
N LYS A 32 9.74 -15.20 -0.80
CA LYS A 32 11.20 -15.19 -0.73
C LYS A 32 11.70 -16.62 -0.89
N GLY A 33 11.84 -17.02 -2.15
CA GLY A 33 12.31 -18.37 -2.47
C GLY A 33 11.76 -19.40 -1.47
N ASP A 34 10.48 -19.75 -1.64
CA ASP A 34 9.83 -20.73 -0.76
C ASP A 34 9.33 -20.05 0.54
N SER A 35 10.22 -19.30 1.18
CA SER A 35 9.87 -18.60 2.41
C SER A 35 8.78 -17.58 2.12
N ARG A 36 7.52 -18.00 2.20
CA ARG A 36 6.40 -17.11 1.92
C ARG A 36 6.07 -16.23 3.13
N GLN A 37 5.70 -14.99 2.86
CA GLN A 37 5.35 -14.03 3.90
C GLN A 37 4.05 -13.32 3.55
N SER A 38 3.31 -12.94 4.58
CA SER A 38 2.03 -12.24 4.39
C SER A 38 2.15 -10.80 4.85
N ARG A 39 1.86 -9.87 3.93
CA ARG A 39 1.94 -8.44 4.23
C ARG A 39 0.65 -7.76 3.83
N LEU A 40 0.34 -6.67 4.54
CA LEU A 40 -0.88 -5.91 4.28
C LEU A 40 -0.52 -4.49 3.83
N LEU A 41 -0.98 -4.11 2.62
CA LEU A 41 -0.67 -2.79 2.08
C LEU A 41 -1.84 -1.83 2.30
N GLY A 42 -1.57 -0.53 2.11
CA GLY A 42 -2.60 0.48 2.28
C GLY A 42 -2.19 1.79 1.61
N LEU A 43 -3.18 2.54 1.12
CA LEU A 43 -2.93 3.84 0.48
C LEU A 43 -3.73 4.91 1.21
N VAL A 44 -3.04 5.99 1.61
CA VAL A 44 -3.70 7.07 2.35
C VAL A 44 -3.50 8.42 1.67
N ARG A 45 -4.61 9.12 1.45
CA ARG A 45 -4.58 10.45 0.85
C ARG A 45 -4.96 11.48 1.91
N TYR A 46 -4.15 12.51 2.04
CA TYR A 46 -4.39 13.56 3.03
C TYR A 46 -4.13 14.93 2.41
N ARG A 47 -5.01 15.89 2.68
CA ARG A 47 -4.86 17.24 2.12
C ARG A 47 -3.97 18.10 3.01
N LEU A 48 -3.24 19.04 2.38
CA LEU A 48 -2.36 19.94 3.11
C LEU A 48 -3.04 21.29 3.33
N GLU A 49 -2.84 21.85 4.52
CA GLU A 49 -3.43 23.14 4.85
C GLU A 49 -3.08 24.19 3.79
N ASN A 50 -2.07 23.88 2.99
CA ASN A 50 -1.63 24.80 1.94
C ASN A 50 -2.58 24.72 0.75
N ASP A 51 -3.52 23.79 0.81
CA ASP A 51 -4.48 23.56 -0.28
C ASP A 51 -3.87 22.62 -1.30
N ALA A 52 -2.71 22.08 -0.94
CA ALA A 52 -1.97 21.16 -1.82
C ALA A 52 -2.28 19.71 -1.46
N GLN A 53 -2.38 18.87 -2.49
CA GLN A 53 -2.68 17.45 -2.32
C GLN A 53 -1.41 16.62 -2.29
N GLU A 54 -1.44 15.49 -1.58
CA GLU A 54 -0.29 14.61 -1.51
C GLU A 54 -0.73 13.20 -1.12
N HIS A 55 0.12 12.22 -1.40
CA HIS A 55 -0.20 10.81 -1.10
C HIS A 55 1.05 10.06 -0.66
N ALA A 56 0.84 8.87 -0.10
CA ALA A 56 1.94 8.03 0.35
C ALA A 56 1.48 6.57 0.42
N LEU A 57 2.40 5.65 0.18
CA LEU A 57 2.08 4.21 0.21
C LEU A 57 2.46 3.61 1.56
N PHE A 58 1.48 3.50 2.43
CA PHE A 58 1.69 2.97 3.77
C PHE A 58 1.83 1.46 3.74
N LEU A 59 2.67 0.95 4.65
CA LEU A 59 2.88 -0.49 4.78
C LEU A 59 2.39 -0.92 6.16
N TYR A 60 1.48 -1.88 6.16
CA TYR A 60 0.91 -2.40 7.39
C TYR A 60 1.25 -3.88 7.53
N THR A 61 1.70 -4.30 8.71
CA THR A 61 2.01 -5.71 8.90
C THR A 61 0.79 -6.38 9.48
N HIS A 62 0.77 -7.69 9.47
CA HIS A 62 -0.37 -8.43 10.02
C HIS A 62 0.06 -9.83 10.40
N ARG A 63 -0.73 -10.46 11.26
CA ARG A 63 -0.42 -11.81 11.71
C ARG A 63 -0.94 -12.83 10.72
N ARG A 64 -1.01 -14.07 11.16
CA ARG A 64 -1.51 -15.13 10.33
C ARG A 64 -2.96 -14.89 9.98
N MET A 65 -3.72 -14.31 10.92
CA MET A 65 -5.13 -14.05 10.68
C MET A 65 -5.61 -12.88 11.55
N ALA A 66 -4.78 -11.87 11.70
CA ALA A 66 -5.12 -10.72 12.53
C ALA A 66 -6.56 -10.30 12.30
N ILE A 67 -6.80 -9.47 11.29
CA ILE A 67 -8.14 -9.01 10.95
C ILE A 67 -8.75 -8.22 12.12
N THR A 68 -8.52 -8.73 13.32
CA THR A 68 -9.04 -8.17 14.56
C THR A 68 -9.37 -6.68 14.46
N GLY A 69 -8.42 -5.87 14.03
CA GLY A 69 -8.65 -4.43 13.93
C GLY A 69 -7.45 -3.67 14.46
N ASP A 70 -6.65 -4.35 15.29
CA ASP A 70 -5.45 -3.75 15.86
C ASP A 70 -4.19 -4.40 15.30
N ASP A 71 -3.99 -5.70 15.59
CA ASP A 71 -2.79 -6.43 15.18
C ASP A 71 -2.14 -5.82 13.97
N VAL A 72 -2.96 -5.31 13.08
CA VAL A 72 -2.44 -4.70 11.87
C VAL A 72 -2.26 -3.20 12.07
N SER A 73 -1.00 -2.77 12.19
CA SER A 73 -0.68 -1.37 12.37
C SER A 73 0.58 -1.05 11.54
N LEU A 74 0.84 0.23 11.31
CA LEU A 74 1.96 0.62 10.46
C LEU A 74 3.23 -0.18 10.71
N ASP A 75 3.81 -0.65 9.60
CA ASP A 75 5.05 -1.43 9.61
C ASP A 75 6.18 -0.67 8.93
N GLN A 76 5.83 0.25 8.02
CA GLN A 76 6.85 1.04 7.32
C GLN A 76 6.20 2.26 6.65
N ILE A 77 6.92 2.87 5.71
CA ILE A 77 6.43 4.04 4.98
C ILE A 77 7.17 4.14 3.64
N VAL A 78 6.40 4.33 2.56
CA VAL A 78 6.97 4.46 1.22
C VAL A 78 6.27 5.63 0.51
N PRO A 79 6.83 6.83 0.55
CA PRO A 79 6.20 8.02 -0.08
C PRO A 79 6.52 8.12 -1.56
N LEU A 80 5.50 8.44 -2.34
CA LEU A 80 5.66 8.56 -3.78
C LEU A 80 6.59 9.72 -4.13
N SER A 81 7.59 9.40 -4.94
CA SER A 81 8.57 10.38 -5.38
C SER A 81 9.10 10.00 -6.76
N LYS A 82 9.96 10.85 -7.32
CA LYS A 82 10.49 10.59 -8.65
C LYS A 82 11.08 9.18 -8.73
N ASP A 83 11.88 8.82 -7.73
CA ASP A 83 12.50 7.50 -7.72
C ASP A 83 11.42 6.41 -7.72
N PHE A 84 10.30 6.70 -7.07
CA PHE A 84 9.19 5.74 -7.02
C PHE A 84 8.75 5.40 -8.43
N MET A 85 8.54 4.12 -8.68
CA MET A 85 8.08 3.65 -9.99
C MET A 85 7.62 2.20 -9.91
N LEU A 86 6.47 1.90 -10.50
CA LEU A 86 5.95 0.54 -10.49
C LEU A 86 6.45 -0.20 -11.73
N GLU A 87 7.21 -1.28 -11.52
CA GLU A 87 7.75 -2.05 -12.64
C GLU A 87 7.06 -3.40 -12.74
N GLU A 88 6.40 -3.63 -13.86
CA GLU A 88 5.74 -4.90 -14.09
C GLU A 88 6.78 -5.99 -14.26
N VAL A 89 6.47 -7.21 -13.81
CA VAL A 89 7.40 -8.33 -13.96
C VAL A 89 6.98 -9.22 -15.13
N SER A 90 7.96 -9.62 -15.92
CA SER A 90 7.70 -10.47 -17.09
C SER A 90 6.61 -11.52 -16.78
N PRO A 91 5.48 -11.50 -17.47
CA PRO A 91 4.38 -12.47 -17.20
C PRO A 91 4.69 -13.86 -17.78
N ASP A 92 4.91 -13.91 -19.09
CA ASP A 92 5.17 -15.18 -19.77
C ASP A 92 3.98 -16.11 -19.62
N GLY A 93 2.78 -15.52 -19.62
CA GLY A 93 1.53 -16.29 -19.49
C GLY A 93 0.74 -16.26 -20.79
N GLU A 94 0.26 -17.44 -21.22
CA GLU A 94 -0.52 -17.55 -22.46
C GLU A 94 -1.74 -18.44 -22.25
N LEU A 95 -2.45 -18.22 -21.15
CA LEU A 95 -3.66 -18.98 -20.84
C LEU A 95 -4.32 -18.45 -19.58
N TYR A 96 -3.89 -18.99 -18.43
CA TYR A 96 -4.46 -18.59 -17.15
C TYR A 96 -4.57 -17.07 -17.09
N ILE A 97 -3.44 -16.40 -17.26
CA ILE A 97 -3.37 -14.93 -17.24
C ILE A 97 -3.68 -14.39 -15.86
N LEU A 98 -2.64 -14.30 -15.05
CA LEU A 98 -2.76 -13.79 -13.70
C LEU A 98 -3.78 -14.61 -12.89
N GLY A 99 -5.01 -14.60 -13.36
CA GLY A 99 -6.07 -15.35 -12.70
C GLY A 99 -6.35 -14.78 -11.31
N SER A 100 -5.43 -15.05 -10.39
CA SER A 100 -5.56 -14.56 -9.02
C SER A 100 -4.18 -14.45 -8.40
N ASP A 101 -3.26 -13.87 -9.15
CA ASP A 101 -1.87 -13.69 -8.69
C ASP A 101 -1.24 -12.50 -9.43
N VAL A 102 -1.66 -11.29 -9.08
CA VAL A 102 -1.12 -10.09 -9.72
C VAL A 102 0.34 -9.93 -9.38
N THR A 103 1.17 -9.60 -10.37
CA THR A 103 2.60 -9.42 -10.14
C THR A 103 2.98 -7.96 -10.25
N VAL A 104 3.36 -7.38 -9.12
CA VAL A 104 3.78 -5.98 -9.03
C VAL A 104 5.09 -5.88 -8.26
N GLN A 105 6.02 -5.09 -8.79
CA GLN A 105 7.33 -4.91 -8.15
C GLN A 105 7.58 -3.42 -7.85
N LEU A 106 7.67 -3.08 -6.56
CA LEU A 106 7.89 -1.69 -6.17
C LEU A 106 9.37 -1.32 -6.23
N ASN A 107 9.70 -0.36 -7.10
CA ASN A 107 11.10 0.05 -7.27
C ASN A 107 11.38 1.43 -6.68
N THR A 108 11.23 1.57 -5.37
CA THR A 108 11.51 2.85 -4.73
C THR A 108 13.02 3.07 -4.64
N ALA A 109 13.39 4.26 -4.19
CA ALA A 109 14.80 4.62 -4.08
C ALA A 109 15.56 3.65 -3.18
N GLU A 110 14.94 3.21 -2.09
CA GLU A 110 15.60 2.29 -1.15
C GLU A 110 14.68 1.13 -0.82
N LEU A 111 13.73 0.84 -1.70
CA LEU A 111 12.80 -0.25 -1.47
C LEU A 111 12.62 -1.05 -2.76
N LYS A 112 12.83 -2.35 -2.65
CA LYS A 112 12.67 -3.25 -3.79
C LYS A 112 12.12 -4.58 -3.34
N LEU A 113 10.83 -4.80 -3.64
CA LEU A 113 10.16 -6.04 -3.25
C LEU A 113 9.17 -6.48 -4.32
N VAL A 114 8.69 -7.71 -4.19
CA VAL A 114 7.71 -8.26 -5.14
C VAL A 114 6.45 -8.67 -4.38
N PHE A 115 5.32 -8.04 -4.72
CA PHE A 115 4.05 -8.36 -4.06
C PHE A 115 3.10 -9.08 -5.01
N GLN A 116 2.44 -10.12 -4.49
CA GLN A 116 1.49 -10.91 -5.28
C GLN A 116 0.06 -10.63 -4.81
N LEU A 117 -0.54 -9.59 -5.37
CA LEU A 117 -1.92 -9.21 -5.01
C LEU A 117 -2.92 -10.08 -5.80
N PRO A 118 -4.12 -10.29 -5.29
CA PRO A 118 -5.14 -11.12 -6.01
C PRO A 118 -5.86 -10.32 -7.10
N PHE A 119 -5.79 -10.83 -8.32
CA PHE A 119 -6.38 -10.18 -9.50
C PHE A 119 -7.89 -9.99 -9.39
N GLY A 120 -8.36 -8.92 -10.01
CA GLY A 120 -9.79 -8.58 -10.03
C GLY A 120 -10.01 -7.08 -9.92
N SER A 121 -11.28 -6.70 -9.87
CA SER A 121 -11.63 -5.29 -9.75
C SER A 121 -11.11 -4.73 -8.42
N HIS A 122 -10.91 -5.62 -7.45
CA HIS A 122 -10.44 -5.20 -6.14
C HIS A 122 -9.01 -4.66 -6.23
N THR A 123 -8.15 -5.35 -6.97
CA THR A 123 -6.76 -4.91 -7.12
C THR A 123 -6.64 -3.81 -8.17
N ARG A 124 -7.42 -3.92 -9.24
CA ARG A 124 -7.36 -2.94 -10.32
C ARG A 124 -7.67 -1.54 -9.81
N THR A 125 -8.67 -1.45 -8.93
CA THR A 125 -9.05 -0.16 -8.39
C THR A 125 -7.85 0.50 -7.73
N PHE A 126 -7.07 -0.29 -7.00
CA PHE A 126 -5.90 0.22 -6.32
C PHE A 126 -4.93 0.88 -7.31
N LEU A 127 -4.63 0.19 -8.41
CA LEU A 127 -3.67 0.71 -9.38
C LEU A 127 -4.04 2.13 -9.79
N GLN A 128 -5.31 2.33 -10.15
CA GLN A 128 -5.75 3.65 -10.60
C GLN A 128 -5.58 4.71 -9.53
N GLU A 129 -5.89 4.36 -8.28
CA GLU A 129 -5.78 5.32 -7.19
C GLU A 129 -4.37 5.88 -7.10
N VAL A 130 -3.37 5.01 -7.22
CA VAL A 130 -1.98 5.44 -7.16
C VAL A 130 -1.67 6.40 -8.31
N ALA A 131 -2.15 6.05 -9.49
CA ALA A 131 -1.91 6.86 -10.68
C ALA A 131 -2.24 8.34 -10.44
N ARG A 132 -3.44 8.62 -9.91
CA ARG A 132 -3.83 10.01 -9.65
C ARG A 132 -3.23 10.51 -8.35
N ALA A 133 -2.75 9.59 -7.52
CA ALA A 133 -2.15 9.94 -6.24
C ALA A 133 -0.92 10.83 -6.41
N CYS A 134 -0.30 10.78 -7.59
CA CYS A 134 0.89 11.61 -7.85
C CYS A 134 1.67 11.13 -9.09
N PRO A 135 2.21 9.93 -9.08
CA PRO A 135 3.01 9.41 -10.24
C PRO A 135 2.25 9.46 -11.57
N GLY A 136 1.16 8.71 -11.66
CA GLY A 136 0.34 8.66 -12.88
C GLY A 136 1.20 8.88 -14.11
N PHE A 137 2.11 7.93 -14.36
CA PHE A 137 3.03 7.99 -15.50
C PHE A 137 3.32 9.43 -15.93
N ASP A 138 4.20 10.11 -15.19
CA ASP A 138 4.56 11.49 -15.51
C ASP A 138 5.65 11.98 -14.53
N PRO A 139 6.88 12.19 -14.98
CA PRO A 139 7.99 12.64 -14.07
C PRO A 139 7.84 14.11 -13.64
N GLU A 140 7.00 14.83 -14.35
CA GLU A 140 6.76 16.25 -14.04
C GLU A 140 6.05 16.40 -12.69
N THR A 141 5.24 15.42 -12.35
CA THR A 141 4.48 15.44 -11.09
C THR A 141 5.41 15.45 -9.88
N ARG A 142 6.46 16.24 -9.94
CA ARG A 142 7.43 16.32 -8.85
C ARG A 142 6.79 16.87 -7.58
N ASP A 143 7.64 17.13 -6.59
CA ASP A 143 7.21 17.68 -5.30
C ASP A 143 6.61 16.59 -4.41
N PRO A 144 7.40 15.65 -3.98
CA PRO A 144 6.93 14.53 -3.09
C PRO A 144 6.28 15.07 -1.82
N GLU A 145 6.80 16.19 -1.33
CA GLU A 145 6.28 16.83 -0.13
C GLU A 145 6.03 15.78 0.96
N PHE A 146 7.12 15.26 1.54
CA PHE A 146 7.02 14.25 2.59
C PHE A 146 7.06 14.91 3.97
N GLU A 147 6.91 16.22 4.00
CA GLU A 147 6.96 16.97 5.24
C GLU A 147 5.88 16.53 6.23
N TRP A 148 4.73 16.10 5.73
CA TRP A 148 3.63 15.67 6.60
C TRP A 148 3.80 14.22 7.06
N LEU A 149 4.63 13.45 6.36
CA LEU A 149 4.86 12.05 6.73
C LEU A 149 5.46 11.98 8.14
N SER A 150 6.36 12.89 8.44
CA SER A 150 6.99 12.91 9.75
C SER A 150 5.94 12.78 10.84
N ARG A 151 4.77 13.34 10.57
CA ARG A 151 3.67 13.29 11.53
C ARG A 151 3.33 11.83 11.78
N HIS A 152 3.34 11.06 10.70
CA HIS A 152 3.06 9.64 10.80
C HIS A 152 4.30 8.91 11.30
N THR A 153 4.08 7.86 12.07
CA THR A 153 5.16 7.05 12.60
C THR A 153 4.68 5.64 12.86
N CYS A 154 5.56 4.66 12.67
CA CYS A 154 5.20 3.28 12.88
C CYS A 154 4.95 3.01 14.36
N ALA A 155 4.06 2.07 14.61
CA ALA A 155 3.72 1.71 15.98
C ALA A 155 3.17 2.93 16.72
N GLU A 156 2.87 2.75 18.01
CA GLU A 156 2.34 3.84 18.85
C GLU A 156 3.39 4.29 19.87
N PRO A 157 4.13 5.35 19.59
CA PRO A 157 5.18 5.84 20.53
C PRO A 157 4.67 5.97 21.96
N ASP A 158 5.58 6.32 22.87
CA ASP A 158 5.24 6.47 24.27
C ASP A 158 4.28 7.64 24.47
N ALA A 159 3.35 7.47 25.39
CA ALA A 159 2.37 8.52 25.68
C ALA A 159 3.07 9.80 26.13
N GLU A 160 4.14 9.65 26.91
CA GLU A 160 4.88 10.80 27.41
C GLU A 160 3.97 11.76 28.16
N SER A 161 3.06 11.20 28.97
CA SER A 161 2.14 12.01 29.75
C SER A 161 1.57 11.21 30.91
N GLY A 1 -21.38 -10.05 10.85
CA GLY A 1 -21.45 -8.93 11.84
C GLY A 1 -22.02 -7.69 11.16
N PRO A 2 -22.29 -6.66 11.93
CA PRO A 2 -22.84 -5.38 11.40
C PRO A 2 -21.85 -4.67 10.48
N LEU A 3 -20.57 -4.99 10.64
CA LEU A 3 -19.53 -4.37 9.82
C LEU A 3 -19.76 -4.70 8.35
N GLY A 4 -20.09 -5.96 8.08
CA GLY A 4 -20.35 -6.39 6.71
C GLY A 4 -19.17 -7.19 6.16
N SER A 5 -19.06 -8.45 6.57
CA SER A 5 -17.97 -9.30 6.10
C SER A 5 -16.62 -8.61 6.27
N MET A 6 -16.63 -7.47 6.96
CA MET A 6 -15.40 -6.72 7.19
C MET A 6 -14.69 -6.46 5.86
N ASP A 7 -13.53 -5.79 5.93
CA ASP A 7 -12.76 -5.48 4.73
C ASP A 7 -11.39 -4.93 5.10
N GLN A 8 -10.53 -4.81 4.10
CA GLN A 8 -9.19 -4.28 4.34
C GLN A 8 -9.25 -2.76 4.53
N SER A 9 -9.99 -2.09 3.66
CA SER A 9 -10.08 -0.63 3.74
C SER A 9 -10.48 -0.18 5.13
N VAL A 10 -11.51 -0.81 5.69
CA VAL A 10 -11.97 -0.46 7.03
C VAL A 10 -10.91 -0.85 8.06
N ALA A 11 -10.38 -2.07 7.92
CA ALA A 11 -9.39 -2.58 8.85
C ALA A 11 -8.35 -1.51 9.17
N ILE A 12 -7.86 -0.83 8.14
CA ILE A 12 -6.85 0.20 8.36
C ILE A 12 -7.41 1.33 9.22
N GLN A 13 -8.58 1.82 8.83
CA GLN A 13 -9.19 2.93 9.56
C GLN A 13 -9.07 2.72 11.06
N GLU A 14 -9.39 1.51 11.51
CA GLU A 14 -9.30 1.19 12.93
C GLU A 14 -7.89 1.51 13.45
N THR A 15 -6.92 1.53 12.54
CA THR A 15 -5.53 1.82 12.90
C THR A 15 -5.24 3.33 12.88
N LEU A 16 -6.00 4.06 12.06
CA LEU A 16 -5.80 5.51 11.95
C LEU A 16 -6.59 6.25 13.04
N VAL A 17 -6.14 7.45 13.37
CA VAL A 17 -6.81 8.27 14.38
C VAL A 17 -7.81 9.17 13.70
N GLU A 18 -8.47 10.03 14.47
CA GLU A 18 -9.47 10.94 13.91
C GLU A 18 -8.84 12.11 13.16
N GLY A 19 -8.97 12.10 11.83
CA GLY A 19 -8.42 13.18 11.00
C GLY A 19 -7.92 12.66 9.66
N GLU A 20 -7.34 11.47 9.65
CA GLU A 20 -6.82 10.88 8.41
C GLU A 20 -7.93 10.22 7.62
N TYR A 21 -7.68 10.05 6.32
CA TYR A 21 -8.65 9.45 5.41
C TYR A 21 -8.04 8.26 4.66
N CYS A 22 -8.70 7.10 4.78
CA CYS A 22 -8.24 5.91 4.06
C CYS A 22 -8.89 5.92 2.70
N VAL A 23 -8.13 5.57 1.66
CA VAL A 23 -8.67 5.55 0.30
C VAL A 23 -8.85 4.12 -0.22
N ILE A 24 -7.79 3.32 -0.12
CA ILE A 24 -7.85 1.95 -0.60
C ILE A 24 -6.72 1.13 0.00
N ALA A 25 -7.08 -0.02 0.56
CA ALA A 25 -6.11 -0.92 1.17
C ALA A 25 -6.50 -2.35 0.92
N VAL A 26 -5.61 -3.11 0.30
CA VAL A 26 -5.88 -4.51 -0.02
C VAL A 26 -4.93 -5.40 0.79
N GLN A 27 -4.77 -6.64 0.36
CA GLN A 27 -3.88 -7.57 1.05
C GLN A 27 -3.05 -8.33 0.03
N GLY A 28 -1.73 -8.21 0.15
CA GLY A 28 -0.81 -8.88 -0.76
C GLY A 28 0.06 -9.89 -0.03
N VAL A 29 1.06 -10.40 -0.73
CA VAL A 29 1.98 -11.36 -0.16
C VAL A 29 3.41 -10.94 -0.49
N LEU A 30 4.34 -11.39 0.32
CA LEU A 30 5.75 -11.12 0.10
C LEU A 30 6.51 -12.40 0.37
N CYS A 31 7.18 -12.94 -0.64
CA CYS A 31 7.93 -14.17 -0.47
C CYS A 31 9.42 -13.93 -0.63
N LYS A 32 10.19 -14.58 0.22
CA LYS A 32 11.65 -14.49 0.16
C LYS A 32 12.23 -15.89 0.14
N GLY A 33 13.01 -16.19 -0.90
CA GLY A 33 13.62 -17.50 -1.03
C GLY A 33 12.56 -18.61 -0.94
N ASP A 34 12.39 -19.16 0.25
CA ASP A 34 11.41 -20.22 0.49
C ASP A 34 10.65 -19.93 1.79
N SER A 35 10.63 -18.65 2.15
CA SER A 35 9.93 -18.20 3.36
C SER A 35 8.69 -17.40 2.97
N ARG A 36 7.51 -17.91 3.33
CA ARG A 36 6.26 -17.22 2.99
C ARG A 36 5.85 -16.27 4.11
N GLN A 37 5.51 -15.05 3.70
CA GLN A 37 5.10 -14.01 4.65
C GLN A 37 3.86 -13.30 4.14
N SER A 38 3.11 -12.72 5.07
CA SER A 38 1.88 -11.99 4.72
C SER A 38 1.99 -10.53 5.14
N ARG A 39 1.70 -9.65 4.17
CA ARG A 39 1.76 -8.21 4.40
C ARG A 39 0.46 -7.55 3.96
N LEU A 40 0.14 -6.44 4.62
CA LEU A 40 -1.08 -5.69 4.33
C LEU A 40 -0.72 -4.29 3.82
N LEU A 41 -1.21 -3.95 2.63
CA LEU A 41 -0.93 -2.65 2.01
C LEU A 41 -2.04 -1.66 2.36
N GLY A 42 -1.72 -0.37 2.23
CA GLY A 42 -2.69 0.68 2.51
C GLY A 42 -2.31 1.98 1.82
N LEU A 43 -3.31 2.75 1.40
CA LEU A 43 -3.09 4.03 0.74
C LEU A 43 -3.88 5.12 1.47
N VAL A 44 -3.19 6.20 1.85
CA VAL A 44 -3.85 7.28 2.59
C VAL A 44 -3.58 8.65 1.97
N ARG A 45 -4.64 9.44 1.88
CA ARG A 45 -4.54 10.79 1.34
C ARG A 45 -4.73 11.77 2.49
N TYR A 46 -3.67 12.50 2.79
CA TYR A 46 -3.69 13.48 3.87
C TYR A 46 -4.13 14.84 3.33
N ARG A 47 -5.13 15.45 3.98
CA ARG A 47 -5.65 16.74 3.53
C ARG A 47 -4.97 17.89 4.27
N LEU A 48 -4.40 18.83 3.50
CA LEU A 48 -3.72 19.99 4.09
C LEU A 48 -4.65 21.20 4.07
N GLU A 49 -4.70 21.90 5.20
CA GLU A 49 -5.52 23.09 5.33
C GLU A 49 -5.20 24.09 4.23
N ASN A 50 -4.09 23.85 3.54
CA ASN A 50 -3.66 24.74 2.46
C ASN A 50 -4.41 24.44 1.18
N ASP A 51 -5.32 23.46 1.25
CA ASP A 51 -6.11 23.05 0.10
C ASP A 51 -5.31 22.02 -0.70
N ALA A 52 -4.02 21.95 -0.39
CA ALA A 52 -3.12 21.02 -1.05
C ALA A 52 -3.34 19.60 -0.56
N GLN A 53 -3.06 18.63 -1.43
CA GLN A 53 -3.22 17.21 -1.10
C GLN A 53 -1.91 16.47 -1.25
N GLU A 54 -1.77 15.36 -0.52
CA GLU A 54 -0.57 14.54 -0.59
C GLU A 54 -0.92 13.07 -0.46
N HIS A 55 -0.16 12.21 -1.15
CA HIS A 55 -0.40 10.77 -1.14
C HIS A 55 0.87 10.02 -0.75
N ALA A 56 0.69 8.83 -0.16
CA ALA A 56 1.81 8.01 0.25
C ALA A 56 1.35 6.55 0.35
N LEU A 57 2.25 5.60 0.08
CA LEU A 57 1.91 4.18 0.12
C LEU A 57 2.34 3.59 1.45
N PHE A 58 1.37 3.39 2.34
CA PHE A 58 1.63 2.87 3.67
C PHE A 58 1.69 1.35 3.66
N LEU A 59 2.52 0.81 4.54
CA LEU A 59 2.64 -0.63 4.70
C LEU A 59 2.22 -0.99 6.11
N TYR A 60 1.29 -1.92 6.20
CA TYR A 60 0.75 -2.39 7.48
C TYR A 60 1.09 -3.86 7.67
N THR A 61 1.60 -4.24 8.84
CA THR A 61 1.92 -5.66 9.07
C THR A 61 0.65 -6.35 9.54
N HIS A 62 0.63 -7.66 9.50
CA HIS A 62 -0.54 -8.37 9.96
C HIS A 62 -0.23 -9.86 10.07
N ARG A 63 -1.02 -10.55 10.87
CA ARG A 63 -0.80 -11.98 11.05
C ARG A 63 -1.18 -12.73 9.78
N ARG A 64 -0.73 -13.96 9.70
CA ARG A 64 -1.01 -14.78 8.54
C ARG A 64 -2.51 -14.85 8.28
N MET A 65 -3.31 -14.50 9.30
CA MET A 65 -4.77 -14.55 9.17
C MET A 65 -5.41 -13.45 10.02
N ALA A 66 -4.74 -12.29 10.11
CA ALA A 66 -5.27 -11.18 10.88
C ALA A 66 -6.70 -10.86 10.46
N ILE A 67 -6.85 -10.42 9.20
CA ILE A 67 -8.15 -10.07 8.62
C ILE A 67 -8.89 -9.04 9.48
N THR A 68 -9.12 -9.43 10.71
CA THR A 68 -9.84 -8.63 11.67
C THR A 68 -9.57 -7.12 11.55
N GLY A 69 -8.30 -6.70 11.50
CA GLY A 69 -7.99 -5.27 11.45
C GLY A 69 -7.67 -4.80 12.86
N ASP A 70 -7.93 -5.68 13.81
CA ASP A 70 -7.71 -5.39 15.22
C ASP A 70 -6.25 -5.65 15.62
N ASP A 71 -5.49 -6.42 14.82
CA ASP A 71 -4.10 -6.75 15.18
C ASP A 71 -3.08 -6.20 14.20
N VAL A 72 -3.49 -5.29 13.37
CA VAL A 72 -2.58 -4.72 12.38
C VAL A 72 -2.57 -3.20 12.44
N SER A 73 -1.38 -2.62 12.41
CA SER A 73 -1.23 -1.18 12.45
C SER A 73 0.06 -0.81 11.71
N LEU A 74 0.28 0.48 11.49
CA LEU A 74 1.45 0.91 10.72
C LEU A 74 2.74 0.16 11.09
N ASP A 75 3.38 -0.37 10.04
CA ASP A 75 4.64 -1.10 10.14
C ASP A 75 5.75 -0.42 9.34
N GLN A 76 5.38 0.38 8.33
CA GLN A 76 6.37 1.08 7.53
C GLN A 76 5.74 2.27 6.80
N ILE A 77 6.49 2.85 5.86
CA ILE A 77 6.01 4.00 5.08
C ILE A 77 6.79 4.08 3.76
N VAL A 78 6.06 4.18 2.65
CA VAL A 78 6.67 4.29 1.33
C VAL A 78 6.04 5.46 0.57
N PRO A 79 6.60 6.65 0.66
CA PRO A 79 6.03 7.85 0.00
C PRO A 79 6.40 7.96 -1.47
N LEU A 80 5.45 8.38 -2.29
CA LEU A 80 5.68 8.51 -3.71
C LEU A 80 6.79 9.52 -3.99
N SER A 81 7.79 9.04 -4.72
CA SER A 81 8.95 9.84 -5.10
C SER A 81 9.18 9.76 -6.60
N LYS A 82 9.93 10.70 -7.13
CA LYS A 82 10.19 10.73 -8.56
C LYS A 82 10.87 9.43 -9.01
N ASP A 83 11.84 8.97 -8.23
CA ASP A 83 12.55 7.75 -8.56
C ASP A 83 11.64 6.52 -8.41
N PHE A 84 10.38 6.79 -8.04
CA PHE A 84 9.39 5.72 -7.89
C PHE A 84 9.01 5.17 -9.26
N MET A 85 8.81 3.88 -9.34
CA MET A 85 8.42 3.24 -10.60
C MET A 85 7.98 1.80 -10.34
N LEU A 86 6.99 1.34 -11.10
CA LEU A 86 6.50 -0.03 -10.94
C LEU A 86 7.04 -0.88 -12.09
N GLU A 87 7.71 -1.99 -11.78
CA GLU A 87 8.27 -2.85 -12.82
C GLU A 87 7.59 -4.21 -12.83
N GLU A 88 7.12 -4.60 -13.99
CA GLU A 88 6.46 -5.89 -14.15
C GLU A 88 7.51 -7.00 -14.14
N VAL A 89 7.19 -8.13 -13.50
CA VAL A 89 8.13 -9.24 -13.45
C VAL A 89 7.77 -10.30 -14.49
N SER A 90 8.77 -10.80 -15.19
CA SER A 90 8.55 -11.83 -16.23
C SER A 90 9.10 -13.19 -15.77
N PRO A 91 8.26 -14.06 -15.27
CA PRO A 91 8.69 -15.41 -14.82
C PRO A 91 8.76 -16.43 -15.95
N ASP A 92 8.94 -15.94 -17.16
CA ASP A 92 9.01 -16.81 -18.35
C ASP A 92 7.60 -17.02 -18.90
N GLY A 93 6.75 -16.01 -18.70
CA GLY A 93 5.37 -16.07 -19.17
C GLY A 93 5.31 -16.00 -20.69
N GLU A 94 5.11 -17.16 -21.33
CA GLU A 94 5.03 -17.23 -22.78
C GLU A 94 3.73 -16.61 -23.31
N LEU A 95 2.62 -16.84 -22.60
CA LEU A 95 1.33 -16.31 -23.01
C LEU A 95 0.84 -15.24 -22.04
N TYR A 96 0.86 -15.59 -20.75
CA TYR A 96 0.42 -14.66 -19.71
C TYR A 96 1.27 -14.78 -18.45
N ILE A 97 1.19 -13.73 -17.61
CA ILE A 97 1.95 -13.68 -16.36
C ILE A 97 1.01 -13.60 -15.17
N LEU A 98 -0.06 -12.80 -15.31
CA LEU A 98 -1.03 -12.63 -14.24
C LEU A 98 -1.96 -13.84 -14.18
N GLY A 99 -3.22 -13.61 -14.55
CA GLY A 99 -4.23 -14.68 -14.52
C GLY A 99 -5.09 -14.58 -13.27
N SER A 100 -4.79 -15.41 -12.28
CA SER A 100 -5.53 -15.40 -11.02
C SER A 100 -4.63 -14.85 -9.91
N ASP A 101 -3.91 -13.77 -10.25
CA ASP A 101 -3.02 -13.08 -9.33
C ASP A 101 -2.41 -11.88 -10.03
N VAL A 102 -1.75 -10.99 -9.26
CA VAL A 102 -1.11 -9.81 -9.84
C VAL A 102 0.34 -9.74 -9.41
N THR A 103 1.23 -9.50 -10.37
CA THR A 103 2.66 -9.40 -10.06
C THR A 103 3.16 -7.99 -10.34
N VAL A 104 3.53 -7.31 -9.26
CA VAL A 104 4.03 -5.94 -9.35
C VAL A 104 5.29 -5.80 -8.50
N GLN A 105 6.29 -5.10 -9.01
CA GLN A 105 7.54 -4.89 -8.28
C GLN A 105 7.87 -3.40 -8.18
N LEU A 106 7.86 -2.86 -6.97
CA LEU A 106 8.14 -1.44 -6.78
C LEU A 106 9.64 -1.17 -6.76
N ASN A 107 10.08 -0.35 -7.69
CA ASN A 107 11.51 -0.03 -7.81
C ASN A 107 11.81 1.40 -7.37
N THR A 108 11.71 1.67 -6.08
CA THR A 108 12.00 3.01 -5.59
C THR A 108 13.51 3.21 -5.51
N ALA A 109 13.91 4.44 -5.25
CA ALA A 109 15.33 4.79 -5.19
C ALA A 109 16.13 3.75 -4.40
N GLU A 110 15.52 3.19 -3.35
CA GLU A 110 16.20 2.19 -2.53
C GLU A 110 15.27 1.02 -2.22
N LEU A 111 13.99 1.33 -2.02
CA LEU A 111 13.02 0.29 -1.70
C LEU A 111 12.81 -0.60 -2.91
N LYS A 112 12.84 -1.90 -2.68
CA LYS A 112 12.62 -2.86 -3.76
C LYS A 112 12.01 -4.12 -3.19
N LEU A 113 10.74 -4.36 -3.54
CA LEU A 113 10.02 -5.53 -3.04
C LEU A 113 9.10 -6.10 -4.12
N VAL A 114 8.60 -7.32 -3.88
CA VAL A 114 7.70 -8.00 -4.81
C VAL A 114 6.40 -8.37 -4.10
N PHE A 115 5.29 -7.80 -4.56
CA PHE A 115 3.98 -8.07 -3.97
C PHE A 115 3.08 -8.82 -4.95
N GLN A 116 2.35 -9.80 -4.41
CA GLN A 116 1.41 -10.61 -5.20
C GLN A 116 -0.03 -10.32 -4.76
N LEU A 117 -0.69 -9.41 -5.48
CA LEU A 117 -2.07 -9.04 -5.17
C LEU A 117 -3.04 -9.85 -6.05
N PRO A 118 -4.25 -10.12 -5.59
CA PRO A 118 -5.24 -10.93 -6.38
C PRO A 118 -5.77 -10.17 -7.60
N PHE A 119 -5.88 -10.90 -8.71
CA PHE A 119 -6.33 -10.36 -9.99
C PHE A 119 -7.51 -9.40 -9.89
N GLY A 120 -7.33 -8.24 -10.49
CA GLY A 120 -8.36 -7.20 -10.51
C GLY A 120 -9.16 -7.19 -9.22
N SER A 121 -10.47 -7.35 -9.36
CA SER A 121 -11.35 -7.35 -8.19
C SER A 121 -11.08 -6.13 -7.31
N HIS A 122 -10.48 -6.36 -6.15
CA HIS A 122 -10.17 -5.28 -5.23
C HIS A 122 -8.80 -4.66 -5.56
N THR A 123 -8.06 -5.31 -6.46
CA THR A 123 -6.74 -4.81 -6.84
C THR A 123 -6.82 -3.75 -7.94
N ARG A 124 -7.82 -3.86 -8.82
CA ARG A 124 -7.95 -2.92 -9.91
C ARG A 124 -8.09 -1.49 -9.42
N THR A 125 -8.96 -1.31 -8.43
CA THR A 125 -9.19 0.03 -7.88
C THR A 125 -7.87 0.63 -7.41
N PHE A 126 -7.06 -0.20 -6.79
CA PHE A 126 -5.77 0.26 -6.26
C PHE A 126 -4.93 0.89 -7.36
N LEU A 127 -4.81 0.20 -8.50
CA LEU A 127 -3.98 0.70 -9.59
C LEU A 127 -4.35 2.12 -9.94
N GLN A 128 -5.64 2.38 -10.13
CA GLN A 128 -6.11 3.70 -10.51
C GLN A 128 -5.77 4.76 -9.47
N GLU A 129 -5.96 4.42 -8.20
CA GLU A 129 -5.68 5.38 -7.13
C GLU A 129 -4.22 5.79 -7.13
N VAL A 130 -3.33 4.84 -7.38
CA VAL A 130 -1.91 5.14 -7.40
C VAL A 130 -1.59 6.14 -8.51
N ALA A 131 -2.12 5.88 -9.69
CA ALA A 131 -1.87 6.74 -10.85
C ALA A 131 -2.23 8.20 -10.56
N ARG A 132 -3.40 8.43 -9.96
CA ARG A 132 -3.82 9.79 -9.64
C ARG A 132 -3.09 10.33 -8.42
N ALA A 133 -2.59 9.42 -7.60
CA ALA A 133 -1.88 9.79 -6.38
C ALA A 133 -0.81 10.84 -6.66
N CYS A 134 -0.37 10.96 -7.91
CA CYS A 134 0.63 11.96 -8.29
C CYS A 134 1.24 11.68 -9.67
N PRO A 135 1.55 10.45 -10.00
CA PRO A 135 2.16 10.11 -11.33
C PRO A 135 1.36 10.62 -12.51
N GLY A 136 0.02 10.57 -12.39
CA GLY A 136 -0.89 11.01 -13.47
C GLY A 136 -0.16 11.85 -14.51
N PHE A 137 0.36 11.16 -15.52
CA PHE A 137 1.13 11.77 -16.60
C PHE A 137 0.49 13.08 -17.09
N ASP A 138 0.56 14.10 -16.25
CA ASP A 138 -0.02 15.41 -16.59
C ASP A 138 1.04 16.27 -17.30
N PRO A 139 0.67 17.38 -17.90
CA PRO A 139 1.65 18.26 -18.62
C PRO A 139 2.85 18.63 -17.76
N GLU A 140 2.61 19.05 -16.52
CA GLU A 140 3.68 19.44 -15.61
C GLU A 140 3.44 18.86 -14.22
N THR A 141 2.83 17.68 -14.17
CA THR A 141 2.54 16.99 -12.89
C THR A 141 2.56 17.96 -11.70
N ARG A 142 3.23 17.54 -10.62
CA ARG A 142 3.33 18.36 -9.41
C ARG A 142 4.63 18.10 -8.68
N ASP A 143 4.51 17.63 -7.43
CA ASP A 143 5.66 17.33 -6.60
C ASP A 143 5.33 16.19 -5.64
N PRO A 144 6.30 15.38 -5.29
CA PRO A 144 6.07 14.23 -4.36
C PRO A 144 5.72 14.72 -2.94
N GLU A 145 6.56 15.58 -2.40
CA GLU A 145 6.34 16.13 -1.07
C GLU A 145 6.16 14.99 -0.06
N PHE A 146 7.18 14.75 0.75
CA PHE A 146 7.13 13.66 1.74
C PHE A 146 7.41 14.21 3.15
N GLU A 147 7.85 15.45 3.20
CA GLU A 147 8.18 16.09 4.48
C GLU A 147 6.98 16.17 5.42
N TRP A 148 5.77 16.00 4.90
CA TRP A 148 4.57 16.08 5.72
C TRP A 148 4.30 14.77 6.48
N LEU A 149 4.96 13.68 6.06
CA LEU A 149 4.78 12.40 6.72
C LEU A 149 5.52 12.38 8.06
N SER A 150 6.57 13.18 8.16
CA SER A 150 7.35 13.25 9.39
C SER A 150 6.43 13.49 10.57
N ARG A 151 5.39 14.28 10.33
CA ARG A 151 4.40 14.57 11.36
C ARG A 151 3.73 13.28 11.77
N HIS A 152 3.48 12.44 10.79
CA HIS A 152 2.85 11.16 11.04
C HIS A 152 3.87 10.21 11.62
N THR A 153 3.39 9.27 12.41
CA THR A 153 4.26 8.26 13.03
C THR A 153 3.91 6.89 12.48
N CYS A 154 4.32 5.86 13.20
CA CYS A 154 4.04 4.49 12.79
C CYS A 154 2.85 3.93 13.55
N ALA A 155 3.05 2.79 14.20
CA ALA A 155 1.98 2.16 15.00
C ALA A 155 2.28 2.29 16.49
N GLU A 156 2.59 3.50 16.94
CA GLU A 156 2.89 3.75 18.35
C GLU A 156 2.35 5.13 18.77
N PRO A 157 1.13 5.21 19.28
CA PRO A 157 0.53 6.52 19.69
C PRO A 157 1.09 7.00 21.03
N ASP A 158 0.96 8.31 21.26
CA ASP A 158 1.44 8.89 22.52
C ASP A 158 2.77 8.27 22.94
N ALA A 159 3.80 8.48 22.13
CA ALA A 159 5.10 7.92 22.42
C ALA A 159 5.53 8.24 23.85
N GLU A 160 5.67 9.52 24.15
CA GLU A 160 6.09 9.95 25.49
C GLU A 160 7.40 9.29 25.89
N SER A 161 8.23 8.97 24.90
CA SER A 161 9.51 8.34 25.17
C SER A 161 10.46 9.31 25.87
N GLY A 1 -21.21 -3.98 5.21
CA GLY A 1 -22.62 -4.34 5.49
C GLY A 1 -22.69 -5.79 5.98
N PRO A 2 -23.86 -6.36 6.03
CA PRO A 2 -24.07 -7.76 6.49
C PRO A 2 -23.19 -8.74 5.71
N LEU A 3 -23.05 -8.50 4.41
CA LEU A 3 -22.24 -9.37 3.56
C LEU A 3 -21.00 -8.62 3.07
N GLY A 4 -19.86 -8.93 3.69
CA GLY A 4 -18.59 -8.29 3.33
C GLY A 4 -17.65 -9.30 2.70
N SER A 5 -16.63 -8.80 2.01
CA SER A 5 -15.65 -9.67 1.36
C SER A 5 -14.28 -9.00 1.32
N MET A 6 -14.24 -7.76 1.79
CA MET A 6 -12.99 -7.01 1.80
C MET A 6 -13.08 -5.82 2.76
N ASP A 7 -12.69 -6.03 4.02
CA ASP A 7 -12.72 -4.97 5.03
C ASP A 7 -11.30 -4.45 5.28
N GLN A 8 -10.43 -4.71 4.32
CA GLN A 8 -9.04 -4.27 4.44
C GLN A 8 -9.00 -2.76 4.69
N SER A 9 -9.69 -2.01 3.84
CA SER A 9 -9.70 -0.55 3.96
C SER A 9 -10.14 -0.13 5.36
N VAL A 10 -11.19 -0.74 5.88
CA VAL A 10 -11.67 -0.40 7.21
C VAL A 10 -10.60 -0.72 8.24
N ALA A 11 -10.06 -1.92 8.16
CA ALA A 11 -9.02 -2.36 9.11
C ALA A 11 -8.02 -1.24 9.37
N ILE A 12 -7.61 -0.57 8.31
CA ILE A 12 -6.63 0.51 8.46
C ILE A 12 -7.18 1.60 9.37
N GLN A 13 -8.35 2.11 9.02
CA GLN A 13 -8.96 3.18 9.81
C GLN A 13 -8.95 2.81 11.29
N GLU A 14 -9.41 1.60 11.61
CA GLU A 14 -9.43 1.16 12.98
C GLU A 14 -8.02 1.17 13.58
N THR A 15 -7.02 1.21 12.71
CA THR A 15 -5.61 1.20 13.17
C THR A 15 -4.93 2.54 12.93
N LEU A 16 -5.34 3.25 11.88
CA LEU A 16 -4.72 4.53 11.55
C LEU A 16 -4.91 5.52 12.69
N VAL A 17 -5.67 6.58 12.42
CA VAL A 17 -5.94 7.60 13.43
C VAL A 17 -6.99 8.55 12.90
N GLU A 18 -7.80 9.11 13.79
CA GLU A 18 -8.87 10.01 13.39
C GLU A 18 -8.32 11.34 12.87
N GLY A 19 -8.58 11.63 11.60
CA GLY A 19 -8.13 12.89 10.98
C GLY A 19 -7.65 12.68 9.55
N GLU A 20 -7.39 11.43 9.17
CA GLU A 20 -6.92 11.13 7.82
C GLU A 20 -8.00 10.42 7.00
N TYR A 21 -7.81 10.43 5.68
CA TYR A 21 -8.77 9.83 4.76
C TYR A 21 -8.24 8.52 4.19
N CYS A 22 -9.03 7.46 4.35
CA CYS A 22 -8.67 6.16 3.80
C CYS A 22 -9.19 6.09 2.38
N VAL A 23 -8.40 5.52 1.47
CA VAL A 23 -8.80 5.42 0.07
C VAL A 23 -8.95 3.97 -0.37
N ILE A 24 -7.89 3.20 -0.23
CA ILE A 24 -7.91 1.80 -0.64
C ILE A 24 -6.78 1.03 0.02
N ALA A 25 -7.05 -0.24 0.31
CA ALA A 25 -6.06 -1.11 0.94
C ALA A 25 -6.39 -2.55 0.62
N VAL A 26 -5.51 -3.21 -0.13
CA VAL A 26 -5.73 -4.61 -0.52
C VAL A 26 -4.55 -5.46 -0.08
N GLN A 27 -4.82 -6.41 0.78
CA GLN A 27 -3.76 -7.27 1.30
C GLN A 27 -3.06 -8.01 0.17
N GLY A 28 -1.80 -8.38 0.42
CA GLY A 28 -1.01 -9.08 -0.58
C GLY A 28 -0.13 -10.14 0.06
N VAL A 29 0.76 -10.70 -0.74
CA VAL A 29 1.70 -11.71 -0.28
C VAL A 29 3.09 -11.33 -0.72
N LEU A 30 4.08 -11.85 -0.01
CA LEU A 30 5.48 -11.60 -0.34
C LEU A 30 6.24 -12.88 -0.07
N CYS A 31 6.93 -13.40 -1.08
CA CYS A 31 7.67 -14.65 -0.93
C CYS A 31 9.15 -14.41 -1.08
N LYS A 32 9.92 -15.08 -0.24
CA LYS A 32 11.38 -15.01 -0.28
C LYS A 32 11.94 -16.42 -0.48
N GLY A 33 12.56 -16.65 -1.62
CA GLY A 33 13.13 -17.96 -1.92
C GLY A 33 12.08 -19.05 -1.80
N ASP A 34 11.91 -19.56 -0.58
CA ASP A 34 10.91 -20.60 -0.30
C ASP A 34 10.22 -20.31 1.02
N SER A 35 10.27 -19.05 1.43
CA SER A 35 9.64 -18.60 2.67
C SER A 35 8.40 -17.78 2.35
N ARG A 36 7.25 -18.24 2.82
CA ARG A 36 6.00 -17.53 2.55
C ARG A 36 5.68 -16.55 3.67
N GLN A 37 5.40 -15.31 3.29
CA GLN A 37 5.08 -14.26 4.25
C GLN A 37 3.81 -13.53 3.84
N SER A 38 3.04 -13.09 4.83
CA SER A 38 1.80 -12.36 4.58
C SER A 38 1.95 -10.90 4.99
N ARG A 39 1.70 -10.01 4.05
CA ARG A 39 1.82 -8.57 4.29
C ARG A 39 0.52 -7.86 3.93
N LEU A 40 0.22 -6.79 4.65
CA LEU A 40 -1.00 -6.00 4.42
C LEU A 40 -0.62 -4.62 3.93
N LEU A 41 -1.11 -4.26 2.73
CA LEU A 41 -0.80 -2.96 2.13
C LEU A 41 -1.91 -1.95 2.41
N GLY A 42 -1.60 -0.67 2.21
CA GLY A 42 -2.58 0.38 2.43
C GLY A 42 -2.14 1.68 1.75
N LEU A 43 -3.12 2.48 1.33
CA LEU A 43 -2.86 3.76 0.68
C LEU A 43 -3.66 4.84 1.38
N VAL A 44 -2.99 5.96 1.71
CA VAL A 44 -3.66 7.06 2.41
C VAL A 44 -3.47 8.39 1.70
N ARG A 45 -4.58 9.11 1.53
CA ARG A 45 -4.56 10.42 0.90
C ARG A 45 -4.92 11.47 1.94
N TYR A 46 -4.14 12.54 1.98
CA TYR A 46 -4.35 13.62 2.93
C TYR A 46 -4.20 14.97 2.24
N ARG A 47 -5.07 15.92 2.56
CA ARG A 47 -5.02 17.24 1.93
C ARG A 47 -4.26 18.24 2.81
N LEU A 48 -3.60 19.19 2.16
CA LEU A 48 -2.83 20.22 2.87
C LEU A 48 -3.59 21.54 2.90
N GLU A 49 -3.49 22.24 4.01
CA GLU A 49 -4.17 23.52 4.17
C GLU A 49 -3.86 24.43 2.99
N ASN A 50 -2.83 24.07 2.23
CA ASN A 50 -2.42 24.87 1.07
C ASN A 50 -3.25 24.49 -0.15
N ASP A 51 -4.10 23.47 -0.01
CA ASP A 51 -4.94 22.99 -1.10
C ASP A 51 -4.16 21.93 -1.88
N ALA A 52 -2.88 21.81 -1.54
CA ALA A 52 -2.00 20.84 -2.19
C ALA A 52 -2.33 19.42 -1.74
N GLN A 53 -2.24 18.48 -2.67
CA GLN A 53 -2.53 17.07 -2.38
C GLN A 53 -1.24 16.27 -2.26
N GLU A 54 -1.24 15.28 -1.37
CA GLU A 54 -0.07 14.42 -1.17
C GLU A 54 -0.51 13.00 -0.86
N HIS A 55 0.28 12.03 -1.32
CA HIS A 55 -0.03 10.62 -1.11
C HIS A 55 1.21 9.85 -0.65
N ALA A 56 0.98 8.71 0.01
CA ALA A 56 2.07 7.87 0.49
C ALA A 56 1.59 6.42 0.55
N LEU A 57 2.48 5.48 0.24
CA LEU A 57 2.12 4.05 0.25
C LEU A 57 2.45 3.44 1.61
N PHE A 58 1.42 3.30 2.44
CA PHE A 58 1.58 2.76 3.79
C PHE A 58 1.68 1.24 3.76
N LEU A 59 2.54 0.72 4.63
CA LEU A 59 2.71 -0.72 4.78
C LEU A 59 2.28 -1.13 6.18
N TYR A 60 1.38 -2.10 6.24
CA TYR A 60 0.87 -2.59 7.51
C TYR A 60 1.24 -4.06 7.68
N THR A 61 1.81 -4.42 8.83
CA THR A 61 2.15 -5.82 9.06
C THR A 61 0.95 -6.53 9.63
N HIS A 62 0.99 -7.85 9.63
CA HIS A 62 -0.11 -8.60 10.17
C HIS A 62 0.27 -10.07 10.32
N ARG A 63 -0.53 -10.80 11.08
CA ARG A 63 -0.26 -12.21 11.30
C ARG A 63 -0.89 -13.04 10.19
N ARG A 64 -1.10 -14.31 10.49
CA ARG A 64 -1.68 -15.22 9.52
C ARG A 64 -3.09 -14.79 9.16
N MET A 65 -3.87 -14.39 10.16
CA MET A 65 -5.25 -13.96 9.93
C MET A 65 -5.63 -12.82 10.87
N ALA A 66 -4.64 -12.02 11.23
CA ALA A 66 -4.87 -10.87 12.12
C ALA A 66 -5.23 -9.62 11.31
N ILE A 67 -5.82 -9.85 10.15
CA ILE A 67 -6.22 -8.77 9.25
C ILE A 67 -7.36 -7.94 9.82
N THR A 68 -8.14 -8.58 10.68
CA THR A 68 -9.33 -7.96 11.28
C THR A 68 -9.10 -6.54 11.81
N GLY A 69 -7.89 -6.24 12.30
CA GLY A 69 -7.62 -4.90 12.86
C GLY A 69 -7.08 -5.06 14.27
N ASP A 70 -7.25 -6.28 14.80
CA ASP A 70 -6.81 -6.60 16.14
C ASP A 70 -5.29 -6.42 16.31
N ASP A 71 -4.47 -7.04 15.45
CA ASP A 71 -3.02 -6.94 15.62
C ASP A 71 -2.30 -6.49 14.34
N VAL A 72 -2.79 -5.42 13.76
CA VAL A 72 -2.17 -4.87 12.58
C VAL A 72 -2.19 -3.36 12.60
N SER A 73 -1.02 -2.75 12.51
CA SER A 73 -0.89 -1.32 12.52
C SER A 73 0.35 -0.93 11.73
N LEU A 74 0.51 0.36 11.47
CA LEU A 74 1.63 0.83 10.63
C LEU A 74 2.95 0.13 10.94
N ASP A 75 3.60 -0.29 9.85
CA ASP A 75 4.91 -0.97 9.92
C ASP A 75 6.00 -0.01 9.45
N GLN A 76 5.93 0.43 8.19
CA GLN A 76 6.92 1.36 7.64
C GLN A 76 6.34 2.13 6.45
N ILE A 77 6.32 3.46 6.57
CA ILE A 77 5.81 4.33 5.51
C ILE A 77 6.88 4.54 4.45
N VAL A 78 6.47 4.41 3.17
CA VAL A 78 7.39 4.60 2.05
C VAL A 78 6.87 5.75 1.18
N PRO A 79 7.21 6.97 1.51
CA PRO A 79 6.72 8.17 0.76
C PRO A 79 7.09 8.14 -0.71
N LEU A 80 6.14 8.50 -1.55
CA LEU A 80 6.35 8.50 -2.98
C LEU A 80 7.38 9.54 -3.37
N SER A 81 8.35 9.09 -4.16
CA SER A 81 9.44 9.95 -4.64
C SER A 81 9.54 9.86 -6.15
N LYS A 82 10.15 10.87 -6.77
CA LYS A 82 10.27 10.89 -8.22
C LYS A 82 10.86 9.58 -8.71
N ASP A 83 11.79 9.01 -7.94
CA ASP A 83 12.42 7.75 -8.33
C ASP A 83 11.43 6.59 -8.21
N PHE A 84 10.21 6.90 -7.79
CA PHE A 84 9.15 5.89 -7.65
C PHE A 84 8.78 5.36 -9.03
N MET A 85 8.60 4.05 -9.12
CA MET A 85 8.23 3.41 -10.37
C MET A 85 7.82 1.97 -10.13
N LEU A 86 6.85 1.49 -10.90
CA LEU A 86 6.39 0.11 -10.76
C LEU A 86 6.88 -0.71 -11.95
N GLU A 87 7.50 -1.85 -11.68
CA GLU A 87 8.02 -2.71 -12.76
C GLU A 87 7.30 -4.05 -12.78
N GLU A 88 6.79 -4.40 -13.95
CA GLU A 88 6.09 -5.67 -14.12
C GLU A 88 7.11 -6.80 -14.13
N VAL A 89 6.78 -7.93 -13.51
CA VAL A 89 7.69 -9.08 -13.50
C VAL A 89 7.30 -10.09 -14.58
N SER A 90 8.29 -10.52 -15.35
CA SER A 90 8.06 -11.49 -16.42
C SER A 90 7.21 -12.67 -15.93
N PRO A 91 5.95 -12.77 -16.31
CA PRO A 91 5.08 -13.91 -15.85
C PRO A 91 5.71 -15.27 -16.11
N ASP A 92 6.17 -15.49 -17.34
CA ASP A 92 6.77 -16.77 -17.70
C ASP A 92 5.80 -17.91 -17.37
N GLY A 93 4.51 -17.66 -17.60
CA GLY A 93 3.47 -18.65 -17.34
C GLY A 93 2.75 -19.05 -18.62
N GLU A 94 2.35 -20.31 -18.69
CA GLU A 94 1.64 -20.82 -19.86
C GLU A 94 0.14 -20.70 -19.67
N LEU A 95 -0.49 -19.84 -20.49
CA LEU A 95 -1.94 -19.61 -20.43
C LEU A 95 -2.30 -18.57 -19.37
N TYR A 96 -1.79 -18.80 -18.17
CA TYR A 96 -2.06 -17.89 -17.05
C TYR A 96 -1.78 -16.45 -17.46
N ILE A 97 -2.65 -15.53 -17.00
CA ILE A 97 -2.51 -14.11 -17.32
C ILE A 97 -3.01 -13.25 -16.15
N LEU A 98 -2.60 -13.60 -14.95
CA LEU A 98 -3.02 -12.86 -13.76
C LEU A 98 -4.55 -12.73 -13.75
N GLY A 99 -5.25 -13.84 -13.49
CA GLY A 99 -6.72 -13.85 -13.47
C GLY A 99 -7.25 -13.70 -12.04
N SER A 100 -6.56 -14.33 -11.09
CA SER A 100 -6.96 -14.28 -9.68
C SER A 100 -5.76 -13.90 -8.83
N ASP A 101 -4.84 -13.16 -9.44
CA ASP A 101 -3.63 -12.67 -8.79
C ASP A 101 -2.92 -11.69 -9.71
N VAL A 102 -2.14 -10.77 -9.13
CA VAL A 102 -1.41 -9.78 -9.92
C VAL A 102 0.04 -9.75 -9.46
N THR A 103 0.94 -9.39 -10.38
CA THR A 103 2.37 -9.32 -10.05
C THR A 103 2.89 -7.90 -10.25
N VAL A 104 3.23 -7.26 -9.14
CA VAL A 104 3.76 -5.90 -9.17
C VAL A 104 5.03 -5.84 -8.31
N GLN A 105 6.04 -5.15 -8.82
CA GLN A 105 7.31 -5.01 -8.08
C GLN A 105 7.64 -3.54 -7.89
N LEU A 106 7.70 -3.09 -6.63
CA LEU A 106 7.97 -1.68 -6.36
C LEU A 106 9.45 -1.36 -6.51
N ASN A 107 9.75 -0.38 -7.36
CA ASN A 107 11.15 0.00 -7.59
C ASN A 107 11.43 1.44 -7.17
N THR A 108 11.29 1.71 -5.86
CA THR A 108 11.55 3.06 -5.38
C THR A 108 13.05 3.28 -5.20
N ALA A 109 13.39 4.46 -4.74
CA ALA A 109 14.79 4.84 -4.56
C ALA A 109 15.55 3.76 -3.78
N GLU A 110 14.90 3.18 -2.77
CA GLU A 110 15.53 2.14 -1.96
C GLU A 110 14.58 0.97 -1.75
N LEU A 111 13.29 1.27 -1.64
CA LEU A 111 12.30 0.23 -1.42
C LEU A 111 12.20 -0.63 -2.68
N LYS A 112 12.35 -1.93 -2.51
CA LYS A 112 12.26 -2.85 -3.61
C LYS A 112 11.75 -4.19 -3.13
N LEU A 113 10.49 -4.47 -3.43
CA LEU A 113 9.88 -5.74 -3.00
C LEU A 113 8.90 -6.27 -4.05
N VAL A 114 8.40 -7.48 -3.81
CA VAL A 114 7.44 -8.12 -4.73
C VAL A 114 6.15 -8.43 -3.97
N PHE A 115 5.01 -7.97 -4.51
CA PHE A 115 3.71 -8.21 -3.89
C PHE A 115 2.74 -8.87 -4.86
N GLN A 116 1.96 -9.82 -4.34
CA GLN A 116 0.97 -10.54 -5.14
C GLN A 116 -0.44 -10.18 -4.64
N LEU A 117 -1.05 -9.20 -5.28
CA LEU A 117 -2.40 -8.75 -4.90
C LEU A 117 -3.47 -9.42 -5.78
N PRO A 118 -4.67 -9.69 -5.27
CA PRO A 118 -5.74 -10.33 -6.10
C PRO A 118 -6.05 -9.53 -7.38
N PHE A 119 -5.93 -10.20 -8.52
CA PHE A 119 -6.16 -9.58 -9.83
C PHE A 119 -7.38 -8.67 -9.89
N GLY A 120 -7.21 -7.57 -10.63
CA GLY A 120 -8.27 -6.58 -10.82
C GLY A 120 -9.14 -6.46 -9.57
N SER A 121 -10.45 -6.43 -9.77
CA SER A 121 -11.37 -6.32 -8.66
C SER A 121 -10.98 -5.15 -7.76
N HIS A 122 -10.95 -5.40 -6.45
CA HIS A 122 -10.60 -4.36 -5.49
C HIS A 122 -9.21 -3.81 -5.77
N THR A 123 -8.34 -4.64 -6.33
CA THR A 123 -6.98 -4.21 -6.64
C THR A 123 -6.94 -3.21 -7.80
N ARG A 124 -7.86 -3.36 -8.75
CA ARG A 124 -7.88 -2.49 -9.91
C ARG A 124 -7.84 -1.02 -9.50
N THR A 125 -8.62 -0.68 -8.49
CA THR A 125 -8.67 0.69 -8.01
C THR A 125 -7.27 1.15 -7.61
N PHE A 126 -6.48 0.22 -7.07
CA PHE A 126 -5.12 0.57 -6.65
C PHE A 126 -4.35 1.17 -7.81
N LEU A 127 -4.29 0.45 -8.93
CA LEU A 127 -3.53 0.93 -10.08
C LEU A 127 -3.90 2.36 -10.43
N GLN A 128 -5.19 2.61 -10.65
CA GLN A 128 -5.64 3.93 -11.04
C GLN A 128 -5.39 4.98 -9.95
N GLU A 129 -5.66 4.61 -8.69
CA GLU A 129 -5.46 5.54 -7.58
C GLU A 129 -3.98 5.90 -7.43
N VAL A 130 -3.10 4.92 -7.59
CA VAL A 130 -1.67 5.18 -7.46
C VAL A 130 -1.20 6.13 -8.55
N ALA A 131 -1.59 5.84 -9.79
CA ALA A 131 -1.18 6.65 -10.94
C ALA A 131 -1.50 8.13 -10.73
N ARG A 132 -2.67 8.43 -10.18
CA ARG A 132 -3.08 9.81 -9.95
C ARG A 132 -2.41 10.37 -8.69
N ALA A 133 -1.98 9.47 -7.83
CA ALA A 133 -1.35 9.85 -6.56
C ALA A 133 -0.14 10.77 -6.81
N CYS A 134 0.41 10.74 -8.02
CA CYS A 134 1.55 11.62 -8.36
C CYS A 134 2.29 11.16 -9.63
N PRO A 135 2.54 9.89 -9.79
CA PRO A 135 3.27 9.37 -10.99
C PRO A 135 2.68 9.84 -12.31
N GLY A 136 1.34 9.85 -12.40
CA GLY A 136 0.63 10.25 -13.62
C GLY A 136 1.52 11.03 -14.57
N PHE A 137 2.28 10.29 -15.38
CA PHE A 137 3.23 10.84 -16.34
C PHE A 137 2.81 12.23 -16.82
N ASP A 138 3.07 13.22 -15.98
CA ASP A 138 2.73 14.61 -16.29
C ASP A 138 3.71 15.58 -15.59
N PRO A 139 4.48 16.37 -16.33
CA PRO A 139 5.46 17.33 -15.72
C PRO A 139 4.85 18.14 -14.57
N GLU A 140 3.53 18.22 -14.56
CA GLU A 140 2.84 18.97 -13.53
C GLU A 140 3.20 18.42 -12.15
N THR A 141 3.18 17.09 -12.02
CA THR A 141 3.50 16.42 -10.75
C THR A 141 4.82 16.92 -10.17
N ARG A 142 5.87 16.10 -10.33
CA ARG A 142 7.20 16.42 -9.81
C ARG A 142 7.12 17.15 -8.47
N ASP A 143 6.38 16.55 -7.55
CA ASP A 143 6.21 17.13 -6.22
C ASP A 143 5.78 16.06 -5.21
N PRO A 144 6.73 15.36 -4.62
CA PRO A 144 6.40 14.30 -3.62
C PRO A 144 6.01 14.89 -2.27
N GLU A 145 6.90 15.71 -1.72
CA GLU A 145 6.65 16.36 -0.43
C GLU A 145 6.31 15.30 0.62
N PHE A 146 7.27 15.00 1.50
CA PHE A 146 7.06 14.00 2.55
C PHE A 146 7.11 14.66 3.93
N GLU A 147 7.18 15.98 3.94
CA GLU A 147 7.27 16.74 5.20
C GLU A 147 6.02 16.58 6.06
N TRP A 148 4.85 16.46 5.43
CA TRP A 148 3.61 16.32 6.19
C TRP A 148 3.51 14.93 6.83
N LEU A 149 4.16 13.94 6.23
CA LEU A 149 4.13 12.58 6.77
C LEU A 149 4.82 12.54 8.12
N SER A 150 5.88 13.33 8.27
CA SER A 150 6.63 13.37 9.52
C SER A 150 5.67 13.45 10.71
N ARG A 151 4.44 13.87 10.41
CA ARG A 151 3.42 13.95 11.44
C ARG A 151 3.18 12.57 12.04
N HIS A 152 3.27 11.57 11.16
CA HIS A 152 3.10 10.20 11.58
C HIS A 152 4.39 9.69 12.19
N THR A 153 4.26 8.80 13.15
CA THR A 153 5.41 8.21 13.82
C THR A 153 5.28 6.69 13.77
N CYS A 154 4.15 6.23 13.23
CA CYS A 154 3.89 4.81 13.12
C CYS A 154 3.97 4.14 14.48
N ALA A 155 3.37 2.96 14.59
CA ALA A 155 3.36 2.22 15.85
C ALA A 155 4.51 1.23 15.88
N GLU A 156 5.70 1.67 15.46
CA GLU A 156 6.87 0.81 15.45
C GLU A 156 6.93 -0.02 16.74
N PRO A 157 6.62 -1.31 16.70
CA PRO A 157 6.66 -2.17 17.92
C PRO A 157 7.98 -2.08 18.66
N ASP A 158 7.97 -2.48 19.91
CA ASP A 158 9.16 -2.45 20.75
C ASP A 158 9.75 -1.04 20.76
N ALA A 159 9.17 -0.17 21.60
CA ALA A 159 9.64 1.21 21.69
C ALA A 159 11.14 1.27 21.93
N GLU A 160 11.61 0.57 22.97
CA GLU A 160 13.03 0.56 23.29
C GLU A 160 13.79 -0.34 22.31
N SER A 161 13.82 0.05 21.05
CA SER A 161 14.51 -0.73 20.03
C SER A 161 16.01 -0.47 20.08
N GLY A 1 -14.31 -17.11 3.70
CA GLY A 1 -15.59 -17.57 4.28
C GLY A 1 -16.75 -17.06 3.43
N PRO A 2 -17.96 -17.25 3.89
CA PRO A 2 -19.19 -16.81 3.15
C PRO A 2 -19.12 -15.32 2.78
N LEU A 3 -18.57 -14.52 3.68
CA LEU A 3 -18.45 -13.08 3.43
C LEU A 3 -17.41 -12.81 2.36
N GLY A 4 -17.69 -11.85 1.50
CA GLY A 4 -16.77 -11.50 0.42
C GLY A 4 -15.47 -10.91 0.97
N SER A 5 -15.40 -10.78 2.29
CA SER A 5 -14.21 -10.25 2.92
C SER A 5 -13.80 -8.93 2.27
N MET A 6 -12.63 -8.90 1.65
CA MET A 6 -12.14 -7.69 1.01
C MET A 6 -12.37 -6.47 1.91
N ASP A 7 -12.53 -6.73 3.21
CA ASP A 7 -12.75 -5.66 4.18
C ASP A 7 -11.43 -5.15 4.73
N GLN A 8 -10.52 -4.80 3.82
CA GLN A 8 -9.22 -4.29 4.22
C GLN A 8 -9.27 -2.77 4.38
N SER A 9 -9.98 -2.11 3.48
CA SER A 9 -10.06 -0.65 3.52
C SER A 9 -10.53 -0.18 4.90
N VAL A 10 -11.54 -0.82 5.44
CA VAL A 10 -12.05 -0.45 6.75
C VAL A 10 -10.99 -0.73 7.82
N ALA A 11 -10.40 -1.92 7.74
CA ALA A 11 -9.40 -2.33 8.71
C ALA A 11 -8.39 -1.22 8.96
N ILE A 12 -7.91 -0.59 7.88
CA ILE A 12 -6.95 0.48 8.03
C ILE A 12 -7.57 1.68 8.73
N GLN A 13 -8.75 2.06 8.27
CA GLN A 13 -9.43 3.22 8.82
C GLN A 13 -9.45 3.15 10.35
N GLU A 14 -9.80 1.99 10.88
CA GLU A 14 -9.86 1.82 12.33
C GLU A 14 -8.46 1.96 12.94
N THR A 15 -7.49 1.32 12.31
CA THR A 15 -6.11 1.36 12.79
C THR A 15 -5.49 2.75 12.62
N LEU A 16 -5.93 3.47 11.59
CA LEU A 16 -5.36 4.78 11.33
C LEU A 16 -5.57 5.71 12.53
N VAL A 17 -6.27 6.81 12.31
CA VAL A 17 -6.55 7.76 13.37
C VAL A 17 -7.56 8.78 12.87
N GLU A 18 -8.38 9.29 13.78
CA GLU A 18 -9.40 10.25 13.41
C GLU A 18 -8.80 11.59 12.96
N GLY A 19 -8.97 11.91 11.67
CA GLY A 19 -8.47 13.16 11.12
C GLY A 19 -7.95 13.00 9.70
N GLU A 20 -7.58 11.77 9.33
CA GLU A 20 -7.07 11.49 7.99
C GLU A 20 -8.13 10.82 7.12
N TYR A 21 -7.72 10.43 5.92
CA TYR A 21 -8.63 9.80 4.96
C TYR A 21 -7.96 8.63 4.24
N CYS A 22 -8.55 7.45 4.37
CA CYS A 22 -8.02 6.28 3.68
C CYS A 22 -8.71 6.17 2.33
N VAL A 23 -7.97 5.81 1.31
CA VAL A 23 -8.53 5.70 -0.05
C VAL A 23 -8.72 4.25 -0.48
N ILE A 24 -7.69 3.43 -0.26
CA ILE A 24 -7.75 2.03 -0.65
C ILE A 24 -6.61 1.24 0.00
N ALA A 25 -6.87 -0.04 0.22
CA ALA A 25 -5.87 -0.91 0.84
C ALA A 25 -6.17 -2.35 0.46
N VAL A 26 -5.26 -2.98 -0.27
CA VAL A 26 -5.45 -4.35 -0.71
C VAL A 26 -4.27 -5.20 -0.25
N GLN A 27 -4.55 -6.15 0.61
CA GLN A 27 -3.51 -7.01 1.14
C GLN A 27 -2.81 -7.75 0.01
N GLY A 28 -1.61 -8.26 0.31
CA GLY A 28 -0.83 -8.99 -0.68
C GLY A 28 0.02 -10.06 -0.01
N VAL A 29 0.90 -10.65 -0.80
CA VAL A 29 1.81 -11.68 -0.30
C VAL A 29 3.22 -11.36 -0.77
N LEU A 30 4.19 -11.93 -0.10
CA LEU A 30 5.59 -11.75 -0.46
C LEU A 30 6.28 -13.06 -0.24
N CYS A 31 6.89 -13.62 -1.28
CA CYS A 31 7.55 -14.91 -1.16
C CYS A 31 9.05 -14.77 -1.39
N LYS A 32 9.79 -15.54 -0.62
CA LYS A 32 11.24 -15.58 -0.76
C LYS A 32 11.69 -17.02 -0.62
N GLY A 33 12.64 -17.43 -1.48
CA GLY A 33 13.15 -18.80 -1.47
C GLY A 33 13.73 -19.18 -0.10
N ASP A 34 13.01 -18.84 0.96
CA ASP A 34 13.42 -19.15 2.31
C ASP A 34 12.18 -19.48 3.14
N SER A 35 11.27 -18.51 3.26
CA SER A 35 10.03 -18.68 4.00
C SER A 35 8.96 -17.74 3.47
N ARG A 36 7.69 -18.14 3.56
CA ARG A 36 6.61 -17.29 3.07
C ARG A 36 6.38 -16.11 4.00
N GLN A 37 6.06 -14.96 3.40
CA GLN A 37 5.81 -13.74 4.16
C GLN A 37 4.52 -13.08 3.71
N SER A 38 3.70 -12.66 4.67
CA SER A 38 2.43 -11.99 4.38
C SER A 38 2.45 -10.58 4.95
N ARG A 39 2.10 -9.62 4.12
CA ARG A 39 2.08 -8.21 4.50
C ARG A 39 0.76 -7.56 4.10
N LEU A 40 0.40 -6.50 4.82
CA LEU A 40 -0.84 -5.76 4.54
C LEU A 40 -0.52 -4.38 3.99
N LEU A 41 -0.98 -4.08 2.78
CA LEU A 41 -0.72 -2.79 2.14
C LEU A 41 -1.84 -1.81 2.45
N GLY A 42 -1.54 -0.52 2.31
CA GLY A 42 -2.53 0.52 2.57
C GLY A 42 -2.13 1.83 1.88
N LEU A 43 -3.12 2.57 1.41
CA LEU A 43 -2.90 3.86 0.75
C LEU A 43 -3.73 4.93 1.44
N VAL A 44 -3.07 6.03 1.84
CA VAL A 44 -3.76 7.11 2.54
C VAL A 44 -3.53 8.46 1.86
N ARG A 45 -4.62 9.20 1.69
CA ARG A 45 -4.57 10.52 1.11
C ARG A 45 -4.92 11.55 2.17
N TYR A 46 -4.07 12.56 2.30
CA TYR A 46 -4.28 13.62 3.28
C TYR A 46 -4.15 14.99 2.61
N ARG A 47 -5.06 15.90 2.93
CA ARG A 47 -5.03 17.25 2.33
C ARG A 47 -4.36 18.26 3.24
N LEU A 48 -3.71 19.25 2.64
CA LEU A 48 -3.02 20.30 3.40
C LEU A 48 -3.86 21.57 3.42
N GLU A 49 -3.84 22.26 4.56
CA GLU A 49 -4.58 23.49 4.71
C GLU A 49 -4.20 24.49 3.62
N ASN A 50 -3.10 24.22 2.94
CA ASN A 50 -2.63 25.09 1.88
C ASN A 50 -3.32 24.76 0.56
N ASP A 51 -4.20 23.76 0.60
CA ASP A 51 -4.93 23.31 -0.59
C ASP A 51 -4.10 22.25 -1.31
N ALA A 52 -2.83 22.18 -0.93
CA ALA A 52 -1.91 21.23 -1.53
C ALA A 52 -2.27 19.80 -1.13
N GLN A 53 -2.24 18.90 -2.10
CA GLN A 53 -2.55 17.49 -1.85
C GLN A 53 -1.27 16.67 -1.73
N GLU A 54 -1.32 15.64 -0.87
CA GLU A 54 -0.16 14.76 -0.69
C GLU A 54 -0.62 13.33 -0.41
N HIS A 55 0.18 12.37 -0.85
CA HIS A 55 -0.14 10.94 -0.66
C HIS A 55 1.12 10.12 -0.41
N ALA A 56 0.93 8.88 0.02
CA ALA A 56 2.05 7.98 0.29
C ALA A 56 1.53 6.55 0.39
N LEU A 57 2.42 5.57 0.20
CA LEU A 57 2.02 4.16 0.28
C LEU A 57 2.35 3.60 1.66
N PHE A 58 1.31 3.44 2.47
CA PHE A 58 1.49 2.93 3.83
C PHE A 58 1.66 1.42 3.84
N LEU A 59 2.53 0.95 4.72
CA LEU A 59 2.78 -0.48 4.87
C LEU A 59 2.36 -0.88 6.28
N TYR A 60 1.39 -1.78 6.35
CA TYR A 60 0.87 -2.26 7.63
C TYR A 60 1.28 -3.71 7.83
N THR A 61 1.79 -4.07 9.01
CA THR A 61 2.15 -5.45 9.25
C THR A 61 0.93 -6.18 9.76
N HIS A 62 0.97 -7.50 9.77
CA HIS A 62 -0.15 -8.26 10.26
C HIS A 62 0.27 -9.70 10.54
N ARG A 63 -0.47 -10.36 11.40
CA ARG A 63 -0.16 -11.74 11.76
C ARG A 63 -0.52 -12.66 10.61
N ARG A 64 -0.56 -13.95 10.90
CA ARG A 64 -0.89 -14.94 9.90
C ARG A 64 -2.38 -14.88 9.55
N MET A 65 -3.19 -14.37 10.48
CA MET A 65 -4.63 -14.28 10.26
C MET A 65 -5.19 -13.04 10.96
N ALA A 66 -4.37 -12.02 11.11
CA ALA A 66 -4.81 -10.79 11.77
C ALA A 66 -5.87 -10.09 10.93
N ILE A 67 -5.56 -9.86 9.65
CA ILE A 67 -6.45 -9.21 8.67
C ILE A 67 -7.49 -8.31 9.33
N THR A 68 -8.26 -8.93 10.20
CA THR A 68 -9.35 -8.30 10.91
C THR A 68 -9.17 -6.79 11.09
N GLY A 69 -7.93 -6.32 11.29
CA GLY A 69 -7.69 -4.89 11.53
C GLY A 69 -7.38 -4.69 13.01
N ASP A 70 -7.67 -5.74 13.78
CA ASP A 70 -7.45 -5.73 15.21
C ASP A 70 -5.98 -5.60 15.59
N ASP A 71 -5.09 -6.38 14.94
CA ASP A 71 -3.66 -6.36 15.29
C ASP A 71 -2.76 -5.92 14.14
N VAL A 72 -3.15 -4.86 13.45
CA VAL A 72 -2.34 -4.34 12.34
C VAL A 72 -2.28 -2.82 12.38
N SER A 73 -1.07 -2.27 12.44
CA SER A 73 -0.87 -0.83 12.50
C SER A 73 0.44 -0.48 11.78
N LEU A 74 0.69 0.80 11.54
CA LEU A 74 1.87 1.21 10.79
C LEU A 74 3.13 0.43 11.16
N ASP A 75 3.74 -0.14 10.11
CA ASP A 75 4.98 -0.92 10.25
C ASP A 75 6.10 -0.32 9.39
N GLN A 76 5.72 0.39 8.31
CA GLN A 76 6.73 1.02 7.45
C GLN A 76 6.12 2.23 6.73
N ILE A 77 6.92 2.86 5.87
CA ILE A 77 6.47 4.02 5.10
C ILE A 77 7.21 4.07 3.75
N VAL A 78 6.45 4.19 2.67
CA VAL A 78 7.00 4.27 1.32
C VAL A 78 6.28 5.36 0.53
N PRO A 79 6.72 6.58 0.59
CA PRO A 79 6.05 7.72 -0.11
C PRO A 79 6.43 7.80 -1.58
N LEU A 80 5.46 8.14 -2.40
CA LEU A 80 5.67 8.24 -3.83
C LEU A 80 6.69 9.31 -4.16
N SER A 81 7.72 8.89 -4.89
CA SER A 81 8.80 9.79 -5.29
C SER A 81 9.12 9.59 -6.77
N LYS A 82 9.84 10.52 -7.36
CA LYS A 82 10.16 10.42 -8.77
C LYS A 82 10.84 9.10 -9.09
N ASP A 83 11.77 8.68 -8.24
CA ASP A 83 12.47 7.42 -8.44
C ASP A 83 11.51 6.23 -8.35
N PHE A 84 10.27 6.51 -7.95
CA PHE A 84 9.25 5.47 -7.84
C PHE A 84 8.92 4.94 -9.23
N MET A 85 8.75 3.63 -9.34
CA MET A 85 8.41 3.01 -10.61
C MET A 85 7.98 1.56 -10.37
N LEU A 86 6.96 1.12 -11.09
CA LEU A 86 6.47 -0.24 -10.95
C LEU A 86 6.95 -1.07 -12.14
N GLU A 87 7.53 -2.24 -11.88
CA GLU A 87 8.04 -3.09 -12.96
C GLU A 87 7.33 -4.44 -12.95
N GLU A 88 6.76 -4.79 -14.08
CA GLU A 88 6.08 -6.07 -14.22
C GLU A 88 7.12 -7.18 -14.23
N VAL A 89 6.77 -8.33 -13.66
CA VAL A 89 7.70 -9.48 -13.63
C VAL A 89 7.13 -10.64 -14.46
N SER A 90 7.96 -11.18 -15.33
CA SER A 90 7.56 -12.29 -16.18
C SER A 90 6.85 -13.38 -15.36
N PRO A 91 5.54 -13.51 -15.47
CA PRO A 91 4.78 -14.56 -14.69
C PRO A 91 5.37 -15.96 -14.86
N ASP A 92 5.70 -16.32 -16.09
CA ASP A 92 6.25 -17.65 -16.38
C ASP A 92 5.27 -18.72 -15.93
N GLY A 93 3.97 -18.41 -16.05
CA GLY A 93 2.92 -19.35 -15.65
C GLY A 93 2.58 -20.30 -16.79
N GLU A 94 2.63 -21.60 -16.51
CA GLU A 94 2.34 -22.61 -17.52
C GLU A 94 0.89 -22.50 -17.99
N LEU A 95 -0.02 -22.21 -17.08
CA LEU A 95 -1.44 -22.06 -17.43
C LEU A 95 -2.09 -21.01 -16.52
N TYR A 96 -1.56 -19.79 -16.55
CA TYR A 96 -2.09 -18.70 -15.72
C TYR A 96 -2.03 -17.38 -16.48
N ILE A 97 -3.09 -16.58 -16.33
CA ILE A 97 -3.18 -15.27 -16.97
C ILE A 97 -3.47 -14.19 -15.93
N LEU A 98 -3.06 -14.43 -14.69
CA LEU A 98 -3.31 -13.47 -13.61
C LEU A 98 -4.82 -13.16 -13.54
N GLY A 99 -5.61 -14.15 -13.17
CA GLY A 99 -7.07 -13.96 -13.09
C GLY A 99 -7.52 -13.86 -11.63
N SER A 100 -6.69 -14.35 -10.72
CA SER A 100 -6.98 -14.31 -9.29
C SER A 100 -5.73 -13.92 -8.51
N ASP A 101 -4.80 -13.32 -9.25
CA ASP A 101 -3.53 -12.86 -8.68
C ASP A 101 -2.84 -11.91 -9.67
N VAL A 102 -2.00 -11.02 -9.16
CA VAL A 102 -1.28 -10.07 -10.01
C VAL A 102 0.17 -9.99 -9.56
N THR A 103 1.08 -9.77 -10.51
CA THR A 103 2.50 -9.65 -10.20
C THR A 103 2.97 -8.22 -10.42
N VAL A 104 3.31 -7.57 -9.32
CA VAL A 104 3.80 -6.19 -9.36
C VAL A 104 5.07 -6.07 -8.53
N GLN A 105 6.08 -5.40 -9.08
CA GLN A 105 7.36 -5.21 -8.37
C GLN A 105 7.64 -3.73 -8.17
N LEU A 106 7.65 -3.27 -6.91
CA LEU A 106 7.89 -1.86 -6.63
C LEU A 106 9.38 -1.54 -6.66
N ASN A 107 9.76 -0.68 -7.60
CA ASN A 107 11.18 -0.31 -7.76
C ASN A 107 11.48 1.11 -7.29
N THR A 108 11.34 1.34 -5.99
CA THR A 108 11.64 2.67 -5.45
C THR A 108 13.14 2.80 -5.19
N ALA A 109 13.54 3.99 -4.78
CA ALA A 109 14.94 4.28 -4.52
C ALA A 109 15.53 3.36 -3.45
N GLU A 110 14.76 3.09 -2.40
CA GLU A 110 15.23 2.22 -1.30
C GLU A 110 14.21 1.13 -1.02
N LEU A 111 13.40 0.81 -2.01
CA LEU A 111 12.39 -0.23 -1.84
C LEU A 111 12.36 -1.10 -3.08
N LYS A 112 12.58 -2.38 -2.88
CA LYS A 112 12.56 -3.34 -3.99
C LYS A 112 12.04 -4.68 -3.48
N LEU A 113 10.79 -4.96 -3.80
CA LEU A 113 10.16 -6.22 -3.38
C LEU A 113 9.12 -6.69 -4.40
N VAL A 114 8.58 -7.88 -4.18
CA VAL A 114 7.55 -8.44 -5.07
C VAL A 114 6.28 -8.75 -4.29
N PHE A 115 5.12 -8.31 -4.80
CA PHE A 115 3.85 -8.55 -4.13
C PHE A 115 2.86 -9.24 -5.06
N GLN A 116 2.05 -10.14 -4.49
CA GLN A 116 1.02 -10.88 -5.24
C GLN A 116 -0.37 -10.49 -4.75
N LEU A 117 -0.94 -9.46 -5.36
CA LEU A 117 -2.28 -8.98 -4.99
C LEU A 117 -3.34 -9.70 -5.82
N PRO A 118 -4.57 -9.80 -5.35
CA PRO A 118 -5.67 -10.50 -6.11
C PRO A 118 -6.05 -9.74 -7.38
N PHE A 119 -5.83 -10.39 -8.52
CA PHE A 119 -6.11 -9.82 -9.84
C PHE A 119 -7.33 -8.92 -9.89
N GLY A 120 -7.16 -7.80 -10.58
CA GLY A 120 -8.23 -6.81 -10.76
C GLY A 120 -9.17 -6.78 -9.56
N SER A 121 -10.47 -6.87 -9.83
CA SER A 121 -11.45 -6.85 -8.75
C SER A 121 -11.19 -5.69 -7.80
N HIS A 122 -10.79 -6.00 -6.58
CA HIS A 122 -10.52 -4.98 -5.58
C HIS A 122 -9.14 -4.36 -5.79
N THR A 123 -8.34 -4.95 -6.69
CA THR A 123 -7.00 -4.44 -6.97
C THR A 123 -7.01 -3.39 -8.08
N ARG A 124 -7.92 -3.54 -9.04
CA ARG A 124 -7.99 -2.61 -10.17
C ARG A 124 -8.16 -1.19 -9.67
N THR A 125 -9.00 -1.01 -8.67
CA THR A 125 -9.25 0.31 -8.13
C THR A 125 -7.94 0.90 -7.62
N PHE A 126 -7.15 0.08 -6.94
CA PHE A 126 -5.89 0.53 -6.38
C PHE A 126 -5.00 1.14 -7.46
N LEU A 127 -4.80 0.41 -8.56
CA LEU A 127 -3.91 0.90 -9.61
C LEU A 127 -4.26 2.33 -9.99
N GLN A 128 -5.53 2.59 -10.24
CA GLN A 128 -5.95 3.92 -10.64
C GLN A 128 -5.63 4.97 -9.58
N GLU A 129 -5.78 4.61 -8.31
CA GLU A 129 -5.51 5.55 -7.22
C GLU A 129 -4.04 5.96 -7.18
N VAL A 130 -3.16 5.08 -7.67
CA VAL A 130 -1.73 5.39 -7.67
C VAL A 130 -1.46 6.63 -8.52
N ALA A 131 -2.01 6.64 -9.72
CA ALA A 131 -1.80 7.75 -10.66
C ALA A 131 -2.17 9.09 -10.03
N ARG A 132 -3.26 9.13 -9.27
CA ARG A 132 -3.71 10.36 -8.62
C ARG A 132 -2.91 10.63 -7.35
N ALA A 133 -2.42 9.56 -6.74
CA ALA A 133 -1.66 9.67 -5.49
C ALA A 133 -0.50 10.65 -5.62
N CYS A 134 0.02 10.81 -6.83
CA CYS A 134 1.12 11.76 -7.05
C CYS A 134 1.52 11.85 -8.52
N PRO A 135 1.85 10.74 -9.16
CA PRO A 135 2.26 10.72 -10.60
C PRO A 135 1.35 11.58 -11.50
N GLY A 136 0.73 10.95 -12.51
CA GLY A 136 -0.14 11.69 -13.42
C GLY A 136 0.62 12.88 -14.00
N PHE A 137 1.93 12.72 -14.08
CA PHE A 137 2.80 13.77 -14.62
C PHE A 137 2.32 15.17 -14.23
N ASP A 138 2.47 15.52 -12.95
CA ASP A 138 2.07 16.85 -12.46
C ASP A 138 3.30 17.77 -12.39
N PRO A 139 3.12 19.07 -12.17
CA PRO A 139 4.27 20.02 -12.12
C PRO A 139 5.23 19.75 -10.96
N GLU A 140 4.72 19.87 -9.72
CA GLU A 140 5.54 19.66 -8.53
C GLU A 140 5.60 18.18 -8.17
N THR A 141 5.66 17.34 -9.19
CA THR A 141 5.71 15.88 -8.99
C THR A 141 7.13 15.33 -9.19
N ARG A 142 8.11 16.23 -9.28
CA ARG A 142 9.50 15.81 -9.50
C ARG A 142 10.34 16.04 -8.26
N ASP A 143 9.91 17.00 -7.45
CA ASP A 143 10.63 17.34 -6.23
C ASP A 143 9.96 16.69 -5.01
N PRO A 144 10.56 15.68 -4.41
CA PRO A 144 9.96 15.00 -3.22
C PRO A 144 9.52 16.00 -2.15
N GLU A 145 8.75 15.49 -1.19
CA GLU A 145 8.27 16.31 -0.06
C GLU A 145 8.17 15.45 1.18
N PHE A 146 7.03 14.77 1.33
CA PHE A 146 6.83 13.91 2.49
C PHE A 146 7.05 14.68 3.79
N GLU A 147 7.19 15.99 3.66
CA GLU A 147 7.43 16.86 4.80
C GLU A 147 6.34 16.73 5.87
N TRP A 148 5.18 16.17 5.50
CA TRP A 148 4.08 16.02 6.44
C TRP A 148 4.11 14.64 7.11
N LEU A 149 4.86 13.70 6.53
CA LEU A 149 4.96 12.36 7.11
C LEU A 149 5.59 12.43 8.49
N SER A 150 6.55 13.33 8.67
CA SER A 150 7.24 13.48 9.94
C SER A 150 6.22 13.49 11.07
N ARG A 151 4.99 13.86 10.74
CA ARG A 151 3.91 13.90 11.72
C ARG A 151 3.74 12.52 12.31
N HIS A 152 3.82 11.53 11.43
CA HIS A 152 3.68 10.15 11.84
C HIS A 152 4.95 9.69 12.54
N THR A 153 4.78 8.82 13.53
CA THR A 153 5.92 8.27 14.28
C THR A 153 5.85 6.76 14.21
N CYS A 154 4.79 6.27 13.59
CA CYS A 154 4.59 4.84 13.43
C CYS A 154 4.53 4.16 14.80
N ALA A 155 3.86 3.01 14.85
CA ALA A 155 3.73 2.26 16.10
C ALA A 155 5.04 2.29 16.89
N GLU A 156 4.94 2.22 18.22
CA GLU A 156 6.13 2.25 19.07
C GLU A 156 6.50 0.81 19.49
N PRO A 157 7.54 0.23 18.93
CA PRO A 157 7.94 -1.17 19.28
C PRO A 157 8.66 -1.25 20.63
N ASP A 158 8.63 -2.43 21.23
CA ASP A 158 9.27 -2.65 22.52
C ASP A 158 9.74 -4.09 22.65
N ALA A 159 10.80 -4.43 21.90
CA ALA A 159 11.34 -5.78 21.93
C ALA A 159 11.92 -6.10 23.31
N GLU A 160 12.53 -5.10 23.94
CA GLU A 160 13.13 -5.30 25.26
C GLU A 160 12.05 -5.60 26.31
N SER A 161 10.92 -4.92 26.19
CA SER A 161 9.82 -5.12 27.14
C SER A 161 9.52 -6.61 27.29
N GLY A 1 -26.80 -7.84 1.08
CA GLY A 1 -26.65 -9.32 1.08
C GLY A 1 -25.53 -9.73 2.05
N PRO A 2 -24.38 -9.14 1.90
CA PRO A 2 -23.20 -9.44 2.78
C PRO A 2 -23.55 -9.30 4.26
N LEU A 3 -24.35 -8.30 4.58
CA LEU A 3 -24.76 -8.06 5.97
C LEU A 3 -23.59 -8.30 6.92
N GLY A 4 -22.57 -7.44 6.82
CA GLY A 4 -21.40 -7.56 7.66
C GLY A 4 -20.40 -8.54 7.07
N SER A 5 -19.21 -8.04 6.73
CA SER A 5 -18.16 -8.87 6.14
C SER A 5 -16.78 -8.29 6.45
N MET A 6 -15.74 -9.05 6.15
CA MET A 6 -14.37 -8.61 6.41
C MET A 6 -13.87 -7.68 5.29
N ASP A 7 -12.90 -6.84 5.61
CA ASP A 7 -12.33 -5.92 4.63
C ASP A 7 -11.01 -5.35 5.14
N GLN A 8 -10.24 -4.75 4.25
CA GLN A 8 -8.96 -4.15 4.62
C GLN A 8 -9.10 -2.64 4.74
N SER A 9 -9.95 -2.06 3.90
CA SER A 9 -10.15 -0.61 3.91
C SER A 9 -10.45 -0.10 5.32
N VAL A 10 -11.40 -0.76 5.99
CA VAL A 10 -11.75 -0.36 7.34
C VAL A 10 -10.57 -0.60 8.28
N ALA A 11 -9.97 -1.78 8.16
CA ALA A 11 -8.85 -2.16 9.00
C ALA A 11 -7.87 -1.00 9.15
N ILE A 12 -7.53 -0.36 8.04
CA ILE A 12 -6.61 0.76 8.09
C ILE A 12 -7.21 1.93 8.86
N GLN A 13 -8.45 2.27 8.54
CA GLN A 13 -9.10 3.39 9.18
C GLN A 13 -8.96 3.30 10.70
N GLU A 14 -9.26 2.14 11.27
CA GLU A 14 -9.16 1.96 12.70
C GLU A 14 -7.72 2.11 13.17
N THR A 15 -6.81 1.45 12.48
CA THR A 15 -5.39 1.50 12.82
C THR A 15 -4.79 2.87 12.53
N LEU A 16 -5.30 3.55 11.51
CA LEU A 16 -4.76 4.86 11.14
C LEU A 16 -4.87 5.83 12.31
N VAL A 17 -5.60 6.91 12.13
CA VAL A 17 -5.80 7.90 13.18
C VAL A 17 -6.88 8.87 12.75
N GLU A 18 -7.61 9.41 13.72
CA GLU A 18 -8.70 10.32 13.43
C GLU A 18 -8.20 11.67 12.89
N GLY A 19 -8.53 11.95 11.63
CA GLY A 19 -8.13 13.22 11.01
C GLY A 19 -7.73 13.03 9.54
N GLU A 20 -7.32 11.81 9.19
CA GLU A 20 -6.91 11.52 7.82
C GLU A 20 -8.04 10.84 7.03
N TYR A 21 -7.72 10.44 5.80
CA TYR A 21 -8.68 9.82 4.91
C TYR A 21 -8.14 8.55 4.28
N CYS A 22 -8.85 7.45 4.47
CA CYS A 22 -8.45 6.18 3.86
C CYS A 22 -9.09 6.13 2.48
N VAL A 23 -8.42 5.51 1.53
CA VAL A 23 -8.94 5.42 0.15
C VAL A 23 -9.07 3.97 -0.31
N ILE A 24 -7.97 3.25 -0.26
CA ILE A 24 -7.96 1.86 -0.70
C ILE A 24 -6.78 1.10 -0.12
N ALA A 25 -7.05 -0.11 0.37
CA ALA A 25 -6.01 -0.94 0.96
C ALA A 25 -6.40 -2.40 0.83
N VAL A 26 -5.51 -3.19 0.25
CA VAL A 26 -5.77 -4.63 0.06
C VAL A 26 -4.75 -5.43 0.85
N GLN A 27 -4.59 -6.70 0.48
CA GLN A 27 -3.63 -7.58 1.16
C GLN A 27 -2.84 -8.36 0.13
N GLY A 28 -1.53 -8.19 0.15
CA GLY A 28 -0.65 -8.87 -0.80
C GLY A 28 0.30 -9.82 -0.10
N VAL A 29 0.81 -10.78 -0.85
CA VAL A 29 1.73 -11.76 -0.30
C VAL A 29 3.15 -11.33 -0.63
N LEU A 30 4.10 -11.87 0.10
CA LEU A 30 5.51 -11.58 -0.12
C LEU A 30 6.26 -12.91 -0.07
N CYS A 31 6.86 -13.33 -1.18
CA CYS A 31 7.57 -14.60 -1.20
C CYS A 31 9.07 -14.36 -1.19
N LYS A 32 9.75 -15.04 -0.27
CA LYS A 32 11.21 -14.94 -0.16
C LYS A 32 11.78 -16.32 0.06
N GLY A 33 12.82 -16.65 -0.69
CA GLY A 33 13.45 -17.95 -0.57
C GLY A 33 12.41 -19.08 -0.70
N ASP A 34 12.32 -19.91 0.33
CA ASP A 34 11.36 -21.02 0.35
C ASP A 34 10.46 -20.87 1.58
N SER A 35 10.25 -19.63 1.99
CA SER A 35 9.41 -19.32 3.14
C SER A 35 8.37 -18.27 2.74
N ARG A 36 7.09 -18.62 2.83
CA ARG A 36 6.02 -17.70 2.45
C ARG A 36 5.73 -16.72 3.58
N GLN A 37 5.46 -15.47 3.20
CA GLN A 37 5.16 -14.43 4.17
C GLN A 37 3.89 -13.68 3.77
N SER A 38 3.25 -13.06 4.76
CA SER A 38 2.02 -12.30 4.51
C SER A 38 2.20 -10.83 4.89
N ARG A 39 1.90 -9.95 3.94
CA ARG A 39 2.02 -8.51 4.16
C ARG A 39 0.74 -7.80 3.75
N LEU A 40 0.49 -6.65 4.38
CA LEU A 40 -0.72 -5.86 4.11
C LEU A 40 -0.34 -4.45 3.67
N LEU A 41 -0.87 -4.02 2.52
CA LEU A 41 -0.57 -2.68 1.99
C LEU A 41 -1.74 -1.71 2.26
N GLY A 42 -1.49 -0.43 2.02
CA GLY A 42 -2.51 0.57 2.21
C GLY A 42 -2.15 1.87 1.51
N LEU A 43 -3.17 2.61 1.09
CA LEU A 43 -2.99 3.90 0.41
C LEU A 43 -3.78 4.97 1.15
N VAL A 44 -3.12 6.10 1.44
CA VAL A 44 -3.76 7.19 2.17
C VAL A 44 -3.58 8.52 1.47
N ARG A 45 -4.69 9.25 1.32
CA ARG A 45 -4.68 10.56 0.70
C ARG A 45 -5.05 11.60 1.75
N TYR A 46 -4.28 12.68 1.78
CA TYR A 46 -4.51 13.76 2.74
C TYR A 46 -4.94 15.03 2.01
N ARG A 47 -6.11 15.57 2.37
CA ARG A 47 -6.64 16.77 1.71
C ARG A 47 -6.26 18.03 2.47
N LEU A 48 -6.11 19.14 1.74
CA LEU A 48 -5.75 20.42 2.33
C LEU A 48 -6.80 21.48 2.02
N GLU A 49 -6.88 22.48 2.88
CA GLU A 49 -7.84 23.57 2.70
C GLU A 49 -7.39 24.47 1.55
N ASN A 50 -6.48 23.97 0.72
CA ASN A 50 -5.97 24.73 -0.42
C ASN A 50 -5.62 23.79 -1.57
N ASP A 51 -6.39 22.71 -1.69
CA ASP A 51 -6.16 21.71 -2.73
C ASP A 51 -4.81 21.02 -2.51
N ALA A 52 -3.76 21.84 -2.46
CA ALA A 52 -2.39 21.35 -2.26
C ALA A 52 -2.36 20.12 -1.37
N GLN A 53 -2.53 18.95 -2.00
CA GLN A 53 -2.53 17.68 -1.28
C GLN A 53 -1.31 16.85 -1.64
N GLU A 54 -1.27 15.62 -1.13
CA GLU A 54 -0.16 14.72 -1.39
C GLU A 54 -0.60 13.27 -1.19
N HIS A 55 0.16 12.34 -1.75
CA HIS A 55 -0.17 10.91 -1.63
C HIS A 55 1.06 10.12 -1.20
N ALA A 56 0.82 8.99 -0.55
CA ALA A 56 1.90 8.13 -0.09
C ALA A 56 1.39 6.69 0.02
N LEU A 57 2.25 5.71 -0.26
CA LEU A 57 1.86 4.30 -0.18
C LEU A 57 2.23 3.73 1.18
N PHE A 58 1.26 3.68 2.07
CA PHE A 58 1.48 3.18 3.41
C PHE A 58 1.62 1.66 3.42
N LEU A 59 2.56 1.18 4.24
CA LEU A 59 2.80 -0.25 4.39
C LEU A 59 2.38 -0.67 5.79
N TYR A 60 1.57 -1.70 5.85
CA TYR A 60 1.07 -2.23 7.12
C TYR A 60 1.50 -3.67 7.29
N THR A 61 2.11 -4.02 8.41
CA THR A 61 2.51 -5.41 8.62
C THR A 61 1.32 -6.16 9.19
N HIS A 62 1.34 -7.47 9.07
CA HIS A 62 0.25 -8.26 9.60
C HIS A 62 0.61 -9.75 9.56
N ARG A 63 0.19 -10.48 10.58
CA ARG A 63 0.47 -11.91 10.64
C ARG A 63 -0.13 -12.59 9.43
N ARG A 64 -0.33 -13.89 9.54
CA ARG A 64 -0.90 -14.67 8.46
C ARG A 64 -2.35 -14.27 8.22
N MET A 65 -3.08 -13.95 9.29
CA MET A 65 -4.49 -13.58 9.16
C MET A 65 -4.84 -12.40 10.07
N ALA A 66 -3.85 -11.54 10.31
CA ALA A 66 -4.07 -10.36 11.16
C ALA A 66 -4.78 -9.26 10.37
N ILE A 67 -5.55 -9.67 9.37
CA ILE A 67 -6.28 -8.75 8.51
C ILE A 67 -7.32 -7.94 9.31
N THR A 68 -8.02 -8.64 10.18
CA THR A 68 -9.09 -8.04 10.99
C THR A 68 -8.85 -6.57 11.35
N GLY A 69 -7.61 -6.14 11.47
CA GLY A 69 -7.32 -4.75 11.86
C GLY A 69 -6.87 -4.73 13.31
N ASP A 70 -7.13 -5.84 13.98
CA ASP A 70 -6.81 -5.98 15.41
C ASP A 70 -5.31 -5.92 15.70
N ASP A 71 -4.53 -6.67 14.94
CA ASP A 71 -3.07 -6.79 15.18
C ASP A 71 -2.23 -6.31 13.98
N VAL A 72 -2.59 -5.13 13.42
CA VAL A 72 -1.85 -4.55 12.29
C VAL A 72 -1.84 -3.03 12.39
N SER A 73 -0.66 -2.44 12.22
CA SER A 73 -0.51 -1.00 12.29
C SER A 73 0.65 -0.58 11.38
N LEU A 74 0.79 0.72 11.14
CA LEU A 74 1.82 1.21 10.22
C LEU A 74 3.18 0.53 10.40
N ASP A 75 3.80 0.23 9.25
CA ASP A 75 5.12 -0.40 9.19
C ASP A 75 6.15 0.63 8.72
N GLN A 76 6.00 1.13 7.49
CA GLN A 76 6.92 2.13 6.96
C GLN A 76 6.26 2.90 5.80
N ILE A 77 6.26 4.22 5.92
CA ILE A 77 5.67 5.09 4.90
C ILE A 77 6.67 5.34 3.77
N VAL A 78 6.18 5.37 2.53
CA VAL A 78 7.05 5.63 1.38
C VAL A 78 6.39 6.67 0.47
N PRO A 79 6.91 7.89 0.38
CA PRO A 79 6.28 8.95 -0.47
C PRO A 79 6.57 8.79 -1.94
N LEU A 80 5.58 9.13 -2.75
CA LEU A 80 5.70 9.01 -4.18
C LEU A 80 6.51 10.16 -4.77
N SER A 81 7.39 9.80 -5.68
CA SER A 81 8.26 10.75 -6.36
C SER A 81 9.41 9.98 -7.00
N LYS A 82 10.40 10.69 -7.57
CA LYS A 82 11.53 10.03 -8.20
C LYS A 82 12.09 8.89 -7.33
N ASP A 83 11.61 8.81 -6.10
CA ASP A 83 12.03 7.76 -5.19
C ASP A 83 11.22 6.50 -5.46
N PHE A 84 9.90 6.63 -5.37
CA PHE A 84 9.00 5.49 -5.61
C PHE A 84 8.88 5.24 -7.11
N MET A 85 8.77 3.97 -7.47
CA MET A 85 8.63 3.58 -8.88
C MET A 85 8.14 2.15 -8.97
N LEU A 86 6.95 1.97 -9.52
CA LEU A 86 6.38 0.63 -9.68
C LEU A 86 6.75 0.08 -11.05
N GLU A 87 7.02 -1.23 -11.12
CA GLU A 87 7.39 -1.86 -12.39
C GLU A 87 6.63 -3.15 -12.59
N GLU A 88 6.14 -3.35 -13.81
CA GLU A 88 5.42 -4.58 -14.15
C GLU A 88 6.41 -5.72 -14.32
N VAL A 89 6.05 -6.90 -13.80
CA VAL A 89 6.93 -8.07 -13.91
C VAL A 89 6.12 -9.31 -14.26
N SER A 90 6.70 -10.16 -15.08
CA SER A 90 6.03 -11.39 -15.52
C SER A 90 5.69 -12.26 -14.29
N PRO A 91 4.59 -12.98 -14.32
CA PRO A 91 4.19 -13.87 -13.17
C PRO A 91 5.07 -15.11 -13.05
N ASP A 92 6.17 -15.12 -13.79
CA ASP A 92 7.08 -16.27 -13.78
C ASP A 92 6.34 -17.51 -14.23
N GLY A 93 5.28 -17.32 -15.03
CA GLY A 93 4.46 -18.42 -15.54
C GLY A 93 4.53 -18.46 -17.07
N GLU A 94 3.78 -19.39 -17.67
CA GLU A 94 3.74 -19.52 -19.12
C GLU A 94 2.35 -19.94 -19.60
N LEU A 95 1.56 -20.49 -18.68
CA LEU A 95 0.19 -20.92 -18.99
C LEU A 95 -0.76 -20.51 -17.86
N TYR A 96 -1.14 -19.23 -17.85
CA TYR A 96 -2.05 -18.74 -16.83
C TYR A 96 -2.57 -17.34 -17.19
N ILE A 97 -3.72 -16.97 -16.61
CA ILE A 97 -4.32 -15.66 -16.84
C ILE A 97 -4.47 -14.90 -15.53
N LEU A 98 -3.40 -14.89 -14.73
CA LEU A 98 -3.43 -14.22 -13.42
C LEU A 98 -4.53 -14.84 -12.55
N GLY A 99 -5.78 -14.59 -12.92
CA GLY A 99 -6.92 -15.10 -12.18
C GLY A 99 -7.06 -14.37 -10.85
N SER A 100 -6.15 -14.68 -9.93
CA SER A 100 -6.15 -14.06 -8.61
C SER A 100 -4.72 -14.03 -8.07
N ASP A 101 -3.78 -13.70 -8.96
CA ASP A 101 -2.36 -13.62 -8.61
C ASP A 101 -1.68 -12.51 -9.40
N VAL A 102 -2.00 -11.26 -9.07
CA VAL A 102 -1.40 -10.12 -9.76
C VAL A 102 0.07 -10.01 -9.41
N THR A 103 0.89 -9.65 -10.40
CA THR A 103 2.33 -9.50 -10.17
C THR A 103 2.73 -8.03 -10.27
N VAL A 104 3.13 -7.48 -9.13
CA VAL A 104 3.58 -6.08 -9.06
C VAL A 104 4.89 -6.02 -8.27
N GLN A 105 5.84 -5.24 -8.76
CA GLN A 105 7.14 -5.11 -8.09
C GLN A 105 7.45 -3.65 -7.80
N LEU A 106 7.56 -3.29 -6.51
CA LEU A 106 7.82 -1.91 -6.13
C LEU A 106 9.32 -1.61 -6.20
N ASN A 107 9.70 -0.77 -7.15
CA ASN A 107 11.12 -0.40 -7.34
C ASN A 107 11.45 0.97 -6.77
N THR A 108 11.33 1.13 -5.46
CA THR A 108 11.66 2.42 -4.85
C THR A 108 13.17 2.61 -4.82
N ALA A 109 13.61 3.79 -4.40
CA ALA A 109 15.03 4.10 -4.35
C ALA A 109 15.80 3.14 -3.46
N GLU A 110 15.23 2.77 -2.31
CA GLU A 110 15.90 1.85 -1.37
C GLU A 110 14.97 0.72 -0.98
N LEU A 111 14.00 0.43 -1.83
CA LEU A 111 13.05 -0.64 -1.56
C LEU A 111 12.76 -1.39 -2.85
N LYS A 112 12.84 -2.71 -2.77
CA LYS A 112 12.57 -3.57 -3.91
C LYS A 112 12.00 -4.89 -3.46
N LEU A 113 10.67 -5.02 -3.56
CA LEU A 113 9.97 -6.24 -3.13
C LEU A 113 9.02 -6.74 -4.21
N VAL A 114 8.60 -8.00 -4.09
CA VAL A 114 7.67 -8.62 -5.03
C VAL A 114 6.35 -8.95 -4.33
N PHE A 115 5.30 -8.22 -4.67
CA PHE A 115 3.98 -8.44 -4.06
C PHE A 115 3.04 -9.18 -5.02
N GLN A 116 2.45 -10.26 -4.51
CA GLN A 116 1.51 -11.07 -5.29
C GLN A 116 0.12 -10.95 -4.69
N LEU A 117 -0.68 -9.99 -5.19
CA LEU A 117 -2.03 -9.78 -4.67
C LEU A 117 -3.07 -10.37 -5.63
N PRO A 118 -4.32 -10.44 -5.25
CA PRO A 118 -5.40 -11.00 -6.13
C PRO A 118 -5.77 -10.05 -7.28
N PHE A 119 -5.80 -10.59 -8.49
CA PHE A 119 -6.11 -9.81 -9.69
C PHE A 119 -7.49 -9.18 -9.67
N GLY A 120 -7.61 -8.10 -10.44
CA GLY A 120 -8.85 -7.37 -10.57
C GLY A 120 -9.59 -7.29 -9.25
N SER A 121 -10.91 -7.33 -9.32
CA SER A 121 -11.73 -7.28 -8.10
C SER A 121 -11.45 -6.00 -7.32
N HIS A 122 -11.02 -6.16 -6.07
CA HIS A 122 -10.74 -5.01 -5.22
C HIS A 122 -9.34 -4.44 -5.50
N THR A 123 -8.48 -5.25 -6.12
CA THR A 123 -7.13 -4.81 -6.42
C THR A 123 -7.11 -3.79 -7.56
N ARG A 124 -8.08 -3.88 -8.45
CA ARG A 124 -8.14 -2.98 -9.60
C ARG A 124 -8.13 -1.52 -9.15
N THR A 125 -8.96 -1.21 -8.16
CA THR A 125 -9.04 0.15 -7.66
C THR A 125 -7.66 0.63 -7.24
N PHE A 126 -6.90 -0.26 -6.64
CA PHE A 126 -5.56 0.12 -6.18
C PHE A 126 -4.73 0.64 -7.35
N LEU A 127 -4.63 -0.14 -8.42
CA LEU A 127 -3.79 0.26 -9.55
C LEU A 127 -4.10 1.68 -9.98
N GLN A 128 -5.38 1.96 -10.23
CA GLN A 128 -5.77 3.27 -10.69
C GLN A 128 -5.60 4.34 -9.62
N GLU A 129 -6.00 4.01 -8.39
CA GLU A 129 -5.90 4.95 -7.28
C GLU A 129 -4.47 5.42 -7.06
N VAL A 130 -3.54 4.48 -6.94
CA VAL A 130 -2.14 4.84 -6.73
C VAL A 130 -1.58 5.54 -7.97
N ALA A 131 -1.90 4.99 -9.14
CA ALA A 131 -1.42 5.55 -10.41
C ALA A 131 -1.81 7.02 -10.58
N ARG A 132 -3.08 7.34 -10.34
CA ARG A 132 -3.54 8.72 -10.47
C ARG A 132 -3.02 9.58 -9.32
N ALA A 133 -2.49 8.92 -8.30
CA ALA A 133 -1.97 9.62 -7.13
C ALA A 133 -0.72 10.43 -7.46
N CYS A 134 -0.13 10.20 -8.64
CA CYS A 134 1.06 10.95 -9.07
C CYS A 134 1.86 10.19 -10.15
N PRO A 135 2.04 8.90 -10.02
CA PRO A 135 2.84 8.10 -11.00
C PRO A 135 2.39 8.31 -12.43
N GLY A 136 1.08 8.14 -12.69
CA GLY A 136 0.50 8.29 -14.03
C GLY A 136 1.41 9.08 -14.97
N PHE A 137 2.42 8.38 -15.50
CA PHE A 137 3.43 8.97 -16.40
C PHE A 137 3.35 10.50 -16.45
N ASP A 138 3.88 11.15 -15.42
CA ASP A 138 3.87 12.61 -15.34
C ASP A 138 5.22 13.17 -15.80
N PRO A 139 5.29 14.44 -16.15
CA PRO A 139 6.58 15.05 -16.63
C PRO A 139 7.74 14.85 -15.66
N GLU A 140 7.45 15.03 -14.36
CA GLU A 140 8.49 14.90 -13.33
C GLU A 140 7.99 14.08 -12.15
N THR A 141 7.07 13.16 -12.41
CA THR A 141 6.53 12.30 -11.37
C THR A 141 6.18 13.10 -10.11
N ARG A 142 5.78 14.36 -10.30
CA ARG A 142 5.42 15.23 -9.18
C ARG A 142 6.62 15.51 -8.29
N ASP A 143 6.58 16.66 -7.62
CA ASP A 143 7.65 17.07 -6.73
C ASP A 143 7.49 16.41 -5.36
N PRO A 144 8.55 15.97 -4.76
CA PRO A 144 8.49 15.32 -3.41
C PRO A 144 8.16 16.32 -2.30
N GLU A 145 7.48 15.83 -1.27
CA GLU A 145 7.10 16.65 -0.12
C GLU A 145 6.79 15.74 1.07
N PHE A 146 7.82 15.41 1.84
CA PHE A 146 7.66 14.53 3.01
C PHE A 146 7.59 15.37 4.29
N GLU A 147 7.24 16.64 4.14
CA GLU A 147 7.16 17.55 5.28
C GLU A 147 6.15 17.08 6.32
N TRP A 148 5.00 16.59 5.86
CA TRP A 148 3.97 16.12 6.79
C TRP A 148 4.27 14.71 7.29
N LEU A 149 5.10 13.96 6.57
CA LEU A 149 5.44 12.59 6.99
C LEU A 149 6.09 12.61 8.36
N SER A 150 6.99 13.57 8.59
CA SER A 150 7.67 13.67 9.86
C SER A 150 6.68 13.53 11.01
N ARG A 151 5.46 13.99 10.78
CA ARG A 151 4.43 13.90 11.79
C ARG A 151 4.21 12.43 12.14
N HIS A 152 4.22 11.60 11.10
CA HIS A 152 4.04 10.18 11.28
C HIS A 152 5.35 9.56 11.75
N THR A 153 5.24 8.55 12.61
CA THR A 153 6.41 7.85 13.13
C THR A 153 6.14 6.36 13.12
N CYS A 154 4.97 6.00 12.60
CA CYS A 154 4.55 4.61 12.52
C CYS A 154 4.07 4.12 13.88
N ALA A 155 2.90 3.47 13.89
CA ALA A 155 2.34 2.93 15.12
C ALA A 155 2.60 3.86 16.29
N GLU A 156 2.35 5.15 16.09
CA GLU A 156 2.57 6.13 17.14
C GLU A 156 1.71 5.81 18.38
N PRO A 157 2.29 5.42 19.49
CA PRO A 157 1.50 5.07 20.70
C PRO A 157 1.04 6.30 21.47
N ASP A 158 -0.03 6.15 22.24
CA ASP A 158 -0.58 7.26 23.02
C ASP A 158 0.24 7.47 24.29
N ALA A 159 0.77 8.67 24.45
CA ALA A 159 1.57 8.99 25.63
C ALA A 159 0.74 8.90 26.91
N GLU A 160 -0.50 9.37 26.83
CA GLU A 160 -1.39 9.33 27.99
C GLU A 160 -1.63 7.89 28.44
N SER A 161 -2.29 7.11 27.59
CA SER A 161 -2.57 5.72 27.91
C SER A 161 -1.36 4.83 27.63
N GLY A 1 -27.64 -10.18 4.28
CA GLY A 1 -26.37 -9.89 4.99
C GLY A 1 -26.08 -11.02 5.98
N PRO A 2 -26.07 -12.24 5.52
CA PRO A 2 -25.80 -13.43 6.38
C PRO A 2 -24.37 -13.44 6.92
N LEU A 3 -23.47 -12.76 6.21
CA LEU A 3 -22.07 -12.67 6.62
C LEU A 3 -21.59 -11.22 6.62
N GLY A 4 -21.11 -10.77 7.78
CA GLY A 4 -20.63 -9.40 7.90
C GLY A 4 -19.34 -9.21 7.11
N SER A 5 -18.35 -10.06 7.37
CA SER A 5 -17.08 -9.97 6.66
C SER A 5 -16.39 -8.65 6.95
N MET A 6 -15.12 -8.69 7.32
CA MET A 6 -14.35 -7.48 7.63
C MET A 6 -13.30 -7.21 6.56
N ASP A 7 -13.55 -6.22 5.71
CA ASP A 7 -12.63 -5.86 4.65
C ASP A 7 -11.34 -5.32 5.22
N GLN A 8 -10.45 -4.87 4.35
CA GLN A 8 -9.16 -4.32 4.75
C GLN A 8 -9.21 -2.80 4.75
N SER A 9 -9.94 -2.24 3.79
CA SER A 9 -10.02 -0.79 3.67
C SER A 9 -10.48 -0.14 4.97
N VAL A 10 -11.56 -0.68 5.54
CA VAL A 10 -12.07 -0.14 6.80
C VAL A 10 -11.06 -0.38 7.92
N ALA A 11 -10.57 -1.62 7.98
CA ALA A 11 -9.61 -2.00 9.02
C ALA A 11 -8.59 -0.91 9.26
N ILE A 12 -8.11 -0.30 8.18
CA ILE A 12 -7.13 0.76 8.30
C ILE A 12 -7.68 1.95 9.07
N GLN A 13 -8.85 2.40 8.65
CA GLN A 13 -9.46 3.57 9.29
C GLN A 13 -9.37 3.44 10.81
N GLU A 14 -9.71 2.28 11.32
CA GLU A 14 -9.66 2.06 12.75
C GLU A 14 -8.23 2.26 13.26
N THR A 15 -7.28 1.69 12.52
CA THR A 15 -5.86 1.80 12.88
C THR A 15 -5.34 3.21 12.67
N LEU A 16 -5.91 3.93 11.69
CA LEU A 16 -5.47 5.29 11.40
C LEU A 16 -6.17 6.28 12.33
N VAL A 17 -5.52 7.41 12.56
CA VAL A 17 -6.08 8.43 13.42
C VAL A 17 -7.08 9.27 12.62
N GLU A 18 -7.67 10.26 13.26
CA GLU A 18 -8.66 11.10 12.59
C GLU A 18 -8.00 12.09 11.63
N GLY A 19 -8.80 13.03 11.14
CA GLY A 19 -8.32 14.06 10.22
C GLY A 19 -7.81 13.47 8.92
N GLU A 20 -7.23 12.27 8.98
CA GLU A 20 -6.71 11.62 7.77
C GLU A 20 -7.81 10.89 7.02
N TYR A 21 -7.48 10.46 5.81
CA TYR A 21 -8.43 9.77 4.94
C TYR A 21 -7.76 8.64 4.17
N CYS A 22 -8.26 7.42 4.35
CA CYS A 22 -7.73 6.27 3.62
C CYS A 22 -8.58 6.09 2.37
N VAL A 23 -7.94 5.77 1.25
CA VAL A 23 -8.67 5.58 -0.02
C VAL A 23 -8.89 4.11 -0.34
N ILE A 24 -7.88 3.29 -0.10
CA ILE A 24 -7.98 1.88 -0.39
C ILE A 24 -6.88 1.08 0.30
N ALA A 25 -7.20 -0.15 0.68
CA ALA A 25 -6.25 -1.02 1.35
C ALA A 25 -6.51 -2.46 0.96
N VAL A 26 -5.59 -3.02 0.17
CA VAL A 26 -5.76 -4.39 -0.28
C VAL A 26 -4.92 -5.31 0.58
N GLN A 27 -4.83 -6.58 0.19
CA GLN A 27 -4.05 -7.54 0.94
C GLN A 27 -3.24 -8.41 -0.01
N GLY A 28 -1.91 -8.38 0.16
CA GLY A 28 -1.03 -9.15 -0.70
C GLY A 28 -0.11 -10.05 0.12
N VAL A 29 0.96 -10.51 -0.52
CA VAL A 29 1.94 -11.36 0.12
C VAL A 29 3.34 -10.96 -0.32
N LEU A 30 4.32 -11.38 0.44
CA LEU A 30 5.71 -11.12 0.11
C LEU A 30 6.50 -12.37 0.43
N CYS A 31 7.21 -12.93 -0.55
CA CYS A 31 7.98 -14.14 -0.32
C CYS A 31 9.46 -13.85 -0.28
N LYS A 32 10.11 -14.33 0.76
CA LYS A 32 11.55 -14.17 0.92
C LYS A 32 12.16 -15.54 1.17
N GLY A 33 13.13 -15.91 0.35
CA GLY A 33 13.78 -17.20 0.49
C GLY A 33 12.78 -18.34 0.36
N ASP A 34 12.67 -19.14 1.42
CA ASP A 34 11.75 -20.27 1.45
C ASP A 34 10.77 -20.09 2.61
N SER A 35 10.37 -18.84 2.85
CA SER A 35 9.44 -18.50 3.91
C SER A 35 8.46 -17.43 3.41
N ARG A 36 7.16 -17.69 3.57
CA ARG A 36 6.15 -16.75 3.10
C ARG A 36 5.82 -15.73 4.19
N GLN A 37 5.56 -14.50 3.75
CA GLN A 37 5.25 -13.41 4.67
C GLN A 37 4.01 -12.65 4.20
N SER A 38 3.00 -12.61 5.05
CA SER A 38 1.76 -11.91 4.72
C SER A 38 1.88 -10.45 5.12
N ARG A 39 1.60 -9.56 4.16
CA ARG A 39 1.69 -8.12 4.37
C ARG A 39 0.43 -7.42 3.88
N LEU A 40 0.17 -6.24 4.45
CA LEU A 40 -1.00 -5.45 4.09
C LEU A 40 -0.58 -4.01 3.80
N LEU A 41 -1.05 -3.46 2.67
CA LEU A 41 -0.69 -2.09 2.30
C LEU A 41 -1.81 -1.42 1.52
N GLY A 42 -1.94 -0.10 1.66
CA GLY A 42 -2.97 0.65 0.96
C GLY A 42 -2.44 1.99 0.50
N LEU A 43 -3.35 2.94 0.29
CA LEU A 43 -2.98 4.29 -0.13
C LEU A 43 -3.75 5.30 0.71
N VAL A 44 -3.05 6.35 1.15
CA VAL A 44 -3.69 7.37 2.00
C VAL A 44 -3.51 8.77 1.41
N ARG A 45 -4.61 9.51 1.40
CA ARG A 45 -4.62 10.87 0.90
C ARG A 45 -4.83 11.82 2.07
N TYR A 46 -3.91 12.76 2.22
CA TYR A 46 -3.96 13.73 3.30
C TYR A 46 -4.21 15.12 2.72
N ARG A 47 -5.15 15.87 3.32
CA ARG A 47 -5.49 17.21 2.82
C ARG A 47 -4.76 18.30 3.60
N LEU A 48 -4.14 19.22 2.87
CA LEU A 48 -3.42 20.34 3.48
C LEU A 48 -4.30 21.57 3.58
N GLU A 49 -4.29 22.19 4.74
CA GLU A 49 -5.09 23.38 4.97
C GLU A 49 -4.90 24.37 3.83
N ASN A 50 -3.85 24.15 3.03
CA ASN A 50 -3.56 25.03 1.90
C ASN A 50 -4.46 24.69 0.72
N ASP A 51 -5.41 23.77 0.94
CA ASP A 51 -6.33 23.34 -0.09
C ASP A 51 -5.63 22.31 -0.97
N ALA A 52 -4.39 22.01 -0.62
CA ALA A 52 -3.57 21.06 -1.36
C ALA A 52 -3.68 19.67 -0.74
N GLN A 53 -3.37 18.67 -1.55
CA GLN A 53 -3.43 17.27 -1.11
C GLN A 53 -2.09 16.57 -1.34
N GLU A 54 -1.90 15.45 -0.65
CA GLU A 54 -0.67 14.67 -0.79
C GLU A 54 -0.98 13.17 -0.66
N HIS A 55 -0.23 12.35 -1.39
CA HIS A 55 -0.40 10.90 -1.38
C HIS A 55 0.89 10.20 -1.01
N ALA A 56 0.77 9.04 -0.38
CA ALA A 56 1.94 8.26 0.02
C ALA A 56 1.53 6.79 0.20
N LEU A 57 2.45 5.86 -0.06
CA LEU A 57 2.15 4.44 0.08
C LEU A 57 2.19 4.05 1.54
N PHE A 58 1.16 3.32 1.99
CA PHE A 58 1.06 2.89 3.38
C PHE A 58 1.26 1.39 3.48
N LEU A 59 2.24 0.99 4.29
CA LEU A 59 2.52 -0.42 4.52
C LEU A 59 2.04 -0.78 5.92
N TYR A 60 1.11 -1.73 5.98
CA TYR A 60 0.53 -2.20 7.22
C TYR A 60 0.94 -3.65 7.44
N THR A 61 1.52 -3.98 8.60
CA THR A 61 1.89 -5.37 8.84
C THR A 61 0.67 -6.09 9.39
N HIS A 62 0.70 -7.40 9.38
CA HIS A 62 -0.42 -8.16 9.91
C HIS A 62 -0.07 -9.63 10.01
N ARG A 63 -0.88 -10.39 10.73
CA ARG A 63 -0.62 -11.81 10.89
C ARG A 63 -1.25 -12.58 9.74
N ARG A 64 -1.47 -13.86 9.98
CA ARG A 64 -2.07 -14.72 8.97
C ARG A 64 -3.46 -14.21 8.59
N MET A 65 -4.25 -13.83 9.61
CA MET A 65 -5.61 -13.34 9.37
C MET A 65 -5.94 -12.20 10.34
N ALA A 66 -4.90 -11.52 10.82
CA ALA A 66 -5.09 -10.41 11.76
C ALA A 66 -5.26 -9.09 10.99
N ILE A 67 -5.76 -9.20 9.76
CA ILE A 67 -5.95 -8.04 8.88
C ILE A 67 -7.18 -7.21 9.29
N THR A 68 -8.06 -7.85 10.04
CA THR A 68 -9.32 -7.26 10.47
C THR A 68 -9.16 -5.88 11.15
N GLY A 69 -8.04 -5.61 11.82
CA GLY A 69 -7.86 -4.34 12.51
C GLY A 69 -7.29 -4.60 13.90
N ASP A 70 -7.44 -5.85 14.34
CA ASP A 70 -6.97 -6.26 15.66
C ASP A 70 -5.47 -5.99 15.85
N ASP A 71 -4.59 -6.73 15.13
CA ASP A 71 -3.13 -6.59 15.32
C ASP A 71 -2.42 -6.15 14.04
N VAL A 72 -3.00 -5.18 13.36
CA VAL A 72 -2.40 -4.66 12.13
C VAL A 72 -2.35 -3.13 12.18
N SER A 73 -1.14 -2.57 12.18
CA SER A 73 -0.95 -1.12 12.21
C SER A 73 0.28 -0.79 11.37
N LEU A 74 0.44 0.48 11.01
CA LEU A 74 1.53 0.88 10.13
C LEU A 74 2.88 0.23 10.44
N ASP A 75 3.57 -0.16 9.37
CA ASP A 75 4.90 -0.78 9.44
C ASP A 75 5.95 0.19 8.91
N GLN A 76 5.83 0.60 7.64
CA GLN A 76 6.78 1.55 7.05
C GLN A 76 6.11 2.33 5.91
N ILE A 77 5.99 3.64 6.10
CA ILE A 77 5.38 4.52 5.10
C ILE A 77 6.41 4.90 4.05
N VAL A 78 6.05 4.73 2.77
CA VAL A 78 6.94 5.07 1.67
C VAL A 78 6.26 6.13 0.79
N PRO A 79 6.66 7.38 0.87
CA PRO A 79 6.01 8.48 0.09
C PRO A 79 6.42 8.49 -1.37
N LEU A 80 5.49 8.90 -2.22
CA LEU A 80 5.73 8.94 -3.64
C LEU A 80 6.82 9.95 -3.98
N SER A 81 7.79 9.47 -4.75
CA SER A 81 8.93 10.28 -5.18
C SER A 81 9.16 10.09 -6.67
N LYS A 82 9.92 10.98 -7.27
CA LYS A 82 10.18 10.90 -8.70
C LYS A 82 10.77 9.54 -9.06
N ASP A 83 11.70 9.06 -8.24
CA ASP A 83 12.33 7.76 -8.49
C ASP A 83 11.30 6.63 -8.41
N PHE A 84 10.05 6.98 -8.08
CA PHE A 84 8.97 6.01 -8.00
C PHE A 84 8.68 5.46 -9.39
N MET A 85 8.49 4.15 -9.47
CA MET A 85 8.19 3.51 -10.74
C MET A 85 7.71 2.08 -10.50
N LEU A 86 6.69 1.65 -11.23
CA LEU A 86 6.18 0.29 -11.08
C LEU A 86 6.73 -0.57 -12.21
N GLU A 87 7.38 -1.69 -11.89
CA GLU A 87 7.95 -2.57 -12.91
C GLU A 87 7.28 -3.93 -12.89
N GLU A 88 6.85 -4.38 -14.06
CA GLU A 88 6.22 -5.68 -14.19
C GLU A 88 7.30 -6.76 -14.23
N VAL A 89 7.03 -7.92 -13.62
CA VAL A 89 7.99 -9.02 -13.61
C VAL A 89 7.53 -10.13 -14.55
N SER A 90 8.47 -10.64 -15.33
CA SER A 90 8.17 -11.70 -16.30
C SER A 90 7.22 -12.74 -15.67
N PRO A 91 6.10 -13.06 -16.31
CA PRO A 91 5.13 -14.05 -15.76
C PRO A 91 5.63 -15.50 -15.91
N ASP A 92 5.92 -15.90 -17.14
CA ASP A 92 6.38 -17.26 -17.41
C ASP A 92 5.32 -18.26 -16.92
N GLY A 93 4.05 -17.89 -17.07
CA GLY A 93 2.94 -18.75 -16.65
C GLY A 93 1.86 -18.82 -17.74
N GLU A 94 1.69 -20.01 -18.34
CA GLU A 94 0.70 -20.20 -19.37
C GLU A 94 -0.60 -20.77 -18.80
N LEU A 95 -0.58 -22.05 -18.44
CA LEU A 95 -1.77 -22.70 -17.88
C LEU A 95 -2.05 -22.13 -16.49
N TYR A 96 -2.13 -20.81 -16.41
CA TYR A 96 -2.40 -20.14 -15.14
C TYR A 96 -3.03 -18.77 -15.35
N ILE A 97 -2.25 -17.89 -15.95
CA ILE A 97 -2.71 -16.52 -16.24
C ILE A 97 -3.04 -15.77 -14.97
N LEU A 98 -2.08 -15.75 -14.04
CA LEU A 98 -2.29 -15.07 -12.75
C LEU A 98 -3.51 -15.66 -12.03
N GLY A 99 -4.68 -15.45 -12.60
CA GLY A 99 -5.92 -15.94 -12.02
C GLY A 99 -6.22 -15.20 -10.72
N SER A 100 -5.33 -15.37 -9.74
CA SER A 100 -5.48 -14.70 -8.46
C SER A 100 -4.10 -14.55 -7.81
N ASP A 101 -3.11 -14.30 -8.67
CA ASP A 101 -1.73 -14.12 -8.23
C ASP A 101 -1.02 -13.12 -9.15
N VAL A 102 -1.15 -11.82 -8.85
CA VAL A 102 -0.52 -10.78 -9.65
C VAL A 102 0.92 -10.58 -9.20
N THR A 103 1.79 -10.25 -10.14
CA THR A 103 3.20 -10.02 -9.82
C THR A 103 3.58 -8.58 -10.14
N VAL A 104 3.85 -7.81 -9.08
CA VAL A 104 4.23 -6.41 -9.20
C VAL A 104 5.48 -6.15 -8.35
N GLN A 105 6.43 -5.41 -8.90
CA GLN A 105 7.67 -5.10 -8.18
C GLN A 105 7.82 -3.59 -8.04
N LEU A 106 7.71 -3.08 -6.80
CA LEU A 106 7.81 -1.64 -6.59
C LEU A 106 9.27 -1.19 -6.56
N ASN A 107 9.57 -0.19 -7.38
CA ASN A 107 10.96 0.31 -7.47
C ASN A 107 11.08 1.75 -7.01
N THR A 108 10.91 1.99 -5.70
CA THR A 108 11.04 3.33 -5.18
C THR A 108 12.52 3.72 -5.06
N ALA A 109 12.74 4.92 -4.58
CA ALA A 109 14.09 5.44 -4.44
C ALA A 109 14.98 4.47 -3.66
N GLU A 110 14.44 3.90 -2.59
CA GLU A 110 15.20 2.94 -1.76
C GLU A 110 14.43 1.64 -1.61
N LEU A 111 13.11 1.74 -1.61
CA LEU A 111 12.27 0.56 -1.46
C LEU A 111 12.32 -0.24 -2.76
N LYS A 112 12.51 -1.54 -2.63
CA LYS A 112 12.56 -2.41 -3.78
C LYS A 112 12.25 -3.83 -3.35
N LEU A 113 10.98 -4.20 -3.45
CA LEU A 113 10.54 -5.54 -3.04
C LEU A 113 9.55 -6.13 -4.05
N VAL A 114 9.02 -7.31 -3.73
CA VAL A 114 8.06 -7.98 -4.61
C VAL A 114 6.79 -8.33 -3.83
N PHE A 115 5.63 -8.03 -4.41
CA PHE A 115 4.34 -8.32 -3.77
C PHE A 115 3.43 -9.10 -4.70
N GLN A 116 2.72 -10.07 -4.13
CA GLN A 116 1.79 -10.90 -4.89
C GLN A 116 0.34 -10.50 -4.58
N LEU A 117 -0.22 -9.62 -5.40
CA LEU A 117 -1.59 -9.16 -5.20
C LEU A 117 -2.57 -10.03 -6.01
N PRO A 118 -3.81 -10.19 -5.57
CA PRO A 118 -4.81 -11.03 -6.30
C PRO A 118 -5.36 -10.34 -7.56
N PHE A 119 -5.49 -11.12 -8.62
CA PHE A 119 -5.97 -10.64 -9.93
C PHE A 119 -7.07 -9.62 -9.84
N GLY A 120 -6.82 -8.46 -10.45
CA GLY A 120 -7.78 -7.36 -10.49
C GLY A 120 -8.70 -7.37 -9.27
N SER A 121 -9.99 -7.22 -9.51
CA SER A 121 -10.96 -7.23 -8.42
C SER A 121 -10.56 -6.22 -7.35
N HIS A 122 -10.33 -6.70 -6.13
CA HIS A 122 -9.93 -5.85 -5.04
C HIS A 122 -8.56 -5.24 -5.29
N THR A 123 -7.86 -5.74 -6.32
CA THR A 123 -6.52 -5.23 -6.66
C THR A 123 -6.58 -4.18 -7.76
N ARG A 124 -7.52 -4.33 -8.70
CA ARG A 124 -7.62 -3.39 -9.80
C ARG A 124 -7.79 -1.96 -9.34
N THR A 125 -8.66 -1.77 -8.38
CA THR A 125 -8.92 -0.43 -7.89
C THR A 125 -7.63 0.20 -7.38
N PHE A 126 -6.87 -0.59 -6.64
CA PHE A 126 -5.63 -0.10 -6.06
C PHE A 126 -4.70 0.46 -7.14
N LEU A 127 -4.52 -0.29 -8.22
CA LEU A 127 -3.62 0.16 -9.27
C LEU A 127 -3.97 1.54 -9.76
N GLN A 128 -5.24 1.76 -10.06
CA GLN A 128 -5.67 3.05 -10.58
C GLN A 128 -5.47 4.17 -9.57
N GLU A 129 -5.75 3.92 -8.30
CA GLU A 129 -5.58 4.95 -7.27
C GLU A 129 -4.13 5.42 -7.18
N VAL A 130 -3.20 4.48 -7.21
CA VAL A 130 -1.79 4.82 -7.13
C VAL A 130 -1.38 5.63 -8.36
N ALA A 131 -1.81 5.17 -9.53
CA ALA A 131 -1.47 5.82 -10.80
C ALA A 131 -1.83 7.30 -10.80
N ARG A 132 -3.04 7.62 -10.37
CA ARG A 132 -3.48 9.02 -10.35
C ARG A 132 -2.88 9.77 -9.16
N ALA A 133 -2.44 9.00 -8.16
CA ALA A 133 -1.87 9.59 -6.96
C ALA A 133 -0.74 10.56 -7.28
N CYS A 134 -0.27 10.55 -8.52
CA CYS A 134 0.78 11.47 -8.94
C CYS A 134 1.42 11.07 -10.29
N PRO A 135 1.78 9.81 -10.47
CA PRO A 135 2.41 9.34 -11.74
C PRO A 135 1.59 9.68 -12.98
N GLY A 136 0.26 9.52 -12.89
CA GLY A 136 -0.64 9.78 -14.02
C GLY A 136 0.07 10.45 -15.18
N PHE A 137 0.78 9.63 -15.96
CA PHE A 137 1.57 10.09 -17.11
C PHE A 137 1.64 11.62 -17.19
N ASP A 138 2.24 12.23 -16.16
CA ASP A 138 2.38 13.69 -16.11
C ASP A 138 3.71 14.10 -16.76
N PRO A 139 3.79 15.28 -17.34
CA PRO A 139 5.04 15.75 -18.02
C PRO A 139 6.16 16.08 -17.05
N GLU A 140 5.88 16.96 -16.08
CA GLU A 140 6.88 17.38 -15.10
C GLU A 140 6.29 17.41 -13.69
N THR A 141 5.38 16.47 -13.41
CA THR A 141 4.73 16.38 -12.11
C THR A 141 5.67 16.77 -10.97
N ARG A 142 6.39 15.76 -10.46
CA ARG A 142 7.33 15.98 -9.35
C ARG A 142 6.68 16.77 -8.22
N ASP A 143 7.53 17.17 -7.27
CA ASP A 143 7.09 17.94 -6.11
C ASP A 143 6.57 17.03 -5.00
N PRO A 144 7.37 16.10 -4.54
CA PRO A 144 6.96 15.18 -3.44
C PRO A 144 6.89 15.89 -2.09
N GLU A 145 6.30 15.21 -1.12
CA GLU A 145 6.17 15.74 0.24
C GLU A 145 5.95 14.58 1.21
N PHE A 146 6.37 14.76 2.45
CA PHE A 146 6.22 13.70 3.44
C PHE A 146 6.45 14.25 4.85
N GLU A 147 6.89 15.50 4.92
CA GLU A 147 7.19 16.15 6.19
C GLU A 147 6.05 16.00 7.20
N TRP A 148 4.87 15.57 6.74
CA TRP A 148 3.72 15.42 7.64
C TRP A 148 3.56 13.97 8.10
N LEU A 149 3.94 13.00 7.27
CA LEU A 149 3.82 11.59 7.64
C LEU A 149 5.20 11.02 7.99
N SER A 150 6.20 11.90 7.98
CA SER A 150 7.56 11.49 8.27
C SER A 150 7.68 11.03 9.71
N ARG A 151 7.28 11.90 10.63
CA ARG A 151 7.33 11.57 12.04
C ARG A 151 6.51 10.34 12.31
N HIS A 152 5.35 10.27 11.68
CA HIS A 152 4.47 9.14 11.85
C HIS A 152 5.25 7.87 11.59
N THR A 153 5.05 7.28 10.41
CA THR A 153 5.74 6.04 10.05
C THR A 153 5.64 5.04 11.20
N CYS A 154 4.84 4.03 11.01
CA CYS A 154 4.66 3.00 12.02
C CYS A 154 4.22 3.61 13.35
N ALA A 155 3.21 3.03 13.95
CA ALA A 155 2.71 3.53 15.22
C ALA A 155 3.85 3.65 16.24
N GLU A 156 3.83 4.70 17.05
CA GLU A 156 4.86 4.92 18.06
C GLU A 156 4.37 4.42 19.43
N PRO A 157 4.93 3.34 19.96
CA PRO A 157 4.50 2.81 21.29
C PRO A 157 4.47 3.87 22.36
N ASP A 158 3.72 3.61 23.43
CA ASP A 158 3.60 4.56 24.53
C ASP A 158 4.55 4.20 25.66
N ALA A 159 5.67 4.91 25.71
CA ALA A 159 6.67 4.67 26.75
C ALA A 159 6.16 5.09 28.12
N GLU A 160 5.44 6.21 28.16
CA GLU A 160 4.90 6.73 29.42
C GLU A 160 3.67 5.93 29.85
N SER A 161 3.86 4.62 30.00
CA SER A 161 2.75 3.76 30.42
C SER A 161 3.28 2.44 30.97
N GLY A 1 -18.89 -3.41 -2.29
CA GLY A 1 -19.27 -2.10 -1.68
C GLY A 1 -19.05 -2.16 -0.17
N PRO A 2 -19.51 -1.16 0.54
CA PRO A 2 -19.38 -1.10 2.02
C PRO A 2 -19.92 -2.35 2.71
N LEU A 3 -20.98 -2.92 2.14
CA LEU A 3 -21.58 -4.11 2.71
C LEU A 3 -20.58 -5.27 2.71
N GLY A 4 -19.82 -5.39 1.62
CA GLY A 4 -18.82 -6.45 1.50
C GLY A 4 -17.47 -5.86 1.09
N SER A 5 -16.70 -6.64 0.34
CA SER A 5 -15.39 -6.18 -0.11
C SER A 5 -14.65 -5.45 1.01
N MET A 6 -14.07 -4.30 0.69
CA MET A 6 -13.33 -3.50 1.68
C MET A 6 -12.53 -4.42 2.60
N ASP A 7 -13.00 -4.57 3.84
CA ASP A 7 -12.34 -5.42 4.82
C ASP A 7 -10.95 -4.90 5.16
N GLN A 8 -10.18 -4.64 4.12
CA GLN A 8 -8.82 -4.12 4.29
C GLN A 8 -8.89 -2.61 4.52
N SER A 9 -9.75 -1.95 3.76
CA SER A 9 -9.87 -0.48 3.87
C SER A 9 -10.11 -0.07 5.31
N VAL A 10 -11.10 -0.69 5.94
CA VAL A 10 -11.40 -0.36 7.33
C VAL A 10 -10.20 -0.70 8.22
N ALA A 11 -9.66 -1.90 8.04
CA ALA A 11 -8.52 -2.36 8.83
C ALA A 11 -7.53 -1.24 9.06
N ILE A 12 -7.22 -0.49 8.00
CA ILE A 12 -6.27 0.61 8.12
C ILE A 12 -6.81 1.70 9.02
N GLN A 13 -8.06 2.07 8.80
CA GLN A 13 -8.69 3.13 9.58
C GLN A 13 -8.57 2.84 11.07
N GLU A 14 -9.02 1.67 11.50
CA GLU A 14 -8.96 1.30 12.90
C GLU A 14 -7.51 1.30 13.39
N THR A 15 -6.58 1.29 12.44
CA THR A 15 -5.14 1.27 12.75
C THR A 15 -4.43 2.52 12.23
N LEU A 16 -5.17 3.59 11.97
CA LEU A 16 -4.58 4.83 11.46
C LEU A 16 -4.50 5.88 12.57
N VAL A 17 -5.07 7.05 12.31
CA VAL A 17 -5.09 8.12 13.29
C VAL A 17 -6.13 9.16 12.88
N GLU A 18 -6.89 9.65 13.84
CA GLU A 18 -7.94 10.61 13.54
C GLU A 18 -7.38 11.90 12.94
N GLY A 19 -7.71 12.15 11.68
CA GLY A 19 -7.25 13.36 11.00
C GLY A 19 -6.91 13.10 9.53
N GLU A 20 -6.73 11.83 9.16
CA GLU A 20 -6.39 11.48 7.78
C GLU A 20 -7.56 10.81 7.07
N TYR A 21 -7.33 10.41 5.82
CA TYR A 21 -8.36 9.79 5.00
C TYR A 21 -7.79 8.62 4.21
N CYS A 22 -8.38 7.44 4.41
CA CYS A 22 -7.96 6.27 3.66
C CYS A 22 -8.73 6.27 2.36
N VAL A 23 -8.09 5.82 1.29
CA VAL A 23 -8.74 5.79 -0.03
C VAL A 23 -9.02 4.36 -0.50
N ILE A 24 -8.00 3.51 -0.42
CA ILE A 24 -8.15 2.14 -0.87
C ILE A 24 -6.98 1.30 -0.37
N ALA A 25 -7.31 0.25 0.39
CA ALA A 25 -6.29 -0.65 0.92
C ALA A 25 -6.21 -1.90 0.05
N VAL A 26 -5.20 -2.70 0.30
CA VAL A 26 -5.01 -3.93 -0.46
C VAL A 26 -4.17 -4.90 0.36
N GLN A 27 -4.20 -6.18 -0.03
CA GLN A 27 -3.43 -7.19 0.67
C GLN A 27 -2.93 -8.25 -0.29
N GLY A 28 -1.79 -8.85 0.03
CA GLY A 28 -1.22 -9.88 -0.82
C GLY A 28 -0.23 -10.75 -0.05
N VAL A 29 0.87 -11.05 -0.72
CA VAL A 29 1.94 -11.85 -0.11
C VAL A 29 3.30 -11.27 -0.48
N LEU A 30 4.30 -11.62 0.32
CA LEU A 30 5.66 -11.17 0.07
C LEU A 30 6.58 -12.37 0.31
N CYS A 31 7.32 -12.78 -0.71
CA CYS A 31 8.20 -13.94 -0.57
C CYS A 31 9.65 -13.50 -0.41
N LYS A 32 10.22 -13.82 0.74
CA LYS A 32 11.61 -13.50 1.02
C LYS A 32 12.42 -14.78 1.11
N GLY A 33 13.34 -14.96 0.18
CA GLY A 33 14.16 -16.17 0.17
C GLY A 33 13.30 -17.41 0.10
N ASP A 34 13.40 -18.26 1.12
CA ASP A 34 12.63 -19.49 1.20
C ASP A 34 11.66 -19.42 2.37
N SER A 35 11.25 -18.19 2.70
CA SER A 35 10.31 -17.94 3.79
C SER A 35 9.15 -17.10 3.27
N ARG A 36 7.92 -17.61 3.41
CA ARG A 36 6.74 -16.88 2.93
C ARG A 36 6.00 -16.23 4.08
N GLN A 37 5.74 -14.94 3.95
CA GLN A 37 5.04 -14.18 4.97
C GLN A 37 4.03 -13.23 4.33
N SER A 38 2.81 -13.23 4.85
CA SER A 38 1.76 -12.38 4.33
C SER A 38 1.93 -10.96 4.86
N ARG A 39 1.56 -9.99 4.04
CA ARG A 39 1.68 -8.58 4.41
C ARG A 39 0.42 -7.82 4.03
N LEU A 40 0.24 -6.66 4.65
CA LEU A 40 -0.93 -5.81 4.39
C LEU A 40 -0.50 -4.37 4.11
N LEU A 41 -1.05 -3.78 3.04
CA LEU A 41 -0.70 -2.40 2.67
C LEU A 41 -1.85 -1.44 2.92
N GLY A 42 -1.65 -0.18 2.60
CA GLY A 42 -2.69 0.82 2.78
C GLY A 42 -2.32 2.16 2.16
N LEU A 43 -3.06 2.55 1.12
CA LEU A 43 -2.82 3.82 0.45
C LEU A 43 -3.66 4.91 1.12
N VAL A 44 -3.11 6.11 1.25
CA VAL A 44 -3.84 7.20 1.90
C VAL A 44 -3.74 8.49 1.11
N ARG A 45 -4.87 9.16 0.95
CA ARG A 45 -4.95 10.43 0.26
C ARG A 45 -5.28 11.53 1.25
N TYR A 46 -4.55 12.63 1.17
CA TYR A 46 -4.75 13.75 2.06
C TYR A 46 -4.85 15.04 1.24
N ARG A 47 -5.85 15.89 1.55
CA ARG A 47 -6.04 17.15 0.81
C ARG A 47 -5.71 18.35 1.68
N LEU A 48 -5.51 19.51 1.03
CA LEU A 48 -5.20 20.76 1.74
C LEU A 48 -5.91 21.94 1.08
N GLU A 49 -5.19 22.62 0.19
CA GLU A 49 -5.74 23.77 -0.51
C GLU A 49 -6.67 23.31 -1.64
N ASN A 50 -7.20 22.11 -1.50
CA ASN A 50 -8.10 21.56 -2.49
C ASN A 50 -7.36 21.32 -3.80
N ASP A 51 -6.09 21.72 -3.82
CA ASP A 51 -5.24 21.56 -4.99
C ASP A 51 -3.81 21.25 -4.54
N ALA A 52 -3.68 20.95 -3.24
CA ALA A 52 -2.37 20.64 -2.64
C ALA A 52 -2.47 19.38 -1.78
N GLN A 53 -2.71 18.25 -2.43
CA GLN A 53 -2.84 16.98 -1.72
C GLN A 53 -1.50 16.24 -1.68
N GLU A 54 -1.39 15.29 -0.76
CA GLU A 54 -0.17 14.50 -0.62
C GLU A 54 -0.53 13.02 -0.44
N HIS A 55 0.18 12.16 -1.16
CA HIS A 55 -0.06 10.72 -1.12
C HIS A 55 1.17 9.97 -0.63
N ALA A 56 0.95 8.91 0.12
CA ALA A 56 2.05 8.09 0.65
C ALA A 56 1.56 6.67 0.86
N LEU A 57 2.43 5.69 0.62
CA LEU A 57 2.07 4.29 0.81
C LEU A 57 2.40 3.85 2.23
N PHE A 58 1.60 2.93 2.77
CA PHE A 58 1.81 2.44 4.12
C PHE A 58 1.89 0.92 4.14
N LEU A 59 2.84 0.40 4.91
CA LEU A 59 3.01 -1.05 5.06
C LEU A 59 2.52 -1.47 6.44
N TYR A 60 1.56 -2.37 6.44
CA TYR A 60 0.97 -2.87 7.68
C TYR A 60 1.26 -4.35 7.83
N THR A 61 1.86 -4.76 8.95
CA THR A 61 2.13 -6.17 9.13
C THR A 61 0.85 -6.87 9.57
N HIS A 62 0.77 -8.16 9.36
CA HIS A 62 -0.42 -8.89 9.76
C HIS A 62 -0.12 -10.39 9.76
N ARG A 63 -0.57 -11.07 10.79
CA ARG A 63 -0.35 -12.51 10.89
C ARG A 63 -1.00 -13.20 9.72
N ARG A 64 -1.25 -14.49 9.89
CA ARG A 64 -1.87 -15.27 8.84
C ARG A 64 -3.31 -14.82 8.60
N MET A 65 -4.01 -14.42 9.66
CA MET A 65 -5.41 -13.99 9.54
C MET A 65 -5.66 -12.71 10.36
N ALA A 66 -4.63 -11.90 10.52
CA ALA A 66 -4.77 -10.66 11.28
C ALA A 66 -5.42 -9.57 10.41
N ILE A 67 -6.22 -10.02 9.45
CA ILE A 67 -6.92 -9.13 8.53
C ILE A 67 -7.91 -8.22 9.26
N THR A 68 -8.63 -8.82 10.20
CA THR A 68 -9.68 -8.13 10.95
C THR A 68 -9.30 -6.71 11.39
N GLY A 69 -8.04 -6.47 11.75
CA GLY A 69 -7.61 -5.15 12.21
C GLY A 69 -7.13 -5.27 13.65
N ASP A 70 -7.44 -6.41 14.25
CA ASP A 70 -7.09 -6.66 15.64
C ASP A 70 -5.58 -6.66 15.90
N ASP A 71 -4.86 -7.45 15.10
CA ASP A 71 -3.43 -7.63 15.30
C ASP A 71 -2.57 -7.13 14.10
N VAL A 72 -2.87 -5.90 13.65
CA VAL A 72 -2.12 -5.29 12.53
C VAL A 72 -2.03 -3.78 12.71
N SER A 73 -0.81 -3.25 12.67
CA SER A 73 -0.59 -1.81 12.84
C SER A 73 0.56 -1.39 11.93
N LEU A 74 0.68 -0.09 11.67
CA LEU A 74 1.70 0.42 10.75
C LEU A 74 3.08 -0.24 10.93
N ASP A 75 3.68 -0.59 9.80
CA ASP A 75 5.01 -1.22 9.77
C ASP A 75 6.06 -0.19 9.35
N GLN A 76 5.86 0.44 8.17
CA GLN A 76 6.80 1.45 7.69
C GLN A 76 6.19 2.23 6.52
N ILE A 77 6.30 3.56 6.60
CA ILE A 77 5.77 4.44 5.57
C ILE A 77 6.75 4.54 4.40
N VAL A 78 6.23 4.47 3.18
CA VAL A 78 7.05 4.57 1.97
C VAL A 78 6.58 5.76 1.14
N PRO A 79 7.05 6.95 1.46
CA PRO A 79 6.64 8.20 0.73
C PRO A 79 6.96 8.14 -0.76
N LEU A 80 6.03 8.62 -1.55
CA LEU A 80 6.19 8.62 -2.99
C LEU A 80 7.26 9.61 -3.42
N SER A 81 8.16 9.12 -4.27
CA SER A 81 9.25 9.92 -4.80
C SER A 81 9.30 9.81 -6.32
N LYS A 82 9.97 10.76 -6.95
CA LYS A 82 10.05 10.75 -8.40
C LYS A 82 10.64 9.43 -8.91
N ASP A 83 11.66 8.92 -8.22
CA ASP A 83 12.28 7.66 -8.63
C ASP A 83 11.31 6.50 -8.44
N PHE A 84 10.11 6.80 -7.95
CA PHE A 84 9.08 5.78 -7.75
C PHE A 84 8.62 5.26 -9.10
N MET A 85 8.41 3.96 -9.19
CA MET A 85 7.94 3.34 -10.42
C MET A 85 7.53 1.91 -10.16
N LEU A 86 6.54 1.42 -10.90
CA LEU A 86 6.07 0.04 -10.74
C LEU A 86 6.47 -0.77 -11.96
N GLU A 87 7.08 -1.93 -11.74
CA GLU A 87 7.52 -2.78 -12.86
C GLU A 87 6.74 -4.09 -12.90
N GLU A 88 6.16 -4.38 -14.06
CA GLU A 88 5.41 -5.61 -14.24
C GLU A 88 6.38 -6.78 -14.32
N VAL A 89 6.03 -7.89 -13.67
CA VAL A 89 6.90 -9.09 -13.68
C VAL A 89 6.33 -10.15 -14.60
N SER A 90 7.21 -10.78 -15.37
CA SER A 90 6.79 -11.81 -16.32
C SER A 90 5.85 -12.81 -15.63
N PRO A 91 4.63 -12.99 -16.12
CA PRO A 91 3.67 -13.95 -15.50
C PRO A 91 3.98 -15.41 -15.83
N ASP A 92 4.08 -15.72 -17.12
CA ASP A 92 4.34 -17.09 -17.57
C ASP A 92 3.15 -17.98 -17.26
N GLY A 93 2.73 -17.95 -16.01
CA GLY A 93 1.59 -18.75 -15.56
C GLY A 93 1.58 -20.12 -16.22
N GLU A 94 0.39 -20.58 -16.61
CA GLU A 94 0.24 -21.87 -17.26
C GLU A 94 -1.25 -22.20 -17.44
N LEU A 95 -2.00 -22.21 -16.35
CA LEU A 95 -3.43 -22.51 -16.39
C LEU A 95 -4.12 -21.82 -15.23
N TYR A 96 -4.10 -20.49 -15.25
CA TYR A 96 -4.73 -19.72 -14.19
C TYR A 96 -4.61 -18.22 -14.49
N ILE A 97 -5.19 -17.79 -15.62
CA ILE A 97 -5.17 -16.38 -16.04
C ILE A 97 -5.26 -15.44 -14.84
N LEU A 98 -4.16 -15.30 -14.11
CA LEU A 98 -4.11 -14.46 -12.93
C LEU A 98 -5.20 -14.91 -11.95
N GLY A 99 -6.45 -14.64 -12.30
CA GLY A 99 -7.58 -15.02 -11.47
C GLY A 99 -7.64 -14.14 -10.23
N SER A 100 -6.71 -14.38 -9.32
CA SER A 100 -6.63 -13.61 -8.09
C SER A 100 -5.21 -13.66 -7.55
N ASP A 101 -4.26 -13.50 -8.47
CA ASP A 101 -2.83 -13.51 -8.14
C ASP A 101 -2.08 -12.58 -9.08
N VAL A 102 -2.24 -11.27 -8.90
CA VAL A 102 -1.55 -10.31 -9.75
C VAL A 102 -0.09 -10.19 -9.31
N THR A 103 0.75 -9.79 -10.25
CA THR A 103 2.18 -9.61 -9.95
C THR A 103 2.59 -8.15 -10.15
N VAL A 104 2.92 -7.50 -9.03
CA VAL A 104 3.35 -6.10 -9.03
C VAL A 104 4.67 -5.98 -8.27
N GLN A 105 5.63 -5.25 -8.86
CA GLN A 105 6.94 -5.06 -8.22
C GLN A 105 7.24 -3.57 -8.11
N LEU A 106 7.28 -3.06 -6.89
CA LEU A 106 7.55 -1.64 -6.66
C LEU A 106 9.05 -1.35 -6.71
N ASN A 107 9.44 -0.42 -7.56
CA ASN A 107 10.85 -0.07 -7.72
C ASN A 107 11.17 1.34 -7.22
N THR A 108 11.14 1.54 -5.91
CA THR A 108 11.46 2.86 -5.36
C THR A 108 12.96 3.12 -5.47
N ALA A 109 13.34 4.33 -5.11
CA ALA A 109 14.73 4.74 -5.18
C ALA A 109 15.66 3.69 -4.58
N GLU A 110 15.23 3.01 -3.52
CA GLU A 110 16.04 1.98 -2.87
C GLU A 110 15.20 0.74 -2.56
N LEU A 111 13.93 0.96 -2.26
CA LEU A 111 13.04 -0.16 -1.93
C LEU A 111 12.72 -0.93 -3.20
N LYS A 112 12.68 -2.25 -3.08
CA LYS A 112 12.36 -3.11 -4.20
C LYS A 112 11.84 -4.43 -3.69
N LEU A 113 10.52 -4.58 -3.72
CA LEU A 113 9.86 -5.80 -3.22
C LEU A 113 8.85 -6.33 -4.25
N VAL A 114 8.37 -7.56 -4.00
CA VAL A 114 7.37 -8.18 -4.89
C VAL A 114 6.12 -8.53 -4.09
N PHE A 115 4.96 -8.08 -4.55
CA PHE A 115 3.69 -8.34 -3.87
C PHE A 115 2.70 -9.04 -4.80
N GLN A 116 1.99 -10.03 -4.25
CA GLN A 116 0.99 -10.80 -4.99
C GLN A 116 -0.42 -10.37 -4.55
N LEU A 117 -0.98 -9.39 -5.25
CA LEU A 117 -2.32 -8.88 -4.93
C LEU A 117 -3.37 -9.54 -5.84
N PRO A 118 -4.60 -9.67 -5.39
CA PRO A 118 -5.67 -10.33 -6.21
C PRO A 118 -6.06 -9.50 -7.43
N PHE A 119 -6.05 -10.15 -8.59
CA PHE A 119 -6.36 -9.52 -9.87
C PHE A 119 -7.52 -8.54 -9.81
N GLY A 120 -7.35 -7.42 -10.52
CA GLY A 120 -8.37 -6.38 -10.61
C GLY A 120 -9.21 -6.30 -9.34
N SER A 121 -10.53 -6.19 -9.52
CA SER A 121 -11.42 -6.12 -8.37
C SER A 121 -10.97 -5.02 -7.41
N HIS A 122 -10.50 -5.44 -6.23
CA HIS A 122 -10.04 -4.49 -5.22
C HIS A 122 -8.65 -3.96 -5.56
N THR A 123 -8.03 -4.54 -6.58
CA THR A 123 -6.69 -4.11 -7.00
C THR A 123 -6.75 -3.09 -8.14
N ARG A 124 -7.78 -3.18 -8.99
CA ARG A 124 -7.90 -2.26 -10.11
C ARG A 124 -7.91 -0.81 -9.65
N THR A 125 -8.69 -0.55 -8.62
CA THR A 125 -8.80 0.80 -8.09
C THR A 125 -7.45 1.28 -7.61
N PHE A 126 -6.71 0.39 -6.96
CA PHE A 126 -5.39 0.73 -6.44
C PHE A 126 -4.51 1.30 -7.54
N LEU A 127 -4.42 0.61 -8.68
CA LEU A 127 -3.55 1.06 -9.77
C LEU A 127 -3.81 2.52 -10.11
N GLN A 128 -5.07 2.88 -10.22
CA GLN A 128 -5.43 4.25 -10.58
C GLN A 128 -5.12 5.23 -9.44
N GLU A 129 -5.40 4.84 -8.21
CA GLU A 129 -5.17 5.71 -7.07
C GLU A 129 -3.69 6.00 -6.86
N VAL A 130 -2.86 4.96 -6.92
CA VAL A 130 -1.43 5.15 -6.73
C VAL A 130 -0.84 5.89 -7.93
N ALA A 131 -1.20 5.45 -9.13
CA ALA A 131 -0.69 6.06 -10.36
C ALA A 131 -1.07 7.54 -10.46
N ARG A 132 -2.31 7.88 -10.12
CA ARG A 132 -2.75 9.26 -10.19
C ARG A 132 -2.27 10.07 -8.99
N ALA A 133 -1.91 9.36 -7.92
CA ALA A 133 -1.44 10.01 -6.69
C ALA A 133 -0.12 10.76 -6.93
N CYS A 134 0.40 10.70 -8.15
CA CYS A 134 1.65 11.42 -8.47
C CYS A 134 2.24 10.97 -9.82
N PRO A 135 2.50 9.69 -10.01
CA PRO A 135 3.10 9.19 -11.28
C PRO A 135 2.36 9.68 -12.52
N GLY A 136 1.02 9.63 -12.48
CA GLY A 136 0.19 10.06 -13.62
C GLY A 136 0.96 9.95 -14.93
N PHE A 137 1.61 8.80 -15.11
CA PHE A 137 2.42 8.52 -16.30
C PHE A 137 2.96 9.81 -16.94
N ASP A 138 4.06 10.32 -16.39
CA ASP A 138 4.69 11.54 -16.91
C ASP A 138 5.75 12.05 -15.90
N PRO A 139 6.78 12.72 -16.36
CA PRO A 139 7.86 13.25 -15.46
C PRO A 139 7.41 14.49 -14.68
N GLU A 140 6.15 14.88 -14.87
CA GLU A 140 5.62 16.05 -14.18
C GLU A 140 5.12 15.67 -12.79
N THR A 141 5.81 14.72 -12.16
CA THR A 141 5.45 14.25 -10.81
C THR A 141 6.57 14.52 -9.80
N ARG A 142 7.61 15.23 -10.24
CA ARG A 142 8.73 15.54 -9.37
C ARG A 142 8.35 16.55 -8.29
N ASP A 143 7.18 16.34 -7.70
CA ASP A 143 6.67 17.23 -6.65
C ASP A 143 6.41 16.47 -5.36
N PRO A 144 7.37 15.72 -4.87
CA PRO A 144 7.22 14.96 -3.60
C PRO A 144 7.17 15.87 -2.37
N GLU A 145 6.64 15.33 -1.29
CA GLU A 145 6.53 16.07 -0.04
C GLU A 145 6.27 15.09 1.10
N PHE A 146 7.29 14.85 1.92
CA PHE A 146 7.16 13.92 3.05
C PHE A 146 7.20 14.68 4.37
N GLU A 147 7.10 15.99 4.29
CA GLU A 147 7.15 16.84 5.48
C GLU A 147 5.98 16.57 6.42
N TRP A 148 4.77 16.41 5.87
CA TRP A 148 3.59 16.16 6.69
C TRP A 148 3.61 14.75 7.29
N LEU A 149 4.20 13.80 6.59
CA LEU A 149 4.27 12.43 7.09
C LEU A 149 5.06 12.38 8.40
N SER A 150 6.14 13.16 8.47
CA SER A 150 6.96 13.19 9.67
C SER A 150 6.08 13.35 10.90
N ARG A 151 4.93 13.97 10.71
CA ARG A 151 3.99 14.19 11.79
C ARG A 151 3.52 12.84 12.30
N HIS A 152 3.30 11.93 11.36
CA HIS A 152 2.86 10.60 11.69
C HIS A 152 4.07 9.76 12.10
N THR A 153 3.82 8.77 12.94
CA THR A 153 4.88 7.87 13.40
C THR A 153 4.54 6.44 13.01
N CYS A 154 5.07 5.49 13.75
CA CYS A 154 4.82 4.08 13.47
C CYS A 154 5.02 3.26 14.74
N ALA A 155 4.42 2.07 14.77
CA ALA A 155 4.53 1.20 15.93
C ALA A 155 5.46 0.03 15.63
N GLU A 156 6.63 0.34 15.06
CA GLU A 156 7.58 -0.70 14.73
C GLU A 156 8.03 -1.44 16.00
N PRO A 157 8.44 -2.69 15.91
CA PRO A 157 8.89 -3.45 17.11
C PRO A 157 9.95 -2.71 17.92
N ASP A 158 10.08 -3.09 19.17
CA ASP A 158 11.05 -2.46 20.07
C ASP A 158 12.38 -3.21 20.04
N ALA A 159 13.42 -2.53 19.53
CA ALA A 159 14.74 -3.13 19.43
C ALA A 159 15.26 -3.55 20.81
N GLU A 160 14.98 -2.72 21.82
CA GLU A 160 15.42 -3.02 23.17
C GLU A 160 16.93 -3.21 23.23
N SER A 161 17.67 -2.14 22.98
CA SER A 161 19.13 -2.21 23.00
C SER A 161 19.74 -0.82 22.86
N GLY A 1 -22.85 -14.25 -1.54
CA GLY A 1 -21.56 -13.65 -1.97
C GLY A 1 -20.51 -13.88 -0.89
N PRO A 2 -19.37 -13.25 -1.01
CA PRO A 2 -18.27 -13.38 -0.02
C PRO A 2 -18.74 -13.09 1.40
N LEU A 3 -19.65 -12.13 1.54
CA LEU A 3 -20.17 -11.75 2.85
C LEU A 3 -19.06 -11.78 3.90
N GLY A 4 -18.16 -10.80 3.82
CA GLY A 4 -17.04 -10.71 4.76
C GLY A 4 -16.86 -9.27 5.25
N SER A 5 -17.04 -9.08 6.54
CA SER A 5 -16.88 -7.76 7.15
C SER A 5 -15.42 -7.51 7.50
N MET A 6 -15.16 -6.40 8.18
CA MET A 6 -13.81 -6.05 8.58
C MET A 6 -12.84 -6.28 7.41
N ASP A 7 -12.99 -5.46 6.37
CA ASP A 7 -12.14 -5.56 5.18
C ASP A 7 -10.81 -4.86 5.40
N GLN A 8 -10.01 -4.81 4.35
CA GLN A 8 -8.71 -4.15 4.42
C GLN A 8 -8.89 -2.64 4.53
N SER A 9 -9.73 -2.10 3.65
CA SER A 9 -9.95 -0.65 3.63
C SER A 9 -10.32 -0.13 5.02
N VAL A 10 -11.29 -0.77 5.65
CA VAL A 10 -11.72 -0.36 6.98
C VAL A 10 -10.59 -0.63 7.98
N ALA A 11 -9.99 -1.81 7.87
CA ALA A 11 -8.92 -2.21 8.78
C ALA A 11 -7.96 -1.06 9.02
N ILE A 12 -7.57 -0.38 7.95
CA ILE A 12 -6.64 0.74 8.08
C ILE A 12 -7.30 1.91 8.80
N GLN A 13 -8.52 2.21 8.40
CA GLN A 13 -9.24 3.33 8.98
C GLN A 13 -9.18 3.28 10.51
N GLU A 14 -9.51 2.13 11.07
CA GLU A 14 -9.50 1.99 12.52
C GLU A 14 -8.08 2.14 13.07
N THR A 15 -7.12 1.47 12.42
CA THR A 15 -5.72 1.51 12.84
C THR A 15 -5.07 2.87 12.54
N LEU A 16 -5.50 3.51 11.46
CA LEU A 16 -4.92 4.79 11.08
C LEU A 16 -5.10 5.80 12.20
N VAL A 17 -5.85 6.86 11.93
CA VAL A 17 -6.11 7.89 12.91
C VAL A 17 -7.10 8.89 12.33
N GLU A 18 -7.77 9.63 13.19
CA GLU A 18 -8.76 10.60 12.76
C GLU A 18 -8.14 11.69 11.88
N GLY A 19 -8.96 12.64 11.48
CA GLY A 19 -8.52 13.76 10.65
C GLY A 19 -8.02 13.30 9.28
N GLU A 20 -7.38 12.13 9.24
CA GLU A 20 -6.86 11.60 7.98
C GLU A 20 -7.96 10.99 7.12
N TYR A 21 -7.55 10.49 5.95
CA TYR A 21 -8.51 9.89 5.01
C TYR A 21 -7.90 8.69 4.30
N CYS A 22 -8.58 7.55 4.40
CA CYS A 22 -8.12 6.34 3.72
C CYS A 22 -8.89 6.21 2.43
N VAL A 23 -8.25 5.77 1.36
CA VAL A 23 -8.90 5.63 0.06
C VAL A 23 -9.13 4.17 -0.30
N ILE A 24 -8.09 3.36 -0.14
CA ILE A 24 -8.18 1.94 -0.48
C ILE A 24 -6.97 1.18 0.04
N ALA A 25 -7.23 -0.01 0.56
CA ALA A 25 -6.17 -0.85 1.10
C ALA A 25 -6.46 -2.31 0.83
N VAL A 26 -5.48 -3.00 0.25
CA VAL A 26 -5.64 -4.41 -0.08
C VAL A 26 -4.62 -5.22 0.70
N GLN A 27 -4.40 -6.46 0.27
CA GLN A 27 -3.46 -7.33 0.96
C GLN A 27 -2.87 -8.34 -0.02
N GLY A 28 -1.74 -8.93 0.37
CA GLY A 28 -1.08 -9.91 -0.46
C GLY A 28 0.07 -10.58 0.28
N VAL A 29 0.83 -11.37 -0.46
CA VAL A 29 1.97 -12.08 0.12
C VAL A 29 3.25 -11.45 -0.39
N LEU A 30 4.36 -11.79 0.25
CA LEU A 30 5.67 -11.29 -0.16
C LEU A 30 6.68 -12.40 0.07
N CYS A 31 7.44 -12.76 -0.95
CA CYS A 31 8.43 -13.82 -0.80
C CYS A 31 9.79 -13.23 -0.50
N LYS A 32 10.32 -13.56 0.66
CA LYS A 32 11.64 -13.08 1.05
C LYS A 32 12.63 -14.23 0.99
N GLY A 33 13.58 -14.10 0.08
CA GLY A 33 14.60 -15.12 -0.08
C GLY A 33 14.04 -16.53 0.06
N ASP A 34 12.91 -16.79 -0.61
CA ASP A 34 12.28 -18.11 -0.56
C ASP A 34 11.52 -18.31 0.75
N SER A 35 11.18 -17.20 1.41
CA SER A 35 10.44 -17.23 2.66
C SER A 35 9.07 -16.57 2.43
N ARG A 36 8.00 -17.30 2.71
CA ARG A 36 6.65 -16.75 2.50
C ARG A 36 6.15 -16.05 3.75
N GLN A 37 5.72 -14.80 3.58
CA GLN A 37 5.22 -13.99 4.68
C GLN A 37 3.94 -13.28 4.26
N SER A 38 3.18 -12.83 5.26
CA SER A 38 1.93 -12.12 5.00
C SER A 38 2.07 -10.65 5.38
N ARG A 39 1.82 -9.77 4.42
CA ARG A 39 1.93 -8.33 4.62
C ARG A 39 0.69 -7.63 4.10
N LEU A 40 0.43 -6.44 4.65
CA LEU A 40 -0.73 -5.64 4.27
C LEU A 40 -0.29 -4.22 3.93
N LEU A 41 -0.75 -3.70 2.78
CA LEU A 41 -0.36 -2.35 2.36
C LEU A 41 -1.53 -1.68 1.63
N GLY A 42 -1.70 -0.38 1.84
CA GLY A 42 -2.77 0.36 1.16
C GLY A 42 -2.29 1.72 0.72
N LEU A 43 -3.24 2.61 0.43
CA LEU A 43 -2.93 3.97 -0.01
C LEU A 43 -3.73 4.97 0.81
N VAL A 44 -3.08 6.05 1.25
CA VAL A 44 -3.75 7.05 2.06
C VAL A 44 -3.40 8.47 1.61
N ARG A 45 -4.42 9.31 1.59
CA ARG A 45 -4.25 10.71 1.21
C ARG A 45 -4.56 11.59 2.41
N TYR A 46 -3.77 12.63 2.58
CA TYR A 46 -3.93 13.56 3.69
C TYR A 46 -4.06 14.98 3.16
N ARG A 47 -5.05 15.73 3.65
CA ARG A 47 -5.27 17.10 3.18
C ARG A 47 -4.50 18.12 4.03
N LEU A 48 -3.88 19.08 3.36
CA LEU A 48 -3.13 20.13 4.04
C LEU A 48 -3.96 21.39 4.17
N GLU A 49 -3.93 21.97 5.37
CA GLU A 49 -4.68 23.19 5.63
C GLU A 49 -4.40 24.24 4.55
N ASN A 50 -3.41 23.96 3.71
CA ASN A 50 -3.03 24.87 2.63
C ASN A 50 -3.84 24.55 1.37
N ASP A 51 -4.64 23.49 1.44
CA ASP A 51 -5.45 23.04 0.31
C ASP A 51 -4.63 22.06 -0.52
N ALA A 52 -3.34 22.02 -0.25
CA ALA A 52 -2.42 21.14 -0.95
C ALA A 52 -2.68 19.68 -0.59
N GLN A 53 -2.55 18.81 -1.59
CA GLN A 53 -2.77 17.37 -1.40
C GLN A 53 -1.44 16.62 -1.36
N GLU A 54 -1.40 15.53 -0.60
CA GLU A 54 -0.20 14.70 -0.50
C GLU A 54 -0.59 13.23 -0.43
N HIS A 55 0.20 12.38 -1.08
CA HIS A 55 -0.06 10.93 -1.11
C HIS A 55 1.16 10.16 -0.64
N ALA A 56 0.92 9.00 -0.05
CA ALA A 56 2.00 8.14 0.44
C ALA A 56 1.51 6.71 0.51
N LEU A 57 2.40 5.74 0.28
CA LEU A 57 2.01 4.33 0.31
C LEU A 57 2.50 3.68 1.60
N PHE A 58 1.58 3.49 2.54
CA PHE A 58 1.90 2.93 3.83
C PHE A 58 1.93 1.41 3.77
N LEU A 59 2.73 0.81 4.64
CA LEU A 59 2.82 -0.63 4.75
C LEU A 59 2.38 -1.04 6.15
N TYR A 60 1.42 -1.94 6.20
CA TYR A 60 0.88 -2.44 7.46
C TYR A 60 1.21 -3.91 7.62
N THR A 61 1.72 -4.33 8.79
CA THR A 61 2.00 -5.75 8.99
C THR A 61 0.76 -6.40 9.57
N HIS A 62 0.73 -7.72 9.57
CA HIS A 62 -0.42 -8.42 10.13
C HIS A 62 -0.05 -9.87 10.40
N ARG A 63 -0.72 -10.47 11.38
CA ARG A 63 -0.46 -11.85 11.72
C ARG A 63 -1.02 -12.77 10.65
N ARG A 64 -1.23 -14.02 11.02
CA ARG A 64 -1.76 -15.00 10.09
C ARG A 64 -3.19 -14.67 9.72
N MET A 65 -3.96 -14.15 10.69
CA MET A 65 -5.36 -13.82 10.46
C MET A 65 -5.74 -12.52 11.16
N ALA A 66 -4.76 -11.64 11.34
CA ALA A 66 -5.02 -10.37 12.00
C ALA A 66 -5.81 -9.45 11.09
N ILE A 67 -5.38 -9.38 9.80
CA ILE A 67 -6.00 -8.54 8.76
C ILE A 67 -7.26 -7.84 9.26
N THR A 68 -8.08 -8.63 9.94
CA THR A 68 -9.35 -8.18 10.48
C THR A 68 -9.32 -6.75 11.04
N GLY A 69 -8.14 -6.14 11.22
CA GLY A 69 -8.08 -4.79 11.79
C GLY A 69 -7.65 -4.90 13.24
N ASP A 70 -7.90 -6.08 13.81
CA ASP A 70 -7.60 -6.32 15.21
C ASP A 70 -6.13 -6.02 15.52
N ASP A 71 -5.24 -6.83 15.00
CA ASP A 71 -3.85 -6.70 15.33
C ASP A 71 -2.95 -6.36 14.12
N VAL A 72 -3.19 -5.19 13.55
CA VAL A 72 -2.43 -4.69 12.40
C VAL A 72 -2.33 -3.17 12.46
N SER A 73 -1.11 -2.65 12.37
CA SER A 73 -0.88 -1.21 12.41
C SER A 73 0.39 -0.90 11.61
N LEU A 74 0.67 0.37 11.38
CA LEU A 74 1.83 0.76 10.55
C LEU A 74 3.10 0.00 10.89
N ASP A 75 3.70 -0.59 9.84
CA ASP A 75 4.94 -1.34 9.95
C ASP A 75 6.07 -0.64 9.18
N GLN A 76 5.73 0.23 8.24
CA GLN A 76 6.74 0.95 7.48
C GLN A 76 6.12 2.17 6.78
N ILE A 77 6.86 2.76 5.83
CA ILE A 77 6.39 3.91 5.07
C ILE A 77 7.11 3.98 3.73
N VAL A 78 6.35 4.04 2.65
CA VAL A 78 6.91 4.12 1.29
C VAL A 78 6.31 5.34 0.58
N PRO A 79 6.93 6.49 0.69
CA PRO A 79 6.39 7.74 0.08
C PRO A 79 6.72 7.87 -1.40
N LEU A 80 5.72 8.26 -2.18
CA LEU A 80 5.89 8.41 -3.60
C LEU A 80 6.90 9.50 -3.92
N SER A 81 7.89 9.11 -4.71
CA SER A 81 8.97 10.01 -5.12
C SER A 81 9.27 9.80 -6.60
N LYS A 82 10.05 10.70 -7.17
CA LYS A 82 10.38 10.61 -8.59
C LYS A 82 10.99 9.25 -8.92
N ASP A 83 11.90 8.79 -8.08
CA ASP A 83 12.54 7.50 -8.30
C ASP A 83 11.52 6.37 -8.26
N PHE A 84 10.31 6.69 -7.78
CA PHE A 84 9.22 5.71 -7.71
C PHE A 84 8.83 5.30 -9.12
N MET A 85 8.60 4.01 -9.32
CA MET A 85 8.18 3.50 -10.62
C MET A 85 7.68 2.08 -10.48
N LEU A 86 6.42 1.85 -10.85
CA LEU A 86 5.84 0.51 -10.77
C LEU A 86 6.27 -0.29 -12.01
N GLU A 87 6.85 -1.46 -11.81
CA GLU A 87 7.31 -2.30 -12.94
C GLU A 87 6.64 -3.67 -12.89
N GLU A 88 5.97 -4.02 -13.98
CA GLU A 88 5.33 -5.31 -14.08
C GLU A 88 6.39 -6.38 -14.31
N VAL A 89 6.10 -7.62 -13.92
CA VAL A 89 7.05 -8.72 -14.13
C VAL A 89 6.79 -9.37 -15.47
N SER A 90 7.86 -9.67 -16.20
CA SER A 90 7.77 -10.29 -17.52
C SER A 90 6.62 -11.33 -17.55
N PRO A 91 5.75 -11.29 -18.54
CA PRO A 91 4.60 -12.25 -18.62
C PRO A 91 5.05 -13.66 -19.02
N ASP A 92 5.46 -13.81 -20.29
CA ASP A 92 5.87 -15.10 -20.81
C ASP A 92 4.73 -16.11 -20.62
N GLY A 93 3.50 -15.63 -20.79
CA GLY A 93 2.31 -16.49 -20.65
C GLY A 93 1.75 -16.89 -22.00
N GLU A 94 1.47 -18.18 -22.16
CA GLU A 94 0.93 -18.70 -23.41
C GLU A 94 -0.37 -17.99 -23.79
N LEU A 95 -1.21 -17.69 -22.79
CA LEU A 95 -2.48 -17.01 -23.04
C LEU A 95 -2.77 -16.01 -21.92
N TYR A 96 -2.47 -16.42 -20.69
CA TYR A 96 -2.72 -15.56 -19.53
C TYR A 96 -1.59 -15.67 -18.49
N ILE A 97 -1.51 -14.67 -17.63
CA ILE A 97 -0.49 -14.62 -16.58
C ILE A 97 -1.13 -14.37 -15.21
N LEU A 98 -1.88 -13.28 -15.11
CA LEU A 98 -2.53 -12.92 -13.87
C LEU A 98 -3.54 -14.00 -13.47
N GLY A 99 -4.57 -14.17 -14.28
CA GLY A 99 -5.60 -15.17 -13.99
C GLY A 99 -6.26 -14.89 -12.66
N SER A 100 -5.87 -15.65 -11.63
CA SER A 100 -6.41 -15.48 -10.28
C SER A 100 -5.30 -15.01 -9.35
N ASP A 101 -4.50 -14.07 -9.85
CA ASP A 101 -3.39 -13.49 -9.10
C ASP A 101 -2.87 -12.26 -9.84
N VAL A 102 -2.26 -11.33 -9.10
CA VAL A 102 -1.71 -10.10 -9.70
C VAL A 102 -0.25 -9.95 -9.32
N THR A 103 0.59 -9.67 -10.32
CA THR A 103 2.02 -9.50 -10.07
C THR A 103 2.45 -8.06 -10.31
N VAL A 104 2.88 -7.41 -9.24
CA VAL A 104 3.33 -6.02 -9.29
C VAL A 104 4.64 -5.88 -8.52
N GLN A 105 5.60 -5.16 -9.09
CA GLN A 105 6.91 -4.97 -8.46
C GLN A 105 7.22 -3.48 -8.30
N LEU A 106 7.37 -3.03 -7.05
CA LEU A 106 7.66 -1.62 -6.79
C LEU A 106 9.16 -1.36 -6.78
N ASN A 107 9.59 -0.43 -7.62
CA ASN A 107 11.02 -0.09 -7.73
C ASN A 107 11.37 1.26 -7.15
N THR A 108 11.23 1.41 -5.83
CA THR A 108 11.56 2.68 -5.20
C THR A 108 13.08 2.86 -5.17
N ALA A 109 13.51 4.05 -4.80
CA ALA A 109 14.93 4.36 -4.74
C ALA A 109 15.68 3.43 -3.79
N GLU A 110 15.06 3.09 -2.66
CA GLU A 110 15.70 2.22 -1.67
C GLU A 110 14.74 1.10 -1.25
N LEU A 111 13.80 0.78 -2.13
CA LEU A 111 12.84 -0.27 -1.85
C LEU A 111 12.57 -1.06 -3.11
N LYS A 112 12.62 -2.37 -2.98
CA LYS A 112 12.36 -3.25 -4.10
C LYS A 112 11.80 -4.58 -3.60
N LEU A 113 10.49 -4.75 -3.79
CA LEU A 113 9.80 -5.96 -3.33
C LEU A 113 8.84 -6.48 -4.40
N VAL A 114 8.34 -7.70 -4.17
CA VAL A 114 7.40 -8.34 -5.11
C VAL A 114 6.16 -8.79 -4.36
N PHE A 115 5.00 -8.22 -4.70
CA PHE A 115 3.74 -8.57 -4.04
C PHE A 115 2.80 -9.28 -5.00
N GLN A 116 2.11 -10.29 -4.49
CA GLN A 116 1.14 -11.07 -5.28
C GLN A 116 -0.28 -10.85 -4.75
N LEU A 117 -0.96 -9.85 -5.31
CA LEU A 117 -2.33 -9.53 -4.89
C LEU A 117 -3.33 -10.35 -5.72
N PRO A 118 -4.54 -10.58 -5.23
CA PRO A 118 -5.57 -11.38 -5.98
C PRO A 118 -6.25 -10.56 -7.09
N PHE A 119 -6.41 -11.19 -8.25
CA PHE A 119 -7.00 -10.56 -9.43
C PHE A 119 -8.47 -10.21 -9.27
N GLY A 120 -8.83 -9.07 -9.85
CA GLY A 120 -10.20 -8.59 -9.81
C GLY A 120 -10.25 -7.06 -9.79
N SER A 121 -11.45 -6.51 -9.85
CA SER A 121 -11.63 -5.07 -9.83
C SER A 121 -11.13 -4.49 -8.51
N HIS A 122 -11.03 -5.36 -7.49
CA HIS A 122 -10.57 -4.92 -6.19
C HIS A 122 -9.10 -4.49 -6.25
N THR A 123 -8.27 -5.28 -6.92
CA THR A 123 -6.85 -4.96 -7.04
C THR A 123 -6.61 -3.87 -8.07
N ARG A 124 -7.32 -3.93 -9.19
CA ARG A 124 -7.13 -2.96 -10.25
C ARG A 124 -7.42 -1.56 -9.77
N THR A 125 -8.44 -1.42 -8.95
CA THR A 125 -8.81 -0.10 -8.44
C THR A 125 -7.61 0.53 -7.74
N PHE A 126 -6.93 -0.27 -6.93
CA PHE A 126 -5.77 0.23 -6.20
C PHE A 126 -4.71 0.76 -7.15
N LEU A 127 -4.39 0.00 -8.20
CA LEU A 127 -3.33 0.41 -9.11
C LEU A 127 -3.58 1.80 -9.66
N GLN A 128 -4.79 2.04 -10.13
CA GLN A 128 -5.13 3.33 -10.72
C GLN A 128 -4.99 4.47 -9.72
N GLU A 129 -5.42 4.25 -8.48
CA GLU A 129 -5.36 5.29 -7.46
C GLU A 129 -3.92 5.75 -7.23
N VAL A 130 -3.00 4.79 -7.18
CA VAL A 130 -1.60 5.11 -6.95
C VAL A 130 -1.06 5.96 -8.11
N ALA A 131 -1.40 5.54 -9.33
CA ALA A 131 -0.93 6.24 -10.53
C ALA A 131 -1.33 7.72 -10.53
N ARG A 132 -2.60 8.00 -10.23
CA ARG A 132 -3.07 9.39 -10.22
C ARG A 132 -2.55 10.12 -9.00
N ALA A 133 -2.09 9.36 -8.00
CA ALA A 133 -1.57 9.94 -6.77
C ALA A 133 -0.24 10.67 -7.00
N CYS A 134 0.45 10.34 -8.09
CA CYS A 134 1.72 11.00 -8.41
C CYS A 134 2.47 10.28 -9.56
N PRO A 135 2.87 9.04 -9.37
CA PRO A 135 3.61 8.27 -10.42
C PRO A 135 2.72 7.87 -11.60
N GLY A 136 1.96 8.83 -12.13
CA GLY A 136 1.08 8.54 -13.27
C GLY A 136 1.83 8.68 -14.59
N PHE A 137 2.54 7.60 -14.95
CA PHE A 137 3.32 7.54 -16.21
C PHE A 137 3.52 8.92 -16.84
N ASP A 138 4.33 9.75 -16.19
CA ASP A 138 4.60 11.10 -16.68
C ASP A 138 5.66 11.77 -15.80
N PRO A 139 6.92 11.73 -16.19
CA PRO A 139 8.03 12.33 -15.38
C PRO A 139 7.77 13.79 -15.01
N GLU A 140 6.78 14.38 -15.67
CA GLU A 140 6.42 15.78 -15.41
C GLU A 140 6.07 15.98 -13.93
N THR A 141 5.60 14.92 -13.28
CA THR A 141 5.22 14.98 -11.87
C THR A 141 6.20 15.82 -11.05
N ARG A 142 7.31 15.19 -10.63
CA ARG A 142 8.33 15.88 -9.83
C ARG A 142 7.72 16.60 -8.64
N ASP A 143 8.61 17.12 -7.79
CA ASP A 143 8.20 17.86 -6.60
C ASP A 143 7.72 16.91 -5.49
N PRO A 144 8.59 16.10 -4.96
CA PRO A 144 8.22 15.16 -3.87
C PRO A 144 7.99 15.89 -2.55
N GLU A 145 7.26 15.24 -1.65
CA GLU A 145 6.96 15.78 -0.33
C GLU A 145 6.85 14.63 0.67
N PHE A 146 7.24 14.88 1.91
CA PHE A 146 7.18 13.85 2.94
C PHE A 146 7.28 14.47 4.34
N GLU A 147 7.31 15.80 4.38
CA GLU A 147 7.43 16.53 5.64
C GLU A 147 6.26 16.25 6.59
N TRP A 148 5.09 15.98 6.04
CA TRP A 148 3.91 15.72 6.88
C TRP A 148 3.92 14.28 7.43
N LEU A 149 4.69 13.40 6.78
CA LEU A 149 4.77 12.00 7.23
C LEU A 149 5.49 11.93 8.58
N SER A 150 6.48 12.80 8.78
CA SER A 150 7.24 12.82 10.02
C SER A 150 6.31 12.90 11.21
N ARG A 151 5.09 13.35 10.95
CA ARG A 151 4.08 13.46 11.99
C ARG A 151 3.48 12.10 12.23
N HIS A 152 4.20 11.08 11.78
CA HIS A 152 3.77 9.72 11.93
C HIS A 152 4.98 8.82 12.11
N THR A 153 4.73 7.61 12.59
CA THR A 153 5.77 6.63 12.79
C THR A 153 5.21 5.23 12.58
N CYS A 154 5.43 4.35 13.56
CA CYS A 154 4.93 2.99 13.48
C CYS A 154 4.56 2.49 14.88
N ALA A 155 3.56 1.62 14.95
CA ALA A 155 3.11 1.06 16.22
C ALA A 155 2.22 2.07 16.98
N GLU A 156 1.01 1.64 17.33
CA GLU A 156 0.09 2.51 18.05
C GLU A 156 0.81 3.15 19.24
N PRO A 157 0.59 4.42 19.52
CA PRO A 157 1.27 5.11 20.67
C PRO A 157 0.79 4.57 22.02
N ASP A 158 -0.38 3.95 22.01
CA ASP A 158 -0.96 3.40 23.24
C ASP A 158 -0.26 2.09 23.60
N ALA A 159 1.00 1.99 23.19
CA ALA A 159 1.79 0.79 23.48
C ALA A 159 1.98 0.59 24.98
N GLU A 160 2.17 1.69 25.69
CA GLU A 160 2.36 1.63 27.14
C GLU A 160 3.51 0.70 27.49
N SER A 161 4.71 1.05 27.05
CA SER A 161 5.89 0.24 27.33
C SER A 161 5.92 -0.18 28.79
N GLY A 1 -25.26 -11.88 9.01
CA GLY A 1 -24.66 -10.76 8.23
C GLY A 1 -23.14 -10.78 8.39
N PRO A 2 -22.50 -11.73 7.76
CA PRO A 2 -21.01 -11.86 7.83
C PRO A 2 -20.30 -10.62 7.28
N LEU A 3 -19.18 -10.27 7.91
CA LEU A 3 -18.41 -9.10 7.50
C LEU A 3 -17.90 -9.29 6.07
N GLY A 4 -17.42 -10.50 5.78
CA GLY A 4 -16.91 -10.79 4.45
C GLY A 4 -15.49 -10.26 4.27
N SER A 5 -14.71 -10.97 3.44
CA SER A 5 -13.34 -10.55 3.18
C SER A 5 -13.31 -9.16 2.56
N MET A 6 -12.32 -8.93 1.70
CA MET A 6 -12.18 -7.62 1.05
C MET A 6 -12.44 -6.49 2.04
N ASP A 7 -12.30 -6.81 3.34
CA ASP A 7 -12.51 -5.81 4.40
C ASP A 7 -11.16 -5.30 4.91
N GLN A 8 -10.35 -4.79 4.00
CA GLN A 8 -9.04 -4.25 4.36
C GLN A 8 -9.12 -2.74 4.52
N SER A 9 -9.92 -2.11 3.68
CA SER A 9 -10.04 -0.65 3.72
C SER A 9 -10.39 -0.17 5.12
N VAL A 10 -11.41 -0.76 5.73
CA VAL A 10 -11.81 -0.36 7.07
C VAL A 10 -10.70 -0.72 8.07
N ALA A 11 -10.20 -1.95 7.96
CA ALA A 11 -9.16 -2.45 8.85
C ALA A 11 -8.13 -1.37 9.14
N ILE A 12 -7.72 -0.64 8.10
CA ILE A 12 -6.73 0.41 8.27
C ILE A 12 -7.26 1.53 9.15
N GLN A 13 -8.45 2.00 8.83
CA GLN A 13 -9.06 3.09 9.58
C GLN A 13 -8.96 2.83 11.08
N GLU A 14 -9.36 1.65 11.50
CA GLU A 14 -9.29 1.29 12.91
C GLU A 14 -7.85 1.29 13.40
N THR A 15 -6.91 1.15 12.45
CA THR A 15 -5.48 1.11 12.77
C THR A 15 -4.74 2.29 12.15
N LEU A 16 -5.47 3.32 11.71
CA LEU A 16 -4.83 4.49 11.11
C LEU A 16 -4.68 5.62 12.13
N VAL A 17 -5.18 6.80 11.79
CA VAL A 17 -5.11 7.94 12.68
C VAL A 17 -6.12 8.99 12.21
N GLU A 18 -6.82 9.59 13.16
CA GLU A 18 -7.83 10.58 12.84
C GLU A 18 -7.31 11.58 11.81
N GLY A 19 -8.20 12.44 11.35
CA GLY A 19 -7.86 13.48 10.38
C GLY A 19 -7.42 12.89 9.05
N GLU A 20 -6.78 11.73 9.08
CA GLU A 20 -6.31 11.11 7.85
C GLU A 20 -7.46 10.47 7.08
N TYR A 21 -7.25 10.28 5.78
CA TYR A 21 -8.26 9.72 4.89
C TYR A 21 -7.75 8.45 4.20
N CYS A 22 -8.51 7.37 4.36
CA CYS A 22 -8.17 6.11 3.70
C CYS A 22 -8.91 6.06 2.38
N VAL A 23 -8.27 5.55 1.34
CA VAL A 23 -8.89 5.49 0.01
C VAL A 23 -9.12 4.05 -0.43
N ILE A 24 -8.08 3.24 -0.33
CA ILE A 24 -8.17 1.85 -0.76
C ILE A 24 -6.96 1.06 -0.29
N ALA A 25 -7.20 0.07 0.56
CA ALA A 25 -6.13 -0.78 1.10
C ALA A 25 -6.47 -2.24 0.93
N VAL A 26 -5.56 -2.98 0.30
CA VAL A 26 -5.77 -4.40 0.05
C VAL A 26 -4.70 -5.21 0.78
N GLN A 27 -4.53 -6.45 0.37
CA GLN A 27 -3.54 -7.32 0.99
C GLN A 27 -2.91 -8.24 -0.04
N GLY A 28 -1.69 -8.68 0.25
CA GLY A 28 -0.99 -9.57 -0.67
C GLY A 28 0.12 -10.31 0.04
N VAL A 29 0.80 -11.18 -0.70
CA VAL A 29 1.88 -11.97 -0.13
C VAL A 29 3.20 -11.28 -0.44
N LEU A 30 4.22 -11.59 0.34
CA LEU A 30 5.54 -11.03 0.13
C LEU A 30 6.55 -12.13 0.37
N CYS A 31 7.39 -12.44 -0.62
CA CYS A 31 8.36 -13.50 -0.47
C CYS A 31 9.74 -12.96 -0.12
N LYS A 32 10.10 -13.12 1.14
CA LYS A 32 11.40 -12.68 1.60
C LYS A 32 12.45 -13.68 1.13
N GLY A 33 13.66 -13.18 0.88
CA GLY A 33 14.74 -14.03 0.40
C GLY A 33 14.77 -15.38 1.11
N ASP A 34 14.03 -16.35 0.58
CA ASP A 34 13.99 -17.70 1.14
C ASP A 34 13.00 -17.77 2.31
N SER A 35 12.53 -16.61 2.74
CA SER A 35 11.56 -16.53 3.84
C SER A 35 10.20 -16.15 3.28
N ARG A 36 9.15 -16.84 3.74
CA ARG A 36 7.80 -16.56 3.25
C ARG A 36 6.90 -16.06 4.37
N GLN A 37 6.29 -14.89 4.14
CA GLN A 37 5.40 -14.29 5.13
C GLN A 37 4.41 -13.35 4.44
N SER A 38 3.16 -13.41 4.87
CA SER A 38 2.13 -12.56 4.30
C SER A 38 2.25 -11.13 4.84
N ARG A 39 1.87 -10.17 4.01
CA ARG A 39 1.96 -8.75 4.38
C ARG A 39 0.69 -8.02 3.95
N LEU A 40 0.47 -6.85 4.53
CA LEU A 40 -0.71 -6.04 4.22
C LEU A 40 -0.28 -4.60 3.92
N LEU A 41 -0.80 -4.00 2.84
CA LEU A 41 -0.40 -2.66 2.46
C LEU A 41 -1.54 -1.96 1.74
N GLY A 42 -1.63 -0.63 1.88
CA GLY A 42 -2.67 0.12 1.22
C GLY A 42 -2.16 1.46 0.73
N LEU A 43 -3.09 2.39 0.49
CA LEU A 43 -2.75 3.73 0.04
C LEU A 43 -3.56 4.76 0.82
N VAL A 44 -2.96 5.91 1.11
CA VAL A 44 -3.65 6.96 1.87
C VAL A 44 -3.40 8.34 1.28
N ARG A 45 -4.46 9.13 1.23
CA ARG A 45 -4.38 10.50 0.73
C ARG A 45 -4.58 11.46 1.90
N TYR A 46 -3.67 12.41 2.04
CA TYR A 46 -3.74 13.39 3.12
C TYR A 46 -3.73 14.80 2.53
N ARG A 47 -4.63 15.66 3.02
CA ARG A 47 -4.72 17.03 2.50
C ARG A 47 -3.90 17.99 3.36
N LEU A 48 -3.25 18.95 2.70
CA LEU A 48 -2.44 19.94 3.39
C LEU A 48 -3.21 21.24 3.59
N GLU A 49 -3.10 21.80 4.78
CA GLU A 49 -3.80 23.04 5.10
C GLU A 49 -3.48 24.11 4.05
N ASN A 50 -2.45 23.86 3.25
CA ASN A 50 -2.04 24.81 2.22
C ASN A 50 -2.89 24.62 0.97
N ASP A 51 -3.82 23.69 1.03
CA ASP A 51 -4.70 23.38 -0.11
C ASP A 51 -4.01 22.37 -1.01
N ALA A 52 -2.72 22.16 -0.74
CA ALA A 52 -1.92 21.21 -1.52
C ALA A 52 -2.27 19.77 -1.14
N GLN A 53 -2.18 18.88 -2.13
CA GLN A 53 -2.48 17.46 -1.93
C GLN A 53 -1.22 16.61 -2.05
N GLU A 54 -1.18 15.49 -1.33
CA GLU A 54 -0.04 14.58 -1.38
C GLU A 54 -0.48 13.17 -1.01
N HIS A 55 0.31 12.18 -1.42
CA HIS A 55 0.01 10.78 -1.14
C HIS A 55 1.24 10.05 -0.63
N ALA A 56 1.01 8.95 0.09
CA ALA A 56 2.10 8.14 0.62
C ALA A 56 1.63 6.69 0.75
N LEU A 57 2.53 5.75 0.51
CA LEU A 57 2.17 4.33 0.58
C LEU A 57 2.37 3.84 2.01
N PHE A 58 1.46 3.00 2.47
CA PHE A 58 1.52 2.48 3.84
C PHE A 58 1.62 0.95 3.85
N LEU A 59 2.53 0.44 4.67
CA LEU A 59 2.72 -0.99 4.84
C LEU A 59 2.23 -1.39 6.23
N TYR A 60 1.30 -2.32 6.24
CA TYR A 60 0.70 -2.80 7.49
C TYR A 60 1.06 -4.26 7.68
N THR A 61 1.62 -4.60 8.84
CA THR A 61 1.95 -6.00 9.08
C THR A 61 0.72 -6.69 9.64
N HIS A 62 0.69 -8.00 9.56
CA HIS A 62 -0.46 -8.74 10.07
C HIS A 62 -0.05 -10.16 10.44
N ARG A 63 -0.87 -10.81 11.23
CA ARG A 63 -0.58 -12.17 11.66
C ARG A 63 -1.00 -13.16 10.59
N ARG A 64 -0.97 -14.44 10.94
CA ARG A 64 -1.34 -15.48 10.01
C ARG A 64 -2.85 -15.58 9.91
N MET A 65 -3.58 -15.01 10.88
CA MET A 65 -5.04 -15.08 10.89
C MET A 65 -5.63 -13.75 11.39
N ALA A 66 -4.91 -12.66 11.17
CA ALA A 66 -5.37 -11.36 11.62
C ALA A 66 -6.43 -10.83 10.66
N ILE A 67 -7.12 -11.75 9.99
CA ILE A 67 -8.18 -11.44 9.03
C ILE A 67 -8.64 -9.99 9.12
N THR A 68 -8.98 -9.56 10.31
CA THR A 68 -9.47 -8.20 10.53
C THR A 68 -8.32 -7.21 10.70
N GLY A 69 -8.55 -6.16 11.51
CA GLY A 69 -7.52 -5.14 11.78
C GLY A 69 -7.13 -5.14 13.26
N ASP A 70 -7.47 -6.22 13.94
CA ASP A 70 -7.20 -6.33 15.37
C ASP A 70 -5.69 -6.28 15.67
N ASP A 71 -4.89 -7.13 15.02
CA ASP A 71 -3.44 -7.15 15.31
C ASP A 71 -2.62 -6.50 14.20
N VAL A 72 -3.28 -5.82 13.28
CA VAL A 72 -2.58 -5.16 12.18
C VAL A 72 -2.41 -3.67 12.47
N SER A 73 -1.15 -3.22 12.62
CA SER A 73 -0.84 -1.82 12.92
C SER A 73 0.32 -1.37 12.04
N LEU A 74 0.44 -0.06 11.81
CA LEU A 74 1.48 0.45 10.92
C LEU A 74 2.87 -0.12 11.21
N ASP A 75 3.52 -0.56 10.12
CA ASP A 75 4.87 -1.12 10.18
C ASP A 75 5.89 -0.07 9.71
N GLN A 76 5.69 0.47 8.50
CA GLN A 76 6.59 1.49 7.95
C GLN A 76 5.96 2.17 6.73
N ILE A 77 6.00 3.50 6.74
CA ILE A 77 5.43 4.28 5.64
C ILE A 77 6.46 4.41 4.50
N VAL A 78 6.01 4.10 3.29
CA VAL A 78 6.88 4.20 2.10
C VAL A 78 6.35 5.31 1.19
N PRO A 79 6.85 6.52 1.30
CA PRO A 79 6.34 7.66 0.49
C PRO A 79 6.81 7.62 -0.95
N LEU A 80 5.99 8.19 -1.84
CA LEU A 80 6.31 8.21 -3.24
C LEU A 80 7.39 9.22 -3.55
N SER A 81 8.44 8.75 -4.21
CA SER A 81 9.57 9.58 -4.59
C SER A 81 9.60 9.79 -6.10
N LYS A 82 10.23 10.87 -6.54
CA LYS A 82 10.30 11.16 -7.97
C LYS A 82 10.76 9.94 -8.75
N ASP A 83 11.64 9.15 -8.14
CA ASP A 83 12.16 7.94 -8.80
C ASP A 83 11.21 6.76 -8.61
N PHE A 84 10.03 7.05 -8.03
CA PHE A 84 9.01 6.02 -7.82
C PHE A 84 8.50 5.51 -9.16
N MET A 85 8.28 4.21 -9.25
CA MET A 85 7.78 3.62 -10.49
C MET A 85 7.35 2.19 -10.23
N LEU A 86 6.37 1.71 -10.98
CA LEU A 86 5.89 0.34 -10.82
C LEU A 86 6.31 -0.49 -12.03
N GLU A 87 7.00 -1.61 -11.79
CA GLU A 87 7.47 -2.46 -12.88
C GLU A 87 6.72 -3.78 -12.91
N GLU A 88 6.07 -4.06 -14.02
CA GLU A 88 5.34 -5.30 -14.19
C GLU A 88 6.33 -6.42 -14.48
N VAL A 89 5.99 -7.65 -14.06
CA VAL A 89 6.88 -8.80 -14.30
C VAL A 89 6.16 -9.87 -15.11
N SER A 90 6.92 -10.54 -15.95
CA SER A 90 6.36 -11.57 -16.81
C SER A 90 5.52 -12.56 -15.98
N PRO A 91 4.26 -12.75 -16.29
CA PRO A 91 3.38 -13.69 -15.52
C PRO A 91 3.73 -15.16 -15.75
N ASP A 92 4.36 -15.44 -16.89
CA ASP A 92 4.72 -16.82 -17.23
C ASP A 92 3.46 -17.69 -17.30
N GLY A 93 2.97 -18.07 -16.12
CA GLY A 93 1.76 -18.88 -16.00
C GLY A 93 1.62 -19.86 -17.16
N GLU A 94 2.03 -21.11 -16.93
CA GLU A 94 1.95 -22.14 -17.96
C GLU A 94 0.51 -22.53 -18.24
N LEU A 95 -0.30 -22.66 -17.20
CA LEU A 95 -1.70 -23.02 -17.34
C LEU A 95 -2.51 -22.34 -16.24
N TYR A 96 -2.54 -21.02 -16.28
CA TYR A 96 -3.30 -20.26 -15.28
C TYR A 96 -3.52 -18.82 -15.74
N ILE A 97 -4.60 -18.20 -15.23
CA ILE A 97 -4.94 -16.82 -15.59
C ILE A 97 -5.09 -15.98 -14.33
N LEU A 98 -3.97 -15.71 -13.67
CA LEU A 98 -3.96 -14.91 -12.44
C LEU A 98 -4.81 -15.62 -11.37
N GLY A 99 -6.05 -15.92 -11.72
CA GLY A 99 -6.94 -16.62 -10.81
C GLY A 99 -6.86 -16.00 -9.43
N SER A 100 -6.78 -14.68 -9.39
CA SER A 100 -6.68 -13.96 -8.13
C SER A 100 -5.24 -13.93 -7.65
N ASP A 101 -4.31 -13.74 -8.60
CA ASP A 101 -2.88 -13.67 -8.29
C ASP A 101 -2.20 -12.65 -9.21
N VAL A 102 -2.26 -11.38 -8.83
CA VAL A 102 -1.65 -10.33 -9.63
C VAL A 102 -0.20 -10.16 -9.26
N THR A 103 0.64 -9.84 -10.25
CA THR A 103 2.07 -9.65 -10.01
C THR A 103 2.49 -8.21 -10.31
N VAL A 104 3.00 -7.53 -9.28
CA VAL A 104 3.46 -6.16 -9.40
C VAL A 104 4.76 -5.98 -8.62
N GLN A 105 5.70 -5.23 -9.20
CA GLN A 105 6.99 -5.00 -8.55
C GLN A 105 7.21 -3.51 -8.29
N LEU A 106 7.21 -3.11 -7.03
CA LEU A 106 7.39 -1.69 -6.69
C LEU A 106 8.87 -1.31 -6.73
N ASN A 107 9.16 -0.25 -7.47
CA ASN A 107 10.54 0.21 -7.63
C ASN A 107 10.77 1.60 -7.03
N THR A 108 10.79 1.69 -5.70
CA THR A 108 11.01 2.97 -5.06
C THR A 108 12.48 3.38 -5.21
N ALA A 109 12.76 4.62 -4.87
CA ALA A 109 14.10 5.15 -4.98
C ALA A 109 15.14 4.19 -4.40
N GLU A 110 14.78 3.49 -3.33
CA GLU A 110 15.69 2.54 -2.69
C GLU A 110 14.96 1.24 -2.36
N LEU A 111 13.68 1.34 -2.01
CA LEU A 111 12.89 0.17 -1.69
C LEU A 111 12.51 -0.56 -2.97
N LYS A 112 12.43 -1.87 -2.87
CA LYS A 112 12.08 -2.70 -4.00
C LYS A 112 11.60 -4.07 -3.52
N LEU A 113 10.30 -4.28 -3.63
CA LEU A 113 9.70 -5.54 -3.18
C LEU A 113 8.69 -6.07 -4.20
N VAL A 114 8.20 -7.28 -3.96
CA VAL A 114 7.22 -7.92 -4.86
C VAL A 114 6.00 -8.36 -4.06
N PHE A 115 4.81 -7.98 -4.52
CA PHE A 115 3.56 -8.33 -3.83
C PHE A 115 2.60 -9.04 -4.78
N GLN A 116 1.90 -10.06 -4.26
CA GLN A 116 0.93 -10.84 -5.04
C GLN A 116 -0.49 -10.44 -4.65
N LEU A 117 -1.03 -9.45 -5.35
CA LEU A 117 -2.39 -8.97 -5.06
C LEU A 117 -3.43 -9.82 -5.80
N PRO A 118 -4.62 -10.00 -5.26
CA PRO A 118 -5.67 -10.83 -5.91
C PRO A 118 -6.37 -10.07 -7.05
N PHE A 119 -6.33 -10.66 -8.23
CA PHE A 119 -6.93 -10.07 -9.43
C PHE A 119 -8.42 -9.77 -9.28
N GLY A 120 -8.83 -8.70 -9.97
CA GLY A 120 -10.21 -8.26 -9.96
C GLY A 120 -10.31 -6.73 -9.95
N SER A 121 -11.53 -6.23 -10.01
CA SER A 121 -11.77 -4.80 -9.99
C SER A 121 -11.23 -4.19 -8.69
N HIS A 122 -11.36 -4.93 -7.60
CA HIS A 122 -10.91 -4.45 -6.31
C HIS A 122 -9.42 -4.08 -6.35
N THR A 123 -8.60 -4.96 -6.95
CA THR A 123 -7.17 -4.69 -7.05
C THR A 123 -6.86 -3.67 -8.14
N ARG A 124 -7.55 -3.79 -9.26
CA ARG A 124 -7.34 -2.90 -10.39
C ARG A 124 -7.56 -1.45 -10.00
N THR A 125 -8.54 -1.21 -9.16
CA THR A 125 -8.84 0.14 -8.72
C THR A 125 -7.62 0.75 -8.03
N PHE A 126 -6.97 -0.05 -7.20
CA PHE A 126 -5.80 0.42 -6.47
C PHE A 126 -4.74 0.95 -7.44
N LEU A 127 -4.45 0.21 -8.50
CA LEU A 127 -3.42 0.61 -9.46
C LEU A 127 -3.64 2.03 -9.95
N GLN A 128 -4.89 2.35 -10.27
CA GLN A 128 -5.21 3.67 -10.79
C GLN A 128 -5.04 4.76 -9.72
N GLU A 129 -5.43 4.48 -8.49
CA GLU A 129 -5.33 5.47 -7.43
C GLU A 129 -3.88 5.89 -7.21
N VAL A 130 -2.98 4.92 -7.09
CA VAL A 130 -1.57 5.24 -6.88
C VAL A 130 -1.01 5.96 -8.10
N ALA A 131 -1.34 5.46 -9.28
CA ALA A 131 -0.85 6.03 -10.54
C ALA A 131 -1.15 7.52 -10.64
N ARG A 132 -2.37 7.92 -10.31
CA ARG A 132 -2.74 9.33 -10.38
C ARG A 132 -2.21 10.09 -9.18
N ALA A 133 -1.78 9.35 -8.16
CA ALA A 133 -1.26 9.96 -6.93
C ALA A 133 0.04 10.73 -7.18
N CYS A 134 0.61 10.56 -8.37
CA CYS A 134 1.85 11.29 -8.73
C CYS A 134 2.53 10.68 -9.96
N PRO A 135 2.72 9.38 -10.02
CA PRO A 135 3.40 8.73 -11.17
C PRO A 135 2.79 9.11 -12.52
N GLY A 136 1.45 9.00 -12.62
CA GLY A 136 0.71 9.31 -13.86
C GLY A 136 1.57 10.09 -14.85
N PHE A 137 2.42 9.34 -15.57
CA PHE A 137 3.36 9.90 -16.57
C PHE A 137 3.42 11.42 -16.51
N ASP A 138 4.02 11.96 -15.44
CA ASP A 138 4.15 13.40 -15.25
C ASP A 138 5.56 13.84 -15.67
N PRO A 139 5.73 15.07 -16.10
CA PRO A 139 7.07 15.58 -16.55
C PRO A 139 8.12 15.52 -15.45
N GLU A 140 7.82 16.10 -14.30
CA GLU A 140 8.77 16.11 -13.17
C GLU A 140 8.06 15.78 -11.86
N THR A 141 6.92 15.08 -11.96
CA THR A 141 6.14 14.67 -10.80
C THR A 141 6.29 15.67 -9.63
N ARG A 142 6.37 16.95 -9.97
CA ARG A 142 6.53 18.01 -8.97
C ARG A 142 7.49 17.59 -7.86
N ASP A 143 7.03 17.63 -6.61
CA ASP A 143 7.85 17.27 -5.47
C ASP A 143 7.10 16.24 -4.61
N PRO A 144 7.79 15.28 -4.04
CA PRO A 144 7.14 14.24 -3.19
C PRO A 144 6.57 14.82 -1.90
N GLU A 145 7.10 15.98 -1.51
CA GLU A 145 6.65 16.64 -0.29
C GLU A 145 6.46 15.62 0.84
N PHE A 146 7.50 15.43 1.66
CA PHE A 146 7.46 14.48 2.77
C PHE A 146 7.40 15.22 4.12
N GLU A 147 7.18 16.52 4.05
CA GLU A 147 7.13 17.35 5.25
C GLU A 147 6.06 16.88 6.23
N TRP A 148 4.91 16.45 5.71
CA TRP A 148 3.82 15.98 6.56
C TRP A 148 4.07 14.56 7.04
N LEU A 149 4.80 13.76 6.27
CA LEU A 149 5.07 12.38 6.68
C LEU A 149 5.77 12.35 8.03
N SER A 150 6.75 13.23 8.20
CA SER A 150 7.49 13.29 9.45
C SER A 150 6.52 13.42 10.62
N ARG A 151 5.43 14.14 10.39
CA ARG A 151 4.43 14.34 11.41
C ARG A 151 3.92 12.99 11.88
N HIS A 152 3.68 12.12 10.92
CA HIS A 152 3.22 10.78 11.20
C HIS A 152 4.38 9.93 11.68
N THR A 153 4.07 8.97 12.52
CA THR A 153 5.08 8.06 13.05
C THR A 153 4.48 6.67 13.23
N CYS A 154 5.24 5.64 12.86
CA CYS A 154 4.76 4.28 12.98
C CYS A 154 4.67 3.88 14.44
N ALA A 155 3.83 2.90 14.71
CA ALA A 155 3.64 2.42 16.07
C ALA A 155 4.98 2.17 16.74
N GLU A 156 4.96 1.90 18.04
CA GLU A 156 6.19 1.65 18.80
C GLU A 156 5.96 0.51 19.82
N PRO A 157 6.47 -0.68 19.58
CA PRO A 157 6.29 -1.82 20.52
C PRO A 157 6.63 -1.45 21.96
N ASP A 158 6.16 -2.27 22.88
CA ASP A 158 6.41 -2.04 24.30
C ASP A 158 7.54 -2.94 24.81
N ALA A 159 8.71 -2.34 25.03
CA ALA A 159 9.86 -3.08 25.52
C ALA A 159 9.61 -3.62 26.92
N GLU A 160 8.94 -2.81 27.75
CA GLU A 160 8.65 -3.20 29.12
C GLU A 160 7.71 -4.41 29.16
N SER A 161 6.75 -4.42 28.24
CA SER A 161 5.79 -5.52 28.18
C SER A 161 6.44 -6.78 27.63
N GLY A 1 -19.11 -5.33 9.21
CA GLY A 1 -19.22 -6.68 8.59
C GLY A 1 -18.82 -6.60 7.13
N PRO A 2 -17.68 -6.02 6.85
CA PRO A 2 -17.16 -5.87 5.45
C PRO A 2 -16.92 -7.23 4.79
N LEU A 3 -16.02 -8.02 5.38
CA LEU A 3 -15.72 -9.34 4.84
C LEU A 3 -14.80 -9.23 3.62
N GLY A 4 -13.74 -10.03 3.61
CA GLY A 4 -12.79 -10.01 2.51
C GLY A 4 -12.42 -8.59 2.12
N SER A 5 -12.67 -8.24 0.86
CA SER A 5 -12.36 -6.90 0.37
C SER A 5 -13.02 -5.86 1.27
N MET A 6 -12.61 -4.60 1.11
CA MET A 6 -13.16 -3.51 1.92
C MET A 6 -12.71 -3.66 3.38
N ASP A 7 -12.79 -4.88 3.90
CA ASP A 7 -12.38 -5.14 5.28
C ASP A 7 -11.01 -4.54 5.56
N GLN A 8 -10.20 -4.46 4.51
CA GLN A 8 -8.85 -3.91 4.63
C GLN A 8 -8.93 -2.40 4.80
N SER A 9 -9.73 -1.75 3.96
CA SER A 9 -9.84 -0.29 4.01
C SER A 9 -10.16 0.18 5.43
N VAL A 10 -11.14 -0.46 6.06
CA VAL A 10 -11.52 -0.10 7.41
C VAL A 10 -10.37 -0.42 8.37
N ALA A 11 -9.80 -1.61 8.22
CA ALA A 11 -8.72 -2.05 9.09
C ALA A 11 -7.70 -0.95 9.29
N ILE A 12 -7.29 -0.31 8.20
CA ILE A 12 -6.32 0.77 8.29
C ILE A 12 -6.89 1.96 9.03
N GLN A 13 -8.11 2.34 8.66
CA GLN A 13 -8.75 3.49 9.24
C GLN A 13 -8.65 3.45 10.76
N GLU A 14 -8.98 2.31 11.34
CA GLU A 14 -8.92 2.16 12.80
C GLU A 14 -7.48 2.27 13.28
N THR A 15 -6.56 1.67 12.53
CA THR A 15 -5.14 1.67 12.89
C THR A 15 -4.43 2.91 12.36
N LEU A 16 -5.20 3.95 12.03
CA LEU A 16 -4.61 5.18 11.51
C LEU A 16 -4.72 6.31 12.54
N VAL A 17 -5.45 7.36 12.21
CA VAL A 17 -5.65 8.47 13.11
C VAL A 17 -6.84 9.29 12.64
N GLU A 18 -7.69 9.70 13.56
CA GLU A 18 -8.88 10.45 13.20
C GLU A 18 -8.53 11.77 12.53
N GLY A 19 -8.96 11.91 11.27
CA GLY A 19 -8.71 13.14 10.51
C GLY A 19 -8.25 12.84 9.09
N GLU A 20 -7.84 11.59 8.83
CA GLU A 20 -7.37 11.20 7.49
C GLU A 20 -8.36 10.27 6.81
N TYR A 21 -7.98 9.80 5.62
CA TYR A 21 -8.83 8.92 4.83
C TYR A 21 -8.02 7.85 4.12
N CYS A 22 -8.33 6.58 4.39
CA CYS A 22 -7.62 5.48 3.73
C CYS A 22 -8.30 5.18 2.41
N VAL A 23 -8.02 6.02 1.42
CA VAL A 23 -8.64 5.88 0.10
C VAL A 23 -8.83 4.42 -0.29
N ILE A 24 -7.80 3.63 -0.11
CA ILE A 24 -7.88 2.23 -0.46
C ILE A 24 -6.71 1.45 0.13
N ALA A 25 -7.00 0.28 0.67
CA ALA A 25 -5.97 -0.58 1.25
C ALA A 25 -6.38 -2.02 1.05
N VAL A 26 -5.50 -2.80 0.44
CA VAL A 26 -5.77 -4.21 0.18
C VAL A 26 -4.78 -5.06 0.95
N GLN A 27 -4.63 -6.32 0.54
CA GLN A 27 -3.70 -7.23 1.20
C GLN A 27 -2.92 -8.01 0.16
N GLY A 28 -1.59 -7.89 0.22
CA GLY A 28 -0.71 -8.57 -0.73
C GLY A 28 0.25 -9.50 0.00
N VAL A 29 0.84 -10.42 -0.76
CA VAL A 29 1.79 -11.37 -0.20
C VAL A 29 3.20 -10.95 -0.60
N LEU A 30 4.18 -11.48 0.10
CA LEU A 30 5.58 -11.21 -0.20
C LEU A 30 6.34 -12.52 -0.02
N CYS A 31 6.98 -13.00 -1.08
CA CYS A 31 7.72 -14.25 -1.00
C CYS A 31 9.19 -13.97 -0.81
N LYS A 32 9.73 -14.45 0.30
CA LYS A 32 11.15 -14.30 0.59
C LYS A 32 11.79 -15.67 0.69
N GLY A 33 12.76 -15.93 -0.17
CA GLY A 33 13.45 -17.22 -0.16
C GLY A 33 12.46 -18.37 -0.31
N ASP A 34 12.38 -19.21 0.72
CA ASP A 34 11.48 -20.35 0.73
C ASP A 34 10.57 -20.27 1.95
N SER A 35 10.27 -19.03 2.35
CA SER A 35 9.40 -18.76 3.50
C SER A 35 8.33 -17.77 3.09
N ARG A 36 7.06 -18.19 3.14
CA ARG A 36 5.96 -17.31 2.75
C ARG A 36 5.59 -16.37 3.88
N GLN A 37 5.34 -15.11 3.52
CA GLN A 37 4.98 -14.09 4.50
C GLN A 37 3.74 -13.35 4.04
N SER A 38 3.08 -12.68 4.99
CA SER A 38 1.86 -11.92 4.69
C SER A 38 2.08 -10.45 5.01
N ARG A 39 1.83 -9.61 4.01
CA ARG A 39 2.00 -8.17 4.15
C ARG A 39 0.69 -7.43 3.84
N LEU A 40 0.42 -6.41 4.62
CA LEU A 40 -0.79 -5.60 4.45
C LEU A 40 -0.43 -4.19 4.01
N LEU A 41 -0.94 -3.78 2.84
CA LEU A 41 -0.64 -2.46 2.29
C LEU A 41 -1.70 -1.45 2.70
N GLY A 42 -1.36 -0.16 2.61
CA GLY A 42 -2.29 0.91 2.95
C GLY A 42 -1.96 2.18 2.19
N LEU A 43 -3.00 2.88 1.74
CA LEU A 43 -2.83 4.14 1.01
C LEU A 43 -3.71 5.21 1.64
N VAL A 44 -3.18 6.42 1.79
CA VAL A 44 -3.94 7.51 2.40
C VAL A 44 -3.96 8.75 1.53
N ARG A 45 -5.17 9.21 1.22
CA ARG A 45 -5.36 10.41 0.43
C ARG A 45 -5.74 11.55 1.35
N TYR A 46 -4.94 12.60 1.32
CA TYR A 46 -5.17 13.77 2.16
C TYR A 46 -5.40 14.99 1.26
N ARG A 47 -6.53 15.68 1.46
CA ARG A 47 -6.85 16.86 0.63
C ARG A 47 -7.19 18.07 1.50
N LEU A 48 -6.44 19.15 1.30
CA LEU A 48 -6.66 20.39 2.05
C LEU A 48 -7.74 21.22 1.40
N GLU A 49 -7.90 22.44 1.89
CA GLU A 49 -8.91 23.35 1.35
C GLU A 49 -8.32 24.17 0.20
N ASN A 50 -7.19 24.82 0.47
CA ASN A 50 -6.54 25.63 -0.55
C ASN A 50 -6.22 24.81 -1.78
N ASP A 51 -5.66 23.63 -1.55
CA ASP A 51 -5.28 22.71 -2.64
C ASP A 51 -4.20 21.77 -2.13
N ALA A 52 -3.10 22.37 -1.66
CA ALA A 52 -1.96 21.62 -1.13
C ALA A 52 -2.36 20.25 -0.63
N GLN A 53 -1.93 19.22 -1.34
CA GLN A 53 -2.25 17.83 -0.98
C GLN A 53 -1.07 16.91 -1.24
N GLU A 54 -1.11 15.72 -0.65
CA GLU A 54 -0.05 14.74 -0.83
C GLU A 54 -0.54 13.34 -0.45
N HIS A 55 0.23 12.32 -0.83
CA HIS A 55 -0.13 10.93 -0.54
C HIS A 55 1.08 10.16 -0.03
N ALA A 56 0.83 9.07 0.67
CA ALA A 56 1.91 8.23 1.20
C ALA A 56 1.45 6.76 1.20
N LEU A 57 2.35 5.85 0.83
CA LEU A 57 2.01 4.43 0.78
C LEU A 57 2.54 3.74 2.03
N PHE A 58 1.65 3.50 2.98
CA PHE A 58 2.01 2.88 4.24
C PHE A 58 2.01 1.35 4.14
N LEU A 59 2.83 0.73 4.98
CA LEU A 59 2.91 -0.72 5.04
C LEU A 59 2.57 -1.17 6.45
N TYR A 60 1.58 -2.04 6.56
CA TYR A 60 1.12 -2.55 7.85
C TYR A 60 1.46 -4.03 7.95
N THR A 61 2.01 -4.48 9.08
CA THR A 61 2.31 -5.90 9.20
C THR A 61 1.04 -6.62 9.60
N HIS A 62 1.00 -7.92 9.39
CA HIS A 62 -0.17 -8.68 9.76
C HIS A 62 0.13 -10.18 9.69
N ARG A 63 -0.56 -10.95 10.52
CA ARG A 63 -0.35 -12.37 10.54
C ARG A 63 -0.94 -13.00 9.28
N ARG A 64 -1.19 -14.30 9.36
CA ARG A 64 -1.76 -15.02 8.24
C ARG A 64 -3.18 -14.56 7.94
N MET A 65 -3.94 -14.25 9.01
CA MET A 65 -5.33 -13.83 8.86
C MET A 65 -5.66 -12.67 9.80
N ALA A 66 -4.65 -11.86 10.12
CA ALA A 66 -4.85 -10.71 11.01
C ALA A 66 -5.40 -9.53 10.21
N ILE A 67 -6.15 -9.83 9.16
CA ILE A 67 -6.72 -8.82 8.28
C ILE A 67 -7.69 -7.89 9.04
N THR A 68 -8.48 -8.50 9.90
CA THR A 68 -9.49 -7.80 10.67
C THR A 68 -9.13 -6.34 10.99
N GLY A 69 -7.85 -6.03 11.24
CA GLY A 69 -7.47 -4.66 11.62
C GLY A 69 -7.13 -4.65 13.09
N ASP A 70 -7.50 -5.73 13.77
CA ASP A 70 -7.27 -5.87 15.19
C ASP A 70 -5.78 -5.98 15.54
N ASP A 71 -5.01 -6.79 14.77
CA ASP A 71 -3.57 -6.99 15.09
C ASP A 71 -2.65 -6.48 13.98
N VAL A 72 -2.94 -5.32 13.43
CA VAL A 72 -2.09 -4.76 12.38
C VAL A 72 -1.89 -3.27 12.60
N SER A 73 -0.64 -2.83 12.73
CA SER A 73 -0.33 -1.42 12.95
C SER A 73 0.86 -1.04 12.07
N LEU A 74 1.03 0.24 11.80
CA LEU A 74 2.10 0.69 10.89
C LEU A 74 3.43 -0.02 11.09
N ASP A 75 4.08 -0.30 9.96
CA ASP A 75 5.37 -0.99 9.92
C ASP A 75 6.46 -0.05 9.41
N GLN A 76 6.36 0.37 8.14
CA GLN A 76 7.35 1.26 7.53
C GLN A 76 6.68 2.48 6.91
N ILE A 77 7.38 3.14 5.99
CA ILE A 77 6.87 4.32 5.29
C ILE A 77 7.47 4.41 3.89
N VAL A 78 6.63 4.23 2.88
CA VAL A 78 7.06 4.31 1.47
C VAL A 78 6.37 5.49 0.79
N PRO A 79 6.94 6.67 0.87
CA PRO A 79 6.32 7.88 0.27
C PRO A 79 6.60 8.00 -1.23
N LEU A 80 5.56 8.37 -1.97
CA LEU A 80 5.68 8.51 -3.40
C LEU A 80 6.70 9.58 -3.77
N SER A 81 7.66 9.16 -4.60
CA SER A 81 8.73 10.03 -5.06
C SER A 81 8.98 9.79 -6.55
N LYS A 82 9.74 10.67 -7.16
CA LYS A 82 10.00 10.55 -8.58
C LYS A 82 10.64 9.20 -8.90
N ASP A 83 11.60 8.79 -8.10
CA ASP A 83 12.27 7.50 -8.31
C ASP A 83 11.26 6.35 -8.20
N PHE A 84 10.05 6.67 -7.74
CA PHE A 84 8.98 5.68 -7.61
C PHE A 84 8.53 5.25 -9.01
N MET A 85 8.29 3.96 -9.17
CA MET A 85 7.83 3.43 -10.45
C MET A 85 7.34 2.00 -10.27
N LEU A 86 6.19 1.68 -10.86
CA LEU A 86 5.64 0.33 -10.75
C LEU A 86 6.05 -0.46 -11.99
N GLU A 87 6.63 -1.64 -11.78
CA GLU A 87 7.08 -2.49 -12.89
C GLU A 87 6.35 -3.83 -12.90
N GLU A 88 5.71 -4.14 -14.02
CA GLU A 88 5.01 -5.40 -14.16
C GLU A 88 6.02 -6.48 -14.50
N VAL A 89 5.72 -7.74 -14.12
CA VAL A 89 6.62 -8.85 -14.42
C VAL A 89 5.96 -9.81 -15.41
N SER A 90 6.73 -10.23 -16.40
CA SER A 90 6.22 -11.14 -17.43
C SER A 90 5.52 -12.35 -16.80
N PRO A 91 4.37 -12.77 -17.31
CA PRO A 91 3.63 -13.94 -16.73
C PRO A 91 4.33 -15.28 -17.01
N ASP A 92 4.81 -15.44 -18.24
CA ASP A 92 5.47 -16.69 -18.62
C ASP A 92 4.50 -17.85 -18.43
N GLY A 93 3.21 -17.59 -18.67
CA GLY A 93 2.17 -18.62 -18.53
C GLY A 93 1.29 -18.67 -19.77
N GLU A 94 0.70 -19.86 -20.02
CA GLU A 94 -0.17 -20.06 -21.19
C GLU A 94 -1.63 -19.77 -20.82
N LEU A 95 -2.32 -20.78 -20.30
CA LEU A 95 -3.73 -20.61 -19.92
C LEU A 95 -3.85 -19.57 -18.81
N TYR A 96 -2.95 -19.64 -17.85
CA TYR A 96 -2.97 -18.71 -16.72
C TYR A 96 -2.66 -17.29 -17.20
N ILE A 97 -3.51 -16.33 -16.82
CA ILE A 97 -3.34 -14.93 -17.20
C ILE A 97 -3.68 -14.02 -16.02
N LEU A 98 -3.22 -14.39 -14.83
CA LEU A 98 -3.50 -13.60 -13.64
C LEU A 98 -5.02 -13.41 -13.47
N GLY A 99 -5.71 -14.50 -13.16
CA GLY A 99 -7.17 -14.45 -12.99
C GLY A 99 -7.56 -14.25 -11.53
N SER A 100 -6.74 -14.80 -10.63
CA SER A 100 -6.99 -14.68 -9.19
C SER A 100 -5.68 -14.35 -8.48
N ASP A 101 -4.78 -13.73 -9.23
CA ASP A 101 -3.47 -13.31 -8.73
C ASP A 101 -2.82 -12.37 -9.73
N VAL A 102 -2.03 -11.41 -9.23
CA VAL A 102 -1.34 -10.45 -10.08
C VAL A 102 0.10 -10.29 -9.63
N THR A 103 0.95 -9.84 -10.54
CA THR A 103 2.37 -9.63 -10.23
C THR A 103 2.75 -8.17 -10.40
N VAL A 104 3.05 -7.53 -9.29
CA VAL A 104 3.45 -6.11 -9.28
C VAL A 104 4.79 -5.96 -8.58
N GLN A 105 5.75 -5.32 -9.24
CA GLN A 105 7.07 -5.11 -8.67
C GLN A 105 7.34 -3.63 -8.47
N LEU A 106 7.42 -3.19 -7.21
CA LEU A 106 7.66 -1.78 -6.91
C LEU A 106 9.14 -1.44 -6.90
N ASN A 107 9.51 -0.45 -7.68
CA ASN A 107 10.92 -0.03 -7.77
C ASN A 107 11.16 1.35 -7.20
N THR A 108 11.08 1.49 -5.88
CA THR A 108 11.33 2.78 -5.26
C THR A 108 12.82 3.07 -5.23
N ALA A 109 13.16 4.28 -4.81
CA ALA A 109 14.55 4.70 -4.76
C ALA A 109 15.43 3.66 -4.05
N GLU A 110 14.90 3.05 -2.98
CA GLU A 110 15.65 2.04 -2.23
C GLU A 110 14.86 0.76 -2.11
N LEU A 111 13.54 0.91 -1.98
CA LEU A 111 12.67 -0.26 -1.86
C LEU A 111 12.58 -0.95 -3.21
N LYS A 112 12.67 -2.27 -3.19
CA LYS A 112 12.58 -3.05 -4.42
C LYS A 112 12.28 -4.48 -4.09
N LEU A 113 11.00 -4.83 -4.16
CA LEU A 113 10.55 -6.20 -3.84
C LEU A 113 9.47 -6.65 -4.82
N VAL A 114 8.90 -7.82 -4.55
CA VAL A 114 7.83 -8.39 -5.39
C VAL A 114 6.62 -8.75 -4.53
N PHE A 115 5.43 -8.33 -4.96
CA PHE A 115 4.20 -8.63 -4.23
C PHE A 115 3.18 -9.34 -5.14
N GLN A 116 2.47 -10.30 -4.55
CA GLN A 116 1.45 -11.06 -5.27
C GLN A 116 0.05 -10.73 -4.73
N LEU A 117 -0.58 -9.71 -5.32
CA LEU A 117 -1.92 -9.30 -4.88
C LEU A 117 -2.99 -10.07 -5.67
N PRO A 118 -4.20 -10.19 -5.16
CA PRO A 118 -5.30 -10.91 -5.88
C PRO A 118 -5.77 -10.12 -7.10
N PHE A 119 -5.67 -10.75 -8.26
CA PHE A 119 -6.02 -10.14 -9.55
C PHE A 119 -7.31 -9.32 -9.52
N GLY A 120 -7.26 -8.21 -10.24
CA GLY A 120 -8.42 -7.32 -10.35
C GLY A 120 -9.15 -7.22 -9.02
N SER A 121 -10.47 -7.28 -9.09
CA SER A 121 -11.29 -7.21 -7.88
C SER A 121 -11.00 -5.92 -7.11
N HIS A 122 -10.49 -6.07 -5.89
CA HIS A 122 -10.17 -4.91 -5.06
C HIS A 122 -8.75 -4.41 -5.34
N THR A 123 -7.98 -5.18 -6.12
CA THR A 123 -6.61 -4.78 -6.44
C THR A 123 -6.57 -3.69 -7.51
N ARG A 124 -7.47 -3.76 -8.48
CA ARG A 124 -7.49 -2.80 -9.56
C ARG A 124 -7.61 -1.38 -9.03
N THR A 125 -8.47 -1.20 -8.06
CA THR A 125 -8.68 0.12 -7.49
C THR A 125 -7.35 0.69 -7.04
N PHE A 126 -6.54 -0.13 -6.38
CA PHE A 126 -5.24 0.30 -5.89
C PHE A 126 -4.38 0.82 -7.04
N LEU A 127 -4.26 0.03 -8.10
CA LEU A 127 -3.40 0.42 -9.21
C LEU A 127 -3.71 1.84 -9.67
N GLN A 128 -4.97 2.11 -9.94
CA GLN A 128 -5.37 3.41 -10.42
C GLN A 128 -5.08 4.52 -9.41
N GLU A 129 -5.35 4.26 -8.14
CA GLU A 129 -5.11 5.27 -7.10
C GLU A 129 -3.65 5.66 -7.03
N VAL A 130 -2.76 4.69 -7.18
CA VAL A 130 -1.34 4.97 -7.13
C VAL A 130 -0.93 5.88 -8.30
N ALA A 131 -1.41 5.53 -9.48
CA ALA A 131 -1.09 6.29 -10.69
C ALA A 131 -1.44 7.77 -10.56
N ARG A 132 -2.66 8.05 -10.11
CA ARG A 132 -3.10 9.44 -9.96
C ARG A 132 -2.39 10.11 -8.78
N ALA A 133 -1.88 9.29 -7.88
CA ALA A 133 -1.20 9.79 -6.69
C ALA A 133 -0.05 10.74 -7.05
N CYS A 134 0.44 10.65 -8.29
CA CYS A 134 1.52 11.55 -8.74
C CYS A 134 2.20 11.03 -10.02
N PRO A 135 2.48 9.75 -10.12
CA PRO A 135 3.17 9.17 -11.31
C PRO A 135 2.52 9.57 -12.63
N GLY A 136 1.18 9.45 -12.72
CA GLY A 136 0.43 9.78 -13.94
C GLY A 136 1.30 10.48 -14.97
N PHE A 137 2.11 9.68 -15.66
CA PHE A 137 3.05 10.17 -16.68
C PHE A 137 3.12 11.69 -16.74
N ASP A 138 3.75 12.29 -15.72
CA ASP A 138 3.88 13.75 -15.65
C ASP A 138 5.37 14.13 -15.61
N PRO A 139 5.77 15.24 -16.19
CA PRO A 139 7.20 15.66 -16.21
C PRO A 139 7.90 15.46 -14.87
N GLU A 140 7.46 16.19 -13.85
CA GLU A 140 8.06 16.09 -12.52
C GLU A 140 6.99 16.06 -11.43
N THR A 141 5.75 16.36 -11.82
CA THR A 141 4.62 16.35 -10.89
C THR A 141 5.05 16.77 -9.47
N ARG A 142 5.92 17.76 -9.39
CA ARG A 142 6.41 18.24 -8.10
C ARG A 142 7.05 17.12 -7.29
N ASP A 143 8.30 17.35 -6.89
CA ASP A 143 9.06 16.37 -6.11
C ASP A 143 8.28 15.97 -4.87
N PRO A 144 8.64 14.86 -4.26
CA PRO A 144 7.96 14.38 -3.02
C PRO A 144 7.90 15.47 -1.95
N GLU A 145 7.48 15.06 -0.75
CA GLU A 145 7.37 15.98 0.38
C GLU A 145 6.89 15.20 1.61
N PHE A 146 7.79 14.41 2.19
CA PHE A 146 7.44 13.61 3.37
C PHE A 146 7.53 14.47 4.64
N GLU A 147 7.41 15.78 4.45
CA GLU A 147 7.49 16.71 5.58
C GLU A 147 6.38 16.51 6.61
N TRP A 148 5.17 16.22 6.13
CA TRP A 148 4.02 16.03 7.03
C TRP A 148 3.98 14.60 7.58
N LEU A 149 4.65 13.66 6.92
CA LEU A 149 4.68 12.27 7.37
C LEU A 149 5.35 12.19 8.74
N SER A 150 6.40 12.98 8.93
CA SER A 150 7.13 12.98 10.20
C SER A 150 6.15 13.00 11.36
N ARG A 151 4.93 13.46 11.08
CA ARG A 151 3.89 13.52 12.09
C ARG A 151 3.60 12.10 12.56
N HIS A 152 3.61 11.18 11.60
CA HIS A 152 3.37 9.79 11.91
C HIS A 152 4.60 9.20 12.60
N THR A 153 4.34 8.40 13.63
CA THR A 153 5.42 7.74 14.37
C THR A 153 5.38 6.26 14.11
N CYS A 154 4.61 5.89 13.10
CA CYS A 154 4.46 4.49 12.72
C CYS A 154 3.63 3.74 13.76
N ALA A 155 4.21 2.70 14.33
CA ALA A 155 3.53 1.90 15.35
C ALA A 155 4.45 1.66 16.55
N GLU A 156 4.33 2.52 17.57
CA GLU A 156 5.15 2.39 18.77
C GLU A 156 4.57 1.29 19.68
N PRO A 157 5.34 0.27 20.03
CA PRO A 157 4.84 -0.84 20.90
C PRO A 157 4.75 -0.42 22.37
N ASP A 158 3.93 -1.12 23.14
CA ASP A 158 3.76 -0.83 24.56
C ASP A 158 4.67 -1.72 25.41
N ALA A 159 5.67 -1.11 26.01
CA ALA A 159 6.62 -1.84 26.85
C ALA A 159 5.91 -2.50 28.02
N GLU A 160 4.88 -1.83 28.53
CA GLU A 160 4.12 -2.35 29.67
C GLU A 160 5.04 -2.63 30.85
N SER A 161 5.96 -1.71 31.12
CA SER A 161 6.88 -1.88 32.24
C SER A 161 6.18 -1.61 33.57
N GLY A 1 -23.67 1.17 6.84
CA GLY A 1 -23.35 1.76 8.17
C GLY A 1 -23.35 0.66 9.23
N PRO A 2 -24.52 0.20 9.60
CA PRO A 2 -24.66 -0.88 10.63
C PRO A 2 -24.13 -2.22 10.13
N LEU A 3 -23.99 -2.34 8.82
CA LEU A 3 -23.49 -3.58 8.22
C LEU A 3 -22.07 -3.86 8.70
N GLY A 4 -21.25 -2.82 8.77
CA GLY A 4 -19.88 -2.97 9.22
C GLY A 4 -19.14 -4.01 8.39
N SER A 5 -18.33 -3.55 7.45
CA SER A 5 -17.55 -4.45 6.59
C SER A 5 -16.29 -4.91 7.33
N MET A 6 -15.60 -5.89 6.74
CA MET A 6 -14.37 -6.42 7.35
C MET A 6 -13.30 -6.64 6.28
N ASP A 7 -13.27 -5.76 5.28
CA ASP A 7 -12.28 -5.87 4.21
C ASP A 7 -10.94 -5.30 4.65
N GLN A 8 -10.15 -4.88 3.67
CA GLN A 8 -8.84 -4.30 3.95
C GLN A 8 -8.96 -2.80 4.15
N SER A 9 -9.85 -2.18 3.39
CA SER A 9 -10.02 -0.73 3.49
C SER A 9 -10.27 -0.29 4.94
N VAL A 10 -11.22 -0.93 5.59
CA VAL A 10 -11.54 -0.59 6.98
C VAL A 10 -10.33 -0.89 7.86
N ALA A 11 -9.76 -2.08 7.68
CA ALA A 11 -8.62 -2.51 8.47
C ALA A 11 -7.65 -1.37 8.69
N ILE A 12 -7.33 -0.65 7.61
CA ILE A 12 -6.39 0.46 7.71
C ILE A 12 -6.94 1.57 8.60
N GLN A 13 -8.21 1.88 8.38
CA GLN A 13 -8.86 2.94 9.14
C GLN A 13 -8.54 2.81 10.62
N GLU A 14 -8.75 1.62 11.18
CA GLU A 14 -8.49 1.40 12.58
C GLU A 14 -7.02 1.67 12.89
N THR A 15 -6.13 1.18 12.03
CA THR A 15 -4.69 1.36 12.22
C THR A 15 -4.25 2.78 11.88
N LEU A 16 -4.93 3.41 10.94
CA LEU A 16 -4.57 4.76 10.53
C LEU A 16 -4.64 5.72 11.72
N VAL A 17 -5.30 6.85 11.51
CA VAL A 17 -5.46 7.83 12.58
C VAL A 17 -6.39 8.93 12.09
N GLU A 18 -7.06 9.58 13.02
CA GLU A 18 -7.99 10.65 12.67
C GLU A 18 -7.34 11.72 11.81
N GLY A 19 -8.10 12.77 11.52
CA GLY A 19 -7.60 13.88 10.72
C GLY A 19 -7.18 13.45 9.32
N GLU A 20 -7.22 12.14 9.04
CA GLU A 20 -6.83 11.61 7.73
C GLU A 20 -8.01 11.00 7.00
N TYR A 21 -7.74 10.42 5.84
CA TYR A 21 -8.76 9.82 5.00
C TYR A 21 -8.29 8.53 4.36
N CYS A 22 -9.05 7.45 4.56
CA CYS A 22 -8.72 6.18 3.94
C CYS A 22 -9.35 6.19 2.55
N VAL A 23 -8.64 5.65 1.57
CA VAL A 23 -9.15 5.63 0.19
C VAL A 23 -9.33 4.19 -0.32
N ILE A 24 -8.24 3.44 -0.31
CA ILE A 24 -8.28 2.06 -0.80
C ILE A 24 -7.15 1.24 -0.18
N ALA A 25 -7.42 -0.05 0.00
CA ALA A 25 -6.44 -0.98 0.58
C ALA A 25 -6.46 -2.28 -0.20
N VAL A 26 -5.57 -3.17 0.18
CA VAL A 26 -5.47 -4.46 -0.47
C VAL A 26 -4.51 -5.34 0.32
N GLN A 27 -4.42 -6.61 -0.07
CA GLN A 27 -3.53 -7.54 0.60
C GLN A 27 -2.11 -7.37 0.06
N GLY A 28 -1.17 -8.12 0.62
CA GLY A 28 0.22 -8.06 0.20
C GLY A 28 0.97 -9.28 0.73
N VAL A 29 1.72 -9.93 -0.15
CA VAL A 29 2.52 -11.10 0.25
C VAL A 29 3.95 -10.87 -0.18
N LEU A 30 4.87 -11.49 0.52
CA LEU A 30 6.29 -11.39 0.17
C LEU A 30 6.89 -12.77 0.30
N CYS A 31 7.42 -13.31 -0.78
CA CYS A 31 8.01 -14.63 -0.75
C CYS A 31 9.50 -14.55 -0.99
N LYS A 32 10.25 -15.32 -0.22
CA LYS A 32 11.70 -15.36 -0.35
C LYS A 32 12.11 -16.81 -0.39
N GLY A 33 12.80 -17.21 -1.46
CA GLY A 33 13.26 -18.60 -1.63
C GLY A 33 12.26 -19.59 -1.06
N ASP A 34 12.21 -19.69 0.25
CA ASP A 34 11.28 -20.57 0.94
C ASP A 34 10.99 -20.00 2.32
N SER A 35 9.97 -19.15 2.39
CA SER A 35 9.56 -18.53 3.64
C SER A 35 8.48 -17.49 3.35
N ARG A 36 7.21 -17.87 3.46
CA ARG A 36 6.12 -16.94 3.17
C ARG A 36 5.98 -15.87 4.23
N GLN A 37 5.71 -14.64 3.79
CA GLN A 37 5.56 -13.50 4.70
C GLN A 37 4.34 -12.68 4.29
N SER A 38 3.32 -12.74 5.13
CA SER A 38 2.09 -12.00 4.86
C SER A 38 2.24 -10.54 5.25
N ARG A 39 1.86 -9.66 4.33
CA ARG A 39 1.94 -8.21 4.54
C ARG A 39 0.62 -7.54 4.16
N LEU A 40 0.37 -6.38 4.77
CA LEU A 40 -0.84 -5.62 4.52
C LEU A 40 -0.50 -4.19 4.11
N LEU A 41 -1.09 -3.70 3.01
CA LEU A 41 -0.82 -2.36 2.51
C LEU A 41 -2.01 -1.44 2.74
N GLY A 42 -1.85 -0.16 2.39
CA GLY A 42 -2.94 0.80 2.54
C GLY A 42 -2.53 2.19 2.07
N LEU A 43 -3.20 2.69 1.04
CA LEU A 43 -2.90 4.02 0.52
C LEU A 43 -3.74 5.06 1.27
N VAL A 44 -3.20 6.26 1.45
CA VAL A 44 -3.92 7.30 2.18
C VAL A 44 -3.79 8.66 1.48
N ARG A 45 -4.89 9.37 1.43
CA ARG A 45 -4.93 10.70 0.82
C ARG A 45 -5.15 11.73 1.92
N TYR A 46 -4.32 12.76 1.94
CA TYR A 46 -4.41 13.82 2.93
C TYR A 46 -4.49 15.17 2.23
N ARG A 47 -5.43 16.01 2.66
CA ARG A 47 -5.61 17.32 2.04
C ARG A 47 -4.73 18.38 2.68
N LEU A 48 -4.11 19.22 1.84
CA LEU A 48 -3.25 20.30 2.33
C LEU A 48 -4.04 21.60 2.43
N GLU A 49 -3.94 22.24 3.58
CA GLU A 49 -4.62 23.50 3.82
C GLU A 49 -4.41 24.46 2.66
N ASN A 50 -3.45 24.11 1.79
CA ASN A 50 -3.14 24.95 0.63
C ASN A 50 -4.04 24.59 -0.54
N ASP A 51 -4.90 23.58 -0.34
CA ASP A 51 -5.81 23.11 -1.39
C ASP A 51 -5.10 22.05 -2.21
N ALA A 52 -3.80 21.96 -2.01
CA ALA A 52 -2.97 20.99 -2.72
C ALA A 52 -3.24 19.57 -2.24
N GLN A 53 -3.01 18.61 -3.12
CA GLN A 53 -3.22 17.19 -2.81
C GLN A 53 -1.89 16.44 -2.72
N GLU A 54 -1.80 15.50 -1.79
CA GLU A 54 -0.59 14.69 -1.62
C GLU A 54 -0.96 13.29 -1.13
N HIS A 55 -0.13 12.31 -1.48
CA HIS A 55 -0.37 10.92 -1.10
C HIS A 55 0.90 10.28 -0.55
N ALA A 56 0.73 9.25 0.27
CA ALA A 56 1.85 8.53 0.86
C ALA A 56 1.46 7.07 1.05
N LEU A 57 2.40 6.16 0.78
CA LEU A 57 2.13 4.73 0.91
C LEU A 57 2.41 4.29 2.34
N PHE A 58 1.56 3.39 2.84
CA PHE A 58 1.70 2.88 4.20
C PHE A 58 1.76 1.37 4.19
N LEU A 59 2.68 0.82 4.98
CA LEU A 59 2.84 -0.62 5.11
C LEU A 59 2.42 -1.04 6.51
N TYR A 60 1.54 -2.02 6.57
CA TYR A 60 1.01 -2.52 7.84
C TYR A 60 1.34 -4.00 7.98
N THR A 61 1.95 -4.42 9.09
CA THR A 61 2.24 -5.84 9.26
C THR A 61 0.97 -6.52 9.75
N HIS A 62 0.90 -7.82 9.58
CA HIS A 62 -0.27 -8.55 10.04
C HIS A 62 -0.03 -10.05 10.00
N ARG A 63 -0.84 -10.80 10.71
CA ARG A 63 -0.69 -12.24 10.74
C ARG A 63 -1.18 -12.83 9.43
N ARG A 64 -0.70 -14.01 9.12
CA ARG A 64 -1.09 -14.70 7.89
C ARG A 64 -2.59 -14.90 7.86
N MET A 65 -3.29 -14.44 8.89
CA MET A 65 -4.74 -14.58 8.96
C MET A 65 -5.35 -13.50 9.85
N ALA A 66 -4.73 -12.31 9.86
CA ALA A 66 -5.22 -11.21 10.66
C ALA A 66 -6.62 -10.81 10.23
N ILE A 67 -6.76 -10.47 8.93
CA ILE A 67 -8.02 -10.07 8.31
C ILE A 67 -8.75 -9.04 9.17
N THR A 68 -9.11 -9.48 10.35
CA THR A 68 -9.87 -8.68 11.29
C THR A 68 -9.43 -7.21 11.34
N GLY A 69 -8.12 -6.94 11.40
CA GLY A 69 -7.65 -5.55 11.51
C GLY A 69 -7.27 -5.28 12.96
N ASP A 70 -7.63 -6.24 13.81
CA ASP A 70 -7.36 -6.14 15.24
C ASP A 70 -5.88 -6.35 15.56
N ASP A 71 -5.20 -7.26 14.87
CA ASP A 71 -3.78 -7.55 15.19
C ASP A 71 -2.80 -6.97 14.17
N VAL A 72 -3.10 -5.79 13.66
CA VAL A 72 -2.21 -5.13 12.71
C VAL A 72 -2.18 -3.62 12.94
N SER A 73 -0.98 -3.03 12.86
CA SER A 73 -0.81 -1.60 13.06
C SER A 73 0.37 -1.14 12.20
N LEU A 74 0.50 0.17 12.00
CA LEU A 74 1.54 0.70 11.12
C LEU A 74 2.92 0.04 11.33
N ASP A 75 3.54 -0.34 10.21
CA ASP A 75 4.86 -0.96 10.21
C ASP A 75 5.93 0.03 9.73
N GLN A 76 5.76 0.55 8.51
CA GLN A 76 6.72 1.52 7.96
C GLN A 76 6.11 2.29 6.78
N ILE A 77 6.17 3.62 6.86
CA ILE A 77 5.64 4.49 5.82
C ILE A 77 6.63 4.60 4.68
N VAL A 78 6.13 4.42 3.46
CA VAL A 78 6.96 4.53 2.26
C VAL A 78 6.40 5.66 1.39
N PRO A 79 6.87 6.88 1.57
CA PRO A 79 6.33 8.05 0.81
C PRO A 79 6.73 8.06 -0.65
N LEU A 80 5.83 8.59 -1.47
CA LEU A 80 6.07 8.66 -2.90
C LEU A 80 7.19 9.62 -3.24
N SER A 81 8.15 9.10 -3.98
CA SER A 81 9.32 9.87 -4.42
C SER A 81 9.44 9.85 -5.94
N LYS A 82 10.18 10.78 -6.48
CA LYS A 82 10.34 10.87 -7.92
C LYS A 82 10.88 9.56 -8.48
N ASP A 83 11.87 8.99 -7.81
CA ASP A 83 12.47 7.74 -8.26
C ASP A 83 11.48 6.58 -8.12
N PHE A 84 10.25 6.92 -7.70
CA PHE A 84 9.21 5.91 -7.54
C PHE A 84 8.72 5.48 -8.93
N MET A 85 8.41 4.20 -9.06
CA MET A 85 7.91 3.66 -10.31
C MET A 85 7.36 2.25 -10.11
N LEU A 86 6.25 1.94 -10.76
CA LEU A 86 5.66 0.60 -10.67
C LEU A 86 6.06 -0.19 -11.90
N GLU A 87 6.61 -1.38 -11.68
CA GLU A 87 7.06 -2.23 -12.81
C GLU A 87 6.29 -3.54 -12.82
N GLU A 88 6.40 -4.24 -13.94
CA GLU A 88 5.76 -5.54 -14.11
C GLU A 88 6.81 -6.61 -14.37
N VAL A 89 6.58 -7.82 -13.87
CA VAL A 89 7.53 -8.93 -14.06
C VAL A 89 6.91 -10.00 -14.93
N SER A 90 7.71 -10.51 -15.86
CA SER A 90 7.26 -11.55 -16.78
C SER A 90 6.51 -12.66 -16.02
N PRO A 91 5.19 -12.73 -16.13
CA PRO A 91 4.40 -13.79 -15.43
C PRO A 91 4.95 -15.20 -15.67
N ASP A 92 5.34 -15.48 -16.91
CA ASP A 92 5.84 -16.79 -17.27
C ASP A 92 4.80 -17.86 -16.94
N GLY A 93 3.53 -17.49 -17.13
CA GLY A 93 2.42 -18.42 -16.86
C GLY A 93 2.29 -19.47 -17.95
N GLU A 94 2.69 -20.69 -17.63
CA GLU A 94 2.63 -21.80 -18.59
C GLU A 94 1.18 -22.24 -18.83
N LEU A 95 0.42 -22.40 -17.75
CA LEU A 95 -0.98 -22.81 -17.87
C LEU A 95 -1.79 -22.14 -16.77
N TYR A 96 -1.94 -20.82 -16.88
CA TYR A 96 -2.72 -20.07 -15.89
C TYR A 96 -2.96 -18.64 -16.37
N ILE A 97 -4.00 -18.00 -15.81
CA ILE A 97 -4.34 -16.63 -16.14
C ILE A 97 -4.49 -15.80 -14.87
N LEU A 98 -3.47 -15.82 -14.01
CA LEU A 98 -3.51 -15.08 -12.75
C LEU A 98 -4.69 -15.56 -11.91
N GLY A 99 -5.89 -15.21 -12.35
CA GLY A 99 -7.11 -15.58 -11.64
C GLY A 99 -7.23 -14.81 -10.34
N SER A 100 -6.25 -15.00 -9.47
CA SER A 100 -6.22 -14.31 -8.18
C SER A 100 -4.80 -14.28 -7.65
N ASP A 101 -3.86 -14.13 -8.58
CA ASP A 101 -2.43 -14.06 -8.25
C ASP A 101 -1.72 -13.12 -9.21
N VAL A 102 -1.79 -11.82 -8.93
CA VAL A 102 -1.14 -10.83 -9.80
C VAL A 102 0.31 -10.67 -9.37
N THR A 103 1.15 -10.24 -10.31
CA THR A 103 2.57 -10.02 -10.01
C THR A 103 2.96 -8.56 -10.26
N VAL A 104 3.32 -7.87 -9.18
CA VAL A 104 3.74 -6.48 -9.25
C VAL A 104 4.99 -6.28 -8.38
N GLN A 105 5.94 -5.50 -8.88
CA GLN A 105 7.19 -5.25 -8.16
C GLN A 105 7.41 -3.75 -7.99
N LEU A 106 7.37 -3.26 -6.75
CA LEU A 106 7.54 -1.84 -6.49
C LEU A 106 9.02 -1.46 -6.53
N ASN A 107 9.36 -0.46 -7.33
CA ASN A 107 10.74 -0.02 -7.47
C ASN A 107 10.98 1.37 -6.91
N THR A 108 10.96 1.50 -5.58
CA THR A 108 11.18 2.81 -4.97
C THR A 108 12.66 3.19 -5.09
N ALA A 109 12.96 4.40 -4.68
CA ALA A 109 14.31 4.92 -4.74
C ALA A 109 15.32 3.90 -4.21
N GLU A 110 14.96 3.19 -3.15
CA GLU A 110 15.85 2.18 -2.56
C GLU A 110 15.10 0.89 -2.25
N LEU A 111 13.81 1.02 -1.94
CA LEU A 111 13.01 -0.14 -1.62
C LEU A 111 12.68 -0.90 -2.90
N LYS A 112 12.61 -2.22 -2.79
CA LYS A 112 12.30 -3.07 -3.93
C LYS A 112 11.77 -4.40 -3.44
N LEU A 113 10.45 -4.55 -3.48
CA LEU A 113 9.80 -5.76 -2.99
C LEU A 113 8.85 -6.35 -4.05
N VAL A 114 8.38 -7.57 -3.80
CA VAL A 114 7.45 -8.25 -4.70
C VAL A 114 6.17 -8.62 -3.95
N PHE A 115 5.02 -8.16 -4.47
CA PHE A 115 3.73 -8.42 -3.84
C PHE A 115 2.80 -9.19 -4.78
N GLN A 116 2.15 -10.21 -4.22
CA GLN A 116 1.19 -11.04 -4.98
C GLN A 116 -0.23 -10.71 -4.53
N LEU A 117 -0.87 -9.78 -5.24
CA LEU A 117 -2.24 -9.37 -4.91
C LEU A 117 -3.25 -10.08 -5.83
N PRO A 118 -4.47 -10.28 -5.39
CA PRO A 118 -5.50 -10.98 -6.22
C PRO A 118 -5.92 -10.15 -7.45
N PHE A 119 -5.97 -10.81 -8.59
CA PHE A 119 -6.30 -10.17 -9.86
C PHE A 119 -7.53 -9.28 -9.81
N GLY A 120 -7.45 -8.17 -10.54
CA GLY A 120 -8.53 -7.21 -10.63
C GLY A 120 -9.31 -7.11 -9.32
N SER A 121 -10.63 -6.98 -9.43
CA SER A 121 -11.46 -6.89 -8.24
C SER A 121 -11.05 -5.71 -7.36
N HIS A 122 -10.65 -6.00 -6.14
CA HIS A 122 -10.23 -4.96 -5.21
C HIS A 122 -8.81 -4.48 -5.53
N THR A 123 -8.13 -5.17 -6.45
CA THR A 123 -6.77 -4.80 -6.81
C THR A 123 -6.76 -3.73 -7.90
N ARG A 124 -7.71 -3.79 -8.83
CA ARG A 124 -7.76 -2.84 -9.93
C ARG A 124 -7.86 -1.41 -9.42
N THR A 125 -8.69 -1.21 -8.41
CA THR A 125 -8.88 0.12 -7.86
C THR A 125 -7.55 0.66 -7.37
N PHE A 126 -6.79 -0.20 -6.70
CA PHE A 126 -5.51 0.19 -6.16
C PHE A 126 -4.59 0.74 -7.25
N LEU A 127 -4.48 0.02 -8.37
CA LEU A 127 -3.59 0.46 -9.44
C LEU A 127 -3.91 1.87 -9.90
N GLN A 128 -5.19 2.14 -10.14
CA GLN A 128 -5.59 3.45 -10.62
C GLN A 128 -5.28 4.56 -9.62
N GLU A 129 -5.54 4.31 -8.34
CA GLU A 129 -5.30 5.33 -7.32
C GLU A 129 -3.81 5.66 -7.22
N VAL A 130 -2.96 4.64 -7.34
CA VAL A 130 -1.52 4.86 -7.26
C VAL A 130 -1.07 5.77 -8.40
N ALA A 131 -1.55 5.47 -9.60
CA ALA A 131 -1.18 6.24 -10.79
C ALA A 131 -1.44 7.74 -10.61
N ARG A 132 -2.60 8.09 -10.04
CA ARG A 132 -2.93 9.49 -9.82
C ARG A 132 -2.20 10.04 -8.60
N ALA A 133 -1.80 9.14 -7.72
CA ALA A 133 -1.11 9.52 -6.49
C ALA A 133 0.13 10.38 -6.76
N CYS A 134 0.61 10.34 -8.00
CA CYS A 134 1.79 11.15 -8.40
C CYS A 134 2.52 10.56 -9.61
N PRO A 135 3.11 9.39 -9.49
CA PRO A 135 3.90 8.75 -10.60
C PRO A 135 3.15 8.69 -11.94
N GLY A 136 1.99 8.05 -11.91
CA GLY A 136 1.19 7.90 -13.12
C GLY A 136 1.89 6.96 -14.08
N PHE A 137 2.95 7.46 -14.72
CA PHE A 137 3.72 6.66 -15.66
C PHE A 137 5.10 7.29 -15.89
N ASP A 138 5.14 8.62 -15.97
CA ASP A 138 6.40 9.34 -16.20
C ASP A 138 6.82 10.09 -14.93
N PRO A 139 8.10 10.09 -14.57
CA PRO A 139 8.58 10.78 -13.32
C PRO A 139 8.57 12.32 -13.46
N GLU A 140 7.76 12.81 -14.40
CA GLU A 140 7.66 14.25 -14.63
C GLU A 140 6.51 14.86 -13.84
N THR A 141 5.74 14.00 -13.17
CA THR A 141 4.59 14.43 -12.38
C THR A 141 5.00 15.51 -11.36
N ARG A 142 5.19 16.73 -11.84
CA ARG A 142 5.57 17.84 -10.97
C ARG A 142 6.76 17.49 -10.08
N ASP A 143 6.49 17.33 -8.78
CA ASP A 143 7.53 17.02 -7.83
C ASP A 143 6.91 16.28 -6.63
N PRO A 144 7.67 15.42 -5.99
CA PRO A 144 7.17 14.66 -4.81
C PRO A 144 6.93 15.56 -3.60
N GLU A 145 6.13 15.04 -2.67
CA GLU A 145 5.81 15.76 -1.43
C GLU A 145 5.58 14.76 -0.31
N PHE A 146 6.19 15.02 0.85
CA PHE A 146 6.06 14.10 1.98
C PHE A 146 6.45 14.79 3.28
N GLU A 147 6.73 16.08 3.19
CA GLU A 147 7.13 16.87 4.34
C GLU A 147 6.11 16.83 5.48
N TRP A 148 4.89 16.38 5.18
CA TRP A 148 3.84 16.30 6.21
C TRP A 148 3.88 14.96 6.94
N LEU A 149 4.62 13.99 6.41
CA LEU A 149 4.72 12.68 7.05
C LEU A 149 5.42 12.81 8.40
N SER A 150 6.34 13.76 8.51
CA SER A 150 7.07 13.97 9.75
C SER A 150 6.10 14.06 10.92
N ARG A 151 4.98 14.71 10.68
CA ARG A 151 3.96 14.83 11.72
C ARG A 151 3.49 13.45 12.12
N HIS A 152 3.41 12.58 11.13
CA HIS A 152 2.99 11.21 11.37
C HIS A 152 4.20 10.39 11.80
N THR A 153 3.94 9.41 12.64
CA THR A 153 5.00 8.51 13.12
C THR A 153 4.42 7.13 13.36
N CYS A 154 5.18 6.11 12.98
CA CYS A 154 4.75 4.72 13.15
C CYS A 154 5.31 4.16 14.45
N ALA A 155 5.07 2.88 14.67
CA ALA A 155 5.55 2.22 15.88
C ALA A 155 7.05 2.46 16.06
N GLU A 156 7.62 1.90 17.12
CA GLU A 156 9.06 2.07 17.40
C GLU A 156 9.86 2.06 16.09
N PRO A 157 10.26 3.21 15.57
CA PRO A 157 11.04 3.26 14.29
C PRO A 157 12.28 2.39 14.32
N ASP A 158 12.70 1.96 13.15
CA ASP A 158 13.87 1.09 13.02
C ASP A 158 15.12 1.82 13.50
N ALA A 159 16.02 1.08 14.13
CA ALA A 159 17.26 1.65 14.63
C ALA A 159 17.99 2.43 13.54
N GLU A 160 18.16 1.79 12.39
CA GLU A 160 18.85 2.43 11.26
C GLU A 160 18.01 3.58 10.70
N SER A 161 17.80 4.61 11.51
CA SER A 161 17.01 5.76 11.07
C SER A 161 17.85 6.68 10.20
#